data_5N5E
#
_entry.id   5N5E
#
_cell.length_a   99.853
_cell.length_b   110.057
_cell.length_c   136.271
_cell.angle_alpha   90.00
_cell.angle_beta   91.22
_cell.angle_gamma   90.00
#
_symmetry.space_group_name_H-M   'P 1 21 1'
#
loop_
_entity.id
_entity.type
_entity.pdbx_description
1 polymer PFC_05175
2 non-polymer 'FE (III) ION'
3 water water
#
_entity_poly.entity_id   1
_entity_poly.type   'polypeptide(L)'
_entity_poly.pdbx_seq_one_letter_code
;MGLSINPTLINRDKPYTKEELMEILRLAIIAELDAINLYEQMARYSEDENVRKILLDVAREEKAHVGEFMALLLNLDPEQ
VTELKGGFEEVKELTGIEA
;
_entity_poly.pdbx_strand_id   e,A,B,C,D,E,F,G,H,I,J,K,L,M,N,O,P,Q,R,T,U,V,W,X,Y,Z,a,b,c,d
#
# COMPACT_ATOMS: atom_id res chain seq x y z
N GLY A 2 -15.54 -35.92 -16.77
CA GLY A 2 -16.73 -36.42 -17.46
C GLY A 2 -17.52 -37.39 -16.61
N LEU A 3 -18.60 -37.92 -17.19
CA LEU A 3 -19.45 -38.87 -16.47
C LEU A 3 -19.05 -40.32 -16.70
N SER A 4 -18.39 -40.64 -17.80
CA SER A 4 -17.98 -42.01 -18.05
C SER A 4 -16.84 -42.41 -17.12
N ILE A 5 -16.77 -43.70 -16.84
CA ILE A 5 -15.77 -44.24 -15.92
C ILE A 5 -14.53 -44.65 -16.69
N ASN A 6 -13.37 -44.36 -16.12
CA ASN A 6 -12.12 -44.88 -16.66
C ASN A 6 -12.13 -46.40 -16.58
N PRO A 7 -12.01 -47.11 -17.71
CA PRO A 7 -12.09 -48.59 -17.65
C PRO A 7 -11.14 -49.22 -16.66
N THR A 8 -10.01 -48.57 -16.36
CA THR A 8 -9.09 -49.11 -15.36
C THR A 8 -9.80 -49.37 -14.03
N LEU A 9 -10.85 -48.61 -13.73
CA LEU A 9 -11.57 -48.74 -12.46
C LEU A 9 -12.81 -49.62 -12.56
N ILE A 10 -13.18 -50.08 -13.76
CA ILE A 10 -14.39 -50.88 -13.93
C ILE A 10 -14.07 -52.31 -13.52
N ASN A 11 -14.70 -52.78 -12.45
CA ASN A 11 -14.57 -54.16 -12.00
C ASN A 11 -15.93 -54.84 -11.86
N ARG A 12 -17.00 -54.21 -12.34
CA ARG A 12 -18.33 -54.78 -12.24
C ARG A 12 -18.53 -55.90 -13.25
N ASP A 13 -19.20 -56.96 -12.83
CA ASP A 13 -19.49 -58.11 -13.68
C ASP A 13 -20.97 -58.37 -13.85
N LYS A 14 -21.77 -58.17 -12.81
CA LYS A 14 -23.21 -58.37 -12.92
C LYS A 14 -23.82 -57.35 -13.87
N PRO A 15 -24.92 -57.70 -14.54
CA PRO A 15 -25.68 -56.70 -15.28
C PRO A 15 -26.52 -55.84 -14.34
N TYR A 16 -26.97 -54.71 -14.88
CA TYR A 16 -27.81 -53.81 -14.09
C TYR A 16 -29.08 -54.50 -13.65
N THR A 17 -29.48 -54.26 -12.40
CA THR A 17 -30.80 -54.67 -11.95
C THR A 17 -31.87 -53.77 -12.56
N LYS A 18 -33.13 -54.13 -12.29
CA LYS A 18 -34.25 -53.34 -12.79
C LYS A 18 -34.20 -51.91 -12.25
N GLU A 19 -33.88 -51.78 -10.95
CA GLU A 19 -33.81 -50.44 -10.35
C GLU A 19 -32.63 -49.66 -10.87
N GLU A 20 -31.50 -50.35 -11.13
CA GLU A 20 -30.32 -49.66 -11.65
C GLU A 20 -30.54 -49.20 -13.08
N LEU A 21 -31.28 -49.99 -13.88
CA LEU A 21 -31.63 -49.54 -15.22
C LEU A 21 -32.33 -48.20 -15.20
N MET A 22 -33.23 -48.00 -14.23
CA MET A 22 -33.87 -46.70 -14.09
CA MET A 22 -33.87 -46.70 -14.09
C MET A 22 -32.85 -45.61 -13.80
N GLU A 23 -31.87 -45.91 -12.94
CA GLU A 23 -30.91 -44.90 -12.53
C GLU A 23 -29.99 -44.50 -13.68
N ILE A 24 -29.59 -45.45 -14.53
CA ILE A 24 -28.69 -45.08 -15.62
C ILE A 24 -29.45 -44.30 -16.69
N LEU A 25 -30.76 -44.53 -16.82
CA LEU A 25 -31.56 -43.72 -17.73
C LEU A 25 -31.67 -42.28 -17.24
N ARG A 26 -31.83 -42.09 -15.93
CA ARG A 26 -31.82 -40.74 -15.39
C ARG A 26 -30.45 -40.10 -15.57
N LEU A 27 -29.37 -40.89 -15.40
CA LEU A 27 -28.03 -40.36 -15.62
C LEU A 27 -27.80 -40.02 -17.08
N ALA A 28 -28.39 -40.81 -18.00
CA ALA A 28 -28.29 -40.48 -19.41
C ALA A 28 -28.97 -39.16 -19.71
N ILE A 29 -30.14 -38.92 -19.10
CA ILE A 29 -30.82 -37.64 -19.28
C ILE A 29 -29.97 -36.51 -18.72
N ILE A 30 -29.35 -36.72 -17.56
CA ILE A 30 -28.45 -35.72 -17.00
C ILE A 30 -27.33 -35.39 -18.00
N ALA A 31 -26.73 -36.41 -18.60
CA ALA A 31 -25.64 -36.17 -19.54
C ALA A 31 -26.12 -35.36 -20.74
N GLU A 32 -27.32 -35.67 -21.24
CA GLU A 32 -27.85 -34.94 -22.40
C GLU A 32 -28.18 -33.49 -22.03
N LEU A 33 -28.82 -33.28 -20.88
CA LEU A 33 -29.13 -31.92 -20.47
C LEU A 33 -27.87 -31.09 -20.27
N ASP A 34 -26.82 -31.71 -19.72
CA ASP A 34 -25.55 -31.01 -19.56
C ASP A 34 -24.97 -30.63 -20.92
N ALA A 35 -25.05 -31.54 -21.89
CA ALA A 35 -24.52 -31.26 -23.23
C ALA A 35 -25.29 -30.13 -23.90
N ILE A 36 -26.62 -30.12 -23.76
CA ILE A 36 -27.41 -29.04 -24.34
C ILE A 36 -26.97 -27.70 -23.78
N ASN A 37 -26.87 -27.60 -22.44
CA ASN A 37 -26.41 -26.35 -21.83
C ASN A 37 -25.04 -25.95 -22.34
N LEU A 38 -24.12 -26.92 -22.46
CA LEU A 38 -22.78 -26.61 -22.93
C LEU A 38 -22.81 -26.02 -24.33
N TYR A 39 -23.53 -26.67 -25.26
CA TYR A 39 -23.53 -26.22 -26.64
C TYR A 39 -24.32 -24.93 -26.80
N GLU A 40 -25.42 -24.76 -26.06
CA GLU A 40 -26.14 -23.49 -26.09
C GLU A 40 -25.25 -22.35 -25.59
N GLN A 41 -24.47 -22.61 -24.54
CA GLN A 41 -23.55 -21.60 -24.03
C GLN A 41 -22.47 -21.28 -25.04
N MET A 42 -21.88 -22.31 -25.66
CA MET A 42 -20.88 -22.07 -26.69
C MET A 42 -21.45 -21.25 -27.84
N ALA A 43 -22.66 -21.59 -28.28
CA ALA A 43 -23.27 -20.87 -29.38
C ALA A 43 -23.47 -19.40 -29.06
N ARG A 44 -23.76 -19.09 -27.78
CA ARG A 44 -24.00 -17.71 -27.38
C ARG A 44 -22.79 -16.82 -27.63
N TYR A 45 -21.57 -17.36 -27.48
CA TYR A 45 -20.36 -16.57 -27.61
C TYR A 45 -19.62 -16.80 -28.93
N SER A 46 -20.12 -17.67 -29.79
CA SER A 46 -19.50 -17.92 -31.08
C SER A 46 -19.97 -16.86 -32.08
N GLU A 47 -19.05 -15.98 -32.49
CA GLU A 47 -19.36 -15.03 -33.55
C GLU A 47 -19.17 -15.64 -34.93
N ASP A 48 -18.62 -16.84 -35.01
CA ASP A 48 -18.50 -17.58 -36.27
C ASP A 48 -19.84 -18.24 -36.53
N GLU A 49 -20.55 -17.76 -37.56
CA GLU A 49 -21.92 -18.22 -37.80
C GLU A 49 -21.96 -19.69 -38.21
N ASN A 50 -20.92 -20.18 -38.89
CA ASN A 50 -20.87 -21.60 -39.23
C ASN A 50 -20.75 -22.45 -37.97
N VAL A 51 -19.87 -22.05 -37.04
CA VAL A 51 -19.73 -22.80 -35.80
C VAL A 51 -21.02 -22.75 -35.00
N ARG A 52 -21.61 -21.56 -34.89
CA ARG A 52 -22.86 -21.42 -34.15
C ARG A 52 -23.95 -22.29 -34.76
N LYS A 53 -24.02 -22.34 -36.09
CA LYS A 53 -25.05 -23.13 -36.77
C LYS A 53 -24.95 -24.59 -36.38
N ILE A 54 -23.74 -25.15 -36.39
CA ILE A 54 -23.56 -26.56 -36.05
C ILE A 54 -23.85 -26.80 -34.58
N LEU A 55 -23.36 -25.90 -33.70
CA LEU A 55 -23.63 -26.06 -32.27
C LEU A 55 -25.12 -26.16 -32.00
N LEU A 56 -25.91 -25.29 -32.63
CA LEU A 56 -27.36 -25.31 -32.40
C LEU A 56 -28.00 -26.56 -33.00
N ASP A 57 -27.48 -27.06 -34.13
CA ASP A 57 -28.06 -28.27 -34.70
C ASP A 57 -27.72 -29.50 -33.89
N VAL A 58 -26.48 -29.57 -33.38
CA VAL A 58 -26.14 -30.67 -32.47
C VAL A 58 -26.98 -30.58 -31.20
N ALA A 59 -27.12 -29.38 -30.63
CA ALA A 59 -27.94 -29.22 -29.44
C ALA A 59 -29.36 -29.69 -29.69
N ARG A 60 -29.91 -29.38 -30.86
CA ARG A 60 -31.25 -29.86 -31.22
C ARG A 60 -31.30 -31.38 -31.17
N GLU A 61 -30.27 -32.05 -31.69
CA GLU A 61 -30.27 -33.50 -31.71
C GLU A 61 -30.10 -34.08 -30.31
N GLU A 62 -29.38 -33.39 -29.42
CA GLU A 62 -29.32 -33.86 -28.03
C GLU A 62 -30.69 -33.75 -27.37
N LYS A 63 -31.49 -32.75 -27.76
CA LYS A 63 -32.84 -32.65 -27.20
C LYS A 63 -33.70 -33.84 -27.61
N ALA A 64 -33.45 -34.41 -28.79
CA ALA A 64 -34.16 -35.63 -29.17
C ALA A 64 -33.70 -36.81 -28.33
N HIS A 65 -32.40 -36.86 -27.99
CA HIS A 65 -31.91 -37.92 -27.11
C HIS A 65 -32.59 -37.87 -25.75
N VAL A 66 -32.83 -36.67 -25.23
CA VAL A 66 -33.60 -36.54 -23.99
C VAL A 66 -34.94 -37.26 -24.13
N GLY A 67 -35.61 -37.06 -25.27
CA GLY A 67 -36.89 -37.73 -25.50
C GLY A 67 -36.76 -39.23 -25.55
N GLU A 68 -35.69 -39.73 -26.19
CA GLU A 68 -35.51 -41.17 -26.27
C GLU A 68 -35.31 -41.79 -24.90
N PHE A 69 -34.40 -41.22 -24.10
CA PHE A 69 -34.17 -41.74 -22.76
C PHE A 69 -35.39 -41.54 -21.87
N MET A 70 -36.11 -40.42 -22.06
CA MET A 70 -37.33 -40.20 -21.28
C MET A 70 -38.38 -41.26 -21.61
N ALA A 71 -38.53 -41.60 -22.89
CA ALA A 71 -39.50 -42.62 -23.27
C ALA A 71 -39.21 -43.94 -22.59
N LEU A 72 -37.93 -44.34 -22.57
CA LEU A 72 -37.57 -45.58 -21.89
C LEU A 72 -37.81 -45.48 -20.39
N LEU A 73 -37.44 -44.35 -19.79
CA LEU A 73 -37.63 -44.19 -18.36
C LEU A 73 -39.10 -44.26 -17.98
N LEU A 74 -39.94 -43.51 -18.70
CA LEU A 74 -41.37 -43.54 -18.40
C LEU A 74 -41.96 -44.94 -18.55
N ASN A 75 -41.44 -45.73 -19.51
CA ASN A 75 -41.93 -47.10 -19.70
C ASN A 75 -41.55 -47.97 -18.51
N LEU A 76 -40.41 -47.69 -17.87
CA LEU A 76 -39.93 -48.49 -16.75
C LEU A 76 -40.29 -47.90 -15.39
N ASP A 77 -40.72 -46.64 -15.33
CA ASP A 77 -40.99 -45.95 -14.06
C ASP A 77 -42.42 -45.41 -14.11
N PRO A 78 -43.42 -46.26 -13.88
CA PRO A 78 -44.80 -45.76 -13.89
C PRO A 78 -45.06 -44.66 -12.88
N GLU A 79 -44.35 -44.66 -11.75
CA GLU A 79 -44.49 -43.58 -10.79
C GLU A 79 -44.08 -42.24 -11.42
N GLN A 80 -43.05 -42.25 -12.26
CA GLN A 80 -42.64 -41.03 -12.95
C GLN A 80 -43.72 -40.54 -13.89
N VAL A 81 -44.47 -41.45 -14.51
CA VAL A 81 -45.58 -41.03 -15.38
C VAL A 81 -46.59 -40.23 -14.57
N THR A 82 -47.05 -40.77 -13.44
CA THR A 82 -48.01 -40.08 -12.60
C THR A 82 -47.47 -38.74 -12.11
N GLU A 83 -46.24 -38.73 -11.59
CA GLU A 83 -45.73 -37.51 -10.99
C GLU A 83 -45.40 -36.47 -12.05
N LEU A 84 -45.04 -36.90 -13.25
CA LEU A 84 -44.88 -35.95 -14.34
C LEU A 84 -46.19 -35.23 -14.62
N LYS A 85 -47.28 -35.98 -14.70
CA LYS A 85 -48.60 -35.36 -14.87
C LYS A 85 -48.93 -34.46 -13.68
N GLY A 86 -48.70 -34.94 -12.46
CA GLY A 86 -48.95 -34.12 -11.29
C GLY A 86 -48.10 -32.86 -11.27
N GLY A 87 -46.84 -32.98 -11.70
CA GLY A 87 -45.99 -31.79 -11.77
C GLY A 87 -46.49 -30.80 -12.81
N PHE A 88 -46.91 -31.29 -13.98
CA PHE A 88 -47.51 -30.41 -14.97
C PHE A 88 -48.73 -29.70 -14.39
N GLU A 89 -49.56 -30.43 -13.65
CA GLU A 89 -50.77 -29.83 -13.09
C GLU A 89 -50.45 -28.75 -12.08
N GLU A 90 -49.42 -28.97 -11.25
CA GLU A 90 -49.05 -27.97 -10.27
C GLU A 90 -48.61 -26.67 -10.93
N VAL A 91 -47.81 -26.76 -11.99
CA VAL A 91 -47.38 -25.56 -12.70
C VAL A 91 -48.59 -24.85 -13.31
N LYS A 92 -49.55 -25.62 -13.83
CA LYS A 92 -50.77 -25.03 -14.35
C LYS A 92 -51.48 -24.21 -13.28
N GLU A 93 -51.68 -24.79 -12.10
CA GLU A 93 -52.46 -24.13 -11.05
C GLU A 93 -51.76 -22.89 -10.52
N LEU A 94 -50.42 -22.88 -10.51
CA LEU A 94 -49.68 -21.78 -9.90
C LEU A 94 -49.34 -20.67 -10.89
N THR A 95 -49.25 -20.96 -12.19
CA THR A 95 -48.81 -19.97 -13.16
C THR A 95 -49.69 -19.87 -14.39
N GLY A 96 -50.54 -20.84 -14.67
CA GLY A 96 -51.29 -20.89 -15.92
C GLY A 96 -50.53 -21.47 -17.09
N ILE A 97 -49.23 -21.75 -16.94
CA ILE A 97 -48.46 -22.34 -18.02
C ILE A 97 -48.90 -23.77 -18.25
N GLU A 98 -49.16 -24.11 -19.51
CA GLU A 98 -49.66 -25.43 -19.86
C GLU A 98 -49.30 -25.72 -21.32
N ALA A 99 -49.01 -26.99 -21.59
CA ALA A 99 -48.80 -27.48 -22.96
C ALA A 99 -48.49 -28.96 -22.95
N GLY B 2 20.09 9.64 35.83
CA GLY B 2 19.38 9.82 37.08
C GLY B 2 20.12 9.24 38.27
N LEU B 3 19.50 9.32 39.45
CA LEU B 3 20.13 8.82 40.66
C LEU B 3 19.77 7.37 40.96
N SER B 4 18.63 6.88 40.47
CA SER B 4 18.27 5.49 40.71
C SER B 4 19.17 4.56 39.90
N ILE B 5 19.36 3.36 40.40
CA ILE B 5 20.26 2.39 39.77
C ILE B 5 19.46 1.52 38.82
N ASN B 6 20.04 1.23 37.66
CA ASN B 6 19.47 0.27 36.74
C ASN B 6 19.42 -1.10 37.41
N PRO B 7 18.26 -1.72 37.59
CA PRO B 7 18.20 -2.99 38.31
C PRO B 7 19.13 -4.06 37.79
N THR B 8 19.49 -4.02 36.49
CA THR B 8 20.46 -4.97 35.95
C THR B 8 21.76 -4.96 36.75
N LEU B 9 22.10 -3.82 37.35
CA LEU B 9 23.36 -3.66 38.08
C LEU B 9 23.23 -3.89 39.58
N ILE B 10 22.02 -4.07 40.09
CA ILE B 10 21.81 -4.23 41.53
C ILE B 10 22.10 -5.67 41.90
N ASN B 11 23.17 -5.90 42.67
CA ASN B 11 23.51 -7.21 43.19
C ASN B 11 23.51 -7.24 44.72
N ARG B 12 23.02 -6.18 45.38
CA ARG B 12 23.04 -6.13 46.83
C ARG B 12 21.91 -6.98 47.40
N ASP B 13 22.21 -7.70 48.47
CA ASP B 13 21.26 -8.55 49.15
C ASP B 13 21.01 -8.19 50.60
N LYS B 14 21.95 -7.52 51.24
CA LYS B 14 21.80 -7.21 52.65
C LYS B 14 21.19 -5.83 52.85
N PRO B 15 20.46 -5.62 53.94
CA PRO B 15 19.85 -4.30 54.18
C PRO B 15 20.90 -3.26 54.55
N TYR B 16 20.48 -2.00 54.46
CA TYR B 16 21.36 -0.89 54.81
C TYR B 16 21.76 -0.96 56.28
N THR B 17 23.03 -0.67 56.55
CA THR B 17 23.48 -0.48 57.92
C THR B 17 22.96 0.84 58.46
N LYS B 18 23.14 1.04 59.78
CA LYS B 18 22.76 2.31 60.39
C LYS B 18 23.43 3.47 59.68
N GLU B 19 24.72 3.34 59.38
CA GLU B 19 25.43 4.40 58.66
C GLU B 19 24.87 4.60 57.26
N GLU B 20 24.60 3.50 56.56
CA GLU B 20 24.09 3.62 55.20
C GLU B 20 22.70 4.24 55.17
N LEU B 21 21.89 4.01 56.22
CA LEU B 21 20.57 4.64 56.28
C LEU B 21 20.69 6.16 56.33
N MET B 22 21.63 6.68 57.12
CA MET B 22 21.89 8.11 57.12
C MET B 22 22.24 8.58 55.71
N GLU B 23 23.05 7.79 55.00
CA GLU B 23 23.57 8.24 53.70
C GLU B 23 22.46 8.29 52.65
N ILE B 24 21.54 7.33 52.66
CA ILE B 24 20.47 7.36 51.65
C ILE B 24 19.48 8.47 51.97
N LEU B 25 19.34 8.84 53.23
CA LEU B 25 18.50 9.99 53.56
C LEU B 25 19.13 11.29 53.05
N ARG B 26 20.45 11.43 53.16
CA ARG B 26 21.11 12.60 52.57
C ARG B 26 20.98 12.57 51.05
N LEU B 27 21.08 11.39 50.45
CA LEU B 27 20.93 11.28 49.00
C LEU B 27 19.50 11.58 48.58
N ALA B 28 18.51 11.20 49.41
CA ALA B 28 17.13 11.54 49.11
C ALA B 28 16.92 13.04 49.14
N ILE B 29 17.55 13.74 50.09
CA ILE B 29 17.46 15.19 50.14
C ILE B 29 18.12 15.79 48.90
N ILE B 30 19.27 15.24 48.49
CA ILE B 30 19.92 15.70 47.27
C ILE B 30 18.96 15.58 46.08
N ALA B 31 18.27 14.44 45.97
CA ALA B 31 17.36 14.24 44.85
C ALA B 31 16.23 15.27 44.88
N GLU B 32 15.69 15.55 46.08
CA GLU B 32 14.61 16.53 46.19
C GLU B 32 15.08 17.93 45.83
N LEU B 33 16.25 18.33 46.34
CA LEU B 33 16.76 19.67 46.03
C LEU B 33 17.02 19.82 44.53
N ASP B 34 17.52 18.77 43.89
CA ASP B 34 17.72 18.82 42.45
C ASP B 34 16.40 18.99 41.72
N ALA B 35 15.36 18.27 42.16
CA ALA B 35 14.05 18.39 41.53
C ALA B 35 13.46 19.79 41.71
N ILE B 36 13.63 20.37 42.90
CA ILE B 36 13.16 21.72 43.13
C ILE B 36 13.83 22.70 42.16
N ASN B 37 15.16 22.62 42.06
CA ASN B 37 15.87 23.47 41.10
C ASN B 37 15.37 23.26 39.69
N LEU B 38 15.12 22.00 39.30
CA LEU B 38 14.67 21.70 37.95
C LEU B 38 13.32 22.37 37.67
N TYR B 39 12.35 22.17 38.56
CA TYR B 39 11.01 22.69 38.32
C TYR B 39 10.95 24.20 38.45
N GLU B 40 11.75 24.79 39.34
CA GLU B 40 11.82 26.25 39.43
CA GLU B 40 11.81 26.25 39.43
C GLU B 40 12.39 26.84 38.15
N GLN B 41 13.41 26.20 37.59
CA GLN B 41 13.98 26.66 36.32
C GLN B 41 12.96 26.53 35.19
N MET B 42 12.26 25.40 35.12
CA MET B 42 11.22 25.23 34.10
C MET B 42 10.15 26.31 34.23
N ALA B 43 9.70 26.57 35.45
CA ALA B 43 8.64 27.56 35.66
C ALA B 43 9.07 28.94 35.17
N ARG B 44 10.35 29.28 35.31
CA ARG B 44 10.84 30.59 34.90
C ARG B 44 10.62 30.84 33.41
N TYR B 45 10.72 29.80 32.59
CA TYR B 45 10.64 29.95 31.14
C TYR B 45 9.30 29.51 30.56
N SER B 46 8.37 29.03 31.40
CA SER B 46 7.06 28.58 30.94
C SER B 46 6.10 29.77 30.99
N GLU B 47 5.79 30.33 29.82
CA GLU B 47 4.79 31.39 29.75
C GLU B 47 3.38 30.85 29.76
N ASP B 48 3.18 29.57 29.44
CA ASP B 48 1.90 28.91 29.68
C ASP B 48 1.63 28.91 31.17
N GLU B 49 0.60 29.65 31.61
CA GLU B 49 0.35 29.80 33.03
C GLU B 49 -0.17 28.53 33.66
N ASN B 50 -0.83 27.66 32.88
CA ASN B 50 -1.26 26.37 33.42
C ASN B 50 -0.07 25.50 33.77
N VAL B 51 0.91 25.43 32.85
CA VAL B 51 2.11 24.64 33.12
C VAL B 51 2.88 25.22 34.29
N ARG B 52 3.06 26.54 34.30
CA ARG B 52 3.80 27.19 35.38
C ARG B 52 3.15 26.93 36.72
N LYS B 53 1.81 27.01 36.79
CA LYS B 53 1.14 26.84 38.08
C LYS B 53 1.36 25.44 38.62
N ILE B 54 1.36 24.43 37.75
CA ILE B 54 1.59 23.07 38.21
C ILE B 54 3.04 22.87 38.61
N LEU B 55 3.97 23.41 37.81
CA LEU B 55 5.39 23.31 38.17
C LEU B 55 5.66 23.89 39.54
N LEU B 56 5.09 25.06 39.84
CA LEU B 56 5.32 25.69 41.13
C LEU B 56 4.67 24.91 42.27
N ASP B 57 3.51 24.30 42.02
CA ASP B 57 2.85 23.53 43.06
C ASP B 57 3.57 22.20 43.32
N VAL B 58 4.05 21.55 42.26
CA VAL B 58 4.85 20.34 42.46
C VAL B 58 6.13 20.69 43.21
N ALA B 59 6.80 21.76 42.80
CA ALA B 59 8.01 22.19 43.49
C ALA B 59 7.74 22.43 44.97
N ARG B 60 6.60 23.05 45.29
CA ARG B 60 6.22 23.24 46.69
C ARG B 60 6.12 21.91 47.42
N GLU B 61 5.56 20.91 46.77
CA GLU B 61 5.41 19.60 47.42
C GLU B 61 6.75 18.90 47.58
N GLU B 62 7.71 19.12 46.66
CA GLU B 62 9.05 18.58 46.87
C GLU B 62 9.72 19.24 48.07
N LYS B 63 9.43 20.52 48.32
CA LYS B 63 10.00 21.18 49.49
C LYS B 63 9.51 20.55 50.78
N ALA B 64 8.29 20.01 50.77
CA ALA B 64 7.81 19.26 51.92
C ALA B 64 8.55 17.94 52.06
N HIS B 65 8.88 17.30 50.93
CA HIS B 65 9.66 16.06 50.98
C HIS B 65 11.02 16.31 51.63
N VAL B 66 11.64 17.45 51.33
CA VAL B 66 12.89 17.82 52.00
C VAL B 66 12.70 17.78 53.51
N GLY B 67 11.58 18.34 53.98
CA GLY B 67 11.31 18.33 55.41
C GLY B 67 11.13 16.92 55.96
N GLU B 68 10.44 16.07 55.22
CA GLU B 68 10.22 14.71 55.69
C GLU B 68 11.53 13.96 55.84
N PHE B 69 12.37 13.98 54.80
CA PHE B 69 13.66 13.31 54.87
C PHE B 69 14.55 13.97 55.91
N MET B 70 14.47 15.28 56.02
CA MET B 70 15.26 16.00 57.03
C MET B 70 14.87 15.57 58.43
N ALA B 71 13.57 15.40 58.67
CA ALA B 71 13.11 14.95 59.99
C ALA B 71 13.69 13.59 60.33
N LEU B 72 13.68 12.66 59.38
CA LEU B 72 14.26 11.34 59.62
C LEU B 72 15.76 11.42 59.86
N LEU B 73 16.46 12.23 59.07
CA LEU B 73 17.91 12.34 59.22
C LEU B 73 18.28 12.89 60.59
N LEU B 74 17.62 13.98 61.01
CA LEU B 74 17.89 14.55 62.32
C LEU B 74 17.59 13.54 63.43
N ASN B 75 16.57 12.71 63.25
CA ASN B 75 16.23 11.69 64.24
C ASN B 75 17.32 10.63 64.33
N LEU B 76 17.99 10.32 63.22
CA LEU B 76 19.02 9.29 63.19
C LEU B 76 20.44 9.84 63.31
N ASP B 77 20.64 11.14 63.15
CA ASP B 77 21.97 11.75 63.14
C ASP B 77 22.01 12.86 64.19
N PRO B 78 22.18 12.50 65.47
CA PRO B 78 22.22 13.54 66.50
C PRO B 78 23.33 14.55 66.29
N GLU B 79 24.45 14.16 65.68
CA GLU B 79 25.49 15.13 65.35
C GLU B 79 24.97 16.19 64.40
N GLN B 80 24.12 15.80 63.45
CA GLN B 80 23.56 16.79 62.52
C GLN B 80 22.65 17.77 63.25
N VAL B 81 21.94 17.33 64.29
CA VAL B 81 21.13 18.24 65.09
C VAL B 81 22.00 19.30 65.72
N THR B 82 23.08 18.89 66.38
CA THR B 82 24.00 19.83 67.02
C THR B 82 24.58 20.80 66.00
N GLU B 83 25.08 20.27 64.88
CA GLU B 83 25.76 21.11 63.90
C GLU B 83 24.79 21.98 63.12
N LEU B 84 23.54 21.53 62.93
CA LEU B 84 22.54 22.39 62.33
C LEU B 84 22.33 23.63 63.18
N LYS B 85 22.19 23.45 64.50
CA LYS B 85 22.05 24.59 65.40
C LYS B 85 23.29 25.47 65.34
N GLY B 86 24.48 24.86 65.38
CA GLY B 86 25.70 25.64 65.30
C GLY B 86 25.80 26.42 64.01
N GLY B 87 25.37 25.84 62.89
CA GLY B 87 25.38 26.55 61.63
C GLY B 87 24.43 27.73 61.62
N PHE B 88 23.22 27.54 62.17
CA PHE B 88 22.28 28.64 62.28
C PHE B 88 22.87 29.79 63.11
N GLU B 89 23.51 29.46 64.24
CA GLU B 89 24.09 30.50 65.08
C GLU B 89 25.24 31.22 64.37
N GLU B 90 26.05 30.49 63.60
CA GLU B 90 27.12 31.13 62.87
C GLU B 90 26.57 32.15 61.88
N VAL B 91 25.50 31.80 61.16
CA VAL B 91 24.87 32.73 60.24
C VAL B 91 24.31 33.92 61.00
N LYS B 92 23.70 33.67 62.16
CA LYS B 92 23.16 34.76 62.97
C LYS B 92 24.26 35.75 63.36
N GLU B 93 25.42 35.24 63.77
CA GLU B 93 26.49 36.10 64.25
C GLU B 93 27.16 36.87 63.11
N LEU B 94 27.24 36.28 61.93
CA LEU B 94 27.93 36.92 60.81
C LEU B 94 27.02 37.85 60.01
N THR B 95 25.71 37.63 60.02
CA THR B 95 24.79 38.38 59.17
C THR B 95 23.57 38.94 59.89
N GLY B 96 23.27 38.46 61.11
CA GLY B 96 22.04 38.83 61.78
C GLY B 96 20.83 38.05 61.36
N ILE B 97 20.93 37.22 60.33
CA ILE B 97 19.80 36.41 59.90
C ILE B 97 19.55 35.32 60.93
N GLU B 98 18.29 35.20 61.36
CA GLU B 98 17.89 34.22 62.36
C GLU B 98 16.84 33.30 61.74
N ALA B 99 17.24 32.06 61.46
CA ALA B 99 16.34 31.08 60.87
C ALA B 99 15.47 30.44 61.93
N GLY C 2 -23.79 18.41 -25.67
CA GLY C 2 -24.84 18.19 -24.70
C GLY C 2 -24.42 17.30 -23.56
N LEU C 3 -25.36 17.02 -22.65
CA LEU C 3 -25.08 16.18 -21.48
C LEU C 3 -25.35 14.71 -21.73
N SER C 4 -26.22 14.37 -22.68
CA SER C 4 -26.49 12.96 -22.97
C SER C 4 -25.30 12.33 -23.67
N ILE C 5 -25.15 11.02 -23.50
CA ILE C 5 -24.03 10.27 -24.05
C ILE C 5 -24.42 9.72 -25.42
N ASN C 6 -23.49 9.80 -26.37
CA ASN C 6 -23.67 9.13 -27.65
C ASN C 6 -23.76 7.63 -27.43
N PRO C 7 -24.88 6.98 -27.80
CA PRO C 7 -25.00 5.54 -27.54
C PRO C 7 -23.84 4.70 -28.04
N THR C 8 -23.14 5.15 -29.08
CA THR C 8 -21.96 4.42 -29.55
C THR C 8 -20.96 4.20 -28.42
N LEU C 9 -20.94 5.10 -27.44
CA LEU C 9 -19.99 5.03 -26.33
C LEU C 9 -20.55 4.34 -25.10
N ILE C 10 -21.84 4.00 -25.08
CA ILE C 10 -22.45 3.40 -23.91
C ILE C 10 -22.15 1.90 -23.91
N ASN C 11 -21.38 1.45 -22.92
CA ASN C 11 -21.15 0.03 -22.70
C ASN C 11 -21.57 -0.43 -21.31
N ARG C 12 -22.02 0.49 -20.45
CA ARG C 12 -22.47 0.11 -19.12
C ARG C 12 -23.72 -0.75 -19.22
N ASP C 13 -23.78 -1.78 -18.36
CA ASP C 13 -24.93 -2.67 -18.30
C ASP C 13 -25.61 -2.73 -16.94
N LYS C 14 -24.88 -2.50 -15.85
CA LYS C 14 -25.46 -2.63 -14.53
C LYS C 14 -26.19 -1.35 -14.11
N PRO C 15 -27.16 -1.46 -13.20
CA PRO C 15 -27.92 -0.28 -12.80
C PRO C 15 -27.12 0.63 -11.86
N TYR C 16 -27.63 1.86 -11.72
CA TYR C 16 -27.00 2.82 -10.83
C TYR C 16 -27.02 2.32 -9.39
N THR C 17 -25.91 2.53 -8.69
CA THR C 17 -25.90 2.33 -7.25
C THR C 17 -26.67 3.44 -6.55
N LYS C 18 -26.86 3.27 -5.24
CA LYS C 18 -27.55 4.30 -4.45
C LYS C 18 -26.86 5.65 -4.61
N GLU C 19 -25.53 5.67 -4.52
CA GLU C 19 -24.79 6.92 -4.64
C GLU C 19 -24.88 7.48 -6.05
N GLU C 20 -24.82 6.62 -7.06
CA GLU C 20 -24.90 7.09 -8.44
C GLU C 20 -26.29 7.64 -8.76
N LEU C 21 -27.34 7.12 -8.12
CA LEU C 21 -28.67 7.66 -8.31
C LEU C 21 -28.75 9.10 -7.82
N MET C 22 -28.13 9.39 -6.67
CA MET C 22 -28.07 10.78 -6.22
C MET C 22 -27.35 11.64 -7.24
N GLU C 23 -26.30 11.10 -7.86
CA GLU C 23 -25.47 11.90 -8.77
C GLU C 23 -26.23 12.23 -10.06
N ILE C 24 -27.03 11.30 -10.58
CA ILE C 24 -27.76 11.60 -11.81
C ILE C 24 -28.91 12.56 -11.53
N LEU C 25 -29.43 12.57 -10.31
CA LEU C 25 -30.44 13.57 -9.97
C LEU C 25 -29.84 14.97 -9.92
N ARG C 26 -28.63 15.10 -9.36
CA ARG C 26 -27.95 16.38 -9.40
C ARG C 26 -27.64 16.80 -10.83
N LEU C 27 -27.24 15.83 -11.67
CA LEU C 27 -26.99 16.12 -13.07
C LEU C 27 -28.28 16.50 -13.80
N ALA C 28 -29.39 15.87 -13.43
CA ALA C 28 -30.67 16.27 -14.00
C ALA C 28 -31.02 17.70 -13.66
N ILE C 29 -30.76 18.11 -12.41
CA ILE C 29 -31.01 19.49 -12.00
C ILE C 29 -30.10 20.44 -12.77
N ILE C 30 -28.83 20.05 -12.95
CA ILE C 30 -27.91 20.86 -13.74
C ILE C 30 -28.47 21.07 -15.15
N ALA C 31 -28.98 19.99 -15.76
CA ALA C 31 -29.51 20.09 -17.12
C ALA C 31 -30.71 21.03 -17.16
N GLU C 32 -31.58 20.96 -16.15
CA GLU C 32 -32.74 21.84 -16.10
C GLU C 32 -32.33 23.30 -15.88
N LEU C 33 -31.39 23.53 -14.97
CA LEU C 33 -30.93 24.90 -14.72
C LEU C 33 -30.29 25.51 -15.96
N ASP C 34 -29.52 24.70 -16.70
CA ASP C 34 -28.92 25.19 -17.94
C ASP C 34 -30.00 25.55 -18.96
N ALA C 35 -31.04 24.73 -19.06
CA ALA C 35 -32.12 25.01 -20.01
C ALA C 35 -32.87 26.30 -19.63
N ILE C 36 -33.10 26.51 -18.34
CA ILE C 36 -33.77 27.74 -17.91
C ILE C 36 -32.95 28.95 -18.32
N ASN C 37 -31.65 28.93 -18.02
CA ASN C 37 -30.79 30.04 -18.44
C ASN C 37 -30.85 30.24 -19.94
N LEU C 38 -30.81 29.15 -20.71
CA LEU C 38 -30.83 29.26 -22.16
C LEU C 38 -32.10 29.94 -22.65
N TYR C 39 -33.26 29.48 -22.17
CA TYR C 39 -34.52 30.02 -22.65
C TYR C 39 -34.77 31.43 -22.14
N GLU C 40 -34.33 31.72 -20.92
CA GLU C 40 -34.43 33.09 -20.41
C GLU C 40 -33.57 34.03 -21.25
N GLN C 41 -32.38 33.59 -21.63
CA GLN C 41 -31.51 34.39 -22.48
C GLN C 41 -32.13 34.59 -23.86
N MET C 42 -32.66 33.52 -24.45
CA MET C 42 -33.32 33.64 -25.76
C MET C 42 -34.48 34.61 -25.69
N ALA C 43 -35.31 34.50 -24.64
CA ALA C 43 -36.47 35.39 -24.53
C ALA C 43 -36.05 36.85 -24.44
N ARG C 44 -34.90 37.12 -23.84
CA ARG C 44 -34.43 38.49 -23.68
C ARG C 44 -34.24 39.17 -25.03
N TYR C 45 -33.71 38.44 -26.01
CA TYR C 45 -33.39 39.01 -27.31
C TYR C 45 -34.46 38.77 -28.36
N SER C 46 -35.55 38.08 -28.02
CA SER C 46 -36.62 37.80 -28.97
C SER C 46 -37.66 38.91 -28.90
N GLU C 47 -37.73 39.74 -29.94
CA GLU C 47 -38.77 40.74 -30.05
C GLU C 47 -40.04 40.18 -30.69
N ASP C 48 -39.99 38.97 -31.24
CA ASP C 48 -41.20 38.26 -31.65
C ASP C 48 -41.94 37.83 -30.38
N GLU C 49 -43.07 38.47 -30.10
CA GLU C 49 -43.75 38.26 -28.83
C GLU C 49 -44.34 36.85 -28.73
N ASN C 50 -44.66 36.23 -29.86
CA ASN C 50 -45.10 34.83 -29.83
C ASN C 50 -43.97 33.90 -29.40
N VAL C 51 -42.77 34.11 -29.95
CA VAL C 51 -41.62 33.29 -29.56
C VAL C 51 -41.28 33.53 -28.10
N ARG C 52 -41.23 34.81 -27.70
CA ARG C 52 -40.94 35.13 -26.30
C ARG C 52 -41.93 34.46 -25.37
N LYS C 53 -43.22 34.51 -25.71
CA LYS C 53 -44.23 33.95 -24.82
C LYS C 53 -44.04 32.46 -24.62
N ILE C 54 -43.70 31.73 -25.68
CA ILE C 54 -43.49 30.29 -25.53
C ILE C 54 -42.20 30.02 -24.79
N LEU C 55 -41.13 30.77 -25.08
CA LEU C 55 -39.88 30.58 -24.37
C LEU C 55 -40.07 30.74 -22.86
N LEU C 56 -40.83 31.76 -22.45
CA LEU C 56 -41.04 31.97 -21.01
C LEU C 56 -41.93 30.90 -20.42
N ASP C 57 -42.90 30.39 -21.19
CA ASP C 57 -43.78 29.34 -20.67
C ASP C 57 -43.04 28.02 -20.55
N VAL C 58 -42.18 27.70 -21.52
CA VAL C 58 -41.36 26.50 -21.41
C VAL C 58 -40.40 26.63 -20.23
N ALA C 59 -39.75 27.79 -20.10
CA ALA C 59 -38.84 28.00 -18.98
C ALA C 59 -39.56 27.78 -17.65
N ARG C 60 -40.80 28.26 -17.54
CA ARG C 60 -41.58 28.02 -16.33
C ARG C 60 -41.75 26.54 -16.07
N GLU C 61 -42.00 25.76 -17.11
CA GLU C 61 -42.17 24.32 -16.93
C GLU C 61 -40.86 23.63 -16.56
N GLU C 62 -39.73 24.13 -17.05
CA GLU C 62 -38.44 23.61 -16.61
C GLU C 62 -38.21 23.89 -15.12
N LYS C 63 -38.70 25.02 -14.62
CA LYS C 63 -38.56 25.32 -13.20
C LYS C 63 -39.32 24.32 -12.34
N ALA C 64 -40.44 23.80 -12.84
CA ALA C 64 -41.13 22.74 -12.12
C ALA C 64 -40.33 21.44 -12.16
N HIS C 65 -39.65 21.17 -13.27
CA HIS C 65 -38.80 19.99 -13.35
C HIS C 65 -37.71 20.05 -12.30
N VAL C 66 -37.15 21.24 -12.06
CA VAL C 66 -36.19 21.41 -10.97
C VAL C 66 -36.80 20.94 -9.66
N GLY C 67 -38.05 21.32 -9.40
CA GLY C 67 -38.71 20.90 -8.18
C GLY C 67 -38.88 19.40 -8.11
N GLU C 68 -39.26 18.77 -9.22
CA GLU C 68 -39.46 17.34 -9.24
C GLU C 68 -38.17 16.60 -8.92
N PHE C 69 -37.08 16.94 -9.62
CA PHE C 69 -35.80 16.29 -9.36
C PHE C 69 -35.29 16.61 -7.96
N MET C 70 -35.52 17.84 -7.49
CA MET C 70 -35.09 18.19 -6.14
CA MET C 70 -35.10 18.21 -6.14
C MET C 70 -35.82 17.35 -5.09
N ALA C 71 -37.13 17.15 -5.27
CA ALA C 71 -37.88 16.34 -4.31
C ALA C 71 -37.30 14.94 -4.21
N LEU C 72 -36.95 14.34 -5.36
CA LEU C 72 -36.33 13.02 -5.34
C LEU C 72 -34.98 13.07 -4.65
N LEU C 73 -34.18 14.10 -4.95
CA LEU C 73 -32.85 14.21 -4.37
C LEU C 73 -32.93 14.35 -2.85
N LEU C 74 -33.79 15.27 -2.38
CA LEU C 74 -33.95 15.45 -0.94
C LEU C 74 -34.42 14.17 -0.26
N ASN C 75 -35.26 13.39 -0.95
CA ASN C 75 -35.73 12.13 -0.38
C ASN C 75 -34.62 11.10 -0.28
N LEU C 76 -33.66 11.13 -1.21
CA LEU C 76 -32.56 10.18 -1.22
C LEU C 76 -31.29 10.71 -0.55
N ASP C 77 -31.21 12.01 -0.31
CA ASP C 77 -30.01 12.65 0.24
C ASP C 77 -30.41 13.41 1.49
N PRO C 78 -30.59 12.72 2.62
CA PRO C 78 -31.00 13.42 3.85
C PRO C 78 -30.01 14.49 4.29
N GLU C 79 -28.71 14.31 4.00
CA GLU C 79 -27.74 15.36 4.33
C GLU C 79 -28.07 16.65 3.59
N GLN C 80 -28.54 16.54 2.35
CA GLN C 80 -28.92 17.74 1.59
C GLN C 80 -30.08 18.46 2.25
N VAL C 81 -31.02 17.72 2.84
CA VAL C 81 -32.14 18.36 3.53
C VAL C 81 -31.62 19.23 4.68
N THR C 82 -30.78 18.65 5.54
CA THR C 82 -30.21 19.41 6.65
C THR C 82 -29.40 20.60 6.15
N GLU C 83 -28.54 20.38 5.16
CA GLU C 83 -27.66 21.46 4.71
C GLU C 83 -28.42 22.49 3.90
N LEU C 84 -29.49 22.11 3.21
CA LEU C 84 -30.33 23.10 2.55
C LEU C 84 -30.91 24.06 3.57
N LYS C 85 -31.44 23.53 4.67
CA LYS C 85 -31.94 24.38 5.74
C LYS C 85 -30.83 25.25 6.32
N GLY C 86 -29.66 24.67 6.56
CA GLY C 86 -28.56 25.44 7.08
C GLY C 86 -28.16 26.58 6.16
N GLY C 87 -28.20 26.35 4.85
CA GLY C 87 -27.88 27.41 3.90
C GLY C 87 -28.91 28.53 3.92
N PHE C 88 -30.20 28.18 3.96
CA PHE C 88 -31.23 29.19 4.10
C PHE C 88 -31.02 30.02 5.36
N GLU C 89 -30.71 29.36 6.48
CA GLU C 89 -30.53 30.09 7.72
C GLU C 89 -29.31 31.01 7.64
N GLU C 90 -28.24 30.54 7.00
CA GLU C 90 -27.06 31.37 6.84
C GLU C 90 -27.39 32.63 6.04
N VAL C 91 -28.16 32.47 4.96
CA VAL C 91 -28.57 33.63 4.16
C VAL C 91 -29.41 34.58 5.00
N LYS C 92 -30.34 34.03 5.80
CA LYS C 92 -31.16 34.90 6.65
C LYS C 92 -30.30 35.67 7.64
N GLU C 93 -29.29 35.01 8.21
CA GLU C 93 -28.40 35.67 9.16
C GLU C 93 -27.60 36.79 8.50
N LEU C 94 -27.13 36.56 7.26
CA LEU C 94 -26.24 37.51 6.60
C LEU C 94 -26.98 38.61 5.85
N THR C 95 -28.23 38.36 5.43
CA THR C 95 -28.96 39.33 4.61
C THR C 95 -30.36 39.65 5.11
N GLY C 96 -30.93 38.85 6.01
CA GLY C 96 -32.31 39.00 6.41
C GLY C 96 -33.30 38.35 5.48
N ILE C 97 -32.86 37.83 4.34
CA ILE C 97 -33.75 37.15 3.41
C ILE C 97 -34.19 35.82 4.00
N GLU C 98 -35.49 35.54 3.96
CA GLU C 98 -36.02 34.24 4.34
C GLU C 98 -36.82 33.70 3.17
N ALA C 99 -36.29 32.65 2.53
CA ALA C 99 -36.91 32.07 1.36
C ALA C 99 -37.20 30.59 1.57
N GLY D 2 -22.81 -34.89 -9.13
CA GLY D 2 -23.90 -35.09 -8.19
C GLY D 2 -23.51 -35.97 -7.02
N LEU D 3 -24.48 -36.23 -6.13
CA LEU D 3 -24.24 -37.07 -4.96
C LEU D 3 -24.55 -38.53 -5.20
N SER D 4 -25.42 -38.85 -6.17
CA SER D 4 -25.74 -40.24 -6.45
C SER D 4 -24.57 -40.92 -7.13
N ILE D 5 -24.48 -42.23 -6.95
CA ILE D 5 -23.38 -43.03 -7.48
C ILE D 5 -23.76 -43.55 -8.86
N ASN D 6 -22.81 -43.53 -9.78
CA ASN D 6 -22.99 -44.18 -11.08
C ASN D 6 -23.16 -45.68 -10.84
N PRO D 7 -24.29 -46.29 -11.24
CA PRO D 7 -24.49 -47.72 -10.95
C PRO D 7 -23.35 -48.60 -11.44
N THR D 8 -22.63 -48.20 -12.48
CA THR D 8 -21.48 -48.97 -12.93
C THR D 8 -20.49 -49.21 -11.80
N LEU D 9 -20.44 -48.29 -10.82
CA LEU D 9 -19.50 -48.39 -9.72
C LEU D 9 -20.09 -49.03 -8.47
N ILE D 10 -21.39 -49.29 -8.45
CA ILE D 10 -22.04 -49.85 -7.27
C ILE D 10 -21.82 -51.36 -7.25
N ASN D 11 -21.15 -51.85 -6.21
CA ASN D 11 -20.96 -53.28 -6.02
C ASN D 11 -21.32 -53.74 -4.61
N ARG D 12 -21.87 -52.85 -3.77
CA ARG D 12 -22.28 -53.26 -2.44
C ARG D 12 -23.49 -54.19 -2.55
N ASP D 13 -23.47 -55.29 -1.79
CA ASP D 13 -24.55 -56.26 -1.80
C ASP D 13 -25.09 -56.53 -0.40
N LYS D 14 -24.96 -55.58 0.51
CA LYS D 14 -25.41 -55.77 1.89
C LYS D 14 -26.06 -54.49 2.38
N PRO D 15 -27.04 -54.60 3.28
CA PRO D 15 -27.78 -53.41 3.72
C PRO D 15 -26.96 -52.56 4.67
N TYR D 16 -27.40 -51.31 4.82
CA TYR D 16 -26.75 -50.37 5.72
C TYR D 16 -26.83 -50.86 7.16
N THR D 17 -25.74 -50.69 7.89
CA THR D 17 -25.76 -50.87 9.34
C THR D 17 -26.50 -49.71 9.98
N LYS D 18 -26.75 -49.82 11.29
CA LYS D 18 -27.47 -48.75 11.97
C LYS D 18 -26.69 -47.44 11.92
N GLU D 19 -25.36 -47.51 11.98
CA GLU D 19 -24.55 -46.31 11.91
C GLU D 19 -24.56 -45.72 10.50
N GLU D 20 -24.53 -46.59 9.47
CA GLU D 20 -24.60 -46.12 8.11
C GLU D 20 -25.96 -45.50 7.80
N LEU D 21 -27.04 -45.99 8.42
CA LEU D 21 -28.34 -45.39 8.23
C LEU D 21 -28.36 -43.94 8.74
N MET D 22 -27.72 -43.69 9.87
CA MET D 22 -27.60 -42.32 10.35
C MET D 22 -26.84 -41.46 9.36
N GLU D 23 -25.84 -42.05 8.68
CA GLU D 23 -25.00 -41.28 7.78
C GLU D 23 -25.73 -40.93 6.49
N ILE D 24 -26.54 -41.85 5.97
CA ILE D 24 -27.25 -41.53 4.73
C ILE D 24 -28.36 -40.53 5.00
N LEU D 25 -28.90 -40.50 6.21
CA LEU D 25 -29.87 -39.47 6.56
C LEU D 25 -29.22 -38.09 6.61
N ARG D 26 -28.01 -38.01 7.17
CA ARG D 26 -27.28 -36.74 7.14
C ARG D 26 -26.94 -36.35 5.72
N LEU D 27 -26.57 -37.32 4.89
CA LEU D 27 -26.26 -37.03 3.50
C LEU D 27 -27.50 -36.59 2.74
N ALA D 28 -28.65 -37.19 3.05
CA ALA D 28 -29.90 -36.75 2.44
C ALA D 28 -30.22 -35.31 2.79
N ILE D 29 -29.98 -34.92 4.05
CA ILE D 29 -30.18 -33.53 4.46
C ILE D 29 -29.21 -32.62 3.73
N ILE D 30 -27.95 -33.05 3.58
CA ILE D 30 -26.98 -32.28 2.81
C ILE D 30 -27.50 -32.03 1.40
N ALA D 31 -28.04 -33.08 0.76
CA ALA D 31 -28.55 -32.94 -0.60
C ALA D 31 -29.71 -31.95 -0.65
N GLU D 32 -30.60 -32.01 0.33
CA GLU D 32 -31.74 -31.10 0.35
C GLU D 32 -31.29 -29.66 0.57
N LEU D 33 -30.38 -29.44 1.51
CA LEU D 33 -29.88 -28.09 1.75
C LEU D 33 -29.17 -27.53 0.52
N ASP D 34 -28.43 -28.38 -0.20
CA ASP D 34 -27.80 -27.93 -1.44
C ASP D 34 -28.85 -27.55 -2.47
N ALA D 35 -29.93 -28.34 -2.58
CA ALA D 35 -30.98 -28.02 -3.54
C ALA D 35 -31.69 -26.72 -3.19
N ILE D 36 -31.94 -26.47 -1.90
CA ILE D 36 -32.55 -25.22 -1.49
C ILE D 36 -31.67 -24.04 -1.91
N ASN D 37 -30.38 -24.11 -1.58
CA ASN D 37 -29.46 -23.05 -1.98
C ASN D 37 -29.47 -22.86 -3.50
N LEU D 38 -29.49 -23.96 -4.25
CA LEU D 38 -29.48 -23.87 -5.70
C LEU D 38 -30.73 -23.14 -6.20
N TYR D 39 -31.90 -23.56 -5.74
CA TYR D 39 -33.14 -22.98 -6.23
C TYR D 39 -33.35 -21.57 -5.70
N GLU D 40 -32.88 -21.27 -4.49
CA GLU D 40 -32.95 -19.90 -3.99
C GLU D 40 -32.08 -18.98 -4.83
N GLN D 41 -30.88 -19.45 -5.21
CA GLN D 41 -29.99 -18.67 -6.06
C GLN D 41 -30.59 -18.46 -7.44
N MET D 42 -31.17 -19.51 -8.03
CA MET D 42 -31.81 -19.37 -9.34
C MET D 42 -32.94 -18.35 -9.29
N ALA D 43 -33.79 -18.43 -8.26
CA ALA D 43 -34.92 -17.50 -8.17
C ALA D 43 -34.44 -16.06 -8.07
N ARG D 44 -33.26 -15.85 -7.49
CA ARG D 44 -32.74 -14.50 -7.32
CA ARG D 44 -32.75 -14.51 -7.32
C ARG D 44 -32.50 -13.82 -8.66
N TYR D 45 -32.07 -14.59 -9.66
CA TYR D 45 -31.71 -14.03 -10.96
C TYR D 45 -32.79 -14.23 -12.02
N SER D 46 -33.89 -14.89 -11.68
CA SER D 46 -34.97 -15.13 -12.63
C SER D 46 -36.00 -14.01 -12.51
N GLU D 47 -35.96 -13.07 -13.46
CA GLU D 47 -36.99 -12.04 -13.52
C GLU D 47 -38.25 -12.53 -14.23
N ASP D 48 -38.23 -13.73 -14.79
CA ASP D 48 -39.45 -14.39 -15.24
C ASP D 48 -40.24 -14.83 -14.01
N GLU D 49 -41.38 -14.18 -13.77
CA GLU D 49 -42.10 -14.39 -12.51
C GLU D 49 -42.69 -15.79 -12.43
N ASN D 50 -42.99 -16.41 -13.56
CA ASN D 50 -43.50 -17.78 -13.54
C ASN D 50 -42.41 -18.75 -13.10
N VAL D 51 -41.21 -18.60 -13.64
CA VAL D 51 -40.09 -19.46 -13.24
C VAL D 51 -39.72 -19.22 -11.79
N ARG D 52 -39.69 -17.95 -11.37
CA ARG D 52 -39.39 -17.64 -9.97
C ARG D 52 -40.40 -18.30 -9.04
N LYS D 53 -41.69 -18.23 -9.39
CA LYS D 53 -42.72 -18.77 -8.51
C LYS D 53 -42.55 -20.27 -8.32
N ILE D 54 -42.24 -21.00 -9.39
CA ILE D 54 -42.04 -22.44 -9.26
C ILE D 54 -40.76 -22.73 -8.49
N LEU D 55 -39.69 -21.98 -8.76
CA LEU D 55 -38.45 -22.19 -8.02
C LEU D 55 -38.66 -22.05 -6.52
N LEU D 56 -39.39 -21.01 -6.11
CA LEU D 56 -39.61 -20.79 -4.69
C LEU D 56 -40.55 -21.84 -4.10
N ASP D 57 -41.52 -22.31 -4.87
CA ASP D 57 -42.43 -23.32 -4.35
C ASP D 57 -41.75 -24.68 -4.23
N VAL D 58 -40.90 -25.02 -5.20
CA VAL D 58 -40.13 -26.25 -5.08
C VAL D 58 -39.18 -26.17 -3.88
N ALA D 59 -38.48 -25.04 -3.75
CA ALA D 59 -37.58 -24.85 -2.62
C ALA D 59 -38.33 -25.01 -1.30
N ARG D 60 -39.55 -24.49 -1.23
CA ARG D 60 -40.38 -24.67 -0.04
C ARG D 60 -40.59 -26.15 0.25
N GLU D 61 -40.85 -26.95 -0.79
CA GLU D 61 -41.08 -28.37 -0.59
C GLU D 61 -39.80 -29.10 -0.19
N GLU D 62 -38.64 -28.66 -0.67
CA GLU D 62 -37.39 -29.25 -0.21
C GLU D 62 -37.16 -28.97 1.26
N LYS D 63 -37.61 -27.81 1.76
CA LYS D 63 -37.48 -27.52 3.18
C LYS D 63 -38.30 -28.49 4.02
N ALA D 64 -39.42 -28.98 3.49
CA ALA D 64 -40.17 -30.01 4.19
C ALA D 64 -39.41 -31.34 4.16
N HIS D 65 -38.71 -31.62 3.07
CA HIS D 65 -37.89 -32.84 3.01
C HIS D 65 -36.81 -32.80 4.08
N VAL D 66 -36.23 -31.61 4.33
CA VAL D 66 -35.29 -31.47 5.44
C VAL D 66 -35.94 -31.90 6.75
N GLY D 67 -37.18 -31.49 6.97
CA GLY D 67 -37.88 -31.88 8.18
C GLY D 67 -38.11 -33.37 8.27
N GLU D 68 -38.48 -33.99 7.15
CA GLU D 68 -38.74 -35.43 7.15
C GLU D 68 -37.47 -36.21 7.49
N PHE D 69 -36.37 -35.90 6.81
CA PHE D 69 -35.11 -36.58 7.08
C PHE D 69 -34.61 -36.27 8.48
N MET D 70 -34.78 -35.03 8.94
CA MET D 70 -34.37 -34.67 10.29
C MET D 70 -35.16 -35.46 11.33
N ALA D 71 -36.46 -35.64 11.10
CA ALA D 71 -37.27 -36.42 12.03
C ALA D 71 -36.72 -37.84 12.16
N LEU D 72 -36.37 -38.47 11.04
CA LEU D 72 -35.79 -39.81 11.09
C LEU D 72 -34.45 -39.81 11.80
N LEU D 73 -33.60 -38.82 11.51
CA LEU D 73 -32.28 -38.76 12.13
C LEU D 73 -32.39 -38.58 13.64
N LEU D 74 -33.22 -37.64 14.09
CA LEU D 74 -33.40 -37.42 15.52
C LEU D 74 -33.90 -38.68 16.21
N ASN D 75 -34.75 -39.45 15.54
CA ASN D 75 -35.26 -40.69 16.12
C ASN D 75 -34.17 -41.76 16.22
N LEU D 76 -33.20 -41.75 15.30
CA LEU D 76 -32.14 -42.75 15.30
C LEU D 76 -30.85 -42.26 15.96
N ASP D 77 -30.72 -40.96 16.22
CA ASP D 77 -29.50 -40.37 16.77
C ASP D 77 -29.86 -39.61 18.04
N PRO D 78 -30.03 -40.31 19.16
CA PRO D 78 -30.41 -39.61 20.41
C PRO D 78 -29.43 -38.54 20.84
N GLU D 79 -28.14 -38.73 20.55
CA GLU D 79 -27.16 -37.70 20.87
C GLU D 79 -27.47 -36.39 20.15
N GLN D 80 -27.95 -36.48 18.91
CA GLN D 80 -28.30 -35.27 18.16
C GLN D 80 -29.47 -34.53 18.79
N VAL D 81 -30.43 -35.25 19.37
CA VAL D 81 -31.55 -34.60 20.03
C VAL D 81 -31.04 -33.72 21.18
N THR D 82 -30.22 -34.30 22.06
CA THR D 82 -29.64 -33.54 23.17
C THR D 82 -28.79 -32.38 22.65
N GLU D 83 -27.92 -32.65 21.69
CA GLU D 83 -26.99 -31.61 21.24
C GLU D 83 -27.71 -30.54 20.44
N LEU D 84 -28.79 -30.91 19.74
CA LEU D 84 -29.60 -29.89 19.07
C LEU D 84 -30.16 -28.92 20.10
N LYS D 85 -30.73 -29.45 21.18
CA LYS D 85 -31.19 -28.60 22.27
C LYS D 85 -30.06 -27.76 22.84
N GLY D 86 -28.90 -28.37 23.05
CA GLY D 86 -27.77 -27.63 23.58
C GLY D 86 -27.33 -26.50 22.67
N GLY D 87 -27.35 -26.74 21.35
CA GLY D 87 -26.99 -25.69 20.41
C GLY D 87 -27.99 -24.54 20.43
N PHE D 88 -29.28 -24.85 20.48
CA PHE D 88 -30.29 -23.80 20.59
C PHE D 88 -30.05 -22.95 21.84
N GLU D 89 -29.77 -23.60 22.97
CA GLU D 89 -29.56 -22.87 24.22
C GLU D 89 -28.32 -22.00 24.14
N GLU D 90 -27.26 -22.50 23.50
CA GLU D 90 -26.04 -21.70 23.36
C GLU D 90 -26.32 -20.45 22.54
N VAL D 91 -27.09 -20.57 21.46
CA VAL D 91 -27.42 -19.39 20.65
C VAL D 91 -28.25 -18.41 21.47
N LYS D 92 -29.20 -18.90 22.25
CA LYS D 92 -29.99 -18.01 23.08
C LYS D 92 -29.11 -17.27 24.09
N GLU D 93 -28.12 -17.96 24.65
CA GLU D 93 -27.22 -17.31 25.62
C GLU D 93 -26.43 -16.20 24.97
N LEU D 94 -25.91 -16.45 23.76
CA LEU D 94 -25.01 -15.51 23.10
C LEU D 94 -25.71 -14.39 22.35
N THR D 95 -26.95 -14.61 21.91
CA THR D 95 -27.64 -13.65 21.06
C THR D 95 -29.04 -13.30 21.52
N GLY D 96 -29.64 -14.08 22.42
CA GLY D 96 -31.03 -13.89 22.77
C GLY D 96 -32.02 -14.53 21.81
N ILE D 97 -31.55 -15.07 20.68
CA ILE D 97 -32.44 -15.72 19.74
C ILE D 97 -32.95 -17.02 20.33
N GLU D 98 -34.25 -17.24 20.24
CA GLU D 98 -34.89 -18.46 20.72
C GLU D 98 -35.63 -19.10 19.55
N ALA D 99 -35.24 -20.34 19.21
CA ALA D 99 -35.88 -21.06 18.11
C ALA D 99 -36.14 -22.51 18.50
N GLY E 2 -10.34 -31.94 -16.60
CA GLY E 2 -9.02 -31.67 -17.13
C GLY E 2 -8.42 -30.41 -16.53
N LEU E 3 -7.21 -30.06 -16.99
CA LEU E 3 -6.52 -28.89 -16.47
C LEU E 3 -6.79 -27.62 -17.26
N SER E 4 -7.20 -27.73 -18.53
CA SER E 4 -7.47 -26.54 -19.31
C SER E 4 -8.77 -25.89 -18.84
N ILE E 5 -8.86 -24.58 -19.03
CA ILE E 5 -10.00 -23.81 -18.58
C ILE E 5 -11.03 -23.73 -19.70
N ASN E 6 -12.30 -23.86 -19.34
CA ASN E 6 -13.39 -23.61 -20.27
C ASN E 6 -13.35 -22.15 -20.69
N PRO E 7 -13.19 -21.84 -21.99
CA PRO E 7 -13.09 -20.43 -22.41
C PRO E 7 -14.23 -19.56 -21.92
N THR E 8 -15.40 -20.13 -21.66
CA THR E 8 -16.49 -19.35 -21.10
C THR E 8 -16.09 -18.66 -19.79
N LEU E 9 -15.15 -19.26 -19.05
CA LEU E 9 -14.73 -18.74 -17.77
C LEU E 9 -13.46 -17.89 -17.83
N ILE E 10 -12.80 -17.83 -18.98
CA ILE E 10 -11.55 -17.07 -19.09
C ILE E 10 -11.88 -15.59 -19.28
N ASN E 11 -11.49 -14.77 -18.30
CA ASN E 11 -11.63 -13.33 -18.41
C ASN E 11 -10.30 -12.60 -18.18
N ARG E 12 -9.18 -13.33 -18.14
CA ARG E 12 -7.88 -12.71 -17.94
C ARG E 12 -7.41 -12.02 -19.22
N ASP E 13 -6.79 -10.86 -19.05
CA ASP E 13 -6.26 -10.08 -20.16
C ASP E 13 -4.77 -9.83 -20.05
N LYS E 14 -4.25 -9.64 -18.83
CA LYS E 14 -2.84 -9.36 -18.66
C LYS E 14 -2.00 -10.59 -19.01
N PRO E 15 -0.81 -10.40 -19.57
CA PRO E 15 0.09 -11.54 -19.76
C PRO E 15 0.64 -12.02 -18.42
N TYR E 16 1.18 -13.25 -18.45
CA TYR E 16 1.76 -13.83 -17.25
C TYR E 16 2.95 -13.00 -16.77
N THR E 17 3.03 -12.84 -15.45
CA THR E 17 4.24 -12.31 -14.85
C THR E 17 5.35 -13.35 -14.93
N LYS E 18 6.59 -12.90 -14.66
CA LYS E 18 7.70 -13.83 -14.66
C LYS E 18 7.53 -14.91 -13.60
N GLU E 19 6.87 -14.58 -12.49
CA GLU E 19 6.56 -15.61 -11.49
C GLU E 19 5.48 -16.54 -12.00
N GLU E 20 4.48 -16.01 -12.69
CA GLU E 20 3.43 -16.85 -13.24
C GLU E 20 3.94 -17.74 -14.36
N LEU E 21 4.94 -17.27 -15.12
CA LEU E 21 5.55 -18.11 -16.14
C LEU E 21 6.17 -19.36 -15.52
N MET E 22 6.83 -19.21 -14.37
CA MET E 22 7.37 -20.37 -13.68
C MET E 22 6.26 -21.34 -13.29
N GLU E 23 5.12 -20.81 -12.86
CA GLU E 23 4.05 -21.67 -12.35
C GLU E 23 3.37 -22.45 -13.48
N ILE E 24 3.19 -21.84 -14.66
CA ILE E 24 2.56 -22.58 -15.73
C ILE E 24 3.50 -23.64 -16.29
N LEU E 25 4.82 -23.40 -16.21
CA LEU E 25 5.77 -24.44 -16.62
C LEU E 25 5.71 -25.64 -15.68
N ARG E 26 5.60 -25.39 -14.38
CA ARG E 26 5.42 -26.49 -13.44
C ARG E 26 4.09 -27.20 -13.69
N LEU E 27 3.05 -26.44 -14.01
CA LEU E 27 1.75 -27.04 -14.32
C LEU E 27 1.82 -27.83 -15.62
N ALA E 28 2.59 -27.35 -16.60
CA ALA E 28 2.78 -28.11 -17.83
C ALA E 28 3.47 -29.43 -17.56
N ILE E 29 4.46 -29.44 -16.67
CA ILE E 29 5.12 -30.69 -16.30
C ILE E 29 4.13 -31.62 -15.59
N ILE E 30 3.30 -31.07 -14.71
CA ILE E 30 2.26 -31.87 -14.07
C ILE E 30 1.39 -32.54 -15.12
N ALA E 31 0.96 -31.78 -16.13
CA ALA E 31 0.09 -32.35 -17.17
C ALA E 31 0.79 -33.48 -17.90
N GLU E 32 2.08 -33.30 -18.22
CA GLU E 32 2.82 -34.34 -18.93
C GLU E 32 2.98 -35.59 -18.06
N LEU E 33 3.35 -35.40 -16.79
CA LEU E 33 3.51 -36.55 -15.90
C LEU E 33 2.20 -37.31 -15.74
N ASP E 34 1.08 -36.60 -15.67
CA ASP E 34 -0.22 -37.25 -15.59
C ASP E 34 -0.48 -38.06 -16.85
N ALA E 35 -0.16 -37.50 -18.02
CA ALA E 35 -0.37 -38.21 -19.28
C ALA E 35 0.48 -39.46 -19.35
N ILE E 36 1.74 -39.38 -18.90
CA ILE E 36 2.60 -40.56 -18.90
C ILE E 36 2.00 -41.67 -18.05
N ASN E 37 1.59 -41.33 -16.82
CA ASN E 37 0.95 -42.34 -15.97
C ASN E 37 -0.28 -42.92 -16.63
N LEU E 38 -1.08 -42.07 -17.28
CA LEU E 38 -2.30 -42.56 -17.92
C LEU E 38 -1.98 -43.56 -19.02
N TYR E 39 -1.07 -43.21 -19.93
CA TYR E 39 -0.80 -44.09 -21.06
C TYR E 39 -0.04 -45.34 -20.64
N GLU E 40 0.81 -45.23 -19.61
CA GLU E 40 1.48 -46.42 -19.10
CA GLU E 40 1.49 -46.41 -19.09
C GLU E 40 0.49 -47.37 -18.45
N GLN E 41 -0.51 -46.83 -17.75
CA GLN E 41 -1.56 -47.66 -17.18
C GLN E 41 -2.41 -48.31 -18.26
N MET E 42 -2.79 -47.54 -19.29
CA MET E 42 -3.55 -48.11 -20.40
C MET E 42 -2.76 -49.23 -21.07
N ALA E 43 -1.48 -49.00 -21.34
CA ALA E 43 -0.67 -50.00 -22.01
C ALA E 43 -0.58 -51.28 -21.18
N ARG E 44 -0.60 -51.15 -19.86
CA ARG E 44 -0.46 -52.31 -18.98
C ARG E 44 -1.63 -53.29 -19.15
N TYR E 45 -2.82 -52.78 -19.43
CA TYR E 45 -4.01 -53.61 -19.55
C TYR E 45 -4.43 -53.85 -21.00
N SER E 46 -3.67 -53.33 -21.96
CA SER E 46 -3.99 -53.51 -23.37
C SER E 46 -3.20 -54.69 -23.91
N GLU E 47 -3.91 -55.80 -24.16
CA GLU E 47 -3.28 -56.96 -24.79
C GLU E 47 -3.30 -56.88 -26.31
N ASP E 48 -4.00 -55.90 -26.87
CA ASP E 48 -3.85 -55.57 -28.29
C ASP E 48 -2.48 -54.94 -28.49
N GLU E 49 -1.57 -55.67 -29.13
CA GLU E 49 -0.18 -55.22 -29.20
C GLU E 49 -0.03 -53.98 -30.05
N ASN E 50 -0.93 -53.74 -31.00
CA ASN E 50 -0.89 -52.51 -31.78
C ASN E 50 -1.22 -51.31 -30.89
N VAL E 51 -2.27 -51.42 -30.08
CA VAL E 51 -2.63 -50.32 -29.18
C VAL E 51 -1.53 -50.08 -28.16
N ARG E 52 -1.03 -51.16 -27.54
CA ARG E 52 0.04 -51.02 -26.56
C ARG E 52 1.25 -50.32 -27.17
N LYS E 53 1.63 -50.71 -28.40
CA LYS E 53 2.82 -50.13 -29.02
C LYS E 53 2.68 -48.62 -29.18
N ILE E 54 1.51 -48.14 -29.61
CA ILE E 54 1.32 -46.71 -29.80
C ILE E 54 1.26 -46.00 -28.45
N LEU E 55 0.57 -46.60 -27.48
CA LEU E 55 0.51 -46.00 -26.14
C LEU E 55 1.90 -45.78 -25.57
N LEU E 56 2.77 -46.79 -25.69
CA LEU E 56 4.12 -46.66 -25.16
C LEU E 56 4.94 -45.66 -25.96
N ASP E 57 4.71 -45.57 -27.27
CA ASP E 57 5.46 -44.61 -28.07
C ASP E 57 5.01 -43.19 -27.80
N VAL E 58 3.71 -42.98 -27.62
CA VAL E 58 3.23 -41.65 -27.22
C VAL E 58 3.79 -41.29 -25.85
N ALA E 59 3.74 -42.24 -24.90
CA ALA E 59 4.29 -41.98 -23.57
C ALA E 59 5.75 -41.57 -23.66
N ARG E 60 6.52 -42.22 -24.54
CA ARG E 60 7.92 -41.85 -24.73
C ARG E 60 8.03 -40.38 -25.16
N GLU E 61 7.14 -39.95 -26.06
CA GLU E 61 7.21 -38.57 -26.53
C GLU E 61 6.77 -37.58 -25.45
N GLU E 62 5.85 -37.98 -24.58
CA GLU E 62 5.50 -37.13 -23.44
C GLU E 62 6.68 -36.98 -22.49
N LYS E 63 7.50 -38.03 -22.34
CA LYS E 63 8.67 -37.92 -21.49
C LYS E 63 9.66 -36.90 -22.05
N ALA E 64 9.71 -36.74 -23.37
CA ALA E 64 10.52 -35.68 -23.96
C ALA E 64 9.94 -34.31 -23.68
N HIS E 65 8.60 -34.20 -23.66
CA HIS E 65 7.96 -32.94 -23.31
C HIS E 65 8.31 -32.52 -21.89
N VAL E 66 8.39 -33.47 -20.97
CA VAL E 66 8.85 -33.15 -19.61
C VAL E 66 10.20 -32.47 -19.67
N GLY E 67 11.10 -32.99 -20.50
CA GLY E 67 12.42 -32.39 -20.63
C GLY E 67 12.38 -30.97 -21.18
N GLU E 68 11.51 -30.74 -22.17
CA GLU E 68 11.41 -29.41 -22.76
C GLU E 68 10.95 -28.39 -21.73
N PHE E 69 9.86 -28.69 -21.02
CA PHE E 69 9.37 -27.76 -20.00
C PHE E 69 10.36 -27.65 -18.85
N MET E 70 10.97 -28.78 -18.45
N MET E 70 10.98 -28.77 -18.45
CA MET E 70 11.98 -28.73 -17.40
CA MET E 70 11.98 -28.72 -17.40
C MET E 70 13.14 -27.82 -17.79
C MET E 70 13.15 -27.83 -17.77
N ALA E 71 13.57 -27.88 -19.04
CA ALA E 71 14.67 -27.03 -19.49
C ALA E 71 14.31 -25.55 -19.36
N LEU E 72 13.09 -25.18 -19.76
CA LEU E 72 12.66 -23.80 -19.61
C LEU E 72 12.57 -23.40 -18.15
N LEU E 73 12.03 -24.28 -17.31
CA LEU E 73 11.87 -23.97 -15.90
C LEU E 73 13.23 -23.74 -15.24
N LEU E 74 14.18 -24.65 -15.49
CA LEU E 74 15.52 -24.50 -14.92
C LEU E 74 16.18 -23.21 -15.37
N ASN E 75 15.93 -22.78 -16.61
CA ASN E 75 16.51 -21.55 -17.11
C ASN E 75 15.94 -20.32 -16.39
N LEU E 76 14.67 -20.39 -15.98
CA LEU E 76 14.01 -19.29 -15.32
C LEU E 76 14.03 -19.40 -13.80
N ASP E 77 14.37 -20.56 -13.26
CA ASP E 77 14.33 -20.83 -11.82
C ASP E 77 15.69 -21.32 -11.37
N PRO E 78 16.65 -20.40 -11.17
CA PRO E 78 17.97 -20.83 -10.70
C PRO E 78 17.93 -21.57 -9.38
N GLU E 79 16.96 -21.25 -8.51
CA GLU E 79 16.82 -21.99 -7.27
C GLU E 79 16.54 -23.46 -7.53
N GLN E 80 15.73 -23.75 -8.55
CA GLN E 80 15.43 -25.15 -8.88
C GLN E 80 16.68 -25.89 -9.35
N VAL E 81 17.58 -25.21 -10.05
CA VAL E 81 18.83 -25.85 -10.48
C VAL E 81 19.63 -26.32 -9.28
N THR E 82 19.87 -25.42 -8.33
CA THR E 82 20.63 -25.77 -7.14
C THR E 82 19.93 -26.87 -6.33
N GLU E 83 18.63 -26.73 -6.12
CA GLU E 83 17.92 -27.69 -5.28
C GLU E 83 17.75 -29.03 -5.97
N LEU E 84 17.70 -29.04 -7.31
CA LEU E 84 17.71 -30.32 -8.02
C LEU E 84 19.01 -31.07 -7.73
N LYS E 85 20.13 -30.37 -7.77
CA LYS E 85 21.42 -31.00 -7.45
C LYS E 85 21.43 -31.47 -6.00
N GLY E 86 20.99 -30.62 -5.08
CA GLY E 86 20.94 -31.02 -3.68
C GLY E 86 20.07 -32.24 -3.46
N GLY E 87 18.94 -32.31 -4.19
CA GLY E 87 18.09 -33.49 -4.08
C GLY E 87 18.75 -34.73 -4.61
N PHE E 88 19.44 -34.62 -5.75
CA PHE E 88 20.20 -35.75 -6.27
C PHE E 88 21.24 -36.21 -5.25
N GLU E 89 21.95 -35.27 -4.63
CA GLU E 89 22.96 -35.63 -3.65
C GLU E 89 22.35 -36.28 -2.42
N GLU E 90 21.19 -35.79 -1.99
CA GLU E 90 20.51 -36.37 -0.83
C GLU E 90 20.16 -37.83 -1.09
N VAL E 91 19.66 -38.14 -2.28
CA VAL E 91 19.34 -39.53 -2.62
C VAL E 91 20.60 -40.38 -2.61
N LYS E 92 21.70 -39.83 -3.15
CA LYS E 92 22.95 -40.58 -3.18
C LYS E 92 23.41 -40.93 -1.78
N GLU E 93 23.36 -39.97 -0.86
CA GLU E 93 23.85 -40.20 0.50
C GLU E 93 22.99 -41.20 1.25
N LEU E 94 21.68 -41.25 0.97
CA LEU E 94 20.78 -42.12 1.69
C LEU E 94 20.64 -43.51 1.06
N THR E 95 20.87 -43.64 -0.25
CA THR E 95 20.64 -44.90 -0.94
C THR E 95 21.79 -45.34 -1.83
N GLY E 96 22.73 -44.47 -2.17
CA GLY E 96 23.77 -44.79 -3.13
C GLY E 96 23.36 -44.66 -4.58
N ILE E 97 22.09 -44.41 -4.87
CA ILE E 97 21.64 -44.25 -6.25
C ILE E 97 22.17 -42.93 -6.79
N GLU E 98 22.70 -42.98 -8.01
CA GLU E 98 23.23 -41.78 -8.66
C GLU E 98 22.92 -41.80 -10.15
N GLY F 2 37.36 13.18 30.28
CA GLY F 2 38.47 13.92 30.85
C GLY F 2 38.08 15.31 31.32
N LEU F 3 39.06 16.06 31.81
CA LEU F 3 38.82 17.41 32.30
C LEU F 3 38.98 18.48 31.22
N SER F 4 39.75 18.20 30.18
CA SER F 4 39.92 19.18 29.11
C SER F 4 38.65 19.30 28.28
N ILE F 5 38.46 20.47 27.70
CA ILE F 5 37.25 20.76 26.93
C ILE F 5 37.49 20.43 25.47
N ASN F 6 36.49 19.84 24.82
CA ASN F 6 36.52 19.66 23.39
C ASN F 6 36.55 21.04 22.73
N PRO F 7 37.57 21.37 21.94
CA PRO F 7 37.65 22.72 21.34
C PRO F 7 36.39 23.12 20.58
N THR F 8 35.64 22.16 20.04
CA THR F 8 34.39 22.48 19.36
C THR F 8 33.47 23.30 20.26
N LEU F 9 33.59 23.13 21.58
CA LEU F 9 32.73 23.81 22.54
C LEU F 9 33.34 25.07 23.12
N ILE F 10 34.61 25.36 22.82
CA ILE F 10 35.27 26.53 23.38
C ILE F 10 34.87 27.77 22.59
N ASN F 11 34.18 28.70 23.25
CA ASN F 11 33.85 29.99 22.67
C ASN F 11 34.34 31.16 23.50
N ARG F 12 35.09 30.89 24.57
CA ARG F 12 35.60 31.96 25.42
C ARG F 12 36.74 32.69 24.71
N ASP F 13 36.77 34.02 24.88
CA ASP F 13 37.80 34.85 24.28
C ASP F 13 38.62 35.65 25.30
N LYS F 14 38.05 36.01 26.45
CA LYS F 14 38.78 36.87 27.36
C LYS F 14 39.62 36.07 28.34
N PRO F 15 40.71 36.64 28.85
CA PRO F 15 41.58 35.89 29.75
C PRO F 15 40.96 35.69 31.12
N TYR F 16 41.54 34.74 31.87
CA TYR F 16 41.07 34.46 33.22
C TYR F 16 41.23 35.67 34.12
N THR F 17 40.22 35.90 34.96
CA THR F 17 40.36 36.87 36.03
C THR F 17 41.26 36.30 37.12
N LYS F 18 41.66 37.16 38.06
CA LYS F 18 42.49 36.70 39.17
C LYS F 18 41.79 35.61 39.97
N GLU F 19 40.48 35.70 40.11
CA GLU F 19 39.74 34.67 40.82
C GLU F 19 39.67 33.38 40.00
N GLU F 20 39.44 33.50 38.69
CA GLU F 20 39.42 32.32 37.84
C GLU F 20 40.79 31.66 37.76
N LEU F 21 41.85 32.45 37.91
CA LEU F 21 43.20 31.90 37.90
C LEU F 21 43.44 31.00 39.10
N MET F 22 42.92 31.38 40.26
CA MET F 22 43.00 30.50 41.43
C MET F 22 42.23 29.22 41.18
N GLU F 23 41.11 29.32 40.45
CA GLU F 23 40.25 28.16 40.24
C GLU F 23 40.89 27.14 39.31
N ILE F 24 41.60 27.60 38.28
CA ILE F 24 42.23 26.64 37.36
C ILE F 24 43.44 26.01 38.02
N LEU F 25 44.09 26.71 38.96
CA LEU F 25 45.17 26.08 39.71
C LEU F 25 44.65 24.97 40.61
N ARG F 26 43.50 25.18 41.25
CA ARG F 26 42.89 24.10 42.03
C ARG F 26 42.47 22.96 41.12
N LEU F 27 41.95 23.28 39.94
CA LEU F 27 41.57 22.22 38.99
C LEU F 27 42.80 21.49 38.47
N ALA F 28 43.91 22.20 38.29
CA ALA F 28 45.15 21.54 37.89
C ALA F 28 45.62 20.55 38.96
N ILE F 29 45.51 20.93 40.23
CA ILE F 29 45.86 20.01 41.33
C ILE F 29 44.93 18.81 41.32
N ILE F 30 43.64 19.04 41.08
CA ILE F 30 42.69 17.94 40.99
C ILE F 30 43.14 16.95 39.92
N ALA F 31 43.52 17.46 38.74
CA ALA F 31 43.93 16.59 37.66
C ALA F 31 45.17 15.77 38.04
N GLU F 32 46.12 16.40 38.72
CA GLU F 32 47.34 15.70 39.12
C GLU F 32 47.03 14.62 40.16
N LEU F 33 46.21 14.95 41.17
CA LEU F 33 45.85 13.97 42.18
C LEU F 33 45.11 12.80 41.57
N ASP F 34 44.24 13.06 40.60
CA ASP F 34 43.56 11.97 39.90
C ASP F 34 44.55 11.08 39.16
N ALA F 35 45.54 11.70 38.50
CA ALA F 35 46.56 10.93 37.79
C ALA F 35 47.40 10.09 38.74
N ILE F 36 47.76 10.65 39.89
CA ILE F 36 48.52 9.87 40.87
C ILE F 36 47.73 8.64 41.29
N ASN F 37 46.46 8.84 41.66
CA ASN F 37 45.62 7.70 42.04
C ASN F 37 45.55 6.67 40.91
N LEU F 38 45.40 7.15 39.67
CA LEU F 38 45.30 6.24 38.53
C LEU F 38 46.56 5.39 38.38
N TYR F 39 47.73 6.03 38.38
CA TYR F 39 48.97 5.30 38.15
C TYR F 39 49.33 4.43 39.33
N GLU F 40 49.05 4.90 40.56
CA GLU F 40 49.26 4.07 41.73
CA GLU F 40 49.26 4.07 41.73
C GLU F 40 48.37 2.84 41.68
N GLN F 41 47.12 2.99 41.24
CA GLN F 41 46.22 1.85 41.11
C GLN F 41 46.71 0.88 40.03
N MET F 42 47.14 1.42 38.88
CA MET F 42 47.67 0.57 37.83
C MET F 42 48.89 -0.21 38.31
N ALA F 43 49.80 0.46 39.00
CA ALA F 43 51.00 -0.22 39.48
C ALA F 43 50.66 -1.37 40.43
N ARG F 44 49.60 -1.22 41.22
CA ARG F 44 49.17 -2.27 42.14
CA ARG F 44 49.17 -2.28 42.14
C ARG F 44 49.00 -3.60 41.41
N TYR F 45 48.34 -3.57 40.24
CA TYR F 45 47.95 -4.77 39.54
C TYR F 45 48.89 -5.15 38.40
N SER F 46 49.99 -4.41 38.21
CA SER F 46 50.96 -4.72 37.17
C SER F 46 52.05 -5.61 37.76
N GLU F 47 52.00 -6.91 37.44
CA GLU F 47 53.08 -7.82 37.82
C GLU F 47 54.26 -7.75 36.87
N ASP F 48 54.10 -7.07 35.73
CA ASP F 48 55.23 -6.72 34.88
C ASP F 48 56.05 -5.64 35.56
N GLU F 49 57.24 -5.99 36.05
CA GLU F 49 58.02 -5.07 36.86
C GLU F 49 58.52 -3.87 36.06
N ASN F 50 58.67 -4.00 34.74
CA ASN F 50 59.04 -2.84 33.92
C ASN F 50 57.91 -1.83 33.86
N VAL F 51 56.68 -2.29 33.65
CA VAL F 51 55.54 -1.39 33.62
C VAL F 51 55.36 -0.74 34.99
N ARG F 52 55.42 -1.55 36.04
CA ARG F 52 55.29 -1.01 37.39
C ARG F 52 56.33 0.07 37.66
N LYS F 53 57.59 -0.19 37.28
CA LYS F 53 58.66 0.76 37.54
C LYS F 53 58.37 2.11 36.91
N ILE F 54 57.89 2.11 35.67
CA ILE F 54 57.61 3.37 34.98
C ILE F 54 56.39 4.05 35.59
N LEU F 55 55.34 3.27 35.89
CA LEU F 55 54.15 3.84 36.51
C LEU F 55 54.49 4.56 37.81
N LEU F 56 55.33 3.94 38.64
CA LEU F 56 55.69 4.56 39.90
C LEU F 56 56.58 5.79 39.69
N ASP F 57 57.43 5.78 38.66
CA ASP F 57 58.29 6.92 38.42
C ASP F 57 57.50 8.10 37.84
N VAL F 58 56.55 7.82 36.95
CA VAL F 58 55.68 8.87 36.44
C VAL F 58 54.84 9.46 37.58
N ALA F 59 54.25 8.58 38.41
CA ALA F 59 53.47 9.06 39.54
C ALA F 59 54.31 9.96 40.44
N ARG F 60 55.57 9.60 40.66
CA ARG F 60 56.45 10.45 41.45
C ARG F 60 56.56 11.83 40.81
N GLU F 61 56.66 11.88 39.49
CA GLU F 61 56.77 13.16 38.81
C GLU F 61 55.46 13.95 38.86
N GLU F 62 54.32 13.24 38.86
CA GLU F 62 53.05 13.96 39.05
C GLU F 62 52.96 14.55 40.45
N LYS F 63 53.56 13.91 41.45
CA LYS F 63 53.56 14.46 42.80
C LYS F 63 54.34 15.77 42.85
N ALA F 64 55.38 15.91 42.02
CA ALA F 64 56.08 17.18 41.93
C ALA F 64 55.21 18.25 41.26
N HIS F 65 54.42 17.84 40.27
CA HIS F 65 53.50 18.78 39.64
C HIS F 65 52.52 19.34 40.66
N VAL F 66 52.05 18.51 41.59
CA VAL F 66 51.22 19.00 42.68
C VAL F 66 51.92 20.13 43.41
N GLY F 67 53.22 19.96 43.67
CA GLY F 67 53.96 21.00 44.36
C GLY F 67 54.05 22.28 43.55
N GLU F 68 54.26 22.17 42.24
CA GLU F 68 54.36 23.36 41.40
C GLU F 68 53.06 24.14 41.39
N PHE F 69 51.94 23.46 41.15
CA PHE F 69 50.65 24.14 41.15
C PHE F 69 50.30 24.67 42.54
N MET F 70 50.65 23.91 43.58
CA MET F 70 50.41 24.36 44.95
C MET F 70 51.17 25.64 45.25
N ALA F 71 52.44 25.71 44.84
CA ALA F 71 53.23 26.90 45.08
C ALA F 71 52.58 28.12 44.45
N LEU F 72 52.09 27.99 43.22
CA LEU F 72 51.41 29.10 42.55
C LEU F 72 50.13 29.47 43.29
N LEU F 73 49.36 28.46 43.71
CA LEU F 73 48.09 28.72 44.40
C LEU F 73 48.33 29.46 45.72
N LEU F 74 49.26 28.97 46.53
CA LEU F 74 49.55 29.62 47.80
C LEU F 74 50.01 31.06 47.59
N ASN F 75 50.73 31.33 46.51
CA ASN F 75 51.18 32.69 46.23
C ASN F 75 50.01 33.60 45.86
N LEU F 76 48.97 33.05 45.22
CA LEU F 76 47.82 33.83 44.80
C LEU F 76 46.66 33.77 45.79
N ASP F 77 46.68 32.84 46.75
CA ASP F 77 45.57 32.62 47.67
C ASP F 77 46.12 32.73 49.10
N PRO F 78 46.32 33.96 49.60
CA PRO F 78 46.85 34.09 50.96
C PRO F 78 45.97 33.45 52.02
N GLU F 79 44.66 33.40 51.80
CA GLU F 79 43.79 32.70 52.74
C GLU F 79 44.15 31.22 52.82
N GLN F 80 44.51 30.61 51.69
CA GLN F 80 44.89 29.20 51.70
C GLN F 80 46.16 28.97 52.51
N VAL F 81 47.10 29.91 52.47
CA VAL F 81 48.31 29.78 53.28
C VAL F 81 47.94 29.71 54.76
N THR F 82 47.12 30.66 55.22
CA THR F 82 46.69 30.67 56.62
C THR F 82 45.93 29.41 56.98
N GLU F 83 44.96 29.01 56.15
CA GLU F 83 44.13 27.87 56.51
C GLU F 83 44.89 26.55 56.37
N LEU F 84 45.84 26.49 55.45
CA LEU F 84 46.69 25.30 55.37
C LEU F 84 47.45 25.09 56.67
N LYS F 85 48.01 26.17 57.22
CA LYS F 85 48.69 26.09 58.52
C LYS F 85 47.71 25.68 59.61
N GLY F 86 46.53 26.30 59.63
CA GLY F 86 45.53 25.94 60.61
C GLY F 86 45.13 24.47 60.53
N GLY F 87 45.03 23.95 59.30
CA GLY F 87 44.71 22.54 59.14
C GLY F 87 45.80 21.62 59.66
N PHE F 88 47.06 21.95 59.37
CA PHE F 88 48.17 21.19 59.92
C PHE F 88 48.13 21.19 61.45
N GLU F 89 47.86 22.36 62.05
CA GLU F 89 47.84 22.45 63.50
C GLU F 89 46.69 21.64 64.08
N GLU F 90 45.52 21.66 63.43
CA GLU F 90 44.38 20.88 63.89
C GLU F 90 44.71 19.39 63.89
N VAL F 91 45.38 18.91 62.83
CA VAL F 91 45.77 17.51 62.78
C VAL F 91 46.74 17.19 63.90
N LYS F 92 47.73 18.06 64.13
CA LYS F 92 48.72 17.80 65.17
C LYS F 92 48.07 17.69 66.54
N GLU F 93 47.10 18.57 66.83
CA GLU F 93 46.44 18.54 68.12
C GLU F 93 45.58 17.29 68.30
N LEU F 94 44.97 16.81 67.21
CA LEU F 94 44.09 15.65 67.30
C LEU F 94 44.83 14.33 67.19
N THR F 95 46.01 14.31 66.54
CA THR F 95 46.71 13.06 66.27
C THR F 95 48.18 13.07 66.67
N GLY F 96 48.79 14.23 66.91
CA GLY F 96 50.21 14.30 67.14
C GLY F 96 51.06 14.31 65.88
N ILE F 97 50.45 14.15 64.71
CA ILE F 97 51.20 14.18 63.45
C ILE F 97 51.70 15.59 63.17
N GLU F 98 52.96 15.69 62.76
CA GLU F 98 53.60 16.96 62.43
C GLU F 98 54.16 16.84 61.02
N ALA F 99 53.35 17.22 60.04
CA ALA F 99 53.76 17.13 58.64
C ALA F 99 54.16 18.50 58.09
N GLY G 2 35.03 7.51 27.78
CA GLY G 2 34.98 6.60 26.65
C GLY G 2 34.10 5.40 26.92
N LEU G 3 34.02 4.50 25.95
CA LEU G 3 33.20 3.30 26.07
C LEU G 3 33.94 2.10 26.64
N SER G 4 35.27 2.06 26.54
CA SER G 4 36.00 0.94 27.09
C SER G 4 36.02 1.01 28.61
N ILE G 5 36.13 -0.15 29.23
CA ILE G 5 36.11 -0.26 30.68
C ILE G 5 37.53 -0.18 31.21
N ASN G 6 37.71 0.53 32.32
CA ASN G 6 38.98 0.52 33.03
C ASN G 6 39.23 -0.90 33.53
N PRO G 7 40.33 -1.54 33.12
CA PRO G 7 40.56 -2.93 33.55
C PRO G 7 40.49 -3.14 35.06
N THR G 8 40.78 -2.11 35.86
CA THR G 8 40.64 -2.24 37.30
C THR G 8 39.25 -2.69 37.69
N LEU G 9 38.24 -2.37 36.88
CA LEU G 9 36.85 -2.69 37.20
C LEU G 9 36.36 -3.97 36.53
N ILE G 10 37.16 -4.59 35.66
CA ILE G 10 36.74 -5.79 34.96
C ILE G 10 36.95 -6.99 35.87
N ASN G 11 35.84 -7.66 36.23
CA ASN G 11 35.91 -8.91 36.96
C ASN G 11 35.14 -10.02 36.27
N ARG G 12 34.75 -9.83 35.02
CA ARG G 12 34.03 -10.86 34.28
C ARG G 12 34.98 -11.91 33.74
N ASP G 13 34.55 -13.17 33.81
CA ASP G 13 35.31 -14.30 33.29
C ASP G 13 34.54 -15.09 32.23
N LYS G 14 33.22 -15.20 32.35
CA LYS G 14 32.46 -15.96 31.39
C LYS G 14 32.49 -15.28 30.02
N PRO G 15 32.53 -16.04 28.94
CA PRO G 15 32.41 -15.44 27.61
C PRO G 15 30.99 -14.93 27.38
N TYR G 16 30.86 -14.06 26.38
CA TYR G 16 29.56 -13.52 26.02
C TYR G 16 28.62 -14.63 25.57
N THR G 17 27.37 -14.53 25.98
CA THR G 17 26.32 -15.37 25.41
C THR G 17 25.99 -14.89 24.00
N LYS G 18 25.20 -15.69 23.29
CA LYS G 18 24.75 -15.27 21.96
C LYS G 18 24.04 -13.93 22.02
N GLU G 19 23.20 -13.74 23.05
CA GLU G 19 22.49 -12.47 23.19
C GLU G 19 23.46 -11.33 23.47
N GLU G 20 24.44 -11.55 24.35
CA GLU G 20 25.42 -10.51 24.63
C GLU G 20 26.28 -10.19 23.41
N LEU G 21 26.55 -11.18 22.56
CA LEU G 21 27.29 -10.93 21.34
C LEU G 21 26.57 -9.92 20.45
N MET G 22 25.26 -10.09 20.30
CA MET G 22 24.49 -9.10 19.54
C MET G 22 24.64 -7.71 20.16
N GLU G 23 24.64 -7.63 21.49
CA GLU G 23 24.66 -6.34 22.15
C GLU G 23 26.01 -5.65 21.98
N ILE G 24 27.12 -6.40 22.01
CA ILE G 24 28.41 -5.75 21.84
C ILE G 24 28.61 -5.35 20.38
N LEU G 25 27.99 -6.05 19.45
CA LEU G 25 28.04 -5.62 18.05
C LEU G 25 27.28 -4.32 17.85
N ARG G 26 26.13 -4.17 18.50
CA ARG G 26 25.43 -2.89 18.44
C ARG G 26 26.25 -1.80 19.12
N LEU G 27 26.91 -2.14 20.23
CA LEU G 27 27.74 -1.15 20.91
C LEU G 27 28.96 -0.78 20.05
N ALA G 28 29.52 -1.73 19.31
CA ALA G 28 30.61 -1.41 18.41
C ALA G 28 30.16 -0.44 17.31
N ILE G 29 28.96 -0.64 16.77
CA ILE G 29 28.44 0.28 15.77
C ILE G 29 28.26 1.67 16.37
N ILE G 30 27.75 1.73 17.61
CA ILE G 30 27.62 3.01 18.31
C ILE G 30 28.98 3.71 18.37
N ALA G 31 30.01 2.96 18.76
CA ALA G 31 31.34 3.56 18.89
C ALA G 31 31.83 4.09 17.55
N GLU G 32 31.58 3.35 16.46
CA GLU G 32 32.01 3.81 15.14
C GLU G 32 31.22 5.04 14.72
N LEU G 33 29.90 5.04 14.92
CA LEU G 33 29.09 6.20 14.54
C LEU G 33 29.52 7.44 15.31
N ASP G 34 29.85 7.28 16.59
CA ASP G 34 30.33 8.42 17.38
C ASP G 34 31.66 8.94 16.84
N ALA G 35 32.56 8.03 16.46
CA ALA G 35 33.85 8.46 15.92
C ALA G 35 33.68 9.19 14.59
N ILE G 36 32.77 8.72 13.74
CA ILE G 36 32.50 9.41 12.49
C ILE G 36 32.02 10.82 12.77
N ASN G 37 31.03 10.98 13.64
CA ASN G 37 30.54 12.31 13.99
C ASN G 37 31.68 13.18 14.53
N LEU G 38 32.53 12.61 15.38
CA LEU G 38 33.63 13.37 15.95
C LEU G 38 34.58 13.87 14.86
N TYR G 39 35.01 12.98 13.97
CA TYR G 39 35.99 13.36 12.96
C TYR G 39 35.36 14.27 11.91
N GLU G 40 34.09 14.06 11.57
CA GLU G 40 33.41 14.98 10.65
CA GLU G 40 33.43 14.97 10.64
C GLU G 40 33.30 16.37 11.24
N GLN G 41 33.01 16.46 12.54
CA GLN G 41 32.95 17.75 13.21
C GLN G 41 34.31 18.42 13.26
N MET G 42 35.36 17.66 13.60
CA MET G 42 36.70 18.23 13.62
C MET G 42 37.10 18.77 12.24
N ALA G 43 36.83 18.00 11.19
CA ALA G 43 37.19 18.43 9.85
C ALA G 43 36.50 19.73 9.48
N ARG G 44 35.27 19.94 9.97
CA ARG G 44 34.51 21.14 9.64
C ARG G 44 35.22 22.42 10.09
N TYR G 45 35.99 22.36 11.18
CA TYR G 45 36.63 23.55 11.73
C TYR G 45 38.14 23.58 11.50
N SER G 46 38.68 22.64 10.75
CA SER G 46 40.12 22.57 10.51
C SER G 46 40.44 23.28 9.21
N GLU G 47 41.02 24.47 9.30
CA GLU G 47 41.52 25.17 8.12
C GLU G 47 42.80 24.55 7.57
N ASP G 48 43.47 23.70 8.34
CA ASP G 48 44.64 22.98 7.87
C ASP G 48 44.17 21.85 6.96
N GLU G 49 44.44 21.99 5.65
CA GLU G 49 43.93 21.02 4.68
C GLU G 49 44.49 19.64 4.91
N ASN G 50 45.72 19.54 5.42
CA ASN G 50 46.30 18.22 5.70
C ASN G 50 45.54 17.52 6.82
N VAL G 51 45.23 18.24 7.90
CA VAL G 51 44.48 17.64 9.00
C VAL G 51 43.07 17.26 8.53
N ARG G 52 42.40 18.17 7.84
CA ARG G 52 41.07 17.86 7.30
C ARG G 52 41.12 16.63 6.42
N LYS G 53 42.12 16.53 5.54
CA LYS G 53 42.20 15.41 4.61
C LYS G 53 42.32 14.08 5.34
N ILE G 54 43.12 14.04 6.41
CA ILE G 54 43.28 12.80 7.17
C ILE G 54 42.01 12.49 7.96
N LEU G 55 41.42 13.52 8.58
CA LEU G 55 40.20 13.31 9.35
C LEU G 55 39.10 12.71 8.47
N LEU G 56 38.92 13.24 7.26
CA LEU G 56 37.87 12.72 6.38
C LEU G 56 38.21 11.32 5.87
N ASP G 57 39.50 11.03 5.66
CA ASP G 57 39.87 9.70 5.21
C ASP G 57 39.74 8.68 6.34
N VAL G 58 40.10 9.06 7.56
CA VAL G 58 39.88 8.18 8.71
C VAL G 58 38.39 7.94 8.89
N ALA G 59 37.59 9.02 8.83
CA ALA G 59 36.15 8.87 8.94
C ALA G 59 35.61 7.91 7.89
N ARG G 60 36.13 7.99 6.66
CA ARG G 60 35.73 7.06 5.62
C ARG G 60 35.98 5.61 6.04
N GLU G 61 37.13 5.36 6.67
CA GLU G 61 37.45 4.01 7.10
C GLU G 61 36.58 3.56 8.27
N GLU G 62 36.18 4.48 9.15
CA GLU G 62 35.23 4.11 10.19
C GLU G 62 33.89 3.71 9.59
N LYS G 63 33.49 4.34 8.48
CA LYS G 63 32.24 3.96 7.82
C LYS G 63 32.28 2.54 7.31
N ALA G 64 33.47 2.06 6.91
CA ALA G 64 33.59 0.66 6.53
C ALA G 64 33.47 -0.25 7.75
N HIS G 65 34.01 0.19 8.89
CA HIS G 65 33.87 -0.58 10.12
C HIS G 65 32.40 -0.75 10.50
N VAL G 66 31.59 0.29 10.27
CA VAL G 66 30.15 0.15 10.48
C VAL G 66 29.62 -1.02 9.68
N GLY G 67 30.05 -1.12 8.42
CA GLY G 67 29.60 -2.22 7.58
C GLY G 67 30.04 -3.57 8.08
N GLU G 68 31.26 -3.67 8.57
CA GLU G 68 31.77 -4.94 9.07
C GLU G 68 30.95 -5.41 10.26
N PHE G 69 30.76 -4.54 11.25
CA PHE G 69 29.97 -4.91 12.41
C PHE G 69 28.51 -5.16 12.03
N MET G 70 27.97 -4.35 11.11
CA MET G 70 26.60 -4.59 10.64
C MET G 70 26.47 -5.97 10.02
N ALA G 71 27.45 -6.38 9.22
CA ALA G 71 27.39 -7.70 8.59
C ALA G 71 27.31 -8.80 9.64
N LEU G 72 28.13 -8.70 10.69
CA LEU G 72 28.08 -9.69 11.76
C LEU G 72 26.74 -9.64 12.49
N LEU G 73 26.26 -8.43 12.78
CA LEU G 73 25.00 -8.29 13.50
C LEU G 73 23.85 -8.90 12.72
N LEU G 74 23.76 -8.56 11.43
CA LEU G 74 22.68 -9.10 10.60
C LEU G 74 22.75 -10.63 10.52
N ASN G 75 23.95 -11.19 10.52
CA ASN G 75 24.10 -12.64 10.46
C ASN G 75 23.58 -13.30 11.73
N LEU G 76 23.68 -12.61 12.87
CA LEU G 76 23.24 -13.16 14.15
C LEU G 76 21.86 -12.71 14.57
N ASP G 77 21.28 -11.68 13.93
CA ASP G 77 20.01 -11.10 14.34
C ASP G 77 19.06 -11.13 13.14
N PRO G 78 18.44 -12.28 12.85
CA PRO G 78 17.52 -12.34 11.70
C PRO G 78 16.39 -11.35 11.80
N GLU G 79 15.94 -11.02 13.03
CA GLU G 79 14.90 -10.02 13.18
C GLU G 79 15.35 -8.69 12.63
N GLN G 80 16.63 -8.33 12.82
CA GLN G 80 17.14 -7.07 12.30
C GLN G 80 17.15 -7.06 10.77
N VAL G 81 17.39 -8.20 10.14
CA VAL G 81 17.35 -8.27 8.67
C VAL G 81 15.96 -7.89 8.17
N THR G 82 14.93 -8.54 8.72
CA THR G 82 13.56 -8.23 8.31
C THR G 82 13.21 -6.77 8.58
N GLU G 83 13.51 -6.28 9.79
CA GLU G 83 13.10 -4.92 10.15
C GLU G 83 13.91 -3.87 9.41
N LEU G 84 15.16 -4.17 9.06
CA LEU G 84 15.93 -3.26 8.23
C LEU G 84 15.24 -3.07 6.87
N LYS G 85 14.81 -4.17 6.27
CA LYS G 85 14.09 -4.09 5.00
C LYS G 85 12.76 -3.35 5.17
N GLY G 86 12.01 -3.68 6.23
CA GLY G 86 10.78 -2.97 6.49
C GLY G 86 10.99 -1.48 6.73
N GLY G 87 12.08 -1.13 7.41
CA GLY G 87 12.39 0.27 7.62
C GLY G 87 12.70 0.99 6.32
N PHE G 88 13.48 0.36 5.44
CA PHE G 88 13.73 0.93 4.13
C PHE G 88 12.43 1.16 3.37
N GLU G 89 11.52 0.19 3.42
CA GLU G 89 10.25 0.30 2.71
C GLU G 89 9.39 1.42 3.29
N GLU G 90 9.38 1.56 4.62
CA GLU G 90 8.59 2.61 5.25
C GLU G 90 9.07 3.99 4.82
N VAL G 91 10.39 4.18 4.76
CA VAL G 91 10.93 5.45 4.29
C VAL G 91 10.55 5.70 2.84
N LYS G 92 10.61 4.65 2.02
CA LYS G 92 10.18 4.78 0.63
C LYS G 92 8.72 5.21 0.54
N GLU G 93 7.85 4.56 1.33
CA GLU G 93 6.43 4.89 1.30
C GLU G 93 6.17 6.31 1.77
N LEU G 94 6.90 6.77 2.78
CA LEU G 94 6.63 8.06 3.39
C LEU G 94 7.33 9.23 2.71
N THR G 95 8.46 8.98 2.04
CA THR G 95 9.26 10.05 1.45
C THR G 95 9.64 9.83 0.00
N GLY G 96 9.52 8.62 -0.53
CA GLY G 96 9.99 8.31 -1.87
C GLY G 96 11.47 8.03 -1.97
N ILE G 97 12.24 8.24 -0.89
CA ILE G 97 13.67 7.96 -0.91
C ILE G 97 13.89 6.46 -0.93
N GLU G 98 14.78 6.01 -1.81
CA GLU G 98 15.13 4.60 -1.91
C GLU G 98 16.59 4.44 -2.34
N GLY H 2 -21.87 21.58 -31.07
CA GLY H 2 -21.91 21.67 -32.53
C GLY H 2 -21.00 22.75 -33.07
N LEU H 3 -21.01 22.93 -34.38
CA LEU H 3 -20.17 23.93 -35.04
C LEU H 3 -20.85 25.28 -35.19
N SER H 4 -22.18 25.32 -35.19
CA SER H 4 -22.87 26.60 -35.32
C SER H 4 -22.73 27.41 -34.04
N ILE H 5 -22.79 28.72 -34.18
CA ILE H 5 -22.62 29.64 -33.07
C ILE H 5 -23.98 29.96 -32.47
N ASN H 6 -24.03 30.01 -31.14
CA ASN H 6 -25.21 30.51 -30.44
C ASN H 6 -25.42 31.98 -30.82
N PRO H 7 -26.57 32.34 -31.41
CA PRO H 7 -26.76 33.74 -31.83
C PRO H 7 -26.52 34.76 -30.74
N THR H 8 -26.71 34.40 -29.47
CA THR H 8 -26.40 35.32 -28.39
C THR H 8 -24.96 35.82 -28.48
N LEU H 9 -24.08 35.02 -29.05
CA LEU H 9 -22.66 35.36 -29.13
C LEU H 9 -22.26 36.01 -30.45
N ILE H 10 -23.17 36.08 -31.42
CA ILE H 10 -22.84 36.64 -32.73
C ILE H 10 -22.95 38.16 -32.65
N ASN H 11 -21.83 38.85 -32.87
CA ASN H 11 -21.82 40.30 -32.98
C ASN H 11 -21.23 40.77 -34.30
N ARG H 12 -20.75 39.87 -35.15
CA ARG H 12 -20.20 40.29 -36.43
C ARG H 12 -21.28 40.94 -37.28
N ASP H 13 -20.92 42.04 -37.93
CA ASP H 13 -21.85 42.79 -38.76
C ASP H 13 -21.41 42.94 -40.21
N LYS H 14 -20.17 42.58 -40.55
CA LYS H 14 -19.66 42.77 -41.89
C LYS H 14 -19.43 41.44 -42.58
N PRO H 15 -19.44 41.41 -43.91
CA PRO H 15 -19.38 40.14 -44.63
C PRO H 15 -17.98 39.54 -44.63
N TYR H 16 -17.94 38.25 -44.95
CA TYR H 16 -16.68 37.52 -45.04
C TYR H 16 -15.78 38.12 -46.12
N THR H 17 -14.50 38.19 -45.83
CA THR H 17 -13.52 38.48 -46.85
C THR H 17 -13.35 37.26 -47.76
N LYS H 18 -12.63 37.44 -48.86
CA LYS H 18 -12.37 36.31 -49.76
C LYS H 18 -11.65 35.19 -49.03
N GLU H 19 -10.70 35.54 -48.16
CA GLU H 19 -10.00 34.52 -47.37
C GLU H 19 -10.94 33.82 -46.41
N GLU H 20 -11.82 34.57 -45.75
CA GLU H 20 -12.77 33.97 -44.83
C GLU H 20 -13.76 33.07 -45.56
N LEU H 21 -14.11 33.40 -46.81
CA LEU H 21 -14.97 32.52 -47.59
C LEU H 21 -14.31 31.17 -47.80
N MET H 22 -13.02 31.16 -48.13
CA MET H 22 -12.31 29.89 -48.24
C MET H 22 -12.41 29.12 -46.94
N GLU H 23 -12.29 29.80 -45.81
CA GLU H 23 -12.24 29.13 -44.52
C GLU H 23 -13.60 28.53 -44.16
N ILE H 24 -14.70 29.24 -44.45
CA ILE H 24 -16.00 28.67 -44.11
C ILE H 24 -16.33 27.50 -45.04
N LEU H 25 -15.81 27.51 -46.26
CA LEU H 25 -15.99 26.36 -47.13
C LEU H 25 -15.24 25.14 -46.61
N ARG H 26 -14.02 25.34 -46.08
CA ARG H 26 -13.32 24.24 -45.45
C ARG H 26 -14.07 23.75 -44.21
N LEU H 27 -14.63 24.69 -43.44
CA LEU H 27 -15.39 24.30 -42.27
C LEU H 27 -16.68 23.59 -42.64
N ALA H 28 -17.32 23.99 -43.74
CA ALA H 28 -18.50 23.28 -44.21
C ALA H 28 -18.17 21.85 -44.61
N ILE H 29 -17.02 21.65 -45.26
CA ILE H 29 -16.60 20.29 -45.59
C ILE H 29 -16.33 19.49 -44.33
N ILE H 30 -15.71 20.11 -43.33
CA ILE H 30 -15.51 19.45 -42.05
C ILE H 30 -16.84 18.99 -41.48
N ALA H 31 -17.84 19.88 -41.51
CA ALA H 31 -19.16 19.52 -40.97
C ALA H 31 -19.75 18.34 -41.71
N GLU H 32 -19.62 18.32 -43.04
CA GLU H 32 -20.17 17.22 -43.82
C GLU H 32 -19.44 15.92 -43.53
N LEU H 33 -18.09 15.96 -43.48
CA LEU H 33 -17.33 14.75 -43.20
C LEU H 33 -17.66 14.20 -41.81
N ASP H 34 -17.85 15.08 -40.83
CA ASP H 34 -18.24 14.63 -39.50
C ASP H 34 -19.61 13.95 -39.54
N ALA H 35 -20.55 14.54 -40.29
CA ALA H 35 -21.88 13.96 -40.39
C ALA H 35 -21.84 12.58 -41.06
N ILE H 36 -21.01 12.43 -42.10
CA ILE H 36 -20.89 11.12 -42.75
C ILE H 36 -20.38 10.09 -41.75
N ASN H 37 -19.30 10.40 -41.04
CA ASN H 37 -18.78 9.48 -40.05
C ASN H 37 -19.84 9.14 -39.00
N LEU H 38 -20.60 10.15 -38.55
CA LEU H 38 -21.63 9.90 -37.54
C LEU H 38 -22.66 8.91 -38.04
N TYR H 39 -23.19 9.15 -39.24
CA TYR H 39 -24.27 8.31 -39.76
C TYR H 39 -23.77 6.93 -40.15
N GLU H 40 -22.54 6.83 -40.67
CA GLU H 40 -21.97 5.51 -40.95
C GLU H 40 -21.79 4.72 -39.67
N GLN H 41 -21.34 5.37 -38.60
CA GLN H 41 -21.21 4.70 -37.31
C GLN H 41 -22.57 4.25 -36.78
N MET H 42 -23.58 5.13 -36.86
CA MET H 42 -24.91 4.75 -36.42
C MET H 42 -25.44 3.55 -37.19
N ALA H 43 -25.28 3.57 -38.53
CA ALA H 43 -25.78 2.47 -39.34
C ALA H 43 -25.10 1.15 -38.97
N ARG H 44 -23.84 1.21 -38.54
CA ARG H 44 -23.09 0.01 -38.19
C ARG H 44 -23.78 -0.76 -37.06
N TYR H 45 -24.39 -0.04 -36.11
CA TYR H 45 -24.97 -0.66 -34.93
C TYR H 45 -26.49 -0.73 -34.95
N SER H 46 -27.13 -0.33 -36.04
CA SER H 46 -28.58 -0.34 -36.13
C SER H 46 -29.05 -1.65 -36.77
N GLU H 47 -29.69 -2.50 -35.96
CA GLU H 47 -30.31 -3.72 -36.48
C GLU H 47 -31.65 -3.46 -37.16
N ASP H 48 -32.24 -2.29 -36.95
CA ASP H 48 -33.44 -1.90 -37.66
C ASP H 48 -33.06 -1.56 -39.10
N GLU H 49 -33.50 -2.39 -40.04
CA GLU H 49 -33.09 -2.23 -41.44
C GLU H 49 -33.63 -0.94 -42.02
N ASN H 50 -34.78 -0.47 -41.55
CA ASN H 50 -35.32 0.81 -42.02
C ASN H 50 -34.46 1.98 -41.56
N VAL H 51 -34.03 1.97 -40.30
CA VAL H 51 -33.17 3.04 -39.80
C VAL H 51 -31.83 3.01 -40.51
N ARG H 52 -31.23 1.82 -40.64
CA ARG H 52 -29.97 1.70 -41.37
C ARG H 52 -30.12 2.24 -42.79
N LYS H 53 -31.21 1.90 -43.46
CA LYS H 53 -31.37 2.31 -44.86
C LYS H 53 -31.41 3.82 -45.00
N ILE H 54 -32.08 4.51 -44.08
CA ILE H 54 -32.15 5.96 -44.15
C ILE H 54 -30.81 6.58 -43.79
N LEU H 55 -30.15 6.05 -42.75
CA LEU H 55 -28.85 6.57 -42.36
C LEU H 55 -27.87 6.52 -43.52
N LEU H 56 -27.83 5.40 -44.24
CA LEU H 56 -26.90 5.27 -45.37
C LEU H 56 -27.30 6.15 -46.53
N ASP H 57 -28.60 6.35 -46.76
CA ASP H 57 -29.02 7.21 -47.86
C ASP H 57 -28.76 8.68 -47.53
N VAL H 58 -28.98 9.08 -46.28
CA VAL H 58 -28.63 10.43 -45.87
C VAL H 58 -27.13 10.64 -46.00
N ALA H 59 -26.35 9.68 -45.50
CA ALA H 59 -24.89 9.77 -45.62
C ALA H 59 -24.47 9.92 -47.08
N ARG H 60 -25.12 9.18 -47.98
CA ARG H 60 -24.84 9.33 -49.41
C ARG H 60 -25.07 10.76 -49.87
N GLU H 61 -26.14 11.38 -49.40
CA GLU H 61 -26.42 12.76 -49.80
C GLU H 61 -25.43 13.73 -49.18
N GLU H 62 -24.93 13.45 -47.96
CA GLU H 62 -23.88 14.29 -47.40
C GLU H 62 -22.59 14.21 -48.23
N LYS H 63 -22.31 13.04 -48.83
CA LYS H 63 -21.12 12.93 -49.68
C LYS H 63 -21.23 13.82 -50.91
N ALA H 64 -22.45 14.05 -51.40
CA ALA H 64 -22.63 15.00 -52.50
C ALA H 64 -22.40 16.43 -52.02
N HIS H 65 -22.81 16.74 -50.78
CA HIS H 65 -22.53 18.06 -50.22
C HIS H 65 -21.04 18.31 -50.14
N VAL H 66 -20.26 17.29 -49.79
CA VAL H 66 -18.80 17.42 -49.82
C VAL H 66 -18.35 17.88 -51.21
N GLY H 67 -18.91 17.26 -52.25
CA GLY H 67 -18.54 17.64 -53.61
C GLY H 67 -18.91 19.07 -53.95
N GLU H 68 -20.09 19.51 -53.52
CA GLU H 68 -20.53 20.87 -53.82
C GLU H 68 -19.60 21.89 -53.17
N PHE H 69 -19.34 21.73 -51.87
CA PHE H 69 -18.44 22.65 -51.19
C PHE H 69 -17.03 22.57 -51.76
N MET H 70 -16.58 21.36 -52.09
N MET H 70 -16.58 21.36 -52.10
CA MET H 70 -15.27 21.21 -52.71
CA MET H 70 -15.26 21.22 -52.70
C MET H 70 -15.18 21.97 -54.02
C MET H 70 -15.18 21.97 -54.02
N ALA H 71 -16.24 21.91 -54.84
CA ALA H 71 -16.22 22.62 -56.11
C ALA H 71 -16.06 24.13 -55.90
N LEU H 72 -16.78 24.68 -54.92
CA LEU H 72 -16.63 26.09 -54.62
C LEU H 72 -15.24 26.40 -54.09
N LEU H 73 -14.73 25.55 -53.20
CA LEU H 73 -13.41 25.78 -52.62
C LEU H 73 -12.34 25.76 -53.70
N LEU H 74 -12.37 24.75 -54.58
CA LEU H 74 -11.38 24.68 -55.65
C LEU H 74 -11.45 25.90 -56.55
N ASN H 75 -12.66 26.43 -56.79
CA ASN H 75 -12.80 27.60 -57.64
C ASN H 75 -12.21 28.85 -56.99
N LEU H 76 -12.25 28.94 -55.66
CA LEU H 76 -11.72 30.10 -54.95
C LEU H 76 -10.29 29.91 -54.46
N ASP H 77 -9.79 28.66 -54.43
CA ASP H 77 -8.49 28.33 -53.89
C ASP H 77 -7.71 27.61 -54.99
N PRO H 78 -7.15 28.36 -55.95
CA PRO H 78 -6.39 27.70 -57.03
C PRO H 78 -5.21 26.88 -56.51
N GLU H 79 -4.62 27.28 -55.39
CA GLU H 79 -3.54 26.50 -54.81
C GLU H 79 -4.03 25.09 -54.47
N GLN H 80 -5.27 24.98 -53.98
CA GLN H 80 -5.82 23.67 -53.65
C GLN H 80 -5.98 22.80 -54.89
N VAL H 81 -6.31 23.41 -56.04
CA VAL H 81 -6.41 22.63 -57.28
C VAL H 81 -5.07 21.97 -57.59
N THR H 82 -3.99 22.76 -57.59
CA THR H 82 -2.67 22.22 -57.86
C THR H 82 -2.27 21.15 -56.84
N GLU H 83 -2.46 21.43 -55.55
CA GLU H 83 -2.01 20.50 -54.53
C GLU H 83 -2.88 19.25 -54.47
N LEU H 84 -4.16 19.38 -54.83
CA LEU H 84 -5.01 18.20 -54.95
C LEU H 84 -4.46 17.27 -56.02
N LYS H 85 -4.15 17.80 -57.20
CA LYS H 85 -3.56 17.00 -58.26
C LYS H 85 -2.23 16.40 -57.82
N GLY H 86 -1.36 17.23 -57.21
CA GLY H 86 -0.10 16.73 -56.70
C GLY H 86 -0.28 15.65 -55.65
N GLY H 87 -1.29 15.81 -54.79
CA GLY H 87 -1.56 14.80 -53.79
C GLY H 87 -1.98 13.47 -54.40
N PHE H 88 -2.84 13.53 -55.42
CA PHE H 88 -3.23 12.31 -56.13
C PHE H 88 -2.00 11.63 -56.73
N GLU H 89 -1.12 12.41 -57.35
CA GLU H 89 0.07 11.84 -57.98
C GLU H 89 1.00 11.21 -56.94
N GLU H 90 1.15 11.85 -55.79
CA GLU H 90 2.00 11.29 -54.74
C GLU H 90 1.49 9.95 -54.27
N VAL H 91 0.17 9.82 -54.10
CA VAL H 91 -0.41 8.54 -53.71
C VAL H 91 -0.15 7.49 -54.77
N LYS H 92 -0.33 7.85 -56.04
CA LYS H 92 -0.04 6.91 -57.13
C LYS H 92 1.42 6.48 -57.10
N GLU H 93 2.34 7.44 -56.94
CA GLU H 93 3.76 7.12 -56.89
C GLU H 93 4.08 6.19 -55.74
N LEU H 94 3.47 6.42 -54.57
CA LEU H 94 3.83 5.69 -53.35
C LEU H 94 3.06 4.39 -53.18
N THR H 95 1.87 4.27 -53.77
CA THR H 95 1.01 3.11 -53.54
C THR H 95 0.48 2.46 -54.82
N GLY H 96 0.54 3.15 -55.96
CA GLY H 96 -0.07 2.67 -57.17
C GLY H 96 -1.56 2.95 -57.27
N ILE H 97 -2.18 3.44 -56.20
CA ILE H 97 -3.60 3.78 -56.24
C ILE H 97 -3.79 5.03 -57.08
N GLU H 98 -4.77 4.99 -57.98
CA GLU H 98 -5.06 6.14 -58.83
C GLU H 98 -6.57 6.41 -58.90
N GLY I 2 -21.55 -29.95 -4.19
CA GLY I 2 -22.92 -29.77 -4.63
C GLY I 2 -23.03 -28.87 -5.84
N LEU I 3 -24.26 -28.61 -6.29
CA LEU I 3 -24.48 -27.77 -7.46
C LEU I 3 -24.64 -26.30 -7.11
N SER I 4 -25.05 -25.97 -5.89
CA SER I 4 -25.20 -24.58 -5.50
C SER I 4 -23.84 -23.92 -5.33
N ILE I 5 -23.79 -22.62 -5.54
CA ILE I 5 -22.55 -21.86 -5.46
C ILE I 5 -22.36 -21.35 -4.04
N ASN I 6 -21.12 -21.42 -3.57
CA ASN I 6 -20.76 -20.78 -2.31
C ASN I 6 -20.96 -19.27 -2.45
N PRO I 7 -21.83 -18.65 -1.64
CA PRO I 7 -22.06 -17.20 -1.80
C PRO I 7 -20.79 -16.36 -1.80
N THR I 8 -19.73 -16.84 -1.13
CA THR I 8 -18.47 -16.10 -1.17
C THR I 8 -18.00 -15.85 -2.60
N LEU I 9 -18.35 -16.73 -3.53
CA LEU I 9 -17.91 -16.64 -4.91
C LEU I 9 -18.92 -15.97 -5.84
N ILE I 10 -20.12 -15.65 -5.37
CA ILE I 10 -21.14 -15.07 -6.23
C ILE I 10 -20.86 -13.57 -6.39
N ASN I 11 -20.60 -13.15 -7.64
CA ASN I 11 -20.45 -11.74 -7.96
C ASN I 11 -21.31 -11.31 -9.13
N ARG I 12 -22.27 -12.15 -9.55
CA ARG I 12 -23.17 -11.80 -10.63
C ARG I 12 -24.28 -10.87 -10.15
N ASP I 13 -24.62 -9.90 -10.98
CA ASP I 13 -25.68 -8.95 -10.70
C ASP I 13 -26.79 -8.96 -11.75
N LYS I 14 -26.48 -9.23 -13.00
CA LYS I 14 -27.49 -9.21 -14.05
C LYS I 14 -28.47 -10.35 -13.87
N PRO I 15 -29.76 -10.13 -14.15
CA PRO I 15 -30.70 -11.25 -14.17
C PRO I 15 -30.39 -12.18 -15.34
N TYR I 16 -30.93 -13.40 -15.24
CA TYR I 16 -30.75 -14.37 -16.30
C TYR I 16 -31.37 -13.88 -17.61
N THR I 17 -30.66 -14.12 -18.71
CA THR I 17 -31.25 -13.94 -20.03
C THR I 17 -32.25 -15.06 -20.31
N LYS I 18 -32.95 -14.94 -21.44
CA LYS I 18 -33.90 -15.99 -21.81
C LYS I 18 -33.19 -17.31 -22.07
N GLU I 19 -31.99 -17.25 -22.66
CA GLU I 19 -31.20 -18.46 -22.86
C GLU I 19 -30.76 -19.05 -21.53
N GLU I 20 -30.31 -18.20 -20.61
CA GLU I 20 -29.87 -18.69 -19.31
C GLU I 20 -31.03 -19.28 -18.51
N LEU I 21 -32.25 -18.75 -18.69
CA LEU I 21 -33.41 -19.30 -18.02
C LEU I 21 -33.64 -20.75 -18.42
N MET I 22 -33.57 -21.03 -19.72
CA MET I 22 -33.65 -22.42 -20.18
C MET I 22 -32.57 -23.26 -19.51
N GLU I 23 -31.36 -22.72 -19.39
CA GLU I 23 -30.23 -23.51 -18.90
C GLU I 23 -30.38 -23.84 -17.41
N ILE I 24 -30.90 -22.90 -16.60
CA ILE I 24 -31.05 -23.22 -15.17
C ILE I 24 -32.21 -24.18 -14.97
N LEU I 25 -33.20 -24.18 -15.87
CA LEU I 25 -34.26 -25.17 -15.77
C LEU I 25 -33.74 -26.57 -16.07
N ARG I 26 -32.86 -26.69 -17.07
CA ARG I 26 -32.23 -27.99 -17.32
C ARG I 26 -31.35 -28.40 -16.15
N LEU I 27 -30.65 -27.44 -15.55
CA LEU I 27 -29.82 -27.75 -14.39
C LEU I 27 -30.68 -28.13 -13.19
N ALA I 28 -31.84 -27.49 -13.03
CA ALA I 28 -32.76 -27.90 -11.98
C ALA I 28 -33.22 -29.33 -12.18
N ILE I 29 -33.51 -29.71 -13.42
CA ILE I 29 -33.90 -31.09 -13.71
C ILE I 29 -32.75 -32.04 -13.38
N ILE I 30 -31.52 -31.64 -13.72
CA ILE I 30 -30.35 -32.44 -13.38
C ILE I 30 -30.29 -32.67 -11.87
N ALA I 31 -30.50 -31.61 -11.09
CA ALA I 31 -30.45 -31.75 -9.63
C ALA I 31 -31.53 -32.72 -9.14
N GLU I 32 -32.73 -32.64 -9.70
CA GLU I 32 -33.81 -33.53 -9.27
C GLU I 32 -33.51 -34.98 -9.64
N LEU I 33 -33.06 -35.23 -10.87
CA LEU I 33 -32.73 -36.58 -11.27
C LEU I 33 -31.63 -37.16 -10.41
N ASP I 34 -30.64 -36.34 -10.05
CA ASP I 34 -29.58 -36.80 -9.14
C ASP I 34 -30.16 -37.15 -7.78
N ALA I 35 -31.09 -36.33 -7.27
CA ALA I 35 -31.70 -36.61 -5.97
C ALA I 35 -32.52 -37.90 -6.01
N ILE I 36 -33.25 -38.12 -7.10
CA ILE I 36 -34.02 -39.36 -7.24
C ILE I 36 -33.10 -40.56 -7.19
N ASN I 37 -32.03 -40.57 -7.99
CA ASN I 37 -31.07 -41.67 -7.97
C ASN I 37 -30.50 -41.85 -6.57
N LEU I 38 -30.18 -40.75 -5.89
CA LEU I 38 -29.59 -40.85 -4.56
C LEU I 38 -30.54 -41.54 -3.59
N TYR I 39 -31.80 -41.10 -3.54
CA TYR I 39 -32.75 -41.65 -2.58
C TYR I 39 -33.16 -43.07 -2.96
N GLU I 40 -33.31 -43.33 -4.25
CA GLU I 40 -33.60 -44.70 -4.69
CA GLU I 40 -33.60 -44.70 -4.69
C GLU I 40 -32.48 -45.65 -4.29
N GLN I 41 -31.22 -45.19 -4.42
CA GLN I 41 -30.08 -46.01 -3.99
C GLN I 41 -30.08 -46.20 -2.48
N MET I 42 -30.33 -45.14 -1.72
CA MET I 42 -30.40 -45.27 -0.27
C MET I 42 -31.50 -46.24 0.14
N ALA I 43 -32.68 -46.12 -0.46
CA ALA I 43 -33.79 -46.99 -0.10
C ALA I 43 -33.47 -48.45 -0.38
N ARG I 44 -32.69 -48.72 -1.43
CA ARG I 44 -32.36 -50.10 -1.77
C ARG I 44 -31.62 -50.79 -0.64
N TYR I 45 -30.74 -50.07 0.06
CA TYR I 45 -29.89 -50.66 1.08
C TYR I 45 -30.37 -50.39 2.50
N SER I 46 -31.53 -49.76 2.65
CA SER I 46 -32.08 -49.47 3.97
C SER I 46 -32.99 -50.62 4.39
N GLU I 47 -32.54 -51.38 5.40
CA GLU I 47 -33.39 -52.43 5.97
C GLU I 47 -34.43 -51.86 6.94
N ASP I 48 -34.18 -50.67 7.48
CA ASP I 48 -35.18 -49.98 8.30
C ASP I 48 -36.35 -49.57 7.40
N GLU I 49 -37.51 -50.19 7.61
CA GLU I 49 -38.63 -49.96 6.71
C GLU I 49 -39.22 -48.57 6.88
N ASN I 50 -39.05 -47.94 8.04
CA ASN I 50 -39.50 -46.56 8.18
C ASN I 50 -38.64 -45.61 7.35
N VAL I 51 -37.32 -45.80 7.38
CA VAL I 51 -36.43 -44.96 6.57
C VAL I 51 -36.69 -45.21 5.09
N ARG I 52 -36.86 -46.47 4.70
CA ARG I 52 -37.14 -46.78 3.30
C ARG I 52 -38.43 -46.11 2.84
N LYS I 53 -39.48 -46.17 3.67
CA LYS I 53 -40.76 -45.60 3.27
C LYS I 53 -40.65 -44.11 2.99
N ILE I 54 -39.91 -43.38 3.83
CA ILE I 54 -39.78 -41.94 3.65
C ILE I 54 -38.92 -41.65 2.42
N LEU I 55 -37.82 -42.38 2.25
CA LEU I 55 -36.96 -42.18 1.08
C LEU I 55 -37.75 -42.34 -0.21
N LEU I 56 -38.58 -43.38 -0.30
CA LEU I 56 -39.35 -43.58 -1.53
C LEU I 56 -40.42 -42.52 -1.70
N ASP I 57 -40.98 -42.03 -0.59
CA ASP I 57 -41.99 -40.99 -0.69
C ASP I 57 -41.38 -39.65 -1.10
N VAL I 58 -40.19 -39.34 -0.56
CA VAL I 58 -39.48 -38.13 -0.99
C VAL I 58 -39.11 -38.23 -2.46
N ALA I 59 -38.55 -39.38 -2.86
CA ALA I 59 -38.19 -39.57 -4.26
C ALA I 59 -39.39 -39.37 -5.17
N ARG I 60 -40.55 -39.88 -4.76
CA ARG I 60 -41.77 -39.66 -5.53
C ARG I 60 -42.03 -38.17 -5.72
N GLU I 61 -41.84 -37.37 -4.66
CA GLU I 61 -42.08 -35.94 -4.78
C GLU I 61 -41.02 -35.25 -5.63
N GLU I 62 -39.77 -35.74 -5.61
CA GLU I 62 -38.77 -35.20 -6.51
C GLU I 62 -39.15 -35.50 -7.96
N LYS I 63 -39.79 -36.63 -8.22
CA LYS I 63 -40.24 -36.93 -9.57
C LYS I 63 -41.30 -35.94 -10.04
N ALA I 64 -42.11 -35.42 -9.11
CA ALA I 64 -43.04 -34.36 -9.48
C ALA I 64 -42.31 -33.05 -9.78
N HIS I 65 -41.23 -32.78 -9.04
CA HIS I 65 -40.42 -31.60 -9.34
C HIS I 65 -39.84 -31.66 -10.76
N VAL I 66 -39.46 -32.86 -11.20
CA VAL I 66 -39.03 -33.02 -12.59
C VAL I 66 -40.12 -32.53 -13.53
N GLY I 67 -41.37 -32.90 -13.25
CA GLY I 67 -42.47 -32.48 -14.09
C GLY I 67 -42.67 -30.97 -14.08
N GLU I 68 -42.54 -30.35 -12.91
CA GLU I 68 -42.73 -28.91 -12.82
C GLU I 68 -41.69 -28.16 -13.63
N PHE I 69 -40.41 -28.50 -13.44
CA PHE I 69 -39.35 -27.84 -14.20
C PHE I 69 -39.46 -28.17 -15.68
N MET I 70 -39.85 -29.41 -16.01
CA MET I 70 -40.06 -29.79 -17.40
C MET I 70 -41.14 -28.93 -18.05
N ALA I 71 -42.26 -28.71 -17.34
CA ALA I 71 -43.33 -27.90 -17.91
C ALA I 71 -42.86 -26.50 -18.25
N LEU I 72 -42.09 -25.87 -17.36
CA LEU I 72 -41.56 -24.54 -17.63
C LEU I 72 -40.58 -24.58 -18.81
N LEU I 73 -39.71 -25.60 -18.84
CA LEU I 73 -38.73 -25.69 -19.92
C LEU I 73 -39.41 -25.84 -21.27
N LEU I 74 -40.37 -26.77 -21.36
CA LEU I 74 -41.07 -26.99 -22.61
C LEU I 74 -41.80 -25.73 -23.07
N ASN I 75 -42.32 -24.95 -22.12
CA ASN I 75 -43.00 -23.71 -22.48
C ASN I 75 -42.03 -22.68 -23.04
N LEU I 76 -40.78 -22.70 -22.59
CA LEU I 76 -39.78 -21.74 -23.06
C LEU I 76 -38.91 -22.28 -24.19
N ASP I 77 -38.93 -23.58 -24.43
CA ASP I 77 -38.05 -24.21 -25.42
C ASP I 77 -38.91 -25.01 -26.39
N PRO I 78 -39.55 -24.34 -27.35
CA PRO I 78 -40.39 -25.07 -28.32
C PRO I 78 -39.62 -26.12 -29.09
N GLU I 79 -38.32 -25.92 -29.32
CA GLU I 79 -37.53 -26.95 -29.97
C GLU I 79 -37.52 -28.25 -29.16
N GLN I 80 -37.47 -28.14 -27.84
CA GLN I 80 -37.51 -29.32 -26.98
C GLN I 80 -38.84 -30.04 -27.10
N VAL I 81 -39.94 -29.31 -27.29
CA VAL I 81 -41.24 -29.95 -27.49
C VAL I 81 -41.20 -30.82 -28.74
N THR I 82 -40.76 -30.26 -29.87
CA THR I 82 -40.66 -31.03 -31.11
C THR I 82 -39.75 -32.23 -30.96
N GLU I 83 -38.55 -32.03 -30.41
CA GLU I 83 -37.58 -33.11 -30.37
C GLU I 83 -37.95 -34.16 -29.33
N LEU I 84 -38.65 -33.77 -28.27
CA LEU I 84 -39.15 -34.76 -27.32
C LEU I 84 -40.09 -35.74 -28.01
N LYS I 85 -41.04 -35.22 -28.80
CA LYS I 85 -41.92 -36.09 -29.56
C LYS I 85 -41.14 -36.91 -30.57
N GLY I 86 -40.18 -36.29 -31.26
CA GLY I 86 -39.37 -37.04 -32.20
C GLY I 86 -38.60 -38.16 -31.52
N GLY I 87 -38.09 -37.90 -30.31
CA GLY I 87 -37.41 -38.93 -29.57
C GLY I 87 -38.33 -40.07 -29.19
N PHE I 88 -39.55 -39.74 -28.75
CA PHE I 88 -40.53 -40.78 -28.46
C PHE I 88 -40.79 -41.64 -29.69
N GLU I 89 -40.95 -40.99 -30.85
CA GLU I 89 -41.24 -41.73 -32.07
C GLU I 89 -40.08 -42.63 -32.47
N GLU I 90 -38.85 -42.14 -32.31
CA GLU I 90 -37.68 -42.94 -32.65
C GLU I 90 -37.62 -44.19 -31.79
N VAL I 91 -37.92 -44.06 -30.49
CA VAL I 91 -37.94 -45.23 -29.60
C VAL I 91 -39.01 -46.21 -30.06
N LYS I 92 -40.19 -45.71 -30.43
CA LYS I 92 -41.24 -46.59 -30.94
C LYS I 92 -40.76 -47.37 -32.15
N GLU I 93 -40.11 -46.68 -33.09
CA GLU I 93 -39.66 -47.34 -34.32
C GLU I 93 -38.61 -48.40 -34.02
N LEU I 94 -37.74 -48.15 -33.05
CA LEU I 94 -36.59 -49.02 -32.81
C LEU I 94 -36.86 -50.15 -31.82
N THR I 95 -37.84 -49.98 -30.93
CA THR I 95 -38.10 -50.97 -29.89
C THR I 95 -39.56 -51.37 -29.77
N GLY I 96 -40.49 -50.63 -30.36
CA GLY I 96 -41.90 -50.86 -30.16
C GLY I 96 -42.47 -50.24 -28.89
N ILE I 97 -41.64 -49.67 -28.02
CA ILE I 97 -42.12 -49.04 -26.81
C ILE I 97 -42.85 -47.75 -27.16
N GLU I 98 -43.97 -47.51 -26.48
CA GLU I 98 -44.77 -46.31 -26.72
C GLU I 98 -45.37 -45.80 -25.42
N GLY J 2 -16.48 17.50 -33.26
CA GLY J 2 -17.65 17.00 -33.95
C GLY J 2 -18.43 15.99 -33.12
N LEU J 3 -19.49 15.45 -33.69
CA LEU J 3 -20.32 14.48 -32.99
C LEU J 3 -19.89 13.04 -33.24
N SER J 4 -19.22 12.76 -34.35
CA SER J 4 -18.77 11.40 -34.64
C SER J 4 -17.61 11.02 -33.72
N ILE J 5 -17.49 9.74 -33.46
CA ILE J 5 -16.46 9.21 -32.55
C ILE J 5 -15.22 8.85 -33.35
N ASN J 6 -14.07 9.17 -32.80
CA ASN J 6 -12.80 8.69 -33.36
C ASN J 6 -12.76 7.16 -33.29
N PRO J 7 -12.65 6.47 -34.42
CA PRO J 7 -12.67 5.00 -34.37
C PRO J 7 -11.66 4.39 -33.40
N THR J 8 -10.57 5.08 -33.12
CA THR J 8 -9.62 4.57 -32.13
C THR J 8 -10.28 4.28 -30.80
N LEU J 9 -11.36 5.01 -30.48
CA LEU J 9 -12.04 4.86 -29.20
C LEU J 9 -13.26 3.94 -29.27
N ILE J 10 -13.65 3.50 -30.45
CA ILE J 10 -14.85 2.67 -30.59
C ILE J 10 -14.50 1.24 -30.23
N ASN J 11 -15.12 0.73 -29.16
CA ASN J 11 -14.99 -0.67 -28.78
C ASN J 11 -16.35 -1.34 -28.59
N ARG J 12 -17.44 -0.65 -28.93
CA ARG J 12 -18.75 -1.27 -28.83
C ARG J 12 -18.91 -2.35 -29.89
N ASP J 13 -19.52 -3.47 -29.49
CA ASP J 13 -19.77 -4.58 -30.39
C ASP J 13 -21.25 -4.94 -30.49
N LYS J 14 -22.05 -4.61 -29.49
CA LYS J 14 -23.47 -4.95 -29.50
C LYS J 14 -24.24 -3.96 -30.37
N PRO J 15 -25.29 -4.41 -31.06
CA PRO J 15 -26.13 -3.48 -31.80
C PRO J 15 -26.96 -2.62 -30.85
N TYR J 16 -27.47 -1.53 -31.40
CA TYR J 16 -28.31 -0.63 -30.59
C TYR J 16 -29.56 -1.36 -30.12
N THR J 17 -29.92 -1.11 -28.86
CA THR J 17 -31.23 -1.53 -28.38
C THR J 17 -32.31 -0.65 -28.99
N LYS J 18 -33.57 -1.06 -28.79
CA LYS J 18 -34.68 -0.27 -29.32
C LYS J 18 -34.68 1.13 -28.75
N GLU J 19 -34.38 1.28 -27.46
CA GLU J 19 -34.34 2.62 -26.87
C GLU J 19 -33.14 3.40 -27.39
N GLU J 20 -31.99 2.74 -27.55
CA GLU J 20 -30.83 3.43 -28.12
C GLU J 20 -31.10 3.87 -29.54
N LEU J 21 -31.84 3.08 -30.31
CA LEU J 21 -32.23 3.49 -31.66
C LEU J 21 -32.96 4.82 -31.62
N MET J 22 -33.85 5.00 -30.65
CA MET J 22 -34.55 6.27 -30.52
C MET J 22 -33.55 7.40 -30.25
N GLU J 23 -32.55 7.13 -29.41
CA GLU J 23 -31.62 8.18 -29.01
C GLU J 23 -30.72 8.61 -30.16
N ILE J 24 -30.31 7.68 -31.03
CA ILE J 24 -29.44 8.08 -32.13
C ILE J 24 -30.24 8.83 -33.19
N LEU J 25 -31.55 8.57 -33.30
CA LEU J 25 -32.37 9.36 -34.19
C LEU J 25 -32.50 10.80 -33.69
N ARG J 26 -32.66 10.98 -32.39
CA ARG J 26 -32.67 12.33 -31.83
C ARG J 26 -31.32 13.01 -32.01
N LEU J 27 -30.23 12.25 -31.85
CA LEU J 27 -28.90 12.81 -32.06
C LEU J 27 -28.69 13.15 -33.53
N ALA J 28 -29.24 12.34 -34.43
CA ALA J 28 -29.17 12.65 -35.86
C ALA J 28 -29.90 13.95 -36.17
N ILE J 29 -31.06 14.17 -35.56
CA ILE J 29 -31.78 15.43 -35.74
C ILE J 29 -30.95 16.59 -35.21
N ILE J 30 -30.33 16.41 -34.04
CA ILE J 30 -29.46 17.44 -33.48
C ILE J 30 -28.36 17.81 -34.48
N ALA J 31 -27.73 16.80 -35.08
CA ALA J 31 -26.64 17.07 -36.02
C ALA J 31 -27.16 17.87 -37.23
N GLU J 32 -28.34 17.52 -37.73
CA GLU J 32 -28.91 18.23 -38.87
C GLU J 32 -29.28 19.66 -38.52
N LEU J 33 -29.91 19.86 -37.36
CA LEU J 33 -30.27 21.22 -36.95
C LEU J 33 -29.03 22.08 -36.76
N ASP J 34 -27.95 21.51 -36.21
CA ASP J 34 -26.71 22.26 -36.07
C ASP J 34 -26.16 22.64 -37.43
N ALA J 35 -26.21 21.73 -38.40
CA ALA J 35 -25.71 22.02 -39.73
C ALA J 35 -26.53 23.12 -40.39
N ILE J 36 -27.86 23.09 -40.22
CA ILE J 36 -28.71 24.13 -40.78
C ILE J 36 -28.30 25.49 -40.23
N ASN J 37 -28.19 25.60 -38.90
CA ASN J 37 -27.76 26.85 -38.29
C ASN J 37 -26.40 27.29 -38.83
N LEU J 38 -25.47 26.34 -38.98
CA LEU J 38 -24.14 26.68 -39.47
C LEU J 38 -24.20 27.28 -40.86
N TYR J 39 -24.91 26.61 -41.79
CA TYR J 39 -24.93 27.07 -43.17
C TYR J 39 -25.76 28.33 -43.30
N GLU J 40 -26.85 28.46 -42.54
CA GLU J 40 -27.62 29.69 -42.57
CA GLU J 40 -27.62 29.69 -42.57
C GLU J 40 -26.79 30.87 -42.09
N GLN J 41 -25.97 30.66 -41.05
CA GLN J 41 -25.09 31.71 -40.56
C GLN J 41 -24.02 32.06 -41.59
N MET J 42 -23.41 31.04 -42.21
CA MET J 42 -22.43 31.31 -43.25
C MET J 42 -23.04 32.11 -44.40
N ALA J 43 -24.24 31.73 -44.83
CA ALA J 43 -24.89 32.43 -45.94
C ALA J 43 -25.13 33.89 -45.61
N ARG J 44 -25.41 34.18 -44.33
CA ARG J 44 -25.68 35.55 -43.91
C ARG J 44 -24.52 36.48 -44.20
N TYR J 45 -23.28 35.99 -44.06
CA TYR J 45 -22.10 36.82 -44.21
C TYR J 45 -21.40 36.62 -45.55
N SER J 46 -21.94 35.78 -46.43
CA SER J 46 -21.33 35.55 -47.74
C SER J 46 -21.91 36.54 -48.73
N GLU J 47 -21.07 37.47 -49.21
CA GLU J 47 -21.43 38.36 -50.30
C GLU J 47 -21.19 37.74 -51.66
N ASP J 48 -20.45 36.64 -51.73
CA ASP J 48 -20.30 35.87 -52.95
C ASP J 48 -21.61 35.15 -53.24
N GLU J 49 -22.30 35.57 -54.31
CA GLU J 49 -23.64 35.06 -54.59
C GLU J 49 -23.61 33.57 -54.93
N ASN J 50 -22.53 33.08 -55.54
CA ASN J 50 -22.43 31.66 -55.84
C ASN J 50 -22.30 30.83 -54.57
N VAL J 51 -21.45 31.27 -53.65
CA VAL J 51 -21.29 30.56 -52.38
C VAL J 51 -22.58 30.59 -51.59
N ARG J 52 -23.26 31.74 -51.57
CA ARG J 52 -24.49 31.86 -50.80
C ARG J 52 -25.57 30.95 -51.38
N LYS J 53 -25.65 30.87 -52.71
CA LYS J 53 -26.66 30.02 -53.34
C LYS J 53 -26.49 28.56 -52.94
N ILE J 54 -25.25 28.07 -52.94
CA ILE J 54 -25.02 26.67 -52.59
C ILE J 54 -25.28 26.44 -51.11
N LEU J 55 -24.83 27.37 -50.25
CA LEU J 55 -25.11 27.25 -48.82
C LEU J 55 -26.61 27.11 -48.56
N LEU J 56 -27.41 27.94 -49.22
CA LEU J 56 -28.85 27.88 -48.98
C LEU J 56 -29.44 26.60 -49.54
N ASP J 57 -28.91 26.10 -50.65
CA ASP J 57 -29.45 24.86 -51.22
C ASP J 57 -29.07 23.65 -50.38
N VAL J 58 -27.85 23.62 -49.86
CA VAL J 58 -27.46 22.54 -48.96
C VAL J 58 -28.30 22.59 -47.69
N ALA J 59 -28.45 23.79 -47.12
CA ALA J 59 -29.28 23.93 -45.92
C ALA J 59 -30.70 23.44 -46.18
N ARG J 60 -31.24 23.73 -47.36
CA ARG J 60 -32.56 23.22 -47.71
C ARG J 60 -32.59 21.70 -47.67
N GLU J 61 -31.53 21.07 -48.18
CA GLU J 61 -31.50 19.61 -48.20
C GLU J 61 -31.30 19.03 -46.80
N GLU J 62 -30.59 19.73 -45.92
CA GLU J 62 -30.51 19.29 -44.53
C GLU J 62 -31.87 19.37 -43.85
N LYS J 63 -32.70 20.35 -44.22
CA LYS J 63 -34.04 20.43 -43.66
C LYS J 63 -34.88 19.23 -44.05
N ALA J 64 -34.63 18.65 -45.23
CA ALA J 64 -35.31 17.42 -45.61
C ALA J 64 -34.81 16.25 -44.77
N HIS J 65 -33.51 16.24 -44.45
CA HIS J 65 -32.98 15.20 -43.56
C HIS J 65 -33.64 15.23 -42.19
N VAL J 66 -33.93 16.43 -41.68
CA VAL J 66 -34.68 16.53 -40.43
C VAL J 66 -35.98 15.75 -40.54
N GLY J 67 -36.69 15.92 -41.66
CA GLY J 67 -37.94 15.22 -41.85
C GLY J 67 -37.77 13.71 -41.91
N GLU J 68 -36.71 13.25 -42.58
CA GLU J 68 -36.49 11.82 -42.70
C GLU J 68 -36.25 11.20 -41.34
N PHE J 69 -35.35 11.77 -40.55
CA PHE J 69 -35.08 11.26 -39.21
C PHE J 69 -36.30 11.42 -38.31
N MET J 70 -37.06 12.51 -38.48
CA MET J 70 -38.27 12.70 -37.69
C MET J 70 -39.29 11.62 -37.99
N ALA J 71 -39.47 11.28 -39.27
CA ALA J 71 -40.42 10.24 -39.63
C ALA J 71 -40.09 8.92 -38.95
N LEU J 72 -38.81 8.55 -38.93
CA LEU J 72 -38.40 7.34 -38.24
C LEU J 72 -38.62 7.45 -36.74
N LEU J 73 -38.29 8.60 -36.16
CA LEU J 73 -38.44 8.77 -34.72
C LEU J 73 -39.90 8.64 -34.31
N LEU J 74 -40.79 9.34 -35.01
CA LEU J 74 -42.21 9.26 -34.69
C LEU J 74 -42.73 7.84 -34.83
N ASN J 75 -42.20 7.08 -35.80
CA ASN J 75 -42.63 5.69 -35.99
C ASN J 75 -42.18 4.82 -34.81
N LEU J 76 -41.03 5.12 -34.21
CA LEU J 76 -40.52 4.33 -33.10
C LEU J 76 -40.88 4.90 -31.74
N ASP J 77 -41.36 6.14 -31.68
CA ASP J 77 -41.64 6.83 -30.42
C ASP J 77 -43.09 7.30 -30.43
N PRO J 78 -44.04 6.41 -30.14
CA PRO J 78 -45.45 6.83 -30.13
C PRO J 78 -45.73 7.95 -29.14
N GLU J 79 -44.99 8.01 -28.03
CA GLU J 79 -45.17 9.10 -27.09
C GLU J 79 -44.85 10.44 -27.74
N GLN J 80 -43.81 10.47 -28.60
CA GLN J 80 -43.47 11.71 -29.29
C GLN J 80 -44.58 12.15 -30.22
N VAL J 81 -45.29 11.20 -30.84
CA VAL J 81 -46.42 11.56 -31.70
C VAL J 81 -47.47 12.32 -30.88
N THR J 82 -47.87 11.74 -29.75
CA THR J 82 -48.85 12.38 -28.89
C THR J 82 -48.37 13.74 -28.40
N GLU J 83 -47.13 13.81 -27.90
CA GLU J 83 -46.65 15.06 -27.31
C GLU J 83 -46.36 16.10 -28.38
N LEU J 84 -46.00 15.68 -29.59
CA LEU J 84 -45.86 16.64 -30.68
C LEU J 84 -47.19 17.32 -30.96
N LYS J 85 -48.27 16.55 -31.00
CA LYS J 85 -49.61 17.11 -31.19
C LYS J 85 -49.97 18.03 -30.03
N GLY J 86 -49.71 17.58 -28.79
CA GLY J 86 -49.98 18.42 -27.64
C GLY J 86 -49.18 19.70 -27.64
N GLY J 87 -47.92 19.63 -28.08
CA GLY J 87 -47.12 20.83 -28.16
C GLY J 87 -47.64 21.82 -29.18
N PHE J 88 -48.06 21.34 -30.35
CA PHE J 88 -48.69 22.20 -31.34
C PHE J 88 -49.93 22.88 -30.77
N GLU J 89 -50.75 22.11 -30.05
CA GLU J 89 -51.99 22.66 -29.50
C GLU J 89 -51.70 23.72 -28.45
N GLU J 90 -50.68 23.50 -27.62
CA GLU J 90 -50.32 24.49 -26.61
C GLU J 90 -49.92 25.80 -27.25
N VAL J 91 -49.13 25.75 -28.34
CA VAL J 91 -48.71 26.97 -29.02
C VAL J 91 -49.93 27.71 -29.60
N LYS J 92 -50.88 26.98 -30.17
CA LYS J 92 -52.04 27.64 -30.76
C LYS J 92 -52.88 28.34 -29.70
N GLU J 93 -53.07 27.70 -28.54
CA GLU J 93 -53.86 28.32 -27.48
C GLU J 93 -53.18 29.57 -26.94
N LEU J 94 -51.84 29.55 -26.82
CA LEU J 94 -51.13 30.67 -26.21
C LEU J 94 -50.85 31.79 -27.21
N THR J 95 -50.76 31.48 -28.50
CA THR J 95 -50.38 32.47 -29.50
C THR J 95 -51.29 32.49 -30.73
N GLY J 96 -52.11 31.47 -30.95
CA GLY J 96 -52.89 31.37 -32.17
C GLY J 96 -52.15 30.79 -33.35
N ILE J 97 -50.84 30.55 -33.24
CA ILE J 97 -50.09 29.97 -34.34
C ILE J 97 -50.47 28.51 -34.52
N GLU J 98 -50.76 28.11 -35.75
CA GLU J 98 -51.10 26.73 -36.08
C GLU J 98 -50.50 26.40 -37.43
N ALA J 99 -50.92 25.26 -37.99
CA ALA J 99 -50.36 24.73 -39.24
C ALA J 99 -48.91 24.32 -39.03
N GLY K 2 -5.95 -35.01 -12.25
CA GLY K 2 -5.61 -35.57 -13.54
C GLY K 2 -6.47 -36.76 -13.92
N LEU K 3 -6.19 -37.35 -15.07
CA LEU K 3 -6.97 -38.50 -15.55
C LEU K 3 -6.37 -39.83 -15.13
N SER K 4 -5.07 -39.89 -14.83
CA SER K 4 -4.47 -41.14 -14.42
C SER K 4 -4.91 -41.51 -13.01
N ILE K 5 -4.92 -42.80 -12.72
CA ILE K 5 -5.39 -43.31 -11.43
C ILE K 5 -4.21 -43.43 -10.48
N ASN K 6 -4.45 -43.05 -9.23
CA ASN K 6 -3.48 -43.30 -8.16
C ASN K 6 -3.30 -44.81 -8.00
N PRO K 7 -2.10 -45.36 -8.18
CA PRO K 7 -1.93 -46.82 -8.09
C PRO K 7 -2.48 -47.43 -6.81
N THR K 8 -2.54 -46.66 -5.72
CA THR K 8 -3.11 -47.16 -4.47
C THR K 8 -4.53 -47.69 -4.68
N LEU K 9 -5.26 -47.15 -5.67
CA LEU K 9 -6.63 -47.55 -5.92
C LEU K 9 -6.76 -48.59 -7.03
N ILE K 10 -5.69 -48.93 -7.72
CA ILE K 10 -5.76 -49.87 -8.82
C ILE K 10 -5.72 -51.29 -8.26
N ASN K 11 -6.81 -52.04 -8.48
CA ASN K 11 -6.86 -53.45 -8.15
C ASN K 11 -7.43 -54.27 -9.30
N ARG K 12 -7.39 -53.73 -10.52
CA ARG K 12 -7.79 -54.49 -11.70
C ARG K 12 -6.66 -55.43 -12.12
N ASP K 13 -7.04 -56.64 -12.52
CA ASP K 13 -6.08 -57.64 -12.95
C ASP K 13 -6.29 -58.12 -14.38
N LYS K 14 -7.51 -58.11 -14.88
CA LYS K 14 -7.72 -58.64 -16.22
C LYS K 14 -7.49 -57.56 -17.28
N PRO K 15 -7.07 -57.95 -18.47
CA PRO K 15 -6.84 -56.96 -19.53
C PRO K 15 -8.14 -56.37 -20.04
N TYR K 16 -8.00 -55.25 -20.75
CA TYR K 16 -9.16 -54.58 -21.33
C TYR K 16 -9.86 -55.50 -22.33
N THR K 17 -11.19 -55.49 -22.30
CA THR K 17 -11.94 -56.12 -23.38
C THR K 17 -11.84 -55.27 -24.64
N LYS K 18 -12.32 -55.82 -25.75
CA LYS K 18 -12.26 -55.08 -27.01
C LYS K 18 -13.03 -53.77 -26.91
N GLU K 19 -14.13 -53.74 -26.17
CA GLU K 19 -14.92 -52.52 -26.05
C GLU K 19 -14.26 -51.52 -25.10
N GLU K 20 -13.71 -52.01 -23.98
CA GLU K 20 -12.94 -51.12 -23.11
C GLU K 20 -11.74 -50.55 -23.84
N LEU K 21 -11.16 -51.32 -24.76
CA LEU K 21 -10.05 -50.82 -25.56
C LEU K 21 -10.48 -49.63 -26.40
N MET K 22 -11.70 -49.66 -26.95
CA MET K 22 -12.22 -48.50 -27.66
C MET K 22 -12.40 -47.32 -26.70
N GLU K 23 -12.79 -47.60 -25.46
CA GLU K 23 -13.07 -46.53 -24.51
C GLU K 23 -11.79 -45.84 -24.05
N ILE K 24 -10.71 -46.60 -23.87
CA ILE K 24 -9.47 -45.96 -23.43
C ILE K 24 -8.85 -45.17 -24.58
N LEU K 25 -9.12 -45.56 -25.83
CA LEU K 25 -8.67 -44.76 -26.95
C LEU K 25 -9.42 -43.43 -27.01
N ARG K 26 -10.72 -43.44 -26.75
CA ARG K 26 -11.46 -42.18 -26.67
C ARG K 26 -10.98 -41.34 -25.50
N LEU K 27 -10.66 -41.99 -24.37
CA LEU K 27 -10.15 -41.25 -23.21
C LEU K 27 -8.75 -40.70 -23.49
N ALA K 28 -7.94 -41.44 -24.24
CA ALA K 28 -6.63 -40.93 -24.62
C ALA K 28 -6.77 -39.69 -25.49
N ILE K 29 -7.74 -39.68 -26.41
CA ILE K 29 -7.98 -38.50 -27.23
C ILE K 29 -8.44 -37.34 -26.37
N ILE K 30 -9.32 -37.60 -25.40
CA ILE K 30 -9.75 -36.56 -24.48
C ILE K 30 -8.54 -35.93 -23.79
N ALA K 31 -7.62 -36.78 -23.31
CA ALA K 31 -6.45 -36.27 -22.62
C ALA K 31 -5.61 -35.39 -23.53
N GLU K 32 -5.45 -35.78 -24.80
CA GLU K 32 -4.66 -34.98 -25.73
C GLU K 32 -5.34 -33.66 -26.04
N LEU K 33 -6.65 -33.67 -26.28
CA LEU K 33 -7.37 -32.44 -26.56
C LEU K 33 -7.31 -31.49 -25.36
N ASP K 34 -7.41 -32.02 -24.14
CA ASP K 34 -7.27 -31.19 -22.96
C ASP K 34 -5.88 -30.57 -22.89
N ALA K 35 -4.85 -31.36 -23.20
CA ALA K 35 -3.48 -30.84 -23.19
C ALA K 35 -3.29 -29.75 -24.23
N ILE K 36 -3.86 -29.93 -25.42
CA ILE K 36 -3.75 -28.91 -26.46
C ILE K 36 -4.36 -27.60 -25.97
N ASN K 37 -5.58 -27.66 -25.44
CA ASN K 37 -6.21 -26.46 -24.90
C ASN K 37 -5.36 -25.81 -23.81
N LEU K 38 -4.77 -26.62 -22.94
CA LEU K 38 -3.96 -26.08 -21.85
C LEU K 38 -2.77 -25.29 -22.40
N TYR K 39 -2.04 -25.88 -23.33
CA TYR K 39 -0.83 -25.25 -23.84
C TYR K 39 -1.16 -24.05 -24.74
N GLU K 40 -2.24 -24.14 -25.52
CA GLU K 40 -2.66 -22.99 -26.31
C GLU K 40 -3.05 -21.83 -25.40
N GLN K 41 -3.76 -22.12 -24.31
CA GLN K 41 -4.09 -21.07 -23.36
C GLN K 41 -2.84 -20.47 -22.72
N MET K 42 -1.90 -21.33 -22.32
CA MET K 42 -0.65 -20.83 -21.74
C MET K 42 0.10 -19.95 -22.73
N ALA K 43 0.20 -20.39 -23.98
CA ALA K 43 0.92 -19.61 -24.99
C ALA K 43 0.32 -18.22 -25.20
N ARG K 44 -1.00 -18.10 -25.02
CA ARG K 44 -1.67 -16.82 -25.27
CA ARG K 44 -1.65 -16.82 -25.27
C ARG K 44 -1.23 -15.76 -24.27
N TYR K 45 -0.91 -16.14 -23.03
CA TYR K 45 -0.55 -15.19 -22.00
C TYR K 45 0.96 -15.14 -21.73
N SER K 46 1.75 -15.85 -22.52
CA SER K 46 3.21 -15.85 -22.35
C SER K 46 3.82 -14.86 -23.33
N GLU K 47 4.31 -13.73 -22.80
CA GLU K 47 5.06 -12.78 -23.62
C GLU K 47 6.55 -13.10 -23.64
N ASP K 48 6.98 -14.16 -22.95
CA ASP K 48 8.30 -14.74 -23.14
C ASP K 48 8.24 -15.59 -24.40
N GLU K 49 8.91 -15.12 -25.47
CA GLU K 49 8.78 -15.79 -26.76
C GLU K 49 9.41 -17.17 -26.78
N ASN K 50 10.38 -17.44 -25.88
CA ASN K 50 10.96 -18.78 -25.82
C ASN K 50 9.95 -19.77 -25.23
N VAL K 51 9.29 -19.39 -24.14
CA VAL K 51 8.27 -20.25 -23.55
C VAL K 51 7.11 -20.44 -24.51
N ARG K 52 6.68 -19.37 -25.16
CA ARG K 52 5.58 -19.47 -26.11
CA ARG K 52 5.57 -19.47 -26.11
C ARG K 52 5.91 -20.41 -27.25
N LYS K 53 7.14 -20.30 -27.80
CA LYS K 53 7.53 -21.13 -28.92
C LYS K 53 7.49 -22.61 -28.54
N ILE K 54 7.97 -22.96 -27.36
CA ILE K 54 7.97 -24.36 -26.94
C ILE K 54 6.55 -24.83 -26.67
N LEU K 55 5.75 -24.00 -26.01
CA LEU K 55 4.36 -24.38 -25.76
C LEU K 55 3.63 -24.69 -27.06
N LEU K 56 3.83 -23.85 -28.08
CA LEU K 56 3.16 -24.07 -29.36
C LEU K 56 3.71 -25.29 -30.08
N ASP K 57 5.01 -25.56 -29.95
CA ASP K 57 5.58 -26.73 -30.61
C ASP K 57 5.14 -28.02 -29.92
N VAL K 58 5.08 -28.01 -28.60
CA VAL K 58 4.55 -29.18 -27.88
C VAL K 58 3.10 -29.41 -28.25
N ALA K 59 2.30 -28.33 -28.27
CA ALA K 59 0.90 -28.46 -28.67
C ALA K 59 0.78 -29.08 -30.06
N ARG K 60 1.65 -28.68 -30.98
CA ARG K 60 1.66 -29.28 -32.31
C ARG K 60 1.87 -30.78 -32.22
N GLU K 61 2.79 -31.22 -31.36
CA GLU K 61 3.07 -32.65 -31.23
C GLU K 61 1.91 -33.39 -30.56
N GLU K 62 1.19 -32.74 -29.64
CA GLU K 62 0.01 -33.37 -29.08
C GLU K 62 -1.07 -33.56 -30.14
N LYS K 63 -1.15 -32.64 -31.11
CA LYS K 63 -2.11 -32.79 -32.20
C LYS K 63 -1.82 -34.01 -33.04
N ALA K 64 -0.53 -34.37 -33.18
CA ALA K 64 -0.20 -35.61 -33.87
C ALA K 64 -0.64 -36.82 -33.05
N HIS K 65 -0.53 -36.73 -31.72
CA HIS K 65 -1.01 -37.80 -30.86
C HIS K 65 -2.50 -38.04 -31.05
N VAL K 66 -3.26 -36.96 -31.23
CA VAL K 66 -4.69 -37.11 -31.56
C VAL K 66 -4.84 -37.98 -32.80
N GLY K 67 -4.03 -37.73 -33.83
CA GLY K 67 -4.13 -38.52 -35.04
C GLY K 67 -3.80 -39.99 -34.81
N GLU K 68 -2.78 -40.26 -34.01
CA GLU K 68 -2.38 -41.64 -33.75
C GLU K 68 -3.49 -42.40 -33.03
N PHE K 69 -4.03 -41.83 -31.95
CA PHE K 69 -5.10 -42.50 -31.22
C PHE K 69 -6.35 -42.62 -32.08
N MET K 70 -6.63 -41.62 -32.91
CA MET K 70 -7.80 -41.67 -33.78
C MET K 70 -7.66 -42.77 -34.82
N ALA K 71 -6.46 -42.95 -35.38
CA ALA K 71 -6.25 -44.02 -36.34
C ALA K 71 -6.56 -45.37 -35.72
N LEU K 72 -6.11 -45.61 -34.49
CA LEU K 72 -6.42 -46.86 -33.81
C LEU K 72 -7.90 -46.99 -33.53
N LEU K 73 -8.54 -45.91 -33.08
CA LEU K 73 -9.97 -45.96 -32.77
C LEU K 73 -10.79 -46.28 -34.02
N LEU K 74 -10.50 -45.58 -35.12
CA LEU K 74 -11.23 -45.84 -36.36
C LEU K 74 -11.04 -47.27 -36.82
N ASN K 75 -9.85 -47.83 -36.61
CA ASN K 75 -9.57 -49.21 -37.01
C ASN K 75 -10.39 -50.19 -36.19
N LEU K 76 -10.66 -49.87 -34.92
CA LEU K 76 -11.41 -50.75 -34.05
C LEU K 76 -12.89 -50.42 -33.98
N ASP K 77 -13.30 -49.25 -34.48
CA ASP K 77 -14.68 -48.78 -34.38
C ASP K 77 -15.16 -48.43 -35.78
N PRO K 78 -15.54 -49.42 -36.58
CA PRO K 78 -16.02 -49.11 -37.94
C PRO K 78 -17.23 -48.20 -37.95
N GLU K 79 -18.08 -48.26 -36.92
CA GLU K 79 -19.21 -47.34 -36.83
C GLU K 79 -18.72 -45.89 -36.80
N GLN K 80 -17.62 -45.64 -36.10
CA GLN K 80 -17.07 -44.29 -36.04
C GLN K 80 -16.59 -43.82 -37.41
N VAL K 81 -16.08 -44.74 -38.23
CA VAL K 81 -15.67 -44.39 -39.59
C VAL K 81 -16.86 -43.87 -40.38
N THR K 82 -17.97 -44.62 -40.39
CA THR K 82 -19.17 -44.18 -41.10
C THR K 82 -19.70 -42.87 -40.56
N GLU K 83 -19.83 -42.75 -39.24
CA GLU K 83 -20.45 -41.56 -38.68
C GLU K 83 -19.52 -40.36 -38.79
N LEU K 84 -18.21 -40.58 -38.77
CA LEU K 84 -17.28 -39.48 -39.04
C LEU K 84 -17.52 -38.91 -40.42
N LYS K 85 -17.68 -39.77 -41.42
CA LYS K 85 -17.98 -39.32 -42.78
C LYS K 85 -19.35 -38.63 -42.83
N GLY K 86 -20.34 -39.23 -42.17
CA GLY K 86 -21.66 -38.60 -42.13
C GLY K 86 -21.63 -37.25 -41.45
N GLY K 87 -20.83 -37.11 -40.38
CA GLY K 87 -20.69 -35.82 -39.73
C GLY K 87 -20.04 -34.78 -40.63
N PHE K 88 -18.98 -35.18 -41.34
CA PHE K 88 -18.36 -34.29 -42.31
C PHE K 88 -19.37 -33.83 -43.36
N GLU K 89 -20.18 -34.76 -43.85
CA GLU K 89 -21.15 -34.43 -44.89
C GLU K 89 -22.20 -33.45 -44.37
N GLU K 90 -22.65 -33.65 -43.12
CA GLU K 90 -23.64 -32.74 -42.55
C GLU K 90 -23.10 -31.32 -42.46
N VAL K 91 -21.84 -31.17 -42.04
CA VAL K 91 -21.24 -29.85 -41.97
C VAL K 91 -21.16 -29.22 -43.36
N LYS K 92 -20.76 -30.01 -44.36
CA LYS K 92 -20.68 -29.49 -45.72
C LYS K 92 -22.04 -28.99 -46.18
N GLU K 93 -23.09 -29.79 -45.98
CA GLU K 93 -24.42 -29.41 -46.44
C GLU K 93 -24.90 -28.14 -45.75
N LEU K 94 -24.64 -28.00 -44.46
CA LEU K 94 -25.21 -26.88 -43.70
C LEU K 94 -24.38 -25.61 -43.81
N THR K 95 -23.08 -25.74 -44.07
CA THR K 95 -22.18 -24.58 -44.06
C THR K 95 -21.29 -24.46 -45.29
N GLY K 96 -21.16 -25.51 -46.11
CA GLY K 96 -20.22 -25.49 -47.21
C GLY K 96 -18.78 -25.81 -46.83
N ILE K 97 -18.47 -25.95 -45.54
CA ILE K 97 -17.11 -26.25 -45.12
C ILE K 97 -16.74 -27.67 -45.53
N GLU K 98 -15.59 -27.82 -46.18
CA GLU K 98 -15.10 -29.10 -46.66
C GLU K 98 -13.65 -29.28 -46.26
N ALA K 99 -13.23 -30.55 -46.19
CA ALA K 99 -11.84 -30.89 -45.89
C ALA K 99 -10.89 -30.20 -46.86
N GLY L 2 -20.86 -31.94 -14.54
CA GLY L 2 -20.88 -31.82 -15.98
C GLY L 2 -19.91 -30.78 -16.51
N LEU L 3 -19.90 -30.59 -17.82
CA LEU L 3 -18.99 -29.63 -18.45
C LEU L 3 -19.60 -28.24 -18.61
N SER L 4 -20.92 -28.14 -18.64
CA SER L 4 -21.54 -26.83 -18.78
C SER L 4 -21.40 -26.03 -17.50
N ILE L 5 -21.40 -24.72 -17.63
CA ILE L 5 -21.21 -23.81 -16.51
C ILE L 5 -22.57 -23.44 -15.92
N ASN L 6 -22.64 -23.38 -14.60
CA ASN L 6 -23.81 -22.84 -13.93
C ASN L 6 -23.96 -21.37 -14.31
N PRO L 7 -25.06 -20.96 -14.93
CA PRO L 7 -25.17 -19.56 -15.36
C PRO L 7 -24.92 -18.55 -14.26
N THR L 8 -25.16 -18.91 -13.00
CA THR L 8 -24.84 -18.01 -11.90
C THR L 8 -23.39 -17.54 -11.94
N LEU L 9 -22.50 -18.35 -12.52
CA LEU L 9 -21.08 -18.04 -12.58
C LEU L 9 -20.66 -17.39 -13.89
N ILE L 10 -21.54 -17.30 -14.87
CA ILE L 10 -21.19 -16.74 -16.18
C ILE L 10 -21.27 -15.21 -16.08
N ASN L 11 -20.11 -14.56 -16.19
CA ASN L 11 -20.05 -13.11 -16.30
C ASN L 11 -19.48 -12.65 -17.64
N ARG L 12 -19.03 -13.57 -18.49
CA ARG L 12 -18.45 -13.17 -19.76
C ARG L 12 -19.50 -12.50 -20.64
N ASP L 13 -19.09 -11.41 -21.31
CA ASP L 13 -19.98 -10.67 -22.20
C ASP L 13 -19.47 -10.56 -23.62
N LYS L 14 -18.17 -10.83 -23.87
CA LYS L 14 -17.62 -10.66 -25.20
C LYS L 14 -17.47 -12.00 -25.90
N PRO L 15 -17.54 -12.01 -27.24
CA PRO L 15 -17.53 -13.28 -27.97
C PRO L 15 -16.17 -13.96 -27.92
N TYR L 16 -16.17 -15.25 -28.25
CA TYR L 16 -14.94 -16.02 -28.30
C TYR L 16 -13.99 -15.44 -29.34
N THR L 17 -12.71 -15.41 -29.01
CA THR L 17 -11.70 -15.14 -30.02
C THR L 17 -11.56 -16.35 -30.94
N LYS L 18 -10.86 -16.17 -32.05
CA LYS L 18 -10.64 -17.29 -32.96
C LYS L 18 -9.87 -18.41 -32.29
N GLU L 19 -8.96 -18.08 -31.36
CA GLU L 19 -8.25 -19.11 -30.62
C GLU L 19 -9.19 -19.83 -29.65
N GLU L 20 -10.04 -19.07 -28.96
CA GLU L 20 -11.01 -19.68 -28.05
C GLU L 20 -12.01 -20.55 -28.81
N LEU L 21 -12.35 -20.18 -30.05
CA LEU L 21 -13.25 -21.01 -30.85
C LEU L 21 -12.68 -22.40 -31.06
N MET L 22 -11.39 -22.48 -31.41
CA MET L 22 -10.74 -23.77 -31.52
C MET L 22 -10.86 -24.55 -30.21
N GLU L 23 -10.72 -23.86 -29.08
CA GLU L 23 -10.70 -24.54 -27.79
C GLU L 23 -12.08 -25.09 -27.43
N ILE L 24 -13.16 -24.36 -27.74
CA ILE L 24 -14.47 -24.89 -27.40
C ILE L 24 -14.84 -26.03 -28.34
N LEU L 25 -14.31 -26.02 -29.57
CA LEU L 25 -14.53 -27.16 -30.46
C LEU L 25 -13.84 -28.42 -29.94
N ARG L 26 -12.62 -28.27 -29.42
CA ARG L 26 -11.97 -29.42 -28.78
C ARG L 26 -12.74 -29.87 -27.55
N LEU L 27 -13.27 -28.91 -26.78
CA LEU L 27 -14.06 -29.27 -25.61
C LEU L 27 -15.37 -29.95 -26.01
N ALA L 28 -15.97 -29.52 -27.11
CA ALA L 28 -17.16 -30.20 -27.60
C ALA L 28 -16.86 -31.64 -27.99
N ILE L 29 -15.71 -31.87 -28.63
CA ILE L 29 -15.31 -33.24 -28.96
C ILE L 29 -15.10 -34.04 -27.69
N ILE L 30 -14.48 -33.43 -26.68
CA ILE L 30 -14.32 -34.08 -25.40
C ILE L 30 -15.68 -34.51 -24.84
N ALA L 31 -16.66 -33.61 -24.89
CA ALA L 31 -17.97 -33.93 -24.36
C ALA L 31 -18.61 -35.09 -25.12
N GLU L 32 -18.46 -35.11 -26.44
CA GLU L 32 -19.04 -36.19 -27.24
C GLU L 32 -18.35 -37.52 -26.94
N LEU L 33 -17.02 -37.52 -26.87
CA LEU L 33 -16.30 -38.75 -26.57
C LEU L 33 -16.67 -39.29 -25.19
N ASP L 34 -16.85 -38.40 -24.21
CA ASP L 34 -17.28 -38.85 -22.89
C ASP L 34 -18.67 -39.47 -22.95
N ALA L 35 -19.57 -38.87 -23.72
CA ALA L 35 -20.92 -39.41 -23.84
C ALA L 35 -20.90 -40.78 -24.49
N ILE L 36 -20.07 -40.96 -25.53
CA ILE L 36 -19.97 -42.26 -26.18
C ILE L 36 -19.51 -43.32 -25.19
N ASN L 37 -18.43 -43.03 -24.46
CA ASN L 37 -17.96 -43.96 -23.45
C ASN L 37 -19.05 -44.25 -22.41
N LEU L 38 -19.78 -43.23 -21.99
CA LEU L 38 -20.82 -43.42 -20.99
C LEU L 38 -21.89 -44.38 -21.49
N TYR L 39 -22.40 -44.14 -22.71
CA TYR L 39 -23.51 -44.94 -23.22
C TYR L 39 -23.03 -46.34 -23.61
N GLU L 40 -21.81 -46.46 -24.14
CA GLU L 40 -21.26 -47.78 -24.44
CA GLU L 40 -21.27 -47.78 -24.45
C GLU L 40 -21.10 -48.60 -23.17
N GLN L 41 -20.66 -47.96 -22.08
CA GLN L 41 -20.55 -48.65 -20.80
C GLN L 41 -21.91 -49.07 -20.27
N MET L 42 -22.89 -48.17 -20.35
CA MET L 42 -24.24 -48.52 -19.91
C MET L 42 -24.79 -49.71 -20.68
N ALA L 43 -24.63 -49.69 -22.01
CA ALA L 43 -25.15 -50.77 -22.83
C ALA L 43 -24.53 -52.11 -22.46
N ARG L 44 -23.28 -52.10 -21.99
CA ARG L 44 -22.60 -53.34 -21.64
CA ARG L 44 -22.60 -53.34 -21.65
C ARG L 44 -23.32 -54.08 -20.53
N TYR L 45 -23.88 -53.35 -19.58
CA TYR L 45 -24.50 -53.96 -18.40
C TYR L 45 -26.03 -53.96 -18.47
N SER L 46 -26.62 -53.59 -19.60
CA SER L 46 -28.06 -53.57 -19.75
C SER L 46 -28.53 -54.89 -20.35
N GLU L 47 -29.18 -55.72 -19.53
CA GLU L 47 -29.83 -56.92 -20.03
C GLU L 47 -31.14 -56.60 -20.75
N ASP L 48 -31.75 -55.46 -20.44
CA ASP L 48 -32.94 -55.02 -21.16
C ASP L 48 -32.55 -54.68 -22.58
N GLU L 49 -33.01 -55.48 -23.54
CA GLU L 49 -32.56 -55.34 -24.93
C GLU L 49 -33.02 -54.01 -25.52
N ASN L 50 -34.18 -53.50 -25.09
CA ASN L 50 -34.66 -52.23 -25.63
C ASN L 50 -33.79 -51.07 -25.19
N VAL L 51 -33.41 -51.04 -23.91
CA VAL L 51 -32.54 -49.97 -23.43
C VAL L 51 -31.18 -50.05 -24.12
N ARG L 52 -30.62 -51.25 -24.24
CA ARG L 52 -29.34 -51.40 -24.92
C ARG L 52 -29.41 -50.85 -26.35
N LYS L 53 -30.48 -51.19 -27.08
CA LYS L 53 -30.57 -50.78 -28.47
C LYS L 53 -30.61 -49.26 -28.60
N ILE L 54 -31.32 -48.58 -27.70
CA ILE L 54 -31.35 -47.13 -27.75
C ILE L 54 -30.00 -46.55 -27.34
N LEU L 55 -29.39 -47.10 -26.29
CA LEU L 55 -28.08 -46.64 -25.87
C LEU L 55 -27.08 -46.71 -27.03
N LEU L 56 -27.08 -47.83 -27.75
CA LEU L 56 -26.14 -47.99 -28.85
C LEU L 56 -26.50 -47.09 -30.02
N ASP L 57 -27.79 -46.85 -30.26
CA ASP L 57 -28.17 -45.97 -31.36
C ASP L 57 -27.85 -44.51 -31.04
N VAL L 58 -28.06 -44.10 -29.79
CA VAL L 58 -27.67 -42.75 -29.38
C VAL L 58 -26.16 -42.59 -29.47
N ALA L 59 -25.41 -43.57 -28.97
CA ALA L 59 -23.96 -43.51 -29.07
C ALA L 59 -23.52 -43.37 -30.52
N ARG L 60 -24.18 -44.09 -31.43
CA ARG L 60 -23.89 -43.94 -32.85
C ARG L 60 -24.07 -42.50 -33.30
N GLU L 61 -25.15 -41.85 -32.84
CA GLU L 61 -25.38 -40.47 -33.25
C GLU L 61 -24.39 -39.52 -32.62
N GLU L 62 -23.91 -39.81 -31.40
CA GLU L 62 -22.84 -39.00 -30.83
C GLU L 62 -21.56 -39.13 -31.64
N LYS L 63 -21.32 -40.30 -32.24
CA LYS L 63 -20.15 -40.47 -33.09
C LYS L 63 -20.22 -39.57 -34.31
N ALA L 64 -21.42 -39.29 -34.81
CA ALA L 64 -21.56 -38.33 -35.90
C ALA L 64 -21.27 -36.92 -35.42
N HIS L 65 -21.66 -36.59 -34.19
CA HIS L 65 -21.34 -35.27 -33.65
C HIS L 65 -19.84 -35.06 -33.57
N VAL L 66 -19.09 -36.10 -33.22
CA VAL L 66 -17.63 -36.00 -33.24
C VAL L 66 -17.17 -35.54 -34.62
N GLY L 67 -17.74 -36.14 -35.66
CA GLY L 67 -17.35 -35.76 -37.02
C GLY L 67 -17.70 -34.32 -37.33
N GLU L 68 -18.87 -33.86 -36.90
CA GLU L 68 -19.27 -32.49 -37.19
C GLU L 68 -18.32 -31.49 -36.54
N PHE L 69 -18.05 -31.67 -35.25
CA PHE L 69 -17.13 -30.77 -34.57
C PHE L 69 -15.72 -30.90 -35.13
N MET L 70 -15.31 -32.13 -35.47
CA MET L 70 -13.98 -32.33 -36.05
CA MET L 70 -13.98 -32.33 -36.05
C MET L 70 -13.84 -31.58 -37.37
N ALA L 71 -14.88 -31.62 -38.21
CA ALA L 71 -14.83 -30.90 -39.47
C ALA L 71 -14.61 -29.41 -39.24
N LEU L 72 -15.33 -28.83 -38.27
CA LEU L 72 -15.13 -27.42 -37.94
C LEU L 72 -13.73 -27.17 -37.39
N LEU L 73 -13.27 -28.05 -36.50
CA LEU L 73 -11.94 -27.87 -35.91
C LEU L 73 -10.85 -27.91 -36.97
N LEU L 74 -10.90 -28.92 -37.84
CA LEU L 74 -9.91 -29.02 -38.90
C LEU L 74 -9.92 -27.80 -39.81
N ASN L 75 -11.11 -27.25 -40.05
CA ASN L 75 -11.21 -26.06 -40.91
C ASN L 75 -10.58 -24.83 -40.25
N LEU L 76 -10.60 -24.75 -38.93
CA LEU L 76 -10.03 -23.62 -38.21
C LEU L 76 -8.63 -23.87 -37.70
N ASP L 77 -8.17 -25.13 -37.69
CA ASP L 77 -6.88 -25.51 -37.13
C ASP L 77 -6.09 -26.25 -38.21
N PRO L 78 -5.49 -25.51 -39.16
CA PRO L 78 -4.72 -26.19 -40.22
C PRO L 78 -3.58 -27.03 -39.68
N GLU L 79 -3.00 -26.64 -38.55
CA GLU L 79 -1.95 -27.44 -37.95
C GLU L 79 -2.48 -28.83 -37.60
N GLN L 80 -3.72 -28.91 -37.13
CA GLN L 80 -4.31 -30.21 -36.82
C GLN L 80 -4.50 -31.06 -38.07
N VAL L 81 -4.79 -30.43 -39.22
CA VAL L 81 -4.90 -31.18 -40.47
C VAL L 81 -3.57 -31.89 -40.76
N THR L 82 -2.48 -31.13 -40.73
CA THR L 82 -1.16 -31.73 -40.98
C THR L 82 -0.83 -32.82 -39.97
N GLU L 83 -1.00 -32.53 -38.68
CA GLU L 83 -0.59 -33.48 -37.65
C GLU L 83 -1.51 -34.69 -37.60
N LEU L 84 -2.78 -34.53 -37.97
CA LEU L 84 -3.66 -35.69 -38.09
C LEU L 84 -3.13 -36.64 -39.17
N LYS L 85 -2.78 -36.09 -40.33
CA LYS L 85 -2.17 -36.90 -41.38
C LYS L 85 -0.88 -37.53 -40.90
N GLY L 86 0.00 -36.72 -40.30
CA GLY L 86 1.24 -37.27 -39.77
C GLY L 86 1.01 -38.34 -38.73
N GLY L 87 -0.02 -38.17 -37.89
CA GLY L 87 -0.34 -39.19 -36.91
C GLY L 87 -0.81 -40.48 -37.54
N PHE L 88 -1.66 -40.38 -38.58
CA PHE L 88 -2.07 -41.57 -39.31
C PHE L 88 -0.87 -42.29 -39.91
N GLU L 89 0.06 -41.53 -40.50
CA GLU L 89 1.23 -42.15 -41.11
C GLU L 89 2.11 -42.82 -40.07
N GLU L 90 2.26 -42.21 -38.89
CA GLU L 90 3.05 -42.81 -37.84
C GLU L 90 2.46 -44.15 -37.40
N VAL L 91 1.14 -44.21 -37.24
CA VAL L 91 0.50 -45.47 -36.87
C VAL L 91 0.70 -46.52 -37.96
N LYS L 92 0.57 -46.10 -39.21
CA LYS L 92 0.75 -47.04 -40.33
C LYS L 92 2.16 -47.63 -40.31
N GLU L 93 3.18 -46.80 -40.08
CA GLU L 93 4.55 -47.29 -40.07
C GLU L 93 4.79 -48.25 -38.90
N LEU L 94 4.30 -47.90 -37.71
CA LEU L 94 4.60 -48.68 -36.52
C LEU L 94 3.75 -49.94 -36.41
N THR L 95 2.57 -49.97 -37.01
CA THR L 95 1.64 -51.08 -36.84
C THR L 95 1.08 -51.63 -38.14
N GLY L 96 1.19 -50.92 -39.26
CA GLY L 96 0.54 -51.32 -40.48
C GLY L 96 -0.92 -50.93 -40.57
N ILE L 97 -1.52 -50.41 -39.51
CA ILE L 97 -2.92 -49.99 -39.54
C ILE L 97 -3.05 -48.75 -40.40
N GLU L 98 -4.00 -48.78 -41.34
CA GLU L 98 -4.22 -47.65 -42.23
C GLU L 98 -5.72 -47.33 -42.32
N GLY M 2 -13.04 24.40 -16.60
CA GLY M 2 -13.85 24.90 -15.51
C GLY M 2 -14.92 25.87 -15.97
N LEU M 3 -15.68 26.40 -15.01
CA LEU M 3 -16.75 27.35 -15.33
C LEU M 3 -16.30 28.80 -15.28
N SER M 4 -15.25 29.12 -14.53
CA SER M 4 -14.79 30.51 -14.46
C SER M 4 -14.13 30.90 -15.78
N ILE M 5 -14.17 32.20 -16.07
CA ILE M 5 -13.64 32.75 -17.31
C ILE M 5 -12.19 33.16 -17.11
N ASN M 6 -11.37 32.87 -18.11
CA ASN M 6 -10.00 33.38 -18.13
C ASN M 6 -10.06 34.91 -18.24
N PRO M 7 -9.52 35.64 -17.26
CA PRO M 7 -9.64 37.11 -17.31
C PRO M 7 -9.16 37.74 -18.61
N THR M 8 -8.24 37.08 -19.33
CA THR M 8 -7.81 37.61 -20.62
C THR M 8 -9.00 37.85 -21.54
N LEU M 9 -10.07 37.09 -21.37
CA LEU M 9 -11.24 37.18 -22.23
C LEU M 9 -12.35 38.07 -21.67
N ILE M 10 -12.20 38.56 -20.43
CA ILE M 10 -13.25 39.37 -19.80
C ILE M 10 -13.11 40.80 -20.30
N ASN M 11 -14.09 41.26 -21.06
CA ASN M 11 -14.16 42.65 -21.50
C ASN M 11 -15.43 43.33 -21.04
N ARG M 12 -16.21 42.69 -20.17
CA ARG M 12 -17.43 43.28 -19.66
C ARG M 12 -17.13 44.33 -18.60
N ASP M 13 -17.86 45.43 -18.65
CA ASP M 13 -17.72 46.52 -17.69
C ASP M 13 -18.98 46.83 -16.92
N LYS M 14 -20.17 46.56 -17.49
CA LYS M 14 -21.39 46.95 -16.81
C LYS M 14 -21.88 45.82 -15.90
N PRO M 15 -22.65 46.16 -14.86
CA PRO M 15 -23.09 45.15 -13.91
C PRO M 15 -24.18 44.26 -14.50
N TYR M 16 -24.38 43.12 -13.83
CA TYR M 16 -25.42 42.19 -14.25
C TYR M 16 -26.80 42.84 -14.16
N THR M 17 -27.64 42.57 -15.15
CA THR M 17 -29.03 42.93 -15.07
C THR M 17 -29.75 42.02 -14.09
N LYS M 18 -31.01 42.35 -13.79
CA LYS M 18 -31.79 41.51 -12.89
C LYS M 18 -31.92 40.09 -13.45
N GLU M 19 -32.11 39.96 -14.76
CA GLU M 19 -32.20 38.63 -15.36
C GLU M 19 -30.85 37.92 -15.29
N GLU M 20 -29.76 38.64 -15.55
CA GLU M 20 -28.44 38.02 -15.49
C GLU M 20 -28.09 37.58 -14.07
N LEU M 21 -28.57 38.32 -13.06
CA LEU M 21 -28.35 37.90 -11.68
C LEU M 21 -28.99 36.56 -11.40
N MET M 22 -30.23 36.36 -11.89
CA MET M 22 -30.87 35.06 -11.75
CA MET M 22 -30.87 35.07 -11.76
C MET M 22 -30.03 33.97 -12.41
N GLU M 23 -29.45 34.26 -13.58
CA GLU M 23 -28.71 33.26 -14.32
C GLU M 23 -27.41 32.88 -13.62
N ILE M 24 -26.70 33.84 -13.01
CA ILE M 24 -25.46 33.47 -12.34
C ILE M 24 -25.75 32.69 -11.07
N LEU M 25 -26.90 32.92 -10.44
CA LEU M 25 -27.28 32.10 -9.29
C LEU M 25 -27.56 30.67 -9.71
N ARG M 26 -28.24 30.49 -10.84
CA ARG M 26 -28.44 29.13 -11.36
C ARG M 26 -27.11 28.49 -11.74
N LEU M 27 -26.20 29.28 -12.31
CA LEU M 27 -24.88 28.76 -12.66
C LEU M 27 -24.08 28.42 -11.41
N ALA M 28 -24.22 29.22 -10.35
CA ALA M 28 -23.55 28.90 -9.10
C ALA M 28 -24.05 27.57 -8.54
N ILE M 29 -25.36 27.33 -8.62
CA ILE M 29 -25.91 26.05 -8.17
C ILE M 29 -25.35 24.91 -9.01
N ILE M 30 -25.27 25.12 -10.33
CA ILE M 30 -24.67 24.12 -11.20
C ILE M 30 -23.26 23.78 -10.74
N ALA M 31 -22.47 24.81 -10.43
CA ALA M 31 -21.09 24.58 -9.99
C ALA M 31 -21.05 23.78 -8.70
N GLU M 32 -21.94 24.08 -7.74
CA GLU M 32 -21.96 23.36 -6.48
C GLU M 32 -22.38 21.90 -6.67
N LEU M 33 -23.42 21.66 -7.49
CA LEU M 33 -23.87 20.30 -7.73
C LEU M 33 -22.77 19.48 -8.42
N ASP M 34 -22.03 20.09 -9.34
CA ASP M 34 -20.92 19.39 -9.98
C ASP M 34 -19.84 19.05 -8.96
N ALA M 35 -19.55 19.98 -8.05
CA ALA M 35 -18.54 19.72 -7.02
C ALA M 35 -18.97 18.59 -6.09
N ILE M 36 -20.25 18.56 -5.71
CA ILE M 36 -20.75 17.49 -4.86
C ILE M 36 -20.57 16.15 -5.56
N ASN M 37 -21.02 16.05 -6.81
CA ASN M 37 -20.83 14.82 -7.57
C ASN M 37 -19.36 14.44 -7.65
N LEU M 38 -18.49 15.43 -7.88
CA LEU M 38 -17.06 15.14 -7.99
C LEU M 38 -16.52 14.54 -6.70
N TYR M 39 -16.80 15.18 -5.57
CA TYR M 39 -16.25 14.74 -4.30
C TYR M 39 -16.90 13.44 -3.84
N GLU M 40 -18.18 13.25 -4.12
CA GLU M 40 -18.85 11.99 -3.80
CA GLU M 40 -18.84 11.99 -3.79
C GLU M 40 -18.24 10.85 -4.59
N GLN M 41 -17.90 11.09 -5.86
CA GLN M 41 -17.26 10.06 -6.68
C GLN M 41 -15.86 9.76 -6.18
N MET M 42 -15.08 10.81 -5.85
CA MET M 42 -13.74 10.60 -5.31
C MET M 42 -13.79 9.79 -4.02
N ALA M 43 -14.72 10.12 -3.13
CA ALA M 43 -14.81 9.41 -1.86
C ALA M 43 -15.09 7.93 -2.07
N ARG M 44 -15.84 7.57 -3.11
CA ARG M 44 -16.22 6.18 -3.33
C ARG M 44 -15.00 5.31 -3.64
N TYR M 45 -13.99 5.86 -4.32
CA TYR M 45 -12.82 5.10 -4.71
C TYR M 45 -11.60 5.36 -3.84
N SER M 46 -11.75 6.19 -2.81
CA SER M 46 -10.65 6.49 -1.89
C SER M 46 -10.73 5.51 -0.72
N GLU M 47 -9.77 4.58 -0.66
CA GLU M 47 -9.67 3.67 0.47
C GLU M 47 -8.86 4.24 1.61
N ASP M 48 -8.20 5.38 1.41
CA ASP M 48 -7.60 6.15 2.50
C ASP M 48 -8.72 6.80 3.30
N GLU M 49 -8.87 6.39 4.56
CA GLU M 49 -10.01 6.85 5.35
C GLU M 49 -9.90 8.34 5.68
N ASN M 50 -8.69 8.86 5.81
CA ASN M 50 -8.52 10.29 6.06
C ASN M 50 -8.99 11.11 4.86
N VAL M 51 -8.61 10.70 3.65
CA VAL M 51 -9.03 11.41 2.46
C VAL M 51 -10.55 11.31 2.30
N ARG M 52 -11.10 10.12 2.47
CA ARG M 52 -12.55 9.94 2.33
CA ARG M 52 -12.55 9.94 2.33
C ARG M 52 -13.31 10.84 3.30
N LYS M 53 -12.84 10.92 4.54
CA LYS M 53 -13.55 11.70 5.55
C LYS M 53 -13.60 13.18 5.18
N ILE M 54 -12.49 13.72 4.68
CA ILE M 54 -12.45 15.12 4.30
C ILE M 54 -13.32 15.37 3.06
N LEU M 55 -13.24 14.47 2.07
CA LEU M 55 -14.07 14.61 0.88
C LEU M 55 -15.54 14.69 1.24
N LEU M 56 -16.00 13.82 2.14
CA LEU M 56 -17.40 13.80 2.52
C LEU M 56 -17.78 15.04 3.33
N ASP M 57 -16.84 15.56 4.13
CA ASP M 57 -17.15 16.76 4.91
C ASP M 57 -17.18 18.00 4.02
N VAL M 58 -16.29 18.08 3.04
CA VAL M 58 -16.34 19.18 2.08
C VAL M 58 -17.64 19.11 1.29
N ALA M 59 -17.99 17.92 0.81
CA ALA M 59 -19.23 17.75 0.06
C ALA M 59 -20.42 18.21 0.87
N ARG M 60 -20.44 17.90 2.17
CA ARG M 60 -21.51 18.38 3.04
C ARG M 60 -21.58 19.90 3.03
N GLU M 61 -20.43 20.57 3.07
CA GLU M 61 -20.43 22.03 3.07
C GLU M 61 -20.84 22.59 1.72
N GLU M 62 -20.54 21.88 0.63
CA GLU M 62 -21.05 22.31 -0.67
C GLU M 62 -22.57 22.20 -0.74
N LYS M 63 -23.14 21.21 -0.05
CA LYS M 63 -24.60 21.09 0.00
C LYS M 63 -25.23 22.27 0.70
N ALA M 64 -24.55 22.86 1.68
CA ALA M 64 -25.04 24.08 2.30
C ALA M 64 -24.95 25.26 1.34
N HIS M 65 -23.90 25.30 0.51
CA HIS M 65 -23.79 26.34 -0.50
C HIS M 65 -24.96 26.28 -1.48
N VAL M 66 -25.40 25.07 -1.83
CA VAL M 66 -26.59 24.92 -2.66
C VAL M 66 -27.76 25.65 -2.03
N GLY M 67 -27.93 25.48 -0.71
CA GLY M 67 -29.02 26.14 -0.02
C GLY M 67 -28.92 27.65 -0.06
N GLU M 68 -27.71 28.18 0.12
CA GLU M 68 -27.52 29.62 0.12
C GLU M 68 -27.89 30.22 -1.23
N PHE M 69 -27.36 29.66 -2.31
CA PHE M 69 -27.68 30.18 -3.64
C PHE M 69 -29.15 29.98 -3.98
N MET M 70 -29.73 28.85 -3.57
CA MET M 70 -31.16 28.62 -3.78
CA MET M 70 -31.15 28.62 -3.79
C MET M 70 -32.00 29.67 -3.08
N ALA M 71 -31.63 30.01 -1.84
CA ALA M 71 -32.39 31.02 -1.11
C ALA M 71 -32.39 32.35 -1.85
N LEU M 72 -31.24 32.76 -2.36
CA LEU M 72 -31.17 33.99 -3.15
C LEU M 72 -31.98 33.86 -4.43
N LEU M 73 -31.88 32.73 -5.11
CA LEU M 73 -32.60 32.54 -6.36
C LEU M 73 -34.11 32.61 -6.13
N LEU M 74 -34.61 31.88 -5.13
CA LEU M 74 -36.03 31.92 -4.82
C LEU M 74 -36.48 33.33 -4.45
N ASN M 75 -35.61 34.10 -3.80
CA ASN M 75 -35.94 35.47 -3.43
C ASN M 75 -36.06 36.36 -4.66
N LEU M 76 -35.28 36.06 -5.72
CA LEU M 76 -35.30 36.86 -6.93
C LEU M 76 -36.18 36.27 -8.03
N ASP M 77 -36.60 35.01 -7.91
CA ASP M 77 -37.36 34.32 -8.95
C ASP M 77 -38.65 33.81 -8.34
N PRO M 78 -39.65 34.68 -8.18
CA PRO M 78 -40.92 34.21 -7.60
C PRO M 78 -41.56 33.09 -8.39
N GLU M 79 -41.37 33.07 -9.71
CA GLU M 79 -41.89 31.97 -10.52
C GLU M 79 -41.29 30.64 -10.06
N GLN M 80 -40.00 30.64 -9.71
CA GLN M 80 -39.37 29.41 -9.24
C GLN M 80 -39.98 28.95 -7.93
N VAL M 81 -40.40 29.88 -7.07
CA VAL M 81 -41.06 29.49 -5.83
C VAL M 81 -42.33 28.71 -6.13
N THR M 82 -43.19 29.25 -6.99
CA THR M 82 -44.42 28.56 -7.35
C THR M 82 -44.13 27.20 -7.98
N GLU M 83 -43.19 27.17 -8.95
CA GLU M 83 -42.95 25.93 -9.69
C GLU M 83 -42.21 24.90 -8.84
N LEU M 84 -41.38 25.34 -7.90
CA LEU M 84 -40.75 24.40 -6.97
C LEU M 84 -41.82 23.68 -6.16
N LYS M 85 -42.80 24.42 -5.65
CA LYS M 85 -43.91 23.80 -4.93
C LYS M 85 -44.70 22.88 -5.85
N GLY M 86 -45.00 23.34 -7.07
CA GLY M 86 -45.72 22.50 -8.00
C GLY M 86 -44.98 21.22 -8.34
N GLY M 87 -43.66 21.31 -8.48
CA GLY M 87 -42.87 20.12 -8.74
C GLY M 87 -42.89 19.15 -7.57
N PHE M 88 -42.79 19.68 -6.34
CA PHE M 88 -42.92 18.83 -5.17
C PHE M 88 -44.26 18.09 -5.17
N GLU M 89 -45.34 18.82 -5.49
CA GLU M 89 -46.67 18.19 -5.49
C GLU M 89 -46.80 17.15 -6.58
N GLU M 90 -46.22 17.42 -7.76
CA GLU M 90 -46.29 16.44 -8.84
C GLU M 90 -45.61 15.14 -8.44
N VAL M 91 -44.46 15.22 -7.77
CA VAL M 91 -43.78 14.01 -7.32
C VAL M 91 -44.63 13.27 -6.30
N LYS M 92 -45.26 14.01 -5.37
CA LYS M 92 -46.13 13.38 -4.39
C LYS M 92 -47.24 12.59 -5.07
N GLU M 93 -47.89 13.19 -6.07
CA GLU M 93 -49.02 12.53 -6.73
C GLU M 93 -48.58 11.32 -7.53
N LEU M 94 -47.42 11.40 -8.18
CA LEU M 94 -46.97 10.29 -9.04
C LEU M 94 -46.30 9.18 -8.25
N THR M 95 -45.72 9.49 -7.08
CA THR M 95 -44.94 8.52 -6.33
C THR M 95 -45.28 8.45 -4.85
N GLY M 96 -46.00 9.42 -4.30
CA GLY M 96 -46.21 9.47 -2.86
C GLY M 96 -45.07 10.04 -2.06
N ILE M 97 -43.93 10.33 -2.69
CA ILE M 97 -42.80 10.90 -1.98
C ILE M 97 -43.11 12.33 -1.57
N GLU M 98 -42.74 12.68 -0.33
CA GLU M 98 -42.92 14.03 0.18
C GLU M 98 -41.62 14.56 0.77
N GLY N 2 20.22 11.00 29.45
CA GLY N 2 19.71 10.71 28.12
C GLY N 2 20.45 11.49 27.03
N LEU N 3 20.02 11.31 25.79
CA LEU N 3 20.65 12.00 24.67
C LEU N 3 19.98 13.32 24.33
N SER N 4 18.71 13.51 24.67
CA SER N 4 18.03 14.76 24.39
C SER N 4 18.55 15.88 25.29
N ILE N 5 18.47 17.10 24.81
CA ILE N 5 18.98 18.26 25.51
C ILE N 5 17.87 18.88 26.36
N ASN N 6 18.23 19.30 27.56
CA ASN N 6 17.33 20.09 28.40
C ASN N 6 17.05 21.41 27.70
N PRO N 7 15.79 21.73 27.36
CA PRO N 7 15.51 22.95 26.61
C PRO N 7 16.10 24.21 27.24
N THR N 8 16.30 24.22 28.56
CA THR N 8 16.93 25.36 29.21
C THR N 8 18.28 25.69 28.57
N LEU N 9 18.95 24.69 28.01
CA LEU N 9 20.26 24.87 27.41
C LEU N 9 20.22 25.07 25.90
N ILE N 10 19.06 24.93 25.27
CA ILE N 10 18.96 25.07 23.82
C ILE N 10 18.88 26.56 23.49
N ASN N 11 19.94 27.10 22.91
CA ASN N 11 19.95 28.46 22.40
C ASN N 11 20.16 28.52 20.90
N ARG N 12 20.26 27.38 20.22
CA ARG N 12 20.45 27.37 18.78
C ARG N 12 19.17 27.83 18.09
N ASP N 13 19.35 28.64 17.04
CA ASP N 13 18.24 29.13 16.26
C ASP N 13 18.31 28.76 14.77
N LYS N 14 19.51 28.55 14.23
CA LYS N 14 19.63 28.29 12.80
C LYS N 14 19.47 26.79 12.51
N PRO N 15 19.05 26.43 11.31
CA PRO N 15 18.82 25.01 11.01
C PRO N 15 20.13 24.26 10.80
N TYR N 16 20.02 22.93 10.86
CA TYR N 16 21.17 22.06 10.65
C TYR N 16 21.74 22.26 9.25
N THR N 17 23.06 22.27 9.15
CA THR N 17 23.71 22.19 7.86
C THR N 17 23.58 20.77 7.31
N LYS N 18 23.92 20.60 6.04
CA LYS N 18 23.88 19.27 5.44
C LYS N 18 24.77 18.30 6.20
N GLU N 19 25.95 18.77 6.64
CA GLU N 19 26.84 17.93 7.43
C GLU N 19 26.21 17.56 8.77
N GLU N 20 25.66 18.57 9.48
CA GLU N 20 25.04 18.30 10.77
C GLU N 20 23.85 17.37 10.63
N LEU N 21 23.18 17.41 9.47
CA LEU N 21 22.03 16.54 9.26
C LEU N 21 22.45 15.07 9.18
N MET N 22 23.61 14.79 8.59
CA MET N 22 24.14 13.44 8.62
C MET N 22 24.48 13.03 10.05
N GLU N 23 24.99 13.97 10.84
CA GLU N 23 25.42 13.65 12.20
C GLU N 23 24.24 13.33 13.10
N ILE N 24 23.12 14.03 12.94
CA ILE N 24 21.96 13.73 13.78
C ILE N 24 21.33 12.42 13.35
N LEU N 25 21.47 12.02 12.09
CA LEU N 25 20.99 10.71 11.66
C LEU N 25 21.82 9.60 12.30
N ARG N 26 23.14 9.78 12.37
CA ARG N 26 23.97 8.80 13.07
C ARG N 26 23.64 8.77 14.55
N LEU N 27 23.38 9.94 15.15
CA LEU N 27 23.03 9.98 16.56
C LEU N 27 21.67 9.32 16.79
N ALA N 28 20.74 9.47 15.85
CA ALA N 28 19.47 8.79 15.95
C ALA N 28 19.64 7.28 15.93
N ILE N 29 20.55 6.78 15.08
CA ILE N 29 20.84 5.35 15.05
C ILE N 29 21.47 4.92 16.37
N ILE N 30 22.39 5.73 16.90
CA ILE N 30 22.97 5.43 18.21
C ILE N 30 21.87 5.29 19.25
N ALA N 31 20.92 6.22 19.26
CA ALA N 31 19.84 6.17 20.24
C ALA N 31 19.02 4.89 20.10
N GLU N 32 18.73 4.49 18.85
CA GLU N 32 17.95 3.28 18.62
C GLU N 32 18.72 2.04 19.06
N LEU N 33 20.00 1.95 18.71
CA LEU N 33 20.79 0.78 19.10
C LEU N 33 20.89 0.67 20.62
N ASP N 34 21.03 1.80 21.31
CA ASP N 34 21.05 1.77 22.77
C ASP N 34 19.73 1.26 23.33
N ALA N 35 18.61 1.70 22.76
CA ALA N 35 17.31 1.25 23.24
C ALA N 35 17.12 -0.25 23.00
N ILE N 36 17.58 -0.75 21.84
CA ILE N 36 17.48 -2.17 21.57
C ILE N 36 18.26 -2.95 22.62
N ASN N 37 19.51 -2.56 22.87
CA ASN N 37 20.30 -3.22 23.90
C ASN N 37 19.60 -3.16 25.25
N LEU N 38 19.02 -2.00 25.58
CA LEU N 38 18.36 -1.85 26.87
C LEU N 38 17.21 -2.85 27.01
N TYR N 39 16.32 -2.91 26.01
CA TYR N 39 15.14 -3.75 26.10
C TYR N 39 15.50 -5.23 25.98
N GLU N 40 16.49 -5.57 25.17
CA GLU N 40 16.94 -6.95 25.10
CA GLU N 40 16.94 -6.95 25.10
C GLU N 40 17.50 -7.41 26.45
N GLN N 41 18.24 -6.53 27.13
CA GLN N 41 18.76 -6.85 28.46
C GLN N 41 17.63 -7.01 29.46
N MET N 42 16.65 -6.10 29.45
CA MET N 42 15.50 -6.22 30.34
C MET N 42 14.76 -7.53 30.12
N ALA N 43 14.52 -7.88 28.86
CA ALA N 43 13.79 -9.11 28.56
C ALA N 43 14.52 -10.33 29.10
N ARG N 44 15.85 -10.29 29.10
CA ARG N 44 16.64 -11.43 29.56
C ARG N 44 16.32 -11.78 31.01
N TYR N 45 16.07 -10.79 31.85
CA TYR N 45 15.86 -10.99 33.28
C TYR N 45 14.39 -10.94 33.70
N SER N 46 13.47 -10.78 32.76
CA SER N 46 12.06 -10.70 33.07
C SER N 46 11.44 -12.09 33.03
N GLU N 47 11.08 -12.62 34.21
CA GLU N 47 10.33 -13.87 34.27
C GLU N 47 8.89 -13.67 33.86
N ASP N 48 8.36 -12.47 34.05
CA ASP N 48 6.99 -12.15 33.64
C ASP N 48 6.90 -12.22 32.12
N GLU N 49 6.19 -13.22 31.60
CA GLU N 49 6.16 -13.44 30.16
C GLU N 49 5.42 -12.32 29.43
N ASN N 50 4.47 -11.65 30.11
CA ASN N 50 3.80 -10.53 29.47
C ASN N 50 4.74 -9.36 29.28
N VAL N 51 5.52 -9.02 30.32
CA VAL N 51 6.48 -7.94 30.21
C VAL N 51 7.55 -8.29 29.18
N ARG N 52 8.04 -9.53 29.23
CA ARG N 52 9.07 -9.96 28.29
C ARG N 52 8.56 -9.89 26.85
N LYS N 53 7.30 -10.26 26.63
CA LYS N 53 6.76 -10.25 25.28
C LYS N 53 6.70 -8.83 24.71
N ILE N 54 6.29 -7.87 25.53
CA ILE N 54 6.22 -6.48 25.06
C ILE N 54 7.62 -5.92 24.84
N LEU N 55 8.55 -6.20 25.77
CA LEU N 55 9.92 -5.73 25.60
C LEU N 55 10.51 -6.19 24.29
N LEU N 56 10.31 -7.47 23.94
CA LEU N 56 10.86 -7.98 22.68
C LEU N 56 10.14 -7.39 21.47
N ASP N 57 8.84 -7.13 21.57
CA ASP N 57 8.13 -6.55 20.44
C ASP N 57 8.50 -5.09 20.23
N VAL N 58 8.67 -4.34 21.31
CA VAL N 58 9.14 -2.96 21.17
C VAL N 58 10.53 -2.94 20.57
N ALA N 59 11.43 -3.81 21.09
CA ALA N 59 12.78 -3.88 20.53
C ALA N 59 12.75 -4.17 19.04
N ARG N 60 11.86 -5.06 18.61
CA ARG N 60 11.70 -5.33 17.19
C ARG N 60 11.34 -4.06 16.43
N GLU N 61 10.45 -3.24 17.00
CA GLU N 61 10.07 -2.01 16.31
C GLU N 61 11.20 -1.00 16.31
N GLU N 62 12.04 -0.98 17.36
CA GLU N 62 13.22 -0.12 17.33
C GLU N 62 14.18 -0.56 16.23
N LYS N 63 14.24 -1.87 15.96
CA LYS N 63 15.09 -2.36 14.88
C LYS N 63 14.62 -1.85 13.53
N ALA N 64 13.32 -1.63 13.36
CA ALA N 64 12.83 -1.01 12.14
C ALA N 64 13.22 0.46 12.07
N HIS N 65 13.23 1.14 13.23
CA HIS N 65 13.67 2.53 13.26
C HIS N 65 15.13 2.65 12.82
N VAL N 66 15.97 1.68 13.19
CA VAL N 66 17.33 1.67 12.68
C VAL N 66 17.32 1.68 11.15
N GLY N 67 16.45 0.88 10.55
CA GLY N 67 16.38 0.84 9.10
C GLY N 67 15.94 2.16 8.50
N GLU N 68 14.97 2.82 9.13
CA GLU N 68 14.47 4.09 8.60
C GLU N 68 15.57 5.15 8.61
N PHE N 69 16.25 5.31 9.74
CA PHE N 69 17.32 6.30 9.83
C PHE N 69 18.49 5.93 8.92
N MET N 70 18.78 4.62 8.80
CA MET N 70 19.83 4.18 7.91
CA MET N 70 19.83 4.18 7.91
C MET N 70 19.50 4.51 6.46
N ALA N 71 18.25 4.29 6.05
CA ALA N 71 17.86 4.64 4.68
C ALA N 71 18.11 6.11 4.39
N LEU N 72 17.74 6.98 5.32
CA LEU N 72 17.99 8.42 5.15
C LEU N 72 19.48 8.71 5.12
N LEU N 73 20.26 8.09 6.01
CA LEU N 73 21.68 8.35 6.08
C LEU N 73 22.37 7.92 4.79
N LEU N 74 22.05 6.71 4.30
CA LEU N 74 22.65 6.23 3.06
C LEU N 74 22.30 7.15 1.89
N ASN N 75 21.09 7.71 1.89
CA ASN N 75 20.69 8.62 0.81
C ASN N 75 21.48 9.92 0.84
N LEU N 76 21.86 10.38 2.03
CA LEU N 76 22.58 11.63 2.18
C LEU N 76 24.09 11.45 2.27
N ASP N 77 24.57 10.22 2.48
CA ASP N 77 25.99 9.93 2.67
C ASP N 77 26.41 8.87 1.66
N PRO N 78 26.64 9.26 0.41
CA PRO N 78 27.04 8.26 -0.59
C PRO N 78 28.32 7.52 -0.21
N GLU N 79 29.24 8.17 0.51
CA GLU N 79 30.43 7.48 0.97
C GLU N 79 30.07 6.30 1.88
N GLN N 80 29.06 6.47 2.72
CA GLN N 80 28.62 5.38 3.59
C GLN N 80 28.10 4.20 2.77
N VAL N 81 27.45 4.48 1.63
CA VAL N 81 27.00 3.39 0.76
C VAL N 81 28.19 2.57 0.29
N THR N 82 29.21 3.24 -0.24
CA THR N 82 30.40 2.55 -0.72
C THR N 82 31.09 1.77 0.40
N GLU N 83 31.29 2.40 1.57
CA GLU N 83 32.04 1.74 2.62
C GLU N 83 31.22 0.65 3.29
N LEU N 84 29.89 0.78 3.31
CA LEU N 84 29.06 -0.31 3.82
C LEU N 84 29.27 -1.57 2.98
N LYS N 85 29.30 -1.42 1.66
CA LYS N 85 29.56 -2.56 0.78
C LYS N 85 30.96 -3.10 0.97
N GLY N 86 31.96 -2.21 1.05
CA GLY N 86 33.32 -2.65 1.30
C GLY N 86 33.47 -3.38 2.62
N GLY N 87 32.76 -2.91 3.65
CA GLY N 87 32.79 -3.60 4.93
C GLY N 87 32.16 -4.98 4.86
N PHE N 88 31.03 -5.10 4.16
CA PHE N 88 30.42 -6.40 3.93
C PHE N 88 31.41 -7.33 3.23
N GLU N 89 32.11 -6.82 2.22
CA GLU N 89 33.04 -7.64 1.46
C GLU N 89 34.20 -8.12 2.32
N GLU N 90 34.70 -7.24 3.21
CA GLU N 90 35.80 -7.63 4.09
C GLU N 90 35.39 -8.76 5.02
N VAL N 91 34.18 -8.70 5.58
CA VAL N 91 33.70 -9.76 6.45
C VAL N 91 33.57 -11.07 5.68
N LYS N 92 33.02 -11.01 4.46
CA LYS N 92 32.92 -12.22 3.64
C LYS N 92 34.29 -12.81 3.38
N GLU N 93 35.26 -11.97 3.03
CA GLU N 93 36.59 -12.47 2.69
C GLU N 93 37.27 -13.10 3.89
N LEU N 94 37.11 -12.52 5.08
CA LEU N 94 37.82 -12.99 6.26
C LEU N 94 37.10 -14.13 6.98
N THR N 95 35.78 -14.22 6.85
CA THR N 95 35.00 -15.20 7.61
C THR N 95 34.05 -16.04 6.77
N GLY N 96 33.77 -15.64 5.52
CA GLY N 96 32.78 -16.31 4.73
C GLY N 96 31.35 -15.89 5.00
N ILE N 97 31.12 -15.07 6.04
CA ILE N 97 29.77 -14.60 6.33
C ILE N 97 29.36 -13.58 5.27
N GLU N 98 28.16 -13.75 4.73
CA GLU N 98 27.66 -12.82 3.73
C GLU N 98 26.14 -12.68 3.88
N ALA N 99 25.64 -11.51 3.51
CA ALA N 99 24.22 -11.22 3.58
C ALA N 99 23.41 -12.26 2.81
N GLY O 2 29.39 9.46 24.21
CA GLY O 2 30.48 9.52 23.23
C GLY O 2 31.23 10.83 23.30
N LEU O 3 32.21 10.98 22.41
CA LEU O 3 33.02 12.19 22.35
C LEU O 3 32.48 13.24 21.39
N SER O 4 31.70 12.84 20.39
CA SER O 4 31.14 13.80 19.46
C SER O 4 30.06 14.64 20.13
N ILE O 5 29.88 15.86 19.63
CA ILE O 5 28.93 16.80 20.20
C ILE O 5 27.61 16.66 19.47
N ASN O 6 26.51 16.72 20.22
CA ASN O 6 25.18 16.79 19.63
C ASN O 6 25.07 18.08 18.82
N PRO O 7 24.80 18.01 17.51
CA PRO O 7 24.75 19.25 16.71
C PRO O 7 23.81 20.31 17.26
N THR O 8 22.77 19.92 17.99
CA THR O 8 21.88 20.90 18.61
C THR O 8 22.65 21.89 19.47
N LEU O 9 23.77 21.47 20.05
CA LEU O 9 24.55 22.30 20.95
C LEU O 9 25.72 23.01 20.28
N ILE O 10 26.00 22.71 19.01
CA ILE O 10 27.13 23.31 18.32
C ILE O 10 26.73 24.69 17.84
N ASN O 11 27.39 25.72 18.37
CA ASN O 11 27.19 27.09 17.94
C ASN O 11 28.49 27.76 17.52
N ARG O 12 29.60 27.01 17.47
CA ARG O 12 30.87 27.57 17.05
C ARG O 12 30.88 27.82 15.55
N ASP O 13 31.44 28.95 15.15
CA ASP O 13 31.58 29.31 13.74
C ASP O 13 33.02 29.54 13.32
N LYS O 14 33.89 29.94 14.23
CA LYS O 14 35.28 30.18 13.89
C LYS O 14 36.01 28.85 13.67
N PRO O 15 36.98 28.82 12.76
CA PRO O 15 37.78 27.61 12.61
C PRO O 15 38.75 27.45 13.77
N TYR O 16 39.28 26.24 13.92
CA TYR O 16 40.23 25.97 14.99
C TYR O 16 41.47 26.83 14.82
N THR O 17 41.98 27.34 15.93
CA THR O 17 43.29 27.97 15.94
C THR O 17 44.36 26.89 15.80
N LYS O 18 45.62 27.35 15.66
CA LYS O 18 46.73 26.41 15.62
C LYS O 18 46.82 25.59 16.91
N GLU O 19 46.64 26.24 18.06
CA GLU O 19 46.63 25.51 19.33
C GLU O 19 45.49 24.50 19.37
N GLU O 20 44.28 24.94 19.01
CA GLU O 20 43.13 24.03 19.04
C GLU O 20 43.31 22.86 18.08
N LEU O 21 44.01 23.08 16.96
CA LEU O 21 44.28 21.99 16.04
C LEU O 21 45.10 20.89 16.71
N MET O 22 46.09 21.28 17.51
CA MET O 22 46.87 20.28 18.24
C MET O 22 45.98 19.53 19.22
N GLU O 23 45.04 20.22 19.85
CA GLU O 23 44.20 19.61 20.87
C GLU O 23 43.23 18.59 20.29
N ILE O 24 42.68 18.86 19.10
CA ILE O 24 41.75 17.89 18.51
C ILE O 24 42.49 16.67 18.00
N LEU O 25 43.76 16.83 17.62
CA LEU O 25 44.56 15.67 17.24
C LEU O 25 44.82 14.77 18.45
N ARG O 26 45.10 15.37 19.61
CA ARG O 26 45.25 14.57 20.83
C ARG O 26 43.93 13.92 21.20
N LEU O 27 42.82 14.64 21.04
CA LEU O 27 41.51 14.05 21.32
C LEU O 27 41.18 12.94 20.33
N ALA O 28 41.61 13.11 19.07
CA ALA O 28 41.41 12.04 18.09
C ALA O 28 42.18 10.79 18.49
N ILE O 29 43.40 10.96 19.00
CA ILE O 29 44.17 9.82 19.49
C ILE O 29 43.48 9.19 20.69
N ILE O 30 42.95 10.01 21.59
CA ILE O 30 42.19 9.49 22.73
C ILE O 30 41.04 8.61 22.24
N ALA O 31 40.29 9.09 21.25
CA ALA O 31 39.16 8.32 20.75
C ALA O 31 39.62 6.99 20.16
N GLU O 32 40.74 7.00 19.42
CA GLU O 32 41.24 5.76 18.84
C GLU O 32 41.72 4.79 19.90
N LEU O 33 42.46 5.28 20.89
CA LEU O 33 42.94 4.40 21.96
C LEU O 33 41.77 3.80 22.74
N ASP O 34 40.71 4.58 22.97
CA ASP O 34 39.52 4.05 23.63
C ASP O 34 38.87 2.96 22.78
N ALA O 35 38.80 3.18 21.47
CA ALA O 35 38.21 2.18 20.58
C ALA O 35 39.02 0.89 20.57
N ILE O 36 40.34 1.01 20.57
CA ILE O 36 41.19 -0.19 20.61
C ILE O 36 40.91 -0.99 21.88
N ASN O 37 40.91 -0.31 23.04
CA ASN O 37 40.61 -0.99 24.28
C ASN O 37 39.23 -1.64 24.24
N LEU O 38 38.24 -0.93 23.68
CA LEU O 38 36.89 -1.46 23.62
C LEU O 38 36.86 -2.75 22.80
N TYR O 39 37.44 -2.73 21.61
CA TYR O 39 37.38 -3.90 20.73
C TYR O 39 38.26 -5.03 21.24
N GLU O 40 39.42 -4.71 21.83
CA GLU O 40 40.26 -5.73 22.42
CA GLU O 40 40.25 -5.74 22.42
C GLU O 40 39.53 -6.44 23.57
N GLN O 41 38.79 -5.68 24.37
CA GLN O 41 38.02 -6.26 25.47
C GLN O 41 36.88 -7.12 24.94
N MET O 42 36.16 -6.63 23.94
CA MET O 42 35.09 -7.43 23.33
C MET O 42 35.63 -8.74 22.79
N ALA O 43 36.76 -8.69 22.09
CA ALA O 43 37.34 -9.91 21.54
C ALA O 43 37.68 -10.91 22.63
N ARG O 44 38.11 -10.43 23.80
CA ARG O 44 38.49 -11.31 24.89
C ARG O 44 37.36 -12.24 25.30
N TYR O 45 36.13 -11.73 25.29
CA TYR O 45 34.98 -12.49 25.77
C TYR O 45 34.14 -13.10 24.64
N SER O 46 34.54 -12.90 23.39
CA SER O 46 33.82 -13.47 22.25
C SER O 46 34.41 -14.84 21.93
N GLU O 47 33.66 -15.90 22.22
CA GLU O 47 34.04 -17.23 21.80
C GLU O 47 33.56 -17.55 20.38
N ASP O 48 32.76 -16.67 19.79
CA ASP O 48 32.50 -16.72 18.35
C ASP O 48 33.74 -16.28 17.60
N GLU O 49 34.39 -17.22 16.91
CA GLU O 49 35.68 -16.92 16.29
C GLU O 49 35.56 -15.94 15.14
N ASN O 50 34.42 -15.91 14.45
CA ASN O 50 34.24 -14.93 13.38
C ASN O 50 34.13 -13.52 13.93
N VAL O 51 33.34 -13.34 14.99
CA VAL O 51 33.23 -12.02 15.61
C VAL O 51 34.58 -11.59 16.17
N ARG O 52 35.27 -12.51 16.85
CA ARG O 52 36.57 -12.17 17.41
C ARG O 52 37.56 -11.77 16.32
N LYS O 53 37.53 -12.47 15.18
CA LYS O 53 38.46 -12.17 14.10
C LYS O 53 38.24 -10.75 13.57
N ILE O 54 36.98 -10.36 13.38
CA ILE O 54 36.69 -9.02 12.88
C ILE O 54 37.05 -7.97 13.93
N LEU O 55 36.70 -8.22 15.19
CA LEU O 55 37.04 -7.27 16.25
C LEU O 55 38.55 -7.00 16.26
N LEU O 56 39.36 -8.06 16.16
CA LEU O 56 40.80 -7.87 16.18
C LEU O 56 41.30 -7.17 14.92
N ASP O 57 40.67 -7.42 13.78
CA ASP O 57 41.10 -6.75 12.56
C ASP O 57 40.73 -5.28 12.56
N VAL O 58 39.55 -4.95 13.07
CA VAL O 58 39.17 -3.54 13.21
C VAL O 58 40.12 -2.84 14.18
N ALA O 59 40.40 -3.48 15.32
CA ALA O 59 41.32 -2.90 16.28
C ALA O 59 42.69 -2.64 15.64
N ARG O 60 43.16 -3.56 14.80
CA ARG O 60 44.41 -3.35 14.09
C ARG O 60 44.35 -2.09 13.25
N GLU O 61 43.22 -1.88 12.56
CA GLU O 61 43.09 -0.68 11.72
C GLU O 61 42.99 0.58 12.56
N GLU O 62 42.38 0.50 13.76
CA GLU O 62 42.39 1.65 14.64
C GLU O 62 43.81 1.98 15.10
N LYS O 63 44.67 0.98 15.25
CA LYS O 63 46.06 1.25 15.62
C LYS O 63 46.77 2.02 14.52
N ALA O 64 46.40 1.80 13.25
CA ALA O 64 46.96 2.61 12.18
C ALA O 64 46.44 4.04 12.25
N HIS O 65 45.18 4.21 12.64
CA HIS O 65 44.65 5.56 12.83
C HIS O 65 45.44 6.32 13.89
N VAL O 66 45.85 5.63 14.97
CA VAL O 66 46.72 6.25 15.95
C VAL O 66 47.97 6.80 15.28
N GLY O 67 48.56 6.01 14.37
CA GLY O 67 49.75 6.48 13.68
C GLY O 67 49.48 7.69 12.80
N GLU O 68 48.33 7.71 12.11
CA GLU O 68 48.00 8.82 11.24
C GLU O 68 47.86 10.12 12.04
N PHE O 69 47.07 10.09 13.10
CA PHE O 69 46.90 11.28 13.93
C PHE O 69 48.19 11.65 14.63
N MET O 70 49.00 10.65 15.02
CA MET O 70 50.28 10.94 15.64
CA MET O 70 50.28 10.94 15.64
C MET O 70 51.21 11.65 14.68
N ALA O 71 51.24 11.21 13.41
CA ALA O 71 52.10 11.86 12.42
C ALA O 71 51.74 13.34 12.28
N LEU O 72 50.44 13.65 12.21
CA LEU O 72 50.02 15.04 12.13
C LEU O 72 50.38 15.81 13.40
N LEU O 73 50.17 15.20 14.56
CA LEU O 73 50.47 15.87 15.82
C LEU O 73 51.96 16.20 15.92
N LEU O 74 52.82 15.23 15.63
CA LEU O 74 54.25 15.48 15.70
C LEU O 74 54.68 16.56 14.73
N ASN O 75 54.03 16.63 13.56
CA ASN O 75 54.38 17.66 12.59
C ASN O 75 54.01 19.05 13.09
N LEU O 76 52.95 19.16 13.89
CA LEU O 76 52.51 20.44 14.42
C LEU O 76 53.02 20.74 15.82
N ASP O 77 53.57 19.75 16.52
CA ASP O 77 54.00 19.90 17.92
C ASP O 77 55.46 19.49 18.04
N PRO O 78 56.39 20.38 17.67
CA PRO O 78 57.81 20.02 17.79
C PRO O 78 58.23 19.67 19.20
N GLU O 79 57.59 20.26 20.21
CA GLU O 79 57.90 19.90 21.59
C GLU O 79 57.58 18.44 21.85
N GLN O 80 56.49 17.93 21.27
CA GLN O 80 56.14 16.52 21.46
C GLN O 80 57.17 15.61 20.81
N VAL O 81 57.75 16.02 19.69
CA VAL O 81 58.82 15.23 19.07
C VAL O 81 59.99 15.09 20.03
N THR O 82 60.46 16.21 20.58
CA THR O 82 61.58 16.18 21.51
C THR O 82 61.24 15.34 22.74
N GLU O 83 60.08 15.56 23.34
CA GLU O 83 59.75 14.87 24.58
C GLU O 83 59.43 13.40 24.35
N LEU O 84 58.91 13.06 23.17
CA LEU O 84 58.71 11.64 22.85
C LEU O 84 60.04 10.89 22.86
N LYS O 85 61.07 11.46 22.23
CA LYS O 85 62.39 10.86 22.27
C LYS O 85 62.92 10.81 23.69
N GLY O 86 62.73 11.89 24.44
CA GLY O 86 63.17 11.91 25.83
C GLY O 86 62.47 10.87 26.67
N GLY O 87 61.17 10.65 26.42
CA GLY O 87 60.45 9.63 27.14
C GLY O 87 60.95 8.23 26.83
N PHE O 88 61.23 7.96 25.54
CA PHE O 88 61.81 6.67 25.17
C PHE O 88 63.12 6.43 25.88
N GLU O 89 63.98 7.45 25.96
CA GLU O 89 65.28 7.30 26.60
C GLU O 89 65.12 7.05 28.10
N GLU O 90 64.16 7.71 28.73
CA GLU O 90 63.92 7.51 30.16
C GLU O 90 63.54 6.06 30.44
N VAL O 91 62.67 5.47 29.62
CA VAL O 91 62.30 4.08 29.80
C VAL O 91 63.51 3.18 29.62
N LYS O 92 64.36 3.49 28.64
CA LYS O 92 65.55 2.69 28.39
C LYS O 92 66.46 2.67 29.61
N GLU O 93 66.70 3.85 30.20
CA GLU O 93 67.60 3.93 31.36
C GLU O 93 67.04 3.16 32.55
N LEU O 94 65.72 3.20 32.74
CA LEU O 94 65.11 2.63 33.93
C LEU O 94 64.79 1.15 33.80
N THR O 95 64.59 0.65 32.59
CA THR O 95 64.15 -0.73 32.40
C THR O 95 64.96 -1.50 31.37
N GLY O 96 65.74 -0.82 30.52
CA GLY O 96 66.42 -1.47 29.42
C GLY O 96 65.57 -1.66 28.19
N ILE O 97 64.27 -1.37 28.25
CA ILE O 97 63.40 -1.49 27.09
C ILE O 97 63.75 -0.41 26.07
N GLU O 98 63.99 -0.83 24.84
CA GLU O 98 64.40 0.10 23.79
C GLU O 98 63.57 -0.11 22.52
N GLY P 2 24.57 6.09 27.08
CA GLY P 2 23.24 5.53 26.98
C GLY P 2 22.79 4.84 28.25
N LEU P 3 21.58 4.26 28.23
CA LEU P 3 21.04 3.59 29.39
C LEU P 3 21.37 2.09 29.44
N SER P 4 21.65 1.47 28.31
CA SER P 4 21.98 0.06 28.31
C SER P 4 23.35 -0.17 28.92
N ILE P 5 23.55 -1.36 29.49
CA ILE P 5 24.78 -1.70 30.16
C ILE P 5 25.73 -2.38 29.18
N ASN P 6 27.00 -2.02 29.25
CA ASN P 6 28.02 -2.75 28.51
C ASN P 6 28.06 -4.19 29.03
N PRO P 7 27.82 -5.20 28.18
CA PRO P 7 27.78 -6.58 28.67
C PRO P 7 29.01 -7.01 29.46
N THR P 8 30.16 -6.38 29.19
CA THR P 8 31.36 -6.68 29.98
C THR P 8 31.11 -6.49 31.47
N LEU P 9 30.19 -5.60 31.84
CA LEU P 9 29.92 -5.28 33.23
C LEU P 9 28.73 -6.05 33.82
N ILE P 10 28.01 -6.81 33.00
CA ILE P 10 26.83 -7.54 33.47
C ILE P 10 27.28 -8.84 34.11
N ASN P 11 27.06 -8.96 35.43
CA ASN P 11 27.32 -10.22 36.13
C ASN P 11 26.08 -10.79 36.81
N ARG P 12 24.93 -10.12 36.69
CA ARG P 12 23.71 -10.62 37.31
C ARG P 12 23.24 -11.89 36.62
N ASP P 13 22.80 -12.86 37.43
CA ASP P 13 22.28 -14.12 36.91
C ASP P 13 20.87 -14.43 37.39
N LYS P 14 20.30 -13.60 38.26
CA LYS P 14 18.99 -13.86 38.83
C LYS P 14 17.93 -13.01 38.15
N PRO P 15 16.71 -13.51 37.95
CA PRO P 15 15.69 -12.70 37.29
C PRO P 15 15.22 -11.55 38.18
N TYR P 16 14.58 -10.58 37.54
CA TYR P 16 14.05 -9.43 38.26
C TYR P 16 12.98 -9.87 39.26
N THR P 17 13.00 -9.26 40.44
CA THR P 17 11.88 -9.39 41.35
C THR P 17 10.70 -8.57 40.82
N LYS P 18 9.53 -8.78 41.43
CA LYS P 18 8.35 -8.04 41.02
C LYS P 18 8.53 -6.53 41.22
N GLU P 19 9.29 -6.14 42.24
CA GLU P 19 9.57 -4.71 42.43
C GLU P 19 10.55 -4.20 41.38
N GLU P 20 11.58 -5.00 41.05
CA GLU P 20 12.51 -4.60 40.01
C GLU P 20 11.83 -4.58 38.65
N LEU P 21 10.82 -5.42 38.44
CA LEU P 21 10.05 -5.37 37.19
C LEU P 21 9.34 -4.03 37.04
N MET P 22 8.81 -3.49 38.14
CA MET P 22 8.20 -2.18 38.09
C MET P 22 9.23 -1.12 37.73
N GLU P 23 10.46 -1.27 38.23
CA GLU P 23 11.48 -0.25 38.02
C GLU P 23 11.99 -0.24 36.59
N ILE P 24 12.13 -1.41 35.95
CA ILE P 24 12.62 -1.41 34.57
C ILE P 24 11.53 -0.89 33.63
N LEU P 25 10.25 -1.04 33.99
CA LEU P 25 9.20 -0.44 33.19
C LEU P 25 9.24 1.08 33.27
N ARG P 26 9.50 1.63 34.46
CA ARG P 26 9.67 3.07 34.58
C ARG P 26 10.90 3.54 33.82
N LEU P 27 11.97 2.76 33.86
CA LEU P 27 13.18 3.11 33.12
C LEU P 27 12.95 3.02 31.62
N ALA P 28 12.16 2.04 31.18
CA ALA P 28 11.81 1.95 29.77
C ALA P 28 11.02 3.17 29.32
N ILE P 29 10.09 3.64 30.17
CA ILE P 29 9.35 4.86 29.84
C ILE P 29 10.29 6.05 29.78
N ILE P 30 11.25 6.12 30.71
CA ILE P 30 12.26 7.18 30.67
C ILE P 30 12.98 7.16 29.32
N ALA P 31 13.39 5.98 28.87
CA ALA P 31 14.10 5.87 27.61
C ALA P 31 13.25 6.35 26.44
N GLU P 32 11.96 6.01 26.45
CA GLU P 32 11.06 6.43 25.39
C GLU P 32 10.87 7.94 25.39
N LEU P 33 10.65 8.53 26.57
CA LEU P 33 10.46 9.97 26.65
C LEU P 33 11.72 10.73 26.21
N ASP P 34 12.90 10.21 26.56
CA ASP P 34 14.13 10.83 26.10
C ASP P 34 14.23 10.77 24.58
N ALA P 35 13.86 9.63 23.99
CA ALA P 35 13.92 9.49 22.54
C ALA P 35 12.94 10.45 21.86
N ILE P 36 11.73 10.59 22.42
CA ILE P 36 10.76 11.51 21.85
C ILE P 36 11.33 12.92 21.84
N ASN P 37 11.85 13.38 22.98
CA ASN P 37 12.46 14.71 23.02
C ASN P 37 13.59 14.83 22.01
N LEU P 38 14.42 13.80 21.89
CA LEU P 38 15.55 13.86 20.96
C LEU P 38 15.07 14.05 19.53
N TYR P 39 14.11 13.22 19.08
CA TYR P 39 13.67 13.28 17.70
C TYR P 39 12.86 14.55 17.44
N GLU P 40 12.06 14.98 18.42
CA GLU P 40 11.33 16.25 18.27
CA GLU P 40 11.33 16.25 18.27
C GLU P 40 12.30 17.41 18.13
N GLN P 41 13.38 17.40 18.92
CA GLN P 41 14.39 18.45 18.80
C GLN P 41 15.09 18.41 17.45
N MET P 42 15.47 17.21 17.00
CA MET P 42 16.10 17.08 15.69
C MET P 42 15.18 17.61 14.59
N ALA P 43 13.91 17.23 14.64
CA ALA P 43 12.97 17.67 13.62
C ALA P 43 12.87 19.18 13.55
N ARG P 44 12.98 19.85 14.70
CA ARG P 44 12.85 21.30 14.75
C ARG P 44 13.89 21.99 13.89
N TYR P 45 15.10 21.44 13.82
CA TYR P 45 16.21 22.08 13.13
C TYR P 45 16.52 21.46 11.78
N SER P 46 15.77 20.44 11.37
CA SER P 46 15.99 19.79 10.08
C SER P 46 15.13 20.47 9.02
N GLU P 47 15.78 21.18 8.10
CA GLU P 47 15.06 21.75 6.96
C GLU P 47 14.88 20.76 5.84
N ASP P 48 15.58 19.63 5.87
CA ASP P 48 15.26 18.52 4.97
C ASP P 48 13.92 17.94 5.39
N GLU P 49 12.89 18.14 4.57
CA GLU P 49 11.55 17.73 4.95
C GLU P 49 11.36 16.23 4.96
N ASN P 50 12.21 15.49 4.23
CA ASN P 50 12.15 14.04 4.28
C ASN P 50 12.65 13.52 5.63
N VAL P 51 13.77 14.08 6.12
CA VAL P 51 14.29 13.71 7.43
C VAL P 51 13.29 14.11 8.52
N ARG P 52 12.74 15.31 8.42
N ARG P 52 12.72 15.31 8.42
CA ARG P 52 11.77 15.77 9.41
CA ARG P 52 11.77 15.76 9.42
C ARG P 52 10.57 14.83 9.47
C ARG P 52 10.56 14.82 9.48
N LYS P 53 10.05 14.42 8.32
CA LYS P 53 8.88 13.54 8.30
C LYS P 53 9.16 12.22 9.01
N ILE P 54 10.33 11.62 8.77
CA ILE P 54 10.66 10.36 9.41
C ILE P 54 10.87 10.56 10.90
N LEU P 55 11.58 11.62 11.28
CA LEU P 55 11.81 11.91 12.70
C LEU P 55 10.49 12.02 13.45
N LEU P 56 9.52 12.75 12.88
CA LEU P 56 8.24 12.91 13.55
C LEU P 56 7.44 11.62 13.53
N ASP P 57 7.58 10.80 12.49
CA ASP P 57 6.86 9.54 12.44
C ASP P 57 7.44 8.54 13.42
N VAL P 58 8.77 8.51 13.56
CA VAL P 58 9.38 7.65 14.57
C VAL P 58 8.97 8.12 15.96
N ALA P 59 9.01 9.42 16.21
CA ALA P 59 8.60 9.96 17.49
C ALA P 59 7.17 9.54 17.82
N ARG P 60 6.27 9.58 16.82
CA ARG P 60 4.92 9.13 17.04
C ARG P 60 4.88 7.67 17.49
N GLU P 61 5.73 6.83 16.89
CA GLU P 61 5.76 5.43 17.28
C GLU P 61 6.37 5.23 18.66
N GLU P 62 7.32 6.08 19.05
CA GLU P 62 7.82 6.03 20.42
C GLU P 62 6.74 6.42 21.42
N LYS P 63 5.84 7.34 21.04
CA LYS P 63 4.74 7.71 21.92
C LYS P 63 3.81 6.54 22.17
N ALA P 64 3.69 5.64 21.19
CA ALA P 64 2.91 4.42 21.42
C ALA P 64 3.65 3.48 22.36
N HIS P 65 4.98 3.43 22.27
CA HIS P 65 5.76 2.61 23.20
C HIS P 65 5.56 3.07 24.64
N VAL P 66 5.46 4.39 24.86
CA VAL P 66 5.14 4.89 26.19
C VAL P 66 3.84 4.25 26.68
N GLY P 67 2.83 4.17 25.82
CA GLY P 67 1.58 3.57 26.20
C GLY P 67 1.70 2.10 26.54
N GLU P 68 2.50 1.37 25.76
CA GLU P 68 2.67 -0.06 26.02
C GLU P 68 3.31 -0.31 27.38
N PHE P 69 4.42 0.37 27.65
CA PHE P 69 5.08 0.22 28.95
C PHE P 69 4.20 0.75 30.07
N MET P 70 3.45 1.82 29.81
CA MET P 70 2.55 2.37 30.82
C MET P 70 1.45 1.37 31.17
N ALA P 71 0.91 0.68 30.16
CA ALA P 71 -0.13 -0.31 30.42
C ALA P 71 0.40 -1.42 31.33
N LEU P 72 1.61 -1.90 31.07
CA LEU P 72 2.20 -2.93 31.93
C LEU P 72 2.44 -2.38 33.33
N LEU P 73 2.96 -1.16 33.43
CA LEU P 73 3.25 -0.58 34.74
C LEU P 73 1.98 -0.43 35.56
N LEU P 74 0.92 0.13 34.95
CA LEU P 74 -0.34 0.30 35.66
C LEU P 74 -0.91 -1.05 36.10
N ASN P 75 -0.71 -2.10 35.30
CA ASN P 75 -1.21 -3.42 35.67
C ASN P 75 -0.48 -3.98 36.88
N LEU P 76 0.81 -3.66 37.03
CA LEU P 76 1.61 -4.17 38.13
C LEU P 76 1.71 -3.20 39.30
N ASP P 77 1.31 -1.95 39.13
CA ASP P 77 1.47 -0.91 40.15
C ASP P 77 0.11 -0.28 40.43
N PRO P 78 -0.74 -0.96 41.22
CA PRO P 78 -2.06 -0.38 41.52
C PRO P 78 -1.98 1.00 42.16
N GLU P 79 -0.93 1.26 42.94
CA GLU P 79 -0.76 2.60 43.51
C GLU P 79 -0.63 3.65 42.41
N GLN P 80 0.06 3.32 41.32
CA GLN P 80 0.20 4.27 40.23
C GLN P 80 -1.15 4.58 39.58
N VAL P 81 -2.05 3.59 39.51
CA VAL P 81 -3.37 3.85 38.96
C VAL P 81 -4.10 4.90 39.79
N THR P 82 -4.13 4.70 41.11
CA THR P 82 -4.78 5.66 42.00
C THR P 82 -4.15 7.05 41.89
N GLU P 83 -2.82 7.12 41.95
CA GLU P 83 -2.17 8.42 41.99
C GLU P 83 -2.22 9.10 40.62
N LEU P 84 -2.26 8.33 39.53
CA LEU P 84 -2.47 8.94 38.23
C LEU P 84 -3.81 9.68 38.18
N LYS P 85 -4.86 9.06 38.72
CA LYS P 85 -6.16 9.72 38.80
C LYS P 85 -6.09 10.94 39.72
N GLY P 86 -5.48 10.77 40.90
CA GLY P 86 -5.34 11.89 41.81
C GLY P 86 -4.59 13.04 41.18
N GLY P 87 -3.55 12.74 40.40
CA GLY P 87 -2.82 13.79 39.71
C GLY P 87 -3.68 14.47 38.66
N PHE P 88 -4.45 13.70 37.89
CA PHE P 88 -5.36 14.30 36.93
C PHE P 88 -6.35 15.24 37.63
N GLU P 89 -6.88 14.80 38.77
CA GLU P 89 -7.85 15.63 39.50
C GLU P 89 -7.19 16.90 40.02
N GLU P 90 -5.96 16.82 40.49
CA GLU P 90 -5.27 18.01 40.98
C GLU P 90 -5.09 19.03 39.88
N VAL P 91 -4.71 18.58 38.68
CA VAL P 91 -4.55 19.51 37.56
C VAL P 91 -5.88 20.17 37.22
N LYS P 92 -6.96 19.39 37.23
CA LYS P 92 -8.27 19.95 36.94
C LYS P 92 -8.64 21.02 37.97
N GLU P 93 -8.38 20.75 39.24
CA GLU P 93 -8.76 21.69 40.29
C GLU P 93 -7.95 22.99 40.23
N LEU P 94 -6.69 22.91 39.80
CA LEU P 94 -5.82 24.08 39.81
C LEU P 94 -5.86 24.88 38.53
N THR P 95 -6.19 24.25 37.40
CA THR P 95 -6.14 24.91 36.10
C THR P 95 -7.38 24.74 35.25
N GLY P 96 -8.26 23.79 35.57
CA GLY P 96 -9.40 23.49 34.72
C GLY P 96 -9.12 22.57 33.55
N ILE P 97 -7.86 22.19 33.33
CA ILE P 97 -7.53 21.30 32.23
C ILE P 97 -8.07 19.90 32.53
N GLU P 98 -8.73 19.30 31.55
CA GLU P 98 -9.31 17.97 31.71
C GLU P 98 -8.88 17.06 30.55
N GLY Q 2 -4.89 -30.31 -7.81
CA GLY Q 2 -4.07 -29.79 -6.73
C GLY Q 2 -4.69 -28.58 -6.07
N LEU Q 3 -3.98 -28.01 -5.09
CA LEU Q 3 -4.49 -26.86 -4.37
C LEU Q 3 -4.06 -25.53 -4.99
N SER Q 4 -2.96 -25.51 -5.75
CA SER Q 4 -2.53 -24.27 -6.37
C SER Q 4 -3.47 -23.90 -7.50
N ILE Q 5 -3.56 -22.60 -7.77
CA ILE Q 5 -4.48 -22.08 -8.78
C ILE Q 5 -3.76 -22.01 -10.13
N ASN Q 6 -4.48 -22.38 -11.18
CA ASN Q 6 -4.00 -22.18 -12.53
C ASN Q 6 -3.85 -20.68 -12.78
N PRO Q 7 -2.66 -20.17 -13.10
CA PRO Q 7 -2.49 -18.72 -13.25
C PRO Q 7 -3.47 -18.07 -14.21
N THR Q 8 -3.98 -18.81 -15.19
CA THR Q 8 -4.99 -18.26 -16.10
C THR Q 8 -6.19 -17.71 -15.33
N LEU Q 9 -6.47 -18.26 -14.16
CA LEU Q 9 -7.63 -17.86 -13.37
C LEU Q 9 -7.30 -16.83 -12.29
N ILE Q 10 -6.03 -16.50 -12.09
CA ILE Q 10 -5.64 -15.56 -11.04
C ILE Q 10 -5.84 -14.14 -11.57
N ASN Q 11 -6.77 -13.41 -10.97
CA ASN Q 11 -6.96 -12.00 -11.27
C ASN Q 11 -6.84 -11.12 -10.03
N ARG Q 12 -6.62 -11.70 -8.85
CA ARG Q 12 -6.43 -10.92 -7.65
C ARG Q 12 -5.14 -10.11 -7.72
N ASP Q 13 -5.21 -8.86 -7.27
CA ASP Q 13 -4.05 -7.98 -7.24
C ASP Q 13 -3.71 -7.47 -5.84
N LYS Q 14 -4.69 -7.36 -4.95
CA LYS Q 14 -4.43 -6.80 -3.63
C LYS Q 14 -3.84 -7.86 -2.69
N PRO Q 15 -3.04 -7.45 -1.71
CA PRO Q 15 -2.42 -8.43 -0.81
C PRO Q 15 -3.43 -9.02 0.16
N TYR Q 16 -3.03 -10.13 0.77
CA TYR Q 16 -3.87 -10.78 1.77
C TYR Q 16 -4.08 -9.86 2.96
N THR Q 17 -5.31 -9.85 3.48
CA THR Q 17 -5.56 -9.22 4.75
C THR Q 17 -4.96 -10.06 5.88
N LYS Q 18 -4.96 -9.49 7.09
CA LYS Q 18 -4.50 -10.25 8.24
C LYS Q 18 -5.29 -11.54 8.41
N GLU Q 19 -6.61 -11.46 8.26
CA GLU Q 19 -7.44 -12.67 8.37
C GLU Q 19 -7.14 -13.66 7.25
N GLU Q 20 -6.87 -13.15 6.04
CA GLU Q 20 -6.55 -14.05 4.94
C GLU Q 20 -5.18 -14.69 5.13
N LEU Q 21 -4.24 -13.98 5.77
CA LEU Q 21 -2.95 -14.58 6.07
C LEU Q 21 -3.09 -15.79 6.99
N MET Q 22 -3.97 -15.70 7.98
CA MET Q 22 -4.24 -16.85 8.84
CA MET Q 22 -4.24 -16.85 8.84
C MET Q 22 -4.81 -18.00 8.03
N GLU Q 23 -5.65 -17.70 7.04
CA GLU Q 23 -6.32 -18.75 6.28
C GLU Q 23 -5.35 -19.47 5.37
N ILE Q 24 -4.41 -18.76 4.74
CA ILE Q 24 -3.47 -19.44 3.85
C ILE Q 24 -2.47 -20.25 4.66
N LEU Q 25 -2.17 -19.84 5.89
CA LEU Q 25 -1.31 -20.67 6.74
C LEU Q 25 -2.00 -21.97 7.10
N ARG Q 26 -3.31 -21.93 7.40
CA ARG Q 26 -4.04 -23.16 7.64
C ARG Q 26 -4.11 -24.00 6.37
N LEU Q 27 -4.25 -23.36 5.21
CA LEU Q 27 -4.28 -24.09 3.96
C LEU Q 27 -2.92 -24.71 3.65
N ALA Q 28 -1.83 -24.01 4.00
CA ALA Q 28 -0.51 -24.59 3.84
C ALA Q 28 -0.34 -25.82 4.72
N ILE Q 29 -0.87 -25.77 5.94
CA ILE Q 29 -0.82 -26.95 6.82
C ILE Q 29 -1.62 -28.09 6.20
N ILE Q 30 -2.79 -27.79 5.63
CA ILE Q 30 -3.57 -28.81 4.95
C ILE Q 30 -2.75 -29.48 3.86
N ALA Q 31 -2.06 -28.67 3.05
CA ALA Q 31 -1.26 -29.21 1.96
C ALA Q 31 -0.17 -30.14 2.48
N GLU Q 32 0.49 -29.75 3.58
CA GLU Q 32 1.55 -30.58 4.15
C GLU Q 32 0.99 -31.89 4.70
N LEU Q 33 -0.12 -31.82 5.43
CA LEU Q 33 -0.72 -33.03 5.99
C LEU Q 33 -1.15 -33.98 4.88
N ASP Q 34 -1.69 -33.45 3.78
CA ASP Q 34 -2.06 -34.29 2.66
C ASP Q 34 -0.84 -34.96 2.04
N ALA Q 35 0.26 -34.21 1.90
CA ALA Q 35 1.48 -34.78 1.33
C ALA Q 35 2.04 -35.89 2.22
N ILE Q 36 2.00 -35.68 3.54
CA ILE Q 36 2.48 -36.71 4.45
C ILE Q 36 1.68 -37.99 4.27
N ASN Q 37 0.35 -37.89 4.28
CA ASN Q 37 -0.49 -39.07 4.06
C ASN Q 37 -0.17 -39.73 2.73
N LEU Q 38 0.04 -38.94 1.67
CA LEU Q 38 0.34 -39.49 0.36
C LEU Q 38 1.64 -40.30 0.40
N TYR Q 39 2.69 -39.70 0.96
CA TYR Q 39 3.99 -40.36 0.96
C TYR Q 39 4.03 -41.54 1.93
N GLU Q 40 3.29 -41.47 3.04
CA GLU Q 40 3.21 -42.60 3.94
C GLU Q 40 2.46 -43.77 3.30
N GLN Q 41 1.41 -43.47 2.53
CA GLN Q 41 0.69 -44.51 1.81
C GLN Q 41 1.57 -45.14 0.73
N MET Q 42 2.30 -44.32 -0.03
CA MET Q 42 3.19 -44.85 -1.05
C MET Q 42 4.25 -45.76 -0.44
N ALA Q 43 4.85 -45.34 0.68
CA ALA Q 43 5.88 -46.15 1.32
C ALA Q 43 5.33 -47.49 1.78
N ARG Q 44 4.04 -47.55 2.11
CA ARG Q 44 3.43 -48.78 2.59
C ARG Q 44 3.45 -49.86 1.52
N TYR Q 45 3.25 -49.48 0.26
CA TYR Q 45 3.14 -50.45 -0.83
C TYR Q 45 4.41 -50.53 -1.67
N SER Q 46 5.46 -49.79 -1.32
CA SER Q 46 6.71 -49.80 -2.07
CA SER Q 46 6.71 -49.80 -2.07
C SER Q 46 7.62 -50.89 -1.50
N GLU Q 47 7.88 -51.93 -2.31
CA GLU Q 47 8.82 -52.97 -1.91
C GLU Q 47 10.25 -52.54 -2.14
N ASP Q 48 10.47 -51.65 -3.11
CA ASP Q 48 11.80 -51.09 -3.37
C ASP Q 48 12.27 -50.32 -2.15
N GLU Q 49 13.24 -50.87 -1.42
CA GLU Q 49 13.67 -50.26 -0.16
C GLU Q 49 14.26 -48.87 -0.37
N ASN Q 50 14.83 -48.61 -1.55
CA ASN Q 50 15.37 -47.28 -1.83
C ASN Q 50 14.25 -46.25 -1.94
N VAL Q 51 13.20 -46.59 -2.68
CA VAL Q 51 12.07 -45.67 -2.83
C VAL Q 51 11.39 -45.45 -1.48
N ARG Q 52 11.21 -46.52 -0.70
CA ARG Q 52 10.59 -46.39 0.61
C ARG Q 52 11.40 -45.47 1.51
N LYS Q 53 12.72 -45.61 1.50
CA LYS Q 53 13.58 -44.79 2.35
C LYS Q 53 13.42 -43.31 2.02
N ILE Q 54 13.38 -42.97 0.73
CA ILE Q 54 13.25 -41.56 0.35
C ILE Q 54 11.85 -41.05 0.66
N LEU Q 55 10.83 -41.85 0.37
CA LEU Q 55 9.47 -41.45 0.68
C LEU Q 55 9.31 -41.10 2.15
N LEU Q 56 9.86 -41.94 3.03
CA LEU Q 56 9.73 -41.70 4.46
C LEU Q 56 10.57 -40.50 4.90
N ASP Q 57 11.71 -40.27 4.26
CA ASP Q 57 12.53 -39.12 4.64
C ASP Q 57 11.91 -37.82 4.15
N VAL Q 58 11.32 -37.82 2.95
CA VAL Q 58 10.61 -36.63 2.50
C VAL Q 58 9.42 -36.35 3.41
N ALA Q 59 8.65 -37.39 3.74
CA ALA Q 59 7.52 -37.22 4.65
C ALA Q 59 7.97 -36.63 5.98
N ARG Q 60 9.12 -37.08 6.49
CA ARG Q 60 9.66 -36.50 7.71
C ARG Q 60 9.90 -34.99 7.55
N GLU Q 61 10.41 -34.58 6.38
CA GLU Q 61 10.66 -33.16 6.16
C GLU Q 61 9.36 -32.38 6.02
N GLU Q 62 8.31 -33.00 5.48
CA GLU Q 62 7.01 -32.33 5.45
C GLU Q 62 6.47 -32.13 6.86
N LYS Q 63 6.77 -33.05 7.77
CA LYS Q 63 6.34 -32.88 9.16
C LYS Q 63 7.01 -31.67 9.79
N ALA Q 64 8.23 -31.34 9.37
CA ALA Q 64 8.88 -30.12 9.85
C ALA Q 64 8.20 -28.88 9.26
N HIS Q 65 7.77 -28.96 8.01
CA HIS Q 65 7.03 -27.85 7.41
C HIS Q 65 5.75 -27.58 8.18
N VAL Q 66 5.08 -28.64 8.64
CA VAL Q 66 3.91 -28.46 9.49
C VAL Q 66 4.26 -27.58 10.69
N GLY Q 67 5.41 -27.84 11.30
CA GLY Q 67 5.82 -27.04 12.44
C GLY Q 67 6.09 -25.59 12.07
N GLU Q 68 6.73 -25.36 10.93
CA GLU Q 68 7.03 -23.99 10.52
C GLU Q 68 5.75 -23.19 10.30
N PHE Q 69 4.81 -23.74 9.53
CA PHE Q 69 3.55 -23.04 9.30
C PHE Q 69 2.76 -22.91 10.59
N MET Q 70 2.77 -23.95 11.43
CA MET Q 70 2.09 -23.89 12.72
C MET Q 70 2.65 -22.77 13.59
N ALA Q 71 3.97 -22.63 13.61
CA ALA Q 71 4.58 -21.56 14.41
C ALA Q 71 4.10 -20.19 13.96
N LEU Q 72 4.04 -19.96 12.66
CA LEU Q 72 3.54 -18.68 12.15
C LEU Q 72 2.08 -18.48 12.50
N LEU Q 73 1.27 -19.54 12.35
CA LEU Q 73 -0.16 -19.42 12.66
C LEU Q 73 -0.37 -19.09 14.13
N LEU Q 74 0.31 -19.83 15.01
CA LEU Q 74 0.17 -19.56 16.45
C LEU Q 74 0.61 -18.15 16.79
N ASN Q 75 1.62 -17.63 16.09
CA ASN Q 75 2.08 -16.26 16.34
C ASN Q 75 1.04 -15.24 15.91
N LEU Q 76 0.25 -15.53 14.87
CA LEU Q 76 -0.76 -14.62 14.38
C LEU Q 76 -2.16 -14.91 14.91
N ASP Q 77 -2.39 -16.07 15.52
CA ASP Q 77 -3.72 -16.51 15.95
C ASP Q 77 -3.67 -16.83 17.44
N PRO Q 78 -3.71 -15.81 18.31
CA PRO Q 78 -3.67 -16.09 19.75
C PRO Q 78 -4.83 -16.96 20.22
N GLU Q 79 -5.98 -16.88 19.57
CA GLU Q 79 -7.09 -17.77 19.93
C GLU Q 79 -6.71 -19.23 19.72
N GLN Q 80 -5.96 -19.54 18.66
CA GLN Q 80 -5.54 -20.91 18.42
C GLN Q 80 -4.59 -21.39 19.50
N VAL Q 81 -3.74 -20.50 20.03
CA VAL Q 81 -2.84 -20.88 21.11
C VAL Q 81 -3.64 -21.34 22.32
N THR Q 82 -4.61 -20.53 22.75
CA THR Q 82 -5.43 -20.90 23.90
C THR Q 82 -6.20 -22.19 23.64
N GLU Q 83 -6.83 -22.31 22.46
CA GLU Q 83 -7.67 -23.47 22.20
C GLU Q 83 -6.85 -24.72 21.98
N LEU Q 84 -5.62 -24.58 21.48
CA LEU Q 84 -4.73 -25.74 21.38
C LEU Q 84 -4.47 -26.33 22.77
N LYS Q 85 -4.11 -25.47 23.73
CA LYS Q 85 -3.95 -25.93 25.11
C LYS Q 85 -5.23 -26.59 25.60
N GLY Q 86 -6.37 -25.92 25.42
CA GLY Q 86 -7.64 -26.50 25.87
C GLY Q 86 -7.91 -27.85 25.24
N GLY Q 87 -7.58 -28.01 23.96
CA GLY Q 87 -7.77 -29.29 23.31
C GLY Q 87 -6.87 -30.37 23.87
N PHE Q 88 -5.60 -30.03 24.14
CA PHE Q 88 -4.70 -30.97 24.80
C PHE Q 88 -5.27 -31.39 26.15
N GLU Q 89 -5.78 -30.45 26.93
CA GLU Q 89 -6.31 -30.78 28.25
C GLU Q 89 -7.56 -31.66 28.13
N GLU Q 90 -8.41 -31.39 27.14
CA GLU Q 90 -9.59 -32.20 26.96
C GLU Q 90 -9.24 -33.66 26.68
N VAL Q 91 -8.23 -33.89 25.85
CA VAL Q 91 -7.78 -35.26 25.58
C VAL Q 91 -7.24 -35.90 26.86
N LYS Q 92 -6.55 -35.11 27.66
CA LYS Q 92 -6.02 -35.62 28.93
C LYS Q 92 -7.15 -36.16 29.81
N GLU Q 93 -8.18 -35.34 30.03
CA GLU Q 93 -9.27 -35.73 30.93
C GLU Q 93 -10.02 -36.95 30.41
N LEU Q 94 -10.05 -37.17 29.11
CA LEU Q 94 -10.88 -38.21 28.53
C LEU Q 94 -10.14 -39.53 28.29
N THR Q 95 -8.82 -39.48 28.10
CA THR Q 95 -8.05 -40.67 27.75
C THR Q 95 -6.79 -40.86 28.58
N GLY Q 96 -6.32 -39.84 29.30
CA GLY Q 96 -5.05 -39.92 29.99
C GLY Q 96 -3.84 -39.63 29.12
N ILE Q 97 -4.02 -39.48 27.82
CA ILE Q 97 -2.91 -39.18 26.93
C ILE Q 97 -2.44 -37.76 27.17
N GLU Q 98 -1.11 -37.58 27.14
CA GLU Q 98 -0.52 -36.26 27.36
C GLU Q 98 0.58 -35.99 26.34
N GLY R 2 -17.72 -33.24 0.07
CA GLY R 2 -17.20 -33.34 1.43
C GLY R 2 -16.13 -34.40 1.55
N LEU R 3 -15.63 -34.59 2.78
CA LEU R 3 -14.59 -35.57 3.04
C LEU R 3 -15.14 -36.94 3.44
N SER R 4 -16.36 -37.00 3.98
CA SER R 4 -16.94 -38.27 4.37
C SER R 4 -17.33 -39.08 3.14
N ILE R 5 -17.35 -40.40 3.30
CA ILE R 5 -17.64 -41.31 2.19
C ILE R 5 -19.14 -41.61 2.18
N ASN R 6 -19.71 -41.64 0.98
CA ASN R 6 -21.08 -42.10 0.82
C ASN R 6 -21.14 -43.58 1.22
N PRO R 7 -21.94 -43.96 2.23
CA PRO R 7 -21.93 -45.36 2.68
C PRO R 7 -22.16 -46.37 1.57
N THR R 8 -22.86 -45.99 0.49
CA THR R 8 -23.04 -46.90 -0.63
C THR R 8 -21.70 -47.41 -1.16
N LEU R 9 -20.63 -46.63 -1.01
CA LEU R 9 -19.32 -46.99 -1.52
C LEU R 9 -18.42 -47.65 -0.50
N ILE R 10 -18.83 -47.73 0.76
CA ILE R 10 -18.00 -48.31 1.81
C ILE R 10 -18.12 -49.83 1.75
N ASN R 11 -16.99 -50.51 1.50
CA ASN R 11 -16.93 -51.96 1.54
C ASN R 11 -15.76 -52.45 2.38
N ARG R 12 -15.20 -51.59 3.24
CA ARG R 12 -14.12 -51.98 4.12
C ARG R 12 -14.66 -52.62 5.39
N ASP R 13 -13.98 -53.67 5.85
CA ASP R 13 -14.37 -54.37 7.06
C ASP R 13 -13.30 -54.37 8.14
N LYS R 14 -12.03 -54.54 7.77
CA LYS R 14 -10.98 -54.63 8.78
C LYS R 14 -10.67 -53.26 9.38
N PRO R 15 -10.19 -53.23 10.63
CA PRO R 15 -9.91 -51.96 11.28
C PRO R 15 -8.65 -51.30 10.74
N TYR R 16 -8.51 -50.02 11.05
CA TYR R 16 -7.33 -49.26 10.63
C TYR R 16 -6.07 -49.86 11.23
N THR R 17 -5.02 -49.92 10.41
CA THR R 17 -3.70 -50.28 10.90
C THR R 17 -3.11 -49.11 11.71
N LYS R 18 -1.89 -49.31 12.20
CA LYS R 18 -1.23 -48.26 12.97
C LYS R 18 -1.02 -47.01 12.13
N GLU R 19 -0.56 -47.19 10.88
CA GLU R 19 -0.30 -46.03 10.03
C GLU R 19 -1.60 -45.37 9.58
N GLU R 20 -2.62 -46.18 9.28
CA GLU R 20 -3.91 -45.61 8.88
C GLU R 20 -4.52 -44.77 9.98
N LEU R 21 -4.31 -45.15 11.26
CA LEU R 21 -4.78 -44.33 12.36
C LEU R 21 -4.11 -42.96 12.36
N MET R 22 -2.83 -42.91 12.02
CA MET R 22 -2.14 -41.63 11.93
CA MET R 22 -2.14 -41.64 11.92
C MET R 22 -2.69 -40.81 10.76
N GLU R 23 -3.02 -41.48 9.65
CA GLU R 23 -3.49 -40.77 8.46
C GLU R 23 -4.88 -40.18 8.68
N ILE R 24 -5.76 -40.89 9.38
CA ILE R 24 -7.10 -40.35 9.62
C ILE R 24 -7.04 -39.22 10.63
N LEU R 25 -6.06 -39.24 11.53
CA LEU R 25 -5.88 -38.10 12.44
C LEU R 25 -5.42 -36.88 11.67
N ARG R 26 -4.52 -37.05 10.70
CA ARG R 26 -4.14 -35.92 9.85
C ARG R 26 -5.32 -35.46 9.01
N LEU R 27 -6.14 -36.40 8.53
CA LEU R 27 -7.31 -36.02 7.76
C LEU R 27 -8.34 -35.31 8.62
N ALA R 28 -8.47 -35.71 9.89
CA ALA R 28 -9.36 -35.00 10.80
C ALA R 28 -8.89 -33.57 11.01
N ILE R 29 -7.59 -33.36 11.15
CA ILE R 29 -7.05 -32.00 11.28
C ILE R 29 -7.33 -31.20 10.02
N ILE R 30 -7.17 -31.82 8.85
CA ILE R 30 -7.50 -31.15 7.59
C ILE R 30 -8.94 -30.66 7.62
N ALA R 31 -9.86 -31.53 8.05
CA ALA R 31 -11.27 -31.15 8.09
C ALA R 31 -11.52 -29.98 9.02
N GLU R 32 -10.86 -29.98 10.19
CA GLU R 32 -11.05 -28.90 11.16
C GLU R 32 -10.48 -27.58 10.62
N LEU R 33 -9.28 -27.62 10.03
CA LEU R 33 -8.69 -26.40 9.47
C LEU R 33 -9.55 -25.85 8.34
N ASP R 34 -10.11 -26.73 7.51
CA ASP R 34 -11.01 -26.28 6.46
C ASP R 34 -12.25 -25.63 7.04
N ALA R 35 -12.82 -26.21 8.10
CA ALA R 35 -14.00 -25.63 8.73
C ALA R 35 -13.68 -24.26 9.32
N ILE R 36 -12.52 -24.13 9.96
CA ILE R 36 -12.13 -22.83 10.51
C ILE R 36 -12.08 -21.78 9.41
N ASN R 37 -11.38 -22.08 8.33
CA ASN R 37 -11.30 -21.14 7.20
C ASN R 37 -12.69 -20.80 6.68
N LEU R 38 -13.56 -21.80 6.58
CA LEU R 38 -14.92 -21.57 6.07
C LEU R 38 -15.66 -20.58 6.96
N TYR R 39 -15.66 -20.82 8.28
CA TYR R 39 -16.42 -19.99 9.19
C TYR R 39 -15.80 -18.62 9.36
N GLU R 40 -14.46 -18.52 9.32
CA GLU R 40 -13.83 -17.20 9.36
C GLU R 40 -14.18 -16.39 8.12
N GLN R 41 -14.21 -17.04 6.95
CA GLN R 41 -14.60 -16.36 5.72
C GLN R 41 -16.05 -15.91 5.79
N MET R 42 -16.94 -16.79 6.25
CA MET R 42 -18.35 -16.42 6.39
C MET R 42 -18.51 -15.25 7.34
N ALA R 43 -17.83 -15.30 8.49
CA ALA R 43 -17.96 -14.24 9.47
C ALA R 43 -17.51 -12.89 8.90
N ARG R 44 -16.52 -12.91 8.02
CA ARG R 44 -15.99 -11.67 7.46
C ARG R 44 -17.05 -10.91 6.68
N TYR R 45 -17.91 -11.62 5.96
CA TYR R 45 -18.90 -11.00 5.09
C TYR R 45 -20.30 -10.95 5.69
N SER R 46 -20.47 -11.39 6.93
CA SER R 46 -21.77 -11.33 7.60
C SER R 46 -21.84 -10.05 8.42
N GLU R 47 -22.63 -9.09 7.95
CA GLU R 47 -22.94 -7.91 8.74
C GLU R 47 -24.11 -8.14 9.70
N ASP R 48 -24.72 -9.32 9.66
CA ASP R 48 -25.62 -9.76 10.72
C ASP R 48 -24.78 -10.12 11.93
N GLU R 49 -24.89 -9.34 13.00
CA GLU R 49 -24.03 -9.53 14.15
C GLU R 49 -24.30 -10.85 14.86
N ASN R 50 -25.55 -11.32 14.83
CA ASN R 50 -25.87 -12.60 15.46
C ASN R 50 -25.18 -13.75 14.75
N VAL R 51 -25.25 -13.76 13.42
CA VAL R 51 -24.59 -14.81 12.64
C VAL R 51 -23.09 -14.74 12.81
N ARG R 52 -22.52 -13.54 12.71
CA ARG R 52 -21.08 -13.39 12.89
C ARG R 52 -20.64 -13.89 14.27
N LYS R 53 -21.38 -13.52 15.32
CA LYS R 53 -21.01 -13.92 16.67
C LYS R 53 -20.95 -15.43 16.80
N ILE R 54 -21.94 -16.14 16.25
CA ILE R 54 -21.95 -17.60 16.35
C ILE R 54 -20.87 -18.22 15.49
N LEU R 55 -20.69 -17.70 14.27
CA LEU R 55 -19.63 -18.23 13.40
C LEU R 55 -18.28 -18.17 14.09
N LEU R 56 -17.96 -17.04 14.72
CA LEU R 56 -16.67 -16.91 15.39
C LEU R 56 -16.57 -17.79 16.61
N ASP R 57 -17.69 -18.01 17.32
CA ASP R 57 -17.65 -18.89 18.48
C ASP R 57 -17.51 -20.35 18.07
N VAL R 58 -18.19 -20.75 16.99
CA VAL R 58 -18.02 -22.10 16.48
C VAL R 58 -16.58 -22.30 16.00
N ALA R 59 -16.05 -21.33 15.28
CA ALA R 59 -14.67 -21.42 14.81
C ALA R 59 -13.69 -21.61 15.95
N ARG R 60 -13.91 -20.89 17.06
CA ARG R 60 -13.07 -21.07 18.24
C ARG R 60 -13.09 -22.52 18.72
N GLU R 61 -14.28 -23.13 18.74
CA GLU R 61 -14.39 -24.51 19.20
C GLU R 61 -13.76 -25.50 18.22
N GLU R 62 -13.78 -25.20 16.92
CA GLU R 62 -13.07 -26.03 15.97
C GLU R 62 -11.56 -25.96 16.20
N LYS R 63 -11.06 -24.81 16.63
CA LYS R 63 -9.64 -24.68 16.93
C LYS R 63 -9.24 -25.57 18.09
N ALA R 64 -10.16 -25.80 19.04
CA ALA R 64 -9.89 -26.76 20.11
C ALA R 64 -9.88 -28.18 19.57
N HIS R 65 -10.75 -28.47 18.60
CA HIS R 65 -10.74 -29.79 17.97
C HIS R 65 -9.40 -30.05 17.29
N VAL R 66 -8.80 -29.03 16.70
CA VAL R 66 -7.45 -29.17 16.16
C VAL R 66 -6.50 -29.66 17.25
N GLY R 67 -6.61 -29.09 18.45
CA GLY R 67 -5.74 -29.51 19.54
C GLY R 67 -5.98 -30.95 19.96
N GLU R 68 -7.25 -31.37 20.01
CA GLU R 68 -7.55 -32.74 20.42
C GLU R 68 -6.97 -33.74 19.44
N PHE R 69 -7.23 -33.55 18.14
CA PHE R 69 -6.68 -34.46 17.14
C PHE R 69 -5.16 -34.37 17.09
N MET R 70 -4.59 -33.18 17.31
CA MET R 70 -3.14 -33.05 17.33
C MET R 70 -2.54 -33.84 18.49
N ALA R 71 -3.19 -33.82 19.65
CA ALA R 71 -2.67 -34.54 20.80
C ALA R 71 -2.59 -36.03 20.52
N LEU R 72 -3.63 -36.59 19.90
CA LEU R 72 -3.60 -38.00 19.53
C LEU R 72 -2.53 -38.27 18.47
N LEU R 73 -2.42 -37.39 17.48
CA LEU R 73 -1.45 -37.60 16.41
C LEU R 73 -0.03 -37.60 16.97
N LEU R 74 0.29 -36.60 17.80
CA LEU R 74 1.63 -36.52 18.38
C LEU R 74 1.93 -37.73 19.25
N ASN R 75 0.91 -38.25 19.94
CA ASN R 75 1.12 -39.44 20.77
C ASN R 75 1.41 -40.67 19.95
N LEU R 76 0.87 -40.76 18.74
CA LEU R 76 1.08 -41.89 17.86
C LEU R 76 2.19 -41.67 16.84
N ASP R 77 2.64 -40.43 16.66
CA ASP R 77 3.63 -40.09 15.63
C ASP R 77 4.79 -39.38 16.31
N PRO R 78 5.69 -40.13 16.95
CA PRO R 78 6.84 -39.48 17.61
C PRO R 78 7.70 -38.67 16.65
N GLU R 79 7.77 -39.07 15.37
CA GLU R 79 8.50 -38.28 14.40
C GLU R 79 7.91 -36.87 14.28
N GLN R 80 6.58 -36.77 14.33
CA GLN R 80 5.94 -35.46 14.25
C GLN R 80 6.29 -34.59 15.47
N VAL R 81 6.45 -35.20 16.64
CA VAL R 81 6.86 -34.44 17.82
C VAL R 81 8.22 -33.78 17.57
N THR R 82 9.18 -34.58 17.11
CA THR R 82 10.51 -34.05 16.82
C THR R 82 10.48 -32.97 15.75
N GLU R 83 9.80 -33.24 14.63
CA GLU R 83 9.86 -32.31 13.52
C GLU R 83 9.06 -31.04 13.81
N LEU R 84 8.02 -31.14 14.63
CA LEU R 84 7.30 -29.93 15.05
C LEU R 84 8.23 -29.00 15.80
N LYS R 85 8.97 -29.53 16.78
CA LYS R 85 9.96 -28.72 17.48
C LYS R 85 11.02 -28.20 16.53
N GLY R 86 11.49 -29.06 15.61
CA GLY R 86 12.46 -28.62 14.63
C GLY R 86 11.92 -27.52 13.72
N GLY R 87 10.63 -27.61 13.37
CA GLY R 87 10.03 -26.56 12.57
C GLY R 87 9.95 -25.23 13.29
N PHE R 88 9.57 -25.25 14.57
CA PHE R 88 9.57 -24.02 15.36
C PHE R 88 10.96 -23.39 15.40
N GLU R 89 12.00 -24.20 15.61
CA GLU R 89 13.36 -23.65 15.66
C GLU R 89 13.76 -23.06 14.31
N GLU R 90 13.38 -23.71 13.21
CA GLU R 90 13.70 -23.17 11.90
C GLU R 90 13.08 -21.79 11.72
N VAL R 91 11.83 -21.63 12.16
CA VAL R 91 11.19 -20.32 12.08
C VAL R 91 11.93 -19.32 12.94
N LYS R 92 12.32 -19.72 14.15
CA LYS R 92 13.08 -18.82 15.01
C LYS R 92 14.40 -18.41 14.37
N GLU R 93 15.11 -19.37 13.76
CA GLU R 93 16.38 -19.05 13.11
C GLU R 93 16.21 -18.06 11.97
N LEU R 94 15.09 -18.14 11.25
CA LEU R 94 14.90 -17.34 10.04
C LEU R 94 14.21 -16.01 10.32
N THR R 95 13.41 -15.92 11.38
CA THR R 95 12.62 -14.72 11.64
C THR R 95 12.70 -14.19 13.06
N GLY R 96 13.19 -14.98 14.03
CA GLY R 96 13.14 -14.56 15.41
C GLY R 96 11.82 -14.82 16.11
N ILE R 97 10.80 -15.30 15.39
CA ILE R 97 9.51 -15.57 16.01
C ILE R 97 9.64 -16.76 16.96
N GLU R 98 8.95 -16.68 18.09
CA GLU R 98 8.95 -17.73 19.11
C GLU R 98 7.49 -18.04 19.46
N ALA R 99 6.94 -19.08 18.84
CA ALA R 99 5.56 -19.48 19.07
C ALA R 99 5.50 -20.80 19.83
N GLY S 2 -7.42 -33.40 -1.82
CA GLY S 2 -6.00 -33.70 -1.88
C GLY S 2 -5.70 -34.94 -2.72
N LEU S 3 -4.42 -35.30 -2.77
CA LEU S 3 -4.00 -36.46 -3.56
C LEU S 3 -3.97 -37.75 -2.74
N SER S 4 -3.85 -37.67 -1.42
CA SER S 4 -3.84 -38.86 -0.60
C SER S 4 -5.25 -39.46 -0.53
N ILE S 5 -5.31 -40.77 -0.30
CA ILE S 5 -6.57 -41.49 -0.27
C ILE S 5 -7.08 -41.54 1.16
N ASN S 6 -8.39 -41.37 1.31
CA ASN S 6 -9.03 -41.59 2.60
C ASN S 6 -8.85 -43.06 2.98
N PRO S 7 -8.21 -43.37 4.10
CA PRO S 7 -7.99 -44.79 4.43
C PRO S 7 -9.25 -45.64 4.42
N THR S 8 -10.42 -45.04 4.66
CA THR S 8 -11.67 -45.79 4.58
C THR S 8 -11.83 -46.49 3.24
N LEU S 9 -11.24 -45.93 2.18
CA LEU S 9 -11.36 -46.48 0.83
C LEU S 9 -10.19 -47.37 0.44
N ILE S 10 -9.14 -47.45 1.26
CA ILE S 10 -7.98 -48.25 0.92
C ILE S 10 -8.26 -49.70 1.26
N ASN S 11 -8.31 -50.56 0.24
CA ASN S 11 -8.41 -52.00 0.44
C ASN S 11 -7.32 -52.77 -0.28
N ARG S 12 -6.42 -52.11 -1.00
CA ARG S 12 -5.30 -52.78 -1.63
C ARG S 12 -4.41 -53.41 -0.57
N ASP S 13 -3.97 -54.65 -0.82
CA ASP S 13 -3.07 -55.35 0.09
C ASP S 13 -1.77 -55.81 -0.54
N LYS S 14 -1.59 -55.66 -1.86
CA LYS S 14 -0.38 -56.15 -2.50
C LYS S 14 0.53 -54.99 -2.92
N PRO S 15 1.85 -55.20 -2.90
CA PRO S 15 2.78 -54.09 -3.13
C PRO S 15 2.74 -53.60 -4.57
N TYR S 16 3.28 -52.40 -4.77
CA TYR S 16 3.36 -51.81 -6.10
C TYR S 16 4.22 -52.69 -7.01
N THR S 17 3.79 -52.85 -8.24
CA THR S 17 4.63 -53.45 -9.26
C THR S 17 5.73 -52.46 -9.67
N LYS S 18 6.72 -52.97 -10.39
CA LYS S 18 7.79 -52.13 -10.89
C LYS S 18 7.23 -50.93 -11.65
N GLU S 19 6.20 -51.16 -12.47
CA GLU S 19 5.63 -50.08 -13.26
C GLU S 19 4.84 -49.11 -12.38
N GLU S 20 4.12 -49.65 -11.39
CA GLU S 20 3.40 -48.78 -10.46
C GLU S 20 4.36 -47.96 -9.61
N LEU S 21 5.55 -48.51 -9.32
CA LEU S 21 6.55 -47.73 -8.60
C LEU S 21 6.96 -46.50 -9.39
N MET S 22 7.10 -46.64 -10.71
CA MET S 22 7.40 -45.48 -11.55
CA MET S 22 7.41 -45.47 -11.54
C MET S 22 6.28 -44.46 -11.53
N GLU S 23 5.02 -44.93 -11.44
CA GLU S 23 3.88 -44.03 -11.49
C GLU S 23 3.74 -43.24 -10.20
N ILE S 24 4.01 -43.84 -9.04
CA ILE S 24 3.87 -43.10 -7.79
C ILE S 24 4.99 -42.07 -7.65
N LEU S 25 6.15 -42.33 -8.25
CA LEU S 25 7.21 -41.34 -8.26
C LEU S 25 6.84 -40.13 -9.11
N ARG S 26 6.20 -40.36 -10.28
CA ARG S 26 5.71 -39.23 -11.06
C ARG S 26 4.63 -38.49 -10.30
N LEU S 27 3.77 -39.21 -9.60
CA LEU S 27 2.72 -38.58 -8.80
C LEU S 27 3.31 -37.79 -7.63
N ALA S 28 4.39 -38.30 -7.04
CA ALA S 28 5.07 -37.54 -5.98
C ALA S 28 5.64 -36.24 -6.53
N ILE S 29 6.21 -36.26 -7.74
CA ILE S 29 6.71 -35.04 -8.35
C ILE S 29 5.55 -34.09 -8.63
N ILE S 30 4.41 -34.62 -9.08
CA ILE S 30 3.22 -33.80 -9.28
C ILE S 30 2.84 -33.09 -7.98
N ALA S 31 2.83 -33.83 -6.87
CA ALA S 31 2.46 -33.23 -5.59
C ALA S 31 3.43 -32.12 -5.20
N GLU S 32 4.72 -32.33 -5.42
CA GLU S 32 5.71 -31.32 -5.07
C GLU S 32 5.57 -30.08 -5.94
N LEU S 33 5.39 -30.27 -7.25
CA LEU S 33 5.22 -29.12 -8.14
C LEU S 33 3.98 -28.31 -7.76
N ASP S 34 2.89 -28.98 -7.38
CA ASP S 34 1.70 -28.27 -6.93
C ASP S 34 1.99 -27.47 -5.66
N ALA S 35 2.72 -28.07 -4.71
CA ALA S 35 3.03 -27.37 -3.47
C ALA S 35 3.91 -26.14 -3.73
N ILE S 36 4.87 -26.25 -4.64
CA ILE S 36 5.71 -25.11 -4.98
C ILE S 36 4.84 -23.98 -5.52
N ASN S 37 3.99 -24.29 -6.49
CA ASN S 37 3.09 -23.27 -7.04
C ASN S 37 2.22 -22.66 -5.94
N LEU S 38 1.71 -23.49 -5.04
CA LEU S 38 0.85 -22.99 -3.97
C LEU S 38 1.60 -21.98 -3.10
N TYR S 39 2.80 -22.35 -2.64
CA TYR S 39 3.55 -21.49 -1.73
C TYR S 39 4.09 -20.25 -2.44
N GLU S 40 4.49 -20.38 -3.70
CA GLU S 40 4.93 -19.20 -4.45
C GLU S 40 3.76 -18.24 -4.65
N GLN S 41 2.55 -18.75 -4.84
CA GLN S 41 1.38 -17.88 -4.96
C GLN S 41 1.06 -17.21 -3.64
N MET S 42 1.09 -17.96 -2.54
CA MET S 42 0.86 -17.38 -1.23
C MET S 42 1.87 -16.28 -0.93
N ALA S 43 3.16 -16.54 -1.22
CA ALA S 43 4.20 -15.54 -0.95
C ALA S 43 3.96 -14.26 -1.74
N ARG S 44 3.44 -14.38 -2.96
CA ARG S 44 3.21 -13.22 -3.81
C ARG S 44 2.27 -12.22 -3.14
N TYR S 45 1.26 -12.71 -2.43
CA TYR S 45 0.23 -11.86 -1.84
C TYR S 45 0.44 -11.61 -0.35
N SER S 46 1.47 -12.18 0.25
CA SER S 46 1.74 -11.99 1.67
C SER S 46 2.59 -10.73 1.84
N GLU S 47 1.99 -9.69 2.40
CA GLU S 47 2.75 -8.50 2.79
C GLU S 47 3.43 -8.67 4.15
N ASP S 48 3.09 -9.72 4.89
CA ASP S 48 3.84 -10.07 6.10
C ASP S 48 5.16 -10.70 5.68
N GLU S 49 6.27 -10.02 5.98
CA GLU S 49 7.57 -10.46 5.48
C GLU S 49 8.02 -11.75 6.15
N ASN S 50 7.65 -11.98 7.41
CA ASN S 50 8.00 -13.24 8.06
C ASN S 50 7.30 -14.41 7.40
N VAL S 51 6.00 -14.27 7.12
CA VAL S 51 5.26 -15.35 6.45
C VAL S 51 5.82 -15.57 5.05
N ARG S 52 6.09 -14.48 4.33
CA ARG S 52 6.68 -14.60 3.00
C ARG S 52 8.02 -15.33 3.06
N LYS S 53 8.85 -14.99 4.04
CA LYS S 53 10.19 -15.58 4.13
C LYS S 53 10.10 -17.09 4.36
N ILE S 54 9.16 -17.54 5.20
CA ILE S 54 9.02 -18.97 5.44
C ILE S 54 8.42 -19.66 4.22
N LEU S 55 7.40 -19.06 3.61
CA LEU S 55 6.80 -19.66 2.42
C LEU S 55 7.85 -19.92 1.35
N LEU S 56 8.73 -18.94 1.11
CA LEU S 56 9.74 -19.11 0.08
C LEU S 56 10.80 -20.13 0.49
N ASP S 57 11.11 -20.22 1.78
CA ASP S 57 12.09 -21.20 2.22
C ASP S 57 11.52 -22.61 2.17
N VAL S 58 10.25 -22.79 2.52
CA VAL S 58 9.60 -24.09 2.38
C VAL S 58 9.56 -24.47 0.91
N ALA S 59 9.16 -23.52 0.04
CA ALA S 59 9.12 -23.79 -1.39
C ALA S 59 10.49 -24.24 -1.90
N ARG S 60 11.55 -23.60 -1.42
CA ARG S 60 12.90 -24.02 -1.80
C ARG S 60 13.13 -25.48 -1.45
N GLU S 61 12.68 -25.90 -0.27
CA GLU S 61 12.90 -27.28 0.15
C GLU S 61 12.04 -28.26 -0.65
N GLU S 62 10.84 -27.84 -1.08
CA GLU S 62 10.05 -28.67 -1.98
C GLU S 62 10.75 -28.86 -3.32
N LYS S 63 11.48 -27.84 -3.78
CA LYS S 63 12.23 -27.98 -5.02
C LYS S 63 13.31 -29.04 -4.91
N ALA S 64 13.88 -29.22 -3.72
CA ALA S 64 14.82 -30.32 -3.50
C ALA S 64 14.10 -31.66 -3.51
N HIS S 65 12.88 -31.71 -2.99
CA HIS S 65 12.10 -32.95 -3.05
C HIS S 65 11.86 -33.37 -4.49
N VAL S 66 11.63 -32.39 -5.38
CA VAL S 66 11.52 -32.71 -6.80
C VAL S 66 12.77 -33.45 -7.28
N GLY S 67 13.94 -32.97 -6.86
CA GLY S 67 15.18 -33.61 -7.26
C GLY S 67 15.31 -35.03 -6.73
N GLU S 68 14.91 -35.23 -5.48
CA GLU S 68 15.00 -36.57 -4.88
C GLU S 68 14.12 -37.56 -5.62
N PHE S 69 12.86 -37.20 -5.83
CA PHE S 69 11.96 -38.11 -6.53
C PHE S 69 12.39 -38.31 -7.98
N MET S 70 12.94 -37.26 -8.61
CA MET S 70 13.36 -37.39 -9.99
C MET S 70 14.61 -38.27 -10.10
N ALA S 71 15.49 -38.22 -9.11
CA ALA S 71 16.65 -39.12 -9.11
C ALA S 71 16.20 -40.57 -9.10
N LEU S 72 15.21 -40.90 -8.25
CA LEU S 72 14.70 -42.26 -8.23
C LEU S 72 14.03 -42.61 -9.54
N LEU S 73 13.23 -41.69 -10.08
CA LEU S 73 12.51 -41.96 -11.32
C LEU S 73 13.47 -42.23 -12.47
N LEU S 74 14.48 -41.36 -12.63
CA LEU S 74 15.46 -41.56 -13.69
C LEU S 74 16.20 -42.89 -13.50
N ASN S 75 16.43 -43.30 -12.26
CA ASN S 75 17.11 -44.57 -12.01
C ASN S 75 16.25 -45.76 -12.41
N LEU S 76 14.93 -45.63 -12.30
CA LEU S 76 14.01 -46.71 -12.65
C LEU S 76 13.45 -46.59 -14.06
N ASP S 77 13.61 -45.44 -14.71
CA ASP S 77 13.00 -45.18 -16.02
C ASP S 77 14.09 -44.73 -17.00
N PRO S 78 14.87 -45.67 -17.54
CA PRO S 78 15.93 -45.28 -18.50
C PRO S 78 15.39 -44.53 -19.71
N GLU S 79 14.15 -44.81 -20.13
CA GLU S 79 13.56 -44.04 -21.22
C GLU S 79 13.45 -42.57 -20.86
N GLN S 80 13.12 -42.27 -19.60
CA GLN S 80 13.02 -40.88 -19.18
C GLN S 80 14.37 -40.19 -19.25
N VAL S 81 15.44 -40.92 -18.93
CA VAL S 81 16.79 -40.34 -19.05
C VAL S 81 17.06 -39.91 -20.48
N THR S 82 16.83 -40.82 -21.43
CA THR S 82 17.04 -40.51 -22.84
C THR S 82 16.16 -39.35 -23.29
N GLU S 83 14.87 -39.40 -22.97
CA GLU S 83 13.96 -38.38 -23.48
C GLU S 83 14.18 -37.04 -22.79
N LEU S 84 14.64 -37.04 -21.53
CA LEU S 84 14.99 -35.79 -20.87
C LEU S 84 16.10 -35.06 -21.63
N LYS S 85 17.16 -35.78 -21.98
CA LYS S 85 18.22 -35.18 -22.78
C LYS S 85 17.69 -34.71 -24.13
N GLY S 86 16.89 -35.55 -24.79
CA GLY S 86 16.30 -35.16 -26.06
C GLY S 86 15.44 -33.92 -25.93
N GLY S 87 14.69 -33.80 -24.83
CA GLY S 87 13.90 -32.61 -24.61
C GLY S 87 14.75 -31.37 -24.40
N PHE S 88 15.82 -31.51 -23.60
CA PHE S 88 16.75 -30.40 -23.42
C PHE S 88 17.33 -29.96 -24.77
N GLU S 89 17.73 -30.92 -25.61
CA GLU S 89 18.32 -30.58 -26.90
C GLU S 89 17.32 -29.90 -27.82
N GLU S 90 16.06 -30.34 -27.79
CA GLU S 90 15.04 -29.71 -28.63
C GLU S 90 14.86 -28.24 -28.26
N VAL S 91 14.82 -27.93 -26.96
CA VAL S 91 14.68 -26.53 -26.54
C VAL S 91 15.89 -25.73 -26.99
N LYS S 92 17.08 -26.33 -26.90
CA LYS S 92 18.29 -25.66 -27.36
C LYS S 92 18.18 -25.31 -28.85
N GLU S 93 17.78 -26.28 -29.66
CA GLU S 93 17.70 -26.07 -31.10
C GLU S 93 16.68 -24.98 -31.45
N LEU S 94 15.57 -24.91 -30.70
CA LEU S 94 14.48 -24.03 -31.07
C LEU S 94 14.59 -22.64 -30.46
N THR S 95 15.29 -22.50 -29.32
CA THR S 95 15.33 -21.23 -28.61
C THR S 95 16.72 -20.78 -28.23
N GLY S 96 17.72 -21.66 -28.28
CA GLY S 96 19.04 -21.35 -27.79
C GLY S 96 19.21 -21.51 -26.29
N ILE S 97 18.12 -21.77 -25.56
CA ILE S 97 18.21 -21.98 -24.12
C ILE S 97 18.90 -23.30 -23.85
N GLU S 98 19.81 -23.29 -22.88
CA GLU S 98 20.62 -24.48 -22.59
C GLU S 98 20.80 -24.65 -21.09
N GLY T 2 -7.02 18.78 -29.05
CA GLY T 2 -6.65 18.25 -30.34
C GLY T 2 -7.45 17.01 -30.71
N LEU T 3 -7.15 16.43 -31.88
CA LEU T 3 -7.87 15.25 -32.33
C LEU T 3 -7.20 13.94 -31.92
N SER T 4 -5.90 13.94 -31.65
CA SER T 4 -5.23 12.72 -31.25
C SER T 4 -5.63 12.34 -29.83
N ILE T 5 -5.59 11.06 -29.54
CA ILE T 5 -5.99 10.52 -28.24
C ILE T 5 -4.79 10.45 -27.33
N ASN T 6 -4.99 10.80 -26.07
CA ASN T 6 -4.01 10.57 -25.03
C ASN T 6 -3.77 9.07 -24.89
N PRO T 7 -2.54 8.57 -25.10
CA PRO T 7 -2.33 7.11 -25.03
C PRO T 7 -2.83 6.47 -23.75
N THR T 8 -2.90 7.23 -22.64
CA THR T 8 -3.45 6.68 -21.42
C THR T 8 -4.84 6.10 -21.62
N LEU T 9 -5.59 6.63 -22.59
CA LEU T 9 -6.96 6.19 -22.83
C LEU T 9 -7.07 5.17 -23.95
N ILE T 10 -5.99 4.89 -24.67
CA ILE T 10 -6.04 3.95 -25.80
C ILE T 10 -5.95 2.53 -25.25
N ASN T 11 -7.04 1.79 -25.35
CA ASN T 11 -7.05 0.37 -24.99
C ASN T 11 -7.42 -0.51 -26.17
N ARG T 12 -7.54 0.06 -27.37
CA ARG T 12 -7.92 -0.72 -28.54
C ARG T 12 -6.74 -1.58 -29.01
N ASP T 13 -7.05 -2.81 -29.40
CA ASP T 13 -6.07 -3.74 -29.94
C ASP T 13 -6.40 -4.23 -31.34
N LYS T 14 -7.68 -4.29 -31.70
CA LYS T 14 -8.05 -4.76 -33.02
C LYS T 14 -7.71 -3.71 -34.08
N PRO T 15 -7.38 -4.14 -35.29
CA PRO T 15 -7.21 -3.18 -36.39
C PRO T 15 -8.54 -2.63 -36.87
N TYR T 16 -8.45 -1.52 -37.59
CA TYR T 16 -9.65 -0.89 -38.14
C TYR T 16 -10.34 -1.83 -39.12
N THR T 17 -11.67 -1.85 -39.06
CA THR T 17 -12.45 -2.49 -40.10
C THR T 17 -12.42 -1.65 -41.37
N LYS T 18 -12.92 -2.23 -42.46
CA LYS T 18 -13.02 -1.48 -43.72
C LYS T 18 -13.81 -0.20 -43.53
N GLU T 19 -14.91 -0.26 -42.76
CA GLU T 19 -15.72 0.92 -42.51
C GLU T 19 -14.94 1.94 -41.69
N GLU T 20 -14.31 1.48 -40.60
CA GLU T 20 -13.54 2.39 -39.76
C GLU T 20 -12.38 3.02 -40.52
N LEU T 21 -11.80 2.29 -41.47
CA LEU T 21 -10.71 2.83 -42.27
C LEU T 21 -11.18 4.01 -43.12
N MET T 22 -12.41 3.95 -43.63
CA MET T 22 -12.96 5.10 -44.33
CA MET T 22 -12.96 5.10 -44.33
C MET T 22 -13.15 6.27 -43.38
N GLU T 23 -13.56 6.00 -42.15
CA GLU T 23 -13.83 7.06 -41.18
C GLU T 23 -12.57 7.77 -40.75
N ILE T 24 -11.46 7.05 -40.60
CA ILE T 24 -10.23 7.71 -40.18
C ILE T 24 -9.66 8.53 -41.33
N LEU T 25 -9.92 8.15 -42.58
CA LEU T 25 -9.52 8.98 -43.70
C LEU T 25 -10.30 10.28 -43.74
N ARG T 26 -11.60 10.23 -43.47
CA ARG T 26 -12.38 11.45 -43.37
C ARG T 26 -11.92 12.30 -42.20
N LEU T 27 -11.55 11.68 -41.08
CA LEU T 27 -11.05 12.43 -39.94
C LEU T 27 -9.69 13.04 -40.24
N ALA T 28 -8.86 12.33 -41.01
CA ALA T 28 -7.58 12.89 -41.42
C ALA T 28 -7.77 14.13 -42.29
N ILE T 29 -8.75 14.09 -43.19
CA ILE T 29 -9.05 15.27 -44.01
C ILE T 29 -9.54 16.41 -43.12
N ILE T 30 -10.39 16.09 -42.13
CA ILE T 30 -10.83 17.11 -41.17
C ILE T 30 -9.61 17.76 -40.50
N ALA T 31 -8.66 16.94 -40.06
CA ALA T 31 -7.48 17.49 -39.38
C ALA T 31 -6.70 18.42 -40.29
N GLU T 32 -6.56 18.04 -41.57
CA GLU T 32 -5.80 18.85 -42.51
C GLU T 32 -6.53 20.17 -42.80
N LEU T 33 -7.84 20.11 -43.02
CA LEU T 33 -8.61 21.32 -43.30
C LEU T 33 -8.58 22.28 -42.12
N ASP T 34 -8.63 21.75 -40.89
CA ASP T 34 -8.52 22.60 -39.71
C ASP T 34 -7.16 23.29 -39.68
N ALA T 35 -6.09 22.55 -40.00
CA ALA T 35 -4.76 23.12 -40.00
C ALA T 35 -4.62 24.22 -41.05
N ILE T 36 -5.20 24.01 -42.23
CA ILE T 36 -5.16 25.03 -43.28
C ILE T 36 -5.81 26.32 -42.78
N ASN T 37 -7.02 26.20 -42.24
CA ASN T 37 -7.70 27.38 -41.70
C ASN T 37 -6.85 28.05 -40.62
N LEU T 38 -6.23 27.25 -39.75
CA LEU T 38 -5.43 27.82 -38.68
C LEU T 38 -4.27 28.63 -39.23
N TYR T 39 -3.51 28.06 -40.17
CA TYR T 39 -2.34 28.73 -40.69
C TYR T 39 -2.70 29.91 -41.58
N GLU T 40 -3.79 29.78 -42.34
CA GLU T 40 -4.25 30.91 -43.15
CA GLU T 40 -4.26 30.90 -43.14
C GLU T 40 -4.69 32.06 -42.27
N GLN T 41 -5.36 31.76 -41.15
CA GLN T 41 -5.74 32.82 -40.21
C GLN T 41 -4.52 33.47 -39.59
N MET T 42 -3.54 32.66 -39.17
CA MET T 42 -2.31 33.21 -38.60
C MET T 42 -1.61 34.11 -39.60
N ALA T 43 -1.49 33.65 -40.85
CA ALA T 43 -0.81 34.45 -41.87
C ALA T 43 -1.51 35.79 -42.09
N ARG T 44 -2.83 35.82 -41.93
CA ARG T 44 -3.58 37.05 -42.12
C ARG T 44 -3.10 38.16 -41.17
N TYR T 45 -2.75 37.79 -39.94
CA TYR T 45 -2.40 38.79 -38.93
C TYR T 45 -0.90 38.89 -38.67
N SER T 46 -0.08 38.17 -39.42
CA SER T 46 1.38 38.23 -39.26
C SER T 46 1.94 39.30 -40.20
N GLU T 47 2.40 40.41 -39.62
CA GLU T 47 3.11 41.42 -40.40
C GLU T 47 4.57 41.06 -40.61
N ASP T 48 5.11 40.14 -39.81
CA ASP T 48 6.42 39.57 -40.08
C ASP T 48 6.33 38.75 -41.36
N GLU T 49 6.92 39.26 -42.44
CA GLU T 49 6.80 38.59 -43.74
C GLU T 49 7.46 37.22 -43.76
N ASN T 50 8.45 36.99 -42.89
CA ASN T 50 9.08 35.68 -42.84
C ASN T 50 8.15 34.63 -42.24
N VAL T 51 7.48 34.98 -41.14
CA VAL T 51 6.52 34.06 -40.54
C VAL T 51 5.35 33.83 -41.49
N ARG T 52 4.87 34.91 -42.13
CA ARG T 52 3.76 34.78 -43.06
C ARG T 52 4.11 33.86 -44.22
N LYS T 53 5.34 33.94 -44.72
CA LYS T 53 5.72 33.13 -45.87
C LYS T 53 5.78 31.66 -45.51
N ILE T 54 6.27 31.32 -44.32
CA ILE T 54 6.34 29.93 -43.91
C ILE T 54 4.94 29.40 -43.62
N LEU T 55 4.11 30.20 -42.93
CA LEU T 55 2.73 29.79 -42.67
C LEU T 55 2.01 29.46 -43.96
N LEU T 56 2.17 30.30 -44.98
CA LEU T 56 1.49 30.06 -46.25
C LEU T 56 2.08 28.87 -46.99
N ASP T 57 3.39 28.64 -46.87
CA ASP T 57 4.00 27.50 -47.53
C ASP T 57 3.63 26.19 -46.84
N VAL T 58 3.58 26.19 -45.52
CA VAL T 58 3.12 25.00 -44.80
C VAL T 58 1.67 24.71 -45.15
N ALA T 59 0.82 25.75 -45.14
CA ALA T 59 -0.57 25.57 -45.51
C ALA T 59 -0.69 24.95 -46.90
N ARG T 60 0.13 25.41 -47.84
CA ARG T 60 0.13 24.82 -49.18
C ARG T 60 0.41 23.32 -49.12
N GLU T 61 1.36 22.92 -48.27
CA GLU T 61 1.69 21.50 -48.16
C GLU T 61 0.57 20.72 -47.48
N GLU T 62 -0.15 21.34 -46.54
CA GLU T 62 -1.31 20.67 -45.96
C GLU T 62 -2.39 20.44 -47.01
N LYS T 63 -2.52 21.35 -47.98
CA LYS T 63 -3.47 21.17 -49.06
C LYS T 63 -3.13 19.96 -49.92
N ALA T 64 -1.84 19.64 -50.05
CA ALA T 64 -1.46 18.41 -50.74
C ALA T 64 -1.84 17.18 -49.91
N HIS T 65 -1.71 17.28 -48.58
CA HIS T 65 -2.14 16.18 -47.71
C HIS T 65 -3.63 15.92 -47.87
N VAL T 66 -4.43 16.97 -48.03
CA VAL T 66 -5.85 16.78 -48.33
C VAL T 66 -6.01 15.91 -49.57
N GLY T 67 -5.23 16.18 -50.61
CA GLY T 67 -5.33 15.39 -51.82
C GLY T 67 -4.95 13.94 -51.61
N GLU T 68 -3.89 13.70 -50.83
CA GLU T 68 -3.45 12.32 -50.59
C GLU T 68 -4.53 11.52 -49.88
N PHE T 69 -5.08 12.05 -48.79
CA PHE T 69 -6.12 11.35 -48.06
C PHE T 69 -7.38 11.19 -48.91
N MET T 70 -7.72 12.21 -49.70
N MET T 70 -7.72 12.22 -49.69
CA MET T 70 -8.88 12.12 -50.57
CA MET T 70 -8.89 12.13 -50.57
C MET T 70 -8.72 11.02 -51.61
C MET T 70 -8.72 11.02 -51.61
N ALA T 71 -7.51 10.89 -52.18
CA ALA T 71 -7.27 9.83 -53.15
C ALA T 71 -7.53 8.46 -52.53
N LEU T 72 -7.03 8.24 -51.31
CA LEU T 72 -7.27 6.97 -50.63
C LEU T 72 -8.74 6.78 -50.33
N LEU T 73 -9.42 7.83 -49.87
CA LEU T 73 -10.83 7.72 -49.54
C LEU T 73 -11.66 7.38 -50.77
N LEU T 74 -11.40 8.09 -51.87
CA LEU T 74 -12.14 7.81 -53.11
C LEU T 74 -11.90 6.38 -53.57
N ASN T 75 -10.69 5.86 -53.36
CA ASN T 75 -10.39 4.48 -53.77
C ASN T 75 -11.14 3.48 -52.92
N LEU T 76 -11.41 3.79 -51.65
CA LEU T 76 -12.10 2.89 -50.75
C LEU T 76 -13.60 3.15 -50.67
N ASP T 77 -14.06 4.30 -51.16
CA ASP T 77 -15.45 4.72 -51.04
C ASP T 77 -15.99 5.05 -52.43
N PRO T 78 -16.37 4.02 -53.21
CA PRO T 78 -16.91 4.31 -54.55
C PRO T 78 -18.15 5.19 -54.51
N GLU T 79 -18.96 5.12 -53.45
CA GLU T 79 -20.09 6.02 -53.35
C GLU T 79 -19.64 7.47 -53.33
N GLN T 80 -18.52 7.76 -52.66
CA GLN T 80 -18.01 9.12 -52.64
C GLN T 80 -17.58 9.58 -54.02
N VAL T 81 -17.05 8.67 -54.85
CA VAL T 81 -16.68 9.02 -56.22
C VAL T 81 -17.92 9.49 -56.99
N THR T 82 -18.98 8.70 -56.95
CA THR T 82 -20.22 9.07 -57.64
C THR T 82 -20.78 10.39 -57.11
N GLU T 83 -20.87 10.52 -55.78
CA GLU T 83 -21.50 11.71 -55.22
C GLU T 83 -20.61 12.93 -55.35
N LEU T 84 -19.28 12.76 -55.36
CA LEU T 84 -18.40 13.88 -55.64
C LEU T 84 -18.67 14.45 -57.03
N LYS T 85 -18.83 13.56 -58.03
CA LYS T 85 -19.15 14.01 -59.38
C LYS T 85 -20.52 14.67 -59.41
N GLY T 86 -21.51 14.08 -58.73
CA GLY T 86 -22.83 14.67 -58.69
C GLY T 86 -22.83 16.03 -58.03
N GLY T 87 -22.03 16.20 -56.97
CA GLY T 87 -21.92 17.50 -56.33
C GLY T 87 -21.28 18.54 -57.23
N PHE T 88 -20.21 18.15 -57.93
CA PHE T 88 -19.59 19.04 -58.91
C PHE T 88 -20.60 19.47 -59.96
N GLU T 89 -21.40 18.52 -60.46
CA GLU T 89 -22.38 18.83 -61.49
C GLU T 89 -23.46 19.76 -60.95
N GLU T 90 -23.88 19.56 -59.70
CA GLU T 90 -24.89 20.43 -59.11
C GLU T 90 -24.40 21.87 -59.04
N VAL T 91 -23.16 22.08 -58.63
CA VAL T 91 -22.60 23.42 -58.57
C VAL T 91 -22.52 24.02 -59.97
N LYS T 92 -22.08 23.22 -60.95
CA LYS T 92 -22.02 23.71 -62.32
C LYS T 92 -23.40 24.15 -62.81
N GLU T 93 -24.44 23.37 -62.47
CA GLU T 93 -25.78 23.69 -62.93
C GLU T 93 -26.31 24.95 -62.27
N LEU T 94 -26.04 25.13 -60.97
CA LEU T 94 -26.62 26.23 -60.21
C LEU T 94 -25.84 27.53 -60.33
N THR T 95 -24.54 27.47 -60.62
CA THR T 95 -23.70 28.66 -60.61
C THR T 95 -22.84 28.82 -61.86
N GLY T 96 -22.69 27.79 -62.69
CA GLY T 96 -21.77 27.85 -63.81
C GLY T 96 -20.33 27.55 -63.45
N ILE T 97 -20.01 27.42 -62.17
CA ILE T 97 -18.65 27.10 -61.75
C ILE T 97 -18.34 25.65 -62.13
N GLU T 98 -17.16 25.45 -62.71
CA GLU T 98 -16.73 24.11 -63.09
C GLU T 98 -15.22 23.95 -62.90
N GLY U 2 -11.59 21.82 -33.38
CA GLY U 2 -10.28 22.11 -33.91
C GLY U 2 -9.68 23.37 -33.32
N LEU U 3 -8.48 23.74 -33.78
CA LEU U 3 -7.80 24.92 -33.27
C LEU U 3 -8.12 26.18 -34.04
N SER U 4 -8.53 26.07 -35.31
CA SER U 4 -8.87 27.25 -36.08
C SER U 4 -10.18 27.85 -35.58
N ILE U 5 -10.32 29.14 -35.78
CA ILE U 5 -11.48 29.88 -35.31
C ILE U 5 -12.53 29.92 -36.41
N ASN U 6 -13.79 29.74 -36.05
CA ASN U 6 -14.89 29.95 -36.96
C ASN U 6 -14.92 31.41 -37.39
N PRO U 7 -14.80 31.72 -38.69
CA PRO U 7 -14.73 33.12 -39.11
C PRO U 7 -15.87 33.98 -38.61
N THR U 8 -17.03 33.40 -38.33
CA THR U 8 -18.14 34.17 -37.76
C THR U 8 -17.72 34.89 -36.49
N LEU U 9 -16.77 34.32 -35.75
CA LEU U 9 -16.35 34.87 -34.47
C LEU U 9 -15.11 35.75 -34.55
N ILE U 10 -14.47 35.83 -35.71
CA ILE U 10 -13.25 36.61 -35.85
C ILE U 10 -13.63 38.07 -36.02
N ASN U 11 -13.28 38.90 -35.04
CA ASN U 11 -13.48 40.34 -35.13
C ASN U 11 -12.18 41.12 -34.94
N ARG U 12 -11.04 40.43 -34.85
CA ARG U 12 -9.77 41.12 -34.70
C ARG U 12 -9.41 41.84 -35.99
N ASP U 13 -8.89 43.07 -35.84
CA ASP U 13 -8.50 43.87 -36.99
C ASP U 13 -7.03 44.28 -36.98
N LYS U 14 -6.33 44.14 -35.85
CA LYS U 14 -4.94 44.58 -35.78
C LYS U 14 -4.00 43.39 -35.91
N PRO U 15 -2.79 43.61 -36.44
CA PRO U 15 -1.86 42.49 -36.62
C PRO U 15 -1.28 42.04 -35.30
N TYR U 16 -0.69 40.84 -35.32
CA TYR U 16 -0.07 40.28 -34.13
C TYR U 16 1.08 41.16 -33.65
N THR U 17 1.18 41.32 -32.33
CA THR U 17 2.38 41.92 -31.76
C THR U 17 3.53 40.92 -31.84
N LYS U 18 4.74 41.43 -31.59
CA LYS U 18 5.91 40.55 -31.57
C LYS U 18 5.71 39.40 -30.59
N GLU U 19 5.07 39.68 -29.46
CA GLU U 19 4.86 38.64 -28.46
C GLU U 19 3.77 37.66 -28.91
N GLU U 20 2.74 38.17 -29.57
CA GLU U 20 1.71 37.28 -30.12
C GLU U 20 2.26 36.43 -31.26
N LEU U 21 3.21 36.95 -32.03
CA LEU U 21 3.85 36.15 -33.07
C LEU U 21 4.52 34.92 -32.48
N MET U 22 5.16 35.07 -31.33
CA MET U 22 5.78 33.92 -30.68
CA MET U 22 5.78 33.91 -30.69
C MET U 22 4.74 32.90 -30.26
N GLU U 23 3.57 33.38 -29.81
CA GLU U 23 2.53 32.46 -29.33
C GLU U 23 1.90 31.67 -30.48
N ILE U 24 1.69 32.28 -31.64
CA ILE U 24 1.07 31.52 -32.72
C ILE U 24 2.05 30.51 -33.29
N LEU U 25 3.35 30.77 -33.20
CA LEU U 25 4.33 29.77 -33.60
C LEU U 25 4.32 28.56 -32.66
N ARG U 26 4.18 28.81 -31.36
CA ARG U 26 4.05 27.70 -30.42
C ARG U 26 2.75 26.94 -30.64
N LEU U 27 1.67 27.66 -30.94
CA LEU U 27 0.40 26.99 -31.23
C LEU U 27 0.47 26.21 -32.53
N ALA U 28 1.22 26.72 -33.52
CA ALA U 28 1.41 25.97 -34.76
C ALA U 28 2.16 24.67 -34.49
N ILE U 29 3.18 24.72 -33.63
CA ILE U 29 3.90 23.50 -33.26
C ILE U 29 2.96 22.54 -32.54
N ILE U 30 2.11 23.06 -31.66
CA ILE U 30 1.11 22.21 -31.01
C ILE U 30 0.26 21.50 -32.05
N ALA U 31 -0.21 22.24 -33.05
CA ALA U 31 -1.06 21.66 -34.08
C ALA U 31 -0.33 20.55 -34.83
N GLU U 32 0.95 20.78 -35.16
CA GLU U 32 1.71 19.77 -35.88
C GLU U 32 1.94 18.53 -35.04
N LEU U 33 2.31 18.70 -33.76
CA LEU U 33 2.53 17.56 -32.88
C LEU U 33 1.25 16.76 -32.70
N ASP U 34 0.10 17.44 -32.59
CA ASP U 34 -1.16 16.73 -32.50
C ASP U 34 -1.42 15.90 -33.75
N ALA U 35 -1.13 16.47 -34.93
CA ALA U 35 -1.34 15.74 -36.18
C ALA U 35 -0.44 14.53 -36.27
N ILE U 36 0.82 14.67 -35.86
CA ILE U 36 1.74 13.53 -35.87
C ILE U 36 1.19 12.40 -35.01
N ASN U 37 0.79 12.71 -33.78
CA ASN U 37 0.20 11.69 -32.91
C ASN U 37 -1.02 11.06 -33.56
N LEU U 38 -1.87 11.89 -34.18
CA LEU U 38 -3.08 11.37 -34.82
C LEU U 38 -2.75 10.38 -35.92
N TYR U 39 -1.85 10.76 -36.83
CA TYR U 39 -1.54 9.91 -37.98
C TYR U 39 -0.72 8.69 -37.57
N GLU U 40 0.12 8.83 -36.54
CA GLU U 40 0.85 7.68 -36.02
C GLU U 40 -0.12 6.68 -35.39
N GLN U 41 -1.13 7.19 -34.68
CA GLN U 41 -2.13 6.31 -34.08
C GLN U 41 -2.96 5.61 -35.14
N MET U 42 -3.40 6.35 -36.16
CA MET U 42 -4.16 5.74 -37.25
C MET U 42 -3.34 4.67 -37.94
N ALA U 43 -2.07 4.95 -38.24
CA ALA U 43 -1.24 3.98 -38.94
C ALA U 43 -1.11 2.69 -38.14
N ARG U 44 -1.08 2.80 -36.82
CA ARG U 44 -0.94 1.62 -35.96
C ARG U 44 -2.09 0.63 -36.16
N TYR U 45 -3.29 1.12 -36.43
CA TYR U 45 -4.47 0.26 -36.54
C TYR U 45 -4.92 0.03 -37.97
N SER U 46 -4.20 0.55 -38.96
CA SER U 46 -4.57 0.37 -40.37
C SER U 46 -3.86 -0.86 -40.92
N GLU U 47 -4.63 -1.90 -41.21
CA GLU U 47 -4.07 -3.08 -41.86
C GLU U 47 -3.96 -2.92 -43.36
N ASP U 48 -4.60 -1.90 -43.93
CA ASP U 48 -4.37 -1.54 -45.33
C ASP U 48 -3.00 -0.89 -45.42
N GLU U 49 -2.05 -1.56 -46.09
CA GLU U 49 -0.69 -1.07 -46.14
C GLU U 49 -0.56 0.18 -47.01
N ASN U 50 -1.48 0.41 -47.94
CA ASN U 50 -1.45 1.65 -48.72
C ASN U 50 -1.83 2.84 -47.84
N VAL U 51 -2.88 2.70 -47.03
CA VAL U 51 -3.27 3.77 -46.11
C VAL U 51 -2.17 4.00 -45.09
N ARG U 52 -1.65 2.92 -44.51
CA ARG U 52 -0.57 3.05 -43.54
C ARG U 52 0.62 3.80 -44.13
N LYS U 53 1.02 3.45 -45.36
CA LYS U 53 2.19 4.08 -45.96
C LYS U 53 1.98 5.58 -46.12
N ILE U 54 0.79 5.99 -46.56
CA ILE U 54 0.51 7.41 -46.71
C ILE U 54 0.45 8.11 -45.35
N LEU U 55 -0.19 7.47 -44.37
CA LEU U 55 -0.25 8.07 -43.03
C LEU U 55 1.15 8.34 -42.50
N LEU U 56 2.06 7.37 -42.65
CA LEU U 56 3.42 7.56 -42.16
C LEU U 56 4.19 8.58 -42.97
N ASP U 57 3.92 8.68 -44.28
CA ASP U 57 4.63 9.67 -45.08
C ASP U 57 4.12 11.08 -44.77
N VAL U 58 2.82 11.24 -44.56
CA VAL U 58 2.31 12.54 -44.14
C VAL U 58 2.87 12.91 -42.79
N ALA U 59 2.88 11.96 -41.84
CA ALA U 59 3.43 12.23 -40.53
C ALA U 59 4.88 12.70 -40.63
N ARG U 60 5.66 12.07 -41.51
CA ARG U 60 7.04 12.51 -41.73
C ARG U 60 7.09 13.96 -42.17
N GLU U 61 6.18 14.36 -43.06
CA GLU U 61 6.17 15.73 -43.55
C GLU U 61 5.70 16.70 -42.48
N GLU U 62 4.80 16.26 -41.58
CA GLU U 62 4.45 17.12 -40.44
C GLU U 62 5.65 17.31 -39.52
N LYS U 63 6.51 16.29 -39.39
CA LYS U 63 7.70 16.45 -38.56
C LYS U 63 8.62 17.52 -39.11
N ALA U 64 8.65 17.71 -40.44
CA ALA U 64 9.42 18.80 -41.01
C ALA U 64 8.77 20.15 -40.71
N HIS U 65 7.43 20.19 -40.68
CA HIS U 65 6.74 21.42 -40.31
C HIS U 65 7.11 21.86 -38.91
N VAL U 66 7.26 20.91 -37.98
CA VAL U 66 7.74 21.24 -36.64
C VAL U 66 9.06 21.99 -36.73
N GLY U 67 9.96 21.51 -37.57
CA GLY U 67 11.26 22.17 -37.72
C GLY U 67 11.14 23.57 -38.27
N GLU U 68 10.25 23.77 -39.25
CA GLU U 68 10.09 25.10 -39.83
C GLU U 68 9.59 26.09 -38.79
N PHE U 69 8.53 25.73 -38.08
CA PHE U 69 8.00 26.62 -37.04
C PHE U 69 9.00 26.78 -35.90
N MET U 70 9.72 25.71 -35.56
CA MET U 70 10.75 25.80 -34.54
C MET U 70 11.84 26.78 -34.94
N ALA U 71 12.29 26.72 -36.19
CA ALA U 71 13.35 27.63 -36.65
C ALA U 71 12.92 29.08 -36.49
N LEU U 72 11.69 29.39 -36.86
CA LEU U 72 11.18 30.76 -36.69
C LEU U 72 11.08 31.14 -35.22
N LEU U 73 10.57 30.22 -34.40
CA LEU U 73 10.41 30.52 -32.97
C LEU U 73 11.76 30.78 -32.32
N LEU U 74 12.74 29.90 -32.57
CA LEU U 74 14.06 30.10 -32.00
C LEU U 74 14.68 31.42 -32.45
N ASN U 75 14.40 31.83 -33.68
CA ASN U 75 14.92 33.10 -34.19
C ASN U 75 14.30 34.30 -33.48
N LEU U 76 13.05 34.18 -33.05
CA LEU U 76 12.35 35.28 -32.39
C LEU U 76 12.39 35.18 -30.87
N ASP U 77 12.78 34.03 -30.31
CA ASP U 77 12.76 33.78 -28.87
C ASP U 77 14.15 33.34 -28.43
N PRO U 78 15.07 34.28 -28.25
CA PRO U 78 16.43 33.89 -27.82
C PRO U 78 16.42 33.16 -26.49
N GLU U 79 15.47 33.45 -25.61
CA GLU U 79 15.36 32.71 -24.36
C GLU U 79 15.13 31.23 -24.63
N GLN U 80 14.32 30.92 -25.64
CA GLN U 80 14.08 29.52 -25.99
C GLN U 80 15.35 28.85 -26.48
N VAL U 81 16.24 29.58 -27.17
CA VAL U 81 17.50 29.01 -27.60
C VAL U 81 18.32 28.55 -26.41
N THR U 82 18.52 29.44 -25.43
CA THR U 82 19.32 29.10 -24.25
C THR U 82 18.68 27.95 -23.48
N GLU U 83 17.37 28.02 -23.24
CA GLU U 83 16.73 27.00 -22.42
C GLU U 83 16.64 25.66 -23.14
N LEU U 84 16.56 25.68 -24.48
CA LEU U 84 16.63 24.42 -25.22
C LEU U 84 17.97 23.73 -24.98
N LYS U 85 19.06 24.50 -25.01
CA LYS U 85 20.37 23.95 -24.69
C LYS U 85 20.43 23.48 -23.24
N GLY U 86 19.93 24.30 -22.32
CA GLY U 86 19.91 23.90 -20.92
C GLY U 86 19.11 22.64 -20.69
N GLY U 87 17.98 22.50 -21.40
CA GLY U 87 17.19 21.29 -21.27
C GLY U 87 17.90 20.06 -21.80
N PHE U 88 18.56 20.19 -22.96
CA PHE U 88 19.35 19.09 -23.50
C PHE U 88 20.43 18.65 -22.51
N GLU U 89 21.12 19.62 -21.91
CA GLU U 89 22.18 19.28 -20.96
C GLU U 89 21.61 18.61 -19.71
N GLU U 90 20.45 19.07 -19.25
CA GLU U 90 19.83 18.45 -18.08
C GLU U 90 19.51 16.99 -18.34
N VAL U 91 19.00 16.68 -19.53
CA VAL U 91 18.72 15.29 -19.89
C VAL U 91 20.02 14.49 -19.91
N LYS U 92 21.07 15.05 -20.48
CA LYS U 92 22.37 14.40 -20.48
C LYS U 92 22.82 14.08 -19.06
N GLU U 93 22.71 15.05 -18.15
CA GLU U 93 23.17 14.86 -16.78
C GLU U 93 22.43 13.72 -16.09
N LEU U 94 21.11 13.66 -16.26
CA LEU U 94 20.30 12.71 -15.51
C LEU U 94 20.22 11.32 -16.16
N THR U 95 20.43 11.23 -17.47
CA THR U 95 20.25 9.96 -18.18
C THR U 95 21.40 9.57 -19.09
N GLY U 96 22.30 10.49 -19.43
CA GLY U 96 23.33 10.21 -20.41
C GLY U 96 22.90 10.33 -21.86
N ILE U 97 21.62 10.54 -22.13
CA ILE U 97 21.15 10.69 -23.50
C ILE U 97 21.65 11.99 -24.08
N GLU U 98 22.13 11.93 -25.33
CA GLU U 98 22.64 13.10 -26.03
C GLU U 98 22.17 13.09 -27.48
N GLY V 2 -18.62 20.08 -16.61
CA GLY V 2 -18.11 20.04 -15.26
C GLY V 2 -16.99 19.03 -15.11
N LEU V 3 -16.48 18.89 -13.89
CA LEU V 3 -15.40 17.95 -13.62
C LEU V 3 -15.87 16.57 -13.22
N SER V 4 -17.08 16.46 -12.66
CA SER V 4 -17.61 15.15 -12.28
C SER V 4 -17.98 14.35 -13.52
N ILE V 5 -17.94 13.03 -13.37
CA ILE V 5 -18.21 12.12 -14.48
C ILE V 5 -19.70 11.76 -14.47
N ASN V 6 -20.28 11.69 -15.66
CA ASN V 6 -21.63 11.17 -15.80
C ASN V 6 -21.63 9.71 -15.38
N PRO V 7 -22.40 9.31 -14.36
CA PRO V 7 -22.36 7.91 -13.90
C PRO V 7 -22.58 6.90 -15.01
N THR V 8 -23.29 7.27 -16.08
CA THR V 8 -23.46 6.37 -17.21
C THR V 8 -22.12 5.88 -17.75
N LEU V 9 -21.08 6.70 -17.61
CA LEU V 9 -19.76 6.36 -18.16
C LEU V 9 -18.83 5.73 -17.13
N ILE V 10 -19.21 5.68 -15.87
CA ILE V 10 -18.33 5.15 -14.83
C ILE V 10 -18.44 3.63 -14.82
N ASN V 11 -17.33 2.96 -15.10
CA ASN V 11 -17.25 1.51 -14.96
C ASN V 11 -16.05 1.07 -14.14
N ARG V 12 -15.42 2.00 -13.42
CA ARG V 12 -14.31 1.65 -12.54
C ARG V 12 -14.83 0.93 -11.31
N ASP V 13 -14.11 -0.10 -10.89
CA ASP V 13 -14.47 -0.87 -9.70
C ASP V 13 -13.41 -0.88 -8.63
N LYS V 14 -12.12 -0.75 -8.99
CA LYS V 14 -11.08 -0.86 -7.98
C LYS V 14 -10.80 0.50 -7.33
N PRO V 15 -10.30 0.50 -6.09
CA PRO V 15 -10.01 1.77 -5.44
C PRO V 15 -8.81 2.48 -6.06
N TYR V 16 -8.68 3.76 -5.73
CA TYR V 16 -7.55 4.54 -6.21
C TYR V 16 -6.23 3.98 -5.67
N THR V 17 -5.22 3.96 -6.53
CA THR V 17 -3.88 3.66 -6.08
C THR V 17 -3.29 4.86 -5.31
N LYS V 18 -2.11 4.63 -4.74
CA LYS V 18 -1.39 5.69 -4.03
C LYS V 18 -1.21 6.92 -4.90
N GLU V 19 -0.77 6.72 -6.15
CA GLU V 19 -0.53 7.83 -7.04
C GLU V 19 -1.83 8.49 -7.47
N GLU V 20 -2.88 7.69 -7.70
CA GLU V 20 -4.16 8.23 -8.09
C GLU V 20 -4.79 9.06 -6.97
N LEU V 21 -4.56 8.69 -5.71
CA LEU V 21 -5.06 9.50 -4.60
C LEU V 21 -4.45 10.89 -4.60
N MET V 22 -3.14 10.98 -4.88
CA MET V 22 -2.51 12.27 -5.00
C MET V 22 -3.15 13.07 -6.14
N GLU V 23 -3.51 12.39 -7.23
CA GLU V 23 -4.03 13.09 -8.40
C GLU V 23 -5.43 13.63 -8.16
N ILE V 24 -6.27 12.89 -7.44
CA ILE V 24 -7.62 13.40 -7.19
C ILE V 24 -7.58 14.54 -6.17
N LEU V 25 -6.58 14.55 -5.29
CA LEU V 25 -6.44 15.70 -4.39
C LEU V 25 -6.04 16.96 -5.17
N ARG V 26 -5.14 16.81 -6.15
CA ARG V 26 -4.81 17.94 -7.01
C ARG V 26 -6.02 18.38 -7.82
N LEU V 27 -6.82 17.42 -8.30
CA LEU V 27 -8.01 17.75 -9.06
C LEU V 27 -9.05 18.44 -8.18
N ALA V 28 -9.14 18.02 -6.91
CA ALA V 28 -10.03 18.69 -5.98
C ALA V 28 -9.63 20.14 -5.76
N ILE V 29 -8.33 20.41 -5.66
CA ILE V 29 -7.84 21.78 -5.54
C ILE V 29 -8.19 22.57 -6.80
N ILE V 30 -8.02 21.96 -7.97
CA ILE V 30 -8.41 22.61 -9.22
C ILE V 30 -9.88 23.02 -9.16
N ALA V 31 -10.74 22.11 -8.70
CA ALA V 31 -12.17 22.41 -8.65
C ALA V 31 -12.45 23.58 -7.70
N GLU V 32 -11.76 23.62 -6.56
CA GLU V 32 -11.97 24.72 -5.61
C GLU V 32 -11.47 26.04 -6.17
N LEU V 33 -10.28 26.05 -6.78
CA LEU V 33 -9.74 27.27 -7.35
C LEU V 33 -10.63 27.80 -8.46
N ASP V 34 -11.18 26.90 -9.28
CA ASP V 34 -12.11 27.32 -10.33
C ASP V 34 -13.36 27.96 -9.73
N ALA V 35 -13.89 27.35 -8.65
CA ALA V 35 -15.08 27.90 -8.00
C ALA V 35 -14.79 29.27 -7.40
N ILE V 36 -13.61 29.44 -6.79
CA ILE V 36 -13.26 30.74 -6.23
C ILE V 36 -13.24 31.80 -7.33
N ASN V 37 -12.56 31.53 -8.44
CA ASN V 37 -12.55 32.47 -9.56
C ASN V 37 -13.97 32.76 -10.04
N LEU V 38 -14.80 31.73 -10.13
CA LEU V 38 -16.17 31.92 -10.61
C LEU V 38 -16.94 32.87 -9.70
N TYR V 39 -16.92 32.60 -8.40
CA TYR V 39 -17.71 33.41 -7.47
C TYR V 39 -17.12 34.80 -7.29
N GLU V 40 -15.79 34.93 -7.39
CA GLU V 40 -15.19 36.26 -7.33
CA GLU V 40 -15.19 36.25 -7.33
C GLU V 40 -15.56 37.09 -8.55
N GLN V 41 -15.59 36.46 -9.73
CA GLN V 41 -16.02 37.14 -10.95
C GLN V 41 -17.48 37.56 -10.85
N MET V 42 -18.35 36.66 -10.38
CA MET V 42 -19.76 37.00 -10.21
C MET V 42 -19.94 38.16 -9.26
N ALA V 43 -19.23 38.13 -8.12
CA ALA V 43 -19.38 39.19 -7.13
C ALA V 43 -19.01 40.55 -7.72
N ARG V 44 -18.01 40.56 -8.61
CA ARG V 44 -17.54 41.81 -9.18
C ARG V 44 -18.64 42.52 -9.97
N TYR V 45 -19.48 41.76 -10.68
CA TYR V 45 -20.51 42.35 -11.52
C TYR V 45 -21.89 42.36 -10.88
N SER V 46 -22.01 41.92 -9.63
CA SER V 46 -23.29 41.90 -8.93
CA SER V 46 -23.29 41.89 -8.93
C SER V 46 -23.41 43.18 -8.11
N GLU V 47 -24.22 44.12 -8.59
CA GLU V 47 -24.53 45.30 -7.80
C GLU V 47 -25.68 45.03 -6.83
N ASP V 48 -26.26 43.84 -6.87
CA ASP V 48 -27.14 43.37 -5.80
C ASP V 48 -26.28 43.00 -4.60
N GLU V 49 -26.42 43.76 -3.51
CA GLU V 49 -25.51 43.58 -2.37
C GLU V 49 -25.74 42.26 -1.66
N ASN V 50 -26.98 41.77 -1.67
CA ASN V 50 -27.26 40.47 -1.05
C ASN V 50 -26.54 39.35 -1.78
N VAL V 51 -26.61 39.36 -3.11
CA VAL V 51 -25.94 38.33 -3.91
C VAL V 51 -24.44 38.43 -3.74
N ARG V 52 -23.90 39.66 -3.82
CA ARG V 52 -22.47 39.84 -3.65
C ARG V 52 -22.00 39.36 -2.28
N LYS V 53 -22.74 39.71 -1.22
CA LYS V 53 -22.34 39.32 0.11
C LYS V 53 -22.24 37.80 0.25
N ILE V 54 -23.22 37.08 -0.29
CA ILE V 54 -23.21 35.63 -0.20
C ILE V 54 -22.11 35.05 -1.08
N LEU V 55 -21.96 35.57 -2.30
CA LEU V 55 -20.91 35.09 -3.19
C LEU V 55 -19.55 35.19 -2.52
N LEU V 56 -19.26 36.33 -1.88
CA LEU V 56 -17.96 36.49 -1.24
C LEU V 56 -17.81 35.59 -0.01
N ASP V 57 -18.92 35.33 0.71
CA ASP V 57 -18.84 34.45 1.87
C ASP V 57 -18.65 33.00 1.45
N VAL V 58 -19.32 32.58 0.38
CA VAL V 58 -19.10 31.23 -0.14
C VAL V 58 -17.67 31.09 -0.64
N ALA V 59 -17.17 32.09 -1.38
CA ALA V 59 -15.80 32.05 -1.86
C ALA V 59 -14.81 31.89 -0.71
N ARG V 60 -15.04 32.60 0.40
CA ARG V 60 -14.19 32.46 1.56
C ARG V 60 -14.14 31.02 2.04
N GLU V 61 -15.30 30.35 2.06
CA GLU V 61 -15.33 28.97 2.52
C GLU V 61 -14.67 28.03 1.53
N GLU V 62 -14.75 28.32 0.23
CA GLU V 62 -14.01 27.51 -0.75
C GLU V 62 -12.51 27.66 -0.53
N LYS V 63 -12.05 28.84 -0.09
CA LYS V 63 -10.64 29.02 0.20
C LYS V 63 -10.19 28.15 1.37
N ALA V 64 -11.09 27.87 2.32
CA ALA V 64 -10.77 26.92 3.38
C ALA V 64 -10.68 25.50 2.83
N HIS V 65 -11.53 25.16 1.86
CA HIS V 65 -11.45 23.84 1.23
C HIS V 65 -10.10 23.65 0.55
N VAL V 66 -9.56 24.70 -0.06
CA VAL V 66 -8.21 24.61 -0.61
C VAL V 66 -7.23 24.17 0.46
N GLY V 67 -7.35 24.74 1.66
CA GLY V 67 -6.46 24.36 2.75
C GLY V 67 -6.62 22.91 3.16
N GLU V 68 -7.87 22.43 3.22
CA GLU V 68 -8.09 21.05 3.64
C GLU V 68 -7.47 20.07 2.65
N PHE V 69 -7.76 20.25 1.36
CA PHE V 69 -7.21 19.37 0.35
C PHE V 69 -5.69 19.50 0.27
N MET V 70 -5.17 20.73 0.41
CA MET V 70 -3.73 20.94 0.39
C MET V 70 -3.06 20.21 1.54
N ALA V 71 -3.68 20.21 2.72
CA ALA V 71 -3.10 19.51 3.86
C ALA V 71 -2.98 18.02 3.58
N LEU V 72 -4.01 17.41 2.99
CA LEU V 72 -3.94 16.00 2.64
C LEU V 72 -2.88 15.74 1.57
N LEU V 73 -2.82 16.61 0.56
CA LEU V 73 -1.85 16.44 -0.50
C LEU V 73 -0.42 16.49 0.04
N LEU V 74 -0.13 17.51 0.86
CA LEU V 74 1.21 17.63 1.42
C LEU V 74 1.58 16.41 2.26
N ASN V 75 0.60 15.83 2.97
CA ASN V 75 0.86 14.65 3.77
C ASN V 75 1.17 13.44 2.91
N LEU V 76 0.57 13.34 1.72
CA LEU V 76 0.76 12.20 0.84
C LEU V 76 1.82 12.46 -0.23
N ASP V 77 2.24 13.71 -0.43
CA ASP V 77 3.19 14.08 -1.48
C ASP V 77 4.36 14.80 -0.82
N PRO V 78 5.28 14.05 -0.21
CA PRO V 78 6.43 14.70 0.45
C PRO V 78 7.26 15.55 -0.50
N GLU V 79 7.31 15.17 -1.78
CA GLU V 79 8.02 15.99 -2.76
C GLU V 79 7.39 17.37 -2.85
N GLN V 80 6.06 17.46 -2.77
CA GLN V 80 5.38 18.74 -2.82
C GLN V 80 5.73 19.61 -1.61
N VAL V 81 5.95 19.01 -0.44
CA VAL V 81 6.36 19.78 0.74
C VAL V 81 7.68 20.49 0.46
N THR V 82 8.68 19.73 0.01
CA THR V 82 9.97 20.34 -0.31
C THR V 82 9.85 21.40 -1.40
N GLU V 83 9.15 21.08 -2.49
CA GLU V 83 9.11 22.02 -3.61
C GLU V 83 8.24 23.23 -3.31
N LEU V 84 7.22 23.08 -2.46
CA LEU V 84 6.46 24.25 -2.02
C LEU V 84 7.36 25.24 -1.30
N LYS V 85 8.15 24.76 -0.34
CA LYS V 85 9.12 25.62 0.33
C LYS V 85 10.12 26.17 -0.67
N GLY V 86 10.63 25.33 -1.55
CA GLY V 86 11.57 25.81 -2.56
C GLY V 86 10.96 26.89 -3.44
N GLY V 87 9.69 26.73 -3.80
CA GLY V 87 9.00 27.75 -4.58
C GLY V 87 8.85 29.06 -3.84
N PHE V 88 8.49 29.00 -2.55
CA PHE V 88 8.44 30.21 -1.74
C PHE V 88 9.80 30.89 -1.70
N GLU V 89 10.87 30.12 -1.53
CA GLU V 89 12.20 30.71 -1.48
C GLU V 89 12.57 31.35 -2.82
N GLU V 90 12.21 30.70 -3.93
CA GLU V 90 12.49 31.27 -5.24
C GLU V 90 11.79 32.61 -5.41
N VAL V 91 10.54 32.71 -4.96
CA VAL V 91 9.82 33.99 -5.04
C VAL V 91 10.54 35.04 -4.19
N LYS V 92 10.97 34.65 -2.98
CA LYS V 92 11.68 35.60 -2.14
C LYS V 92 12.95 36.10 -2.82
N GLU V 93 13.70 35.19 -3.45
CA GLU V 93 14.94 35.58 -4.10
C GLU V 93 14.72 36.53 -5.27
N LEU V 94 13.58 36.39 -5.95
CA LEU V 94 13.30 37.21 -7.12
C LEU V 94 12.53 38.48 -6.81
N THR V 95 11.76 38.52 -5.72
CA THR V 95 10.90 39.65 -5.41
C THR V 95 11.02 40.18 -3.99
N GLY V 96 11.60 39.43 -3.07
CA GLY V 96 11.60 39.82 -1.67
C GLY V 96 10.33 39.46 -0.92
N ILE V 97 9.31 38.95 -1.59
CA ILE V 97 8.07 38.56 -0.93
C ILE V 97 8.31 37.34 -0.05
N GLU V 98 7.77 37.37 1.15
CA GLU V 98 7.87 36.26 2.09
C GLU V 98 6.51 35.92 2.67
N GLY W 2 37.17 12.08 37.24
CA GLY W 2 38.51 11.64 36.88
C GLY W 2 38.53 10.22 36.34
N LEU W 3 39.72 9.72 36.02
CA LEU W 3 39.87 8.37 35.50
C LEU W 3 40.15 7.35 36.58
N SER W 4 40.69 7.76 37.72
CA SER W 4 40.98 6.81 38.79
C SER W 4 39.69 6.34 39.46
N ILE W 5 39.74 5.15 40.03
CA ILE W 5 38.58 4.54 40.66
C ILE W 5 38.55 4.91 42.14
N ASN W 6 37.36 5.21 42.65
CA ASN W 6 37.15 5.38 44.07
C ASN W 6 37.43 4.05 44.78
N PRO W 7 38.38 4.00 45.72
CA PRO W 7 38.70 2.69 46.34
C PRO W 7 37.51 1.96 46.92
N THR W 8 36.46 2.68 47.33
CA THR W 8 35.26 2.01 47.83
C THR W 8 34.73 1.00 46.81
N LEU W 9 34.95 1.25 45.52
CA LEU W 9 34.44 0.40 44.47
C LEU W 9 35.46 -0.62 43.96
N ILE W 10 36.70 -0.58 44.45
CA ILE W 10 37.72 -1.51 43.98
C ILE W 10 37.56 -2.82 44.73
N ASN W 11 37.22 -3.88 43.99
CA ASN W 11 37.15 -5.23 44.55
C ASN W 11 38.01 -6.22 43.77
N ARG W 12 38.78 -5.75 42.80
CA ARG W 12 39.66 -6.63 42.05
C ARG W 12 40.84 -7.07 42.90
N ASP W 13 41.22 -8.34 42.75
CA ASP W 13 42.34 -8.91 43.49
C ASP W 13 43.46 -9.43 42.60
N LYS W 14 43.13 -9.98 41.44
CA LYS W 14 44.17 -10.61 40.64
C LYS W 14 44.89 -9.58 39.76
N PRO W 15 46.15 -9.83 39.41
CA PRO W 15 46.90 -8.87 38.60
C PRO W 15 46.38 -8.81 37.16
N TYR W 16 46.78 -7.75 36.47
CA TYR W 16 46.40 -7.57 35.09
C TYR W 16 46.95 -8.70 34.22
N THR W 17 46.14 -9.17 33.28
CA THR W 17 46.63 -10.04 32.25
C THR W 17 47.50 -9.27 31.26
N LYS W 18 48.14 -10.00 30.35
CA LYS W 18 48.96 -9.35 29.33
C LYS W 18 48.12 -8.43 28.46
N GLU W 19 46.90 -8.84 28.14
CA GLU W 19 45.99 -7.97 27.41
C GLU W 19 45.62 -6.73 28.22
N GLU W 20 45.34 -6.91 29.50
CA GLU W 20 44.94 -5.77 30.34
C GLU W 20 46.09 -4.80 30.54
N LEU W 21 47.34 -5.30 30.57
CA LEU W 21 48.49 -4.41 30.67
C LEU W 21 48.55 -3.47 29.47
N MET W 22 48.33 -4.00 28.26
CA MET W 22 48.26 -3.14 27.09
C MET W 22 47.17 -2.09 27.25
N GLU W 23 46.03 -2.49 27.82
CA GLU W 23 44.89 -1.58 27.89
C GLU W 23 45.14 -0.46 28.90
N ILE W 24 45.80 -0.74 30.02
CA ILE W 24 46.05 0.33 30.98
C ILE W 24 47.13 1.26 30.47
N LEU W 25 48.04 0.76 29.62
CA LEU W 25 49.02 1.65 29.00
C LEU W 25 48.34 2.62 28.04
N ARG W 26 47.38 2.12 27.26
CA ARG W 26 46.61 3.02 26.39
C ARG W 26 45.82 4.01 27.23
N LEU W 27 45.25 3.55 28.35
CA LEU W 27 44.50 4.45 29.21
C LEU W 27 45.42 5.48 29.85
N ALA W 28 46.66 5.08 30.19
CA ALA W 28 47.62 6.03 30.73
C ALA W 28 47.95 7.11 29.70
N ILE W 29 48.10 6.74 28.43
CA ILE W 29 48.33 7.71 27.38
C ILE W 29 47.13 8.64 27.25
N ILE W 30 45.91 8.08 27.34
CA ILE W 30 44.71 8.90 27.33
C ILE W 30 44.75 9.94 28.44
N ALA W 31 45.12 9.51 29.65
CA ALA W 31 45.17 10.44 30.78
C ALA W 31 46.18 11.55 30.52
N GLU W 32 47.34 11.20 29.96
CA GLU W 32 48.36 12.20 29.68
C GLU W 32 47.92 13.18 28.60
N LEU W 33 47.33 12.66 27.51
CA LEU W 33 46.87 13.54 26.44
C LEU W 33 45.79 14.50 26.94
N ASP W 34 44.89 14.01 27.81
CA ASP W 34 43.88 14.90 28.38
C ASP W 34 44.51 16.00 29.22
N ALA W 35 45.52 15.64 30.02
CA ALA W 35 46.18 16.64 30.85
C ALA W 35 46.90 17.69 30.01
N ILE W 36 47.54 17.26 28.92
CA ILE W 36 48.19 18.21 28.02
C ILE W 36 47.18 19.20 27.46
N ASN W 37 46.07 18.70 26.94
CA ASN W 37 45.02 19.58 26.45
C ASN W 37 44.54 20.53 27.54
N LEU W 38 44.38 20.00 28.76
CA LEU W 38 43.90 20.83 29.86
C LEU W 38 44.86 21.98 30.15
N TYR W 39 46.16 21.67 30.27
CA TYR W 39 47.12 22.70 30.65
C TYR W 39 47.38 23.67 29.49
N GLU W 40 47.37 23.17 28.25
CA GLU W 40 47.51 24.06 27.10
CA GLU W 40 47.51 24.06 27.10
C GLU W 40 46.34 25.04 27.03
N GLN W 41 45.13 24.56 27.34
CA GLN W 41 43.97 25.45 27.37
C GLN W 41 44.07 26.47 28.50
N MET W 42 44.48 26.03 29.69
CA MET W 42 44.65 26.96 30.80
C MET W 42 45.67 28.04 30.46
N ALA W 43 46.82 27.63 29.87
CA ALA W 43 47.84 28.60 29.53
C ALA W 43 47.33 29.64 28.53
N ARG W 44 46.42 29.24 27.65
CA ARG W 44 45.89 30.15 26.64
C ARG W 44 45.20 31.34 27.29
N TYR W 45 44.44 31.11 28.36
CA TYR W 45 43.65 32.17 28.98
C TYR W 45 44.31 32.77 30.21
N SER W 46 45.53 32.36 30.54
CA SER W 46 46.24 32.89 31.70
C SER W 46 47.14 34.04 31.25
N GLU W 47 46.75 35.27 31.59
CA GLU W 47 47.60 36.42 31.34
C GLU W 47 48.71 36.55 32.38
N ASP W 48 48.63 35.82 33.48
CA ASP W 48 49.70 35.78 34.47
C ASP W 48 50.86 34.97 33.91
N GLU W 49 51.96 35.65 33.58
CA GLU W 49 53.08 34.99 32.90
C GLU W 49 53.70 33.90 33.77
N ASN W 50 53.72 34.07 35.08
CA ASN W 50 54.26 33.04 35.95
C ASN W 50 53.44 31.77 35.88
N VAL W 51 52.11 31.90 35.94
CA VAL W 51 51.24 30.73 35.82
C VAL W 51 51.37 30.09 34.45
N ARG W 52 51.37 30.91 33.39
CA ARG W 52 51.49 30.36 32.04
C ARG W 52 52.79 29.57 31.88
N LYS W 53 53.90 30.09 32.39
CA LYS W 53 55.18 29.41 32.23
C LYS W 53 55.16 28.05 32.89
N ILE W 54 54.61 27.95 34.10
CA ILE W 54 54.55 26.67 34.79
C ILE W 54 53.61 25.72 34.07
N LEU W 55 52.44 26.22 33.64
CA LEU W 55 51.51 25.38 32.89
C LEU W 55 52.18 24.78 31.66
N LEU W 56 52.93 25.61 30.92
CA LEU W 56 53.59 25.11 29.72
C LEU W 56 54.73 24.15 30.06
N ASP W 57 55.42 24.37 31.18
CA ASP W 57 56.51 23.48 31.55
C ASP W 57 55.98 22.13 32.05
N VAL W 58 54.88 22.16 32.81
CA VAL W 58 54.25 20.90 33.22
C VAL W 58 53.73 20.17 32.00
N ALA W 59 53.07 20.89 31.09
CA ALA W 59 52.57 20.27 29.88
C ALA W 59 53.70 19.59 29.10
N ARG W 60 54.86 20.25 29.03
CA ARG W 60 56.02 19.65 28.37
C ARG W 60 56.39 18.33 29.02
N GLU W 61 56.35 18.26 30.35
CA GLU W 61 56.70 17.03 31.03
C GLU W 61 55.65 15.95 30.83
N GLU W 62 54.37 16.33 30.69
CA GLU W 62 53.36 15.33 30.34
C GLU W 62 53.60 14.77 28.94
N LYS W 63 54.13 15.58 28.03
CA LYS W 63 54.46 15.07 26.70
C LYS W 63 55.57 14.02 26.77
N ALA W 64 56.47 14.13 27.74
CA ALA W 64 57.46 13.08 27.95
C ALA W 64 56.83 11.82 28.52
N HIS W 65 55.82 11.97 29.39
CA HIS W 65 55.10 10.81 29.90
C HIS W 65 54.43 10.03 28.78
N VAL W 66 53.89 10.73 27.78
CA VAL W 66 53.34 10.04 26.61
C VAL W 66 54.39 9.12 26.00
N GLY W 67 55.63 9.62 25.87
CA GLY W 67 56.68 8.80 25.30
C GLY W 67 57.01 7.59 26.14
N GLU W 68 57.04 7.75 27.46
CA GLU W 68 57.37 6.64 28.34
C GLU W 68 56.33 5.53 28.22
N PHE W 69 55.05 5.90 28.33
CA PHE W 69 53.99 4.90 28.20
C PHE W 69 53.96 4.32 26.79
N MET W 70 54.22 5.15 25.78
CA MET W 70 54.24 4.65 24.40
CA MET W 70 54.24 4.65 24.40
C MET W 70 55.36 3.64 24.19
N ALA W 71 56.53 3.89 24.78
CA ALA W 71 57.64 2.94 24.66
C ALA W 71 57.25 1.58 25.23
N LEU W 72 56.61 1.57 26.41
CA LEU W 72 56.15 0.31 26.98
C LEU W 72 55.09 -0.34 26.11
N LEU W 73 54.14 0.45 25.60
CA LEU W 73 53.07 -0.10 24.77
C LEU W 73 53.63 -0.75 23.52
N LEU W 74 54.51 -0.03 22.80
CA LEU W 74 55.09 -0.57 21.59
C LEU W 74 55.89 -1.85 21.87
N ASN W 75 56.53 -1.92 23.04
CA ASN W 75 57.30 -3.10 23.40
C ASN W 75 56.39 -4.31 23.62
N LEU W 76 55.17 -4.08 24.10
CA LEU W 76 54.23 -5.16 24.37
C LEU W 76 53.23 -5.38 23.24
N ASP W 77 53.13 -4.45 22.29
CA ASP W 77 52.14 -4.50 21.23
C ASP W 77 52.86 -4.41 19.89
N PRO W 78 53.46 -5.51 19.42
CA PRO W 78 54.15 -5.45 18.12
C PRO W 78 53.24 -5.04 16.97
N GLU W 79 51.95 -5.36 17.05
CA GLU W 79 51.02 -4.92 16.01
C GLU W 79 50.95 -3.40 15.94
N GLN W 80 50.99 -2.72 17.10
CA GLN W 80 50.97 -1.27 17.13
C GLN W 80 52.23 -0.68 16.50
N VAL W 81 53.38 -1.35 16.64
CA VAL W 81 54.60 -0.88 15.97
C VAL W 81 54.39 -0.86 14.47
N THR W 82 53.92 -1.97 13.91
CA THR W 82 53.68 -2.06 12.47
C THR W 82 52.67 -1.03 12.01
N GLU W 83 51.53 -0.92 12.71
CA GLU W 83 50.48 -0.03 12.25
C GLU W 83 50.84 1.43 12.48
N LEU W 84 51.66 1.73 13.50
CA LEU W 84 52.16 3.10 13.65
C LEU W 84 52.95 3.52 12.43
N LYS W 85 53.87 2.65 11.98
CA LYS W 85 54.62 2.94 10.77
C LYS W 85 53.70 3.01 9.55
N GLY W 86 52.77 2.07 9.44
CA GLY W 86 51.81 2.11 8.35
C GLY W 86 50.97 3.38 8.36
N GLY W 87 50.59 3.84 9.54
CA GLY W 87 49.85 5.09 9.65
C GLY W 87 50.69 6.28 9.21
N PHE W 88 51.96 6.30 9.60
CA PHE W 88 52.87 7.36 9.13
C PHE W 88 52.94 7.36 7.60
N GLU W 89 53.06 6.18 6.99
CA GLU W 89 53.15 6.09 5.54
C GLU W 89 51.89 6.58 4.86
N GLU W 90 50.72 6.28 5.44
CA GLU W 90 49.47 6.75 4.87
C GLU W 90 49.39 8.26 4.86
N VAL W 91 49.84 8.91 5.95
CA VAL W 91 49.84 10.37 6.00
C VAL W 91 50.79 10.93 4.94
N LYS W 92 51.92 10.26 4.72
CA LYS W 92 52.84 10.68 3.67
C LYS W 92 52.17 10.64 2.30
N GLU W 93 51.45 9.54 2.01
CA GLU W 93 50.82 9.38 0.71
C GLU W 93 49.71 10.40 0.50
N LEU W 94 48.96 10.72 1.55
CA LEU W 94 47.79 11.58 1.42
C LEU W 94 48.11 13.06 1.54
N THR W 95 49.20 13.43 2.21
CA THR W 95 49.51 14.83 2.46
C THR W 95 50.95 15.22 2.14
N GLY W 96 51.86 14.27 1.96
CA GLY W 96 53.26 14.59 1.81
C GLY W 96 54.00 14.82 3.11
N ILE W 97 53.31 14.86 4.25
CA ILE W 97 53.96 15.06 5.53
C ILE W 97 54.76 13.81 5.90
N GLU W 98 55.98 14.02 6.38
CA GLU W 98 56.84 12.91 6.77
C GLU W 98 57.48 13.18 8.13
N GLY X 2 -6.22 23.59 -24.70
CA GLY X 2 -5.36 24.10 -23.64
C GLY X 2 -5.96 25.30 -22.95
N LEU X 3 -5.22 25.86 -21.99
CA LEU X 3 -5.71 27.00 -21.24
C LEU X 3 -5.33 28.34 -21.86
N SER X 4 -4.25 28.39 -22.63
CA SER X 4 -3.87 29.65 -23.27
C SER X 4 -4.86 30.01 -24.37
N ILE X 5 -4.99 31.30 -24.63
CA ILE X 5 -5.95 31.80 -25.60
C ILE X 5 -5.28 31.89 -26.96
N ASN X 6 -6.00 31.49 -28.00
CA ASN X 6 -5.54 31.73 -29.36
C ASN X 6 -5.43 33.22 -29.61
N PRO X 7 -4.24 33.75 -29.93
CA PRO X 7 -4.10 35.21 -30.10
C PRO X 7 -5.11 35.82 -31.06
N THR X 8 -5.60 35.06 -32.03
CA THR X 8 -6.62 35.58 -32.93
C THR X 8 -7.83 36.10 -32.16
N LEU X 9 -8.11 35.54 -30.98
CA LEU X 9 -9.28 35.91 -30.18
C LEU X 9 -8.98 36.95 -29.12
N ILE X 10 -7.71 37.31 -28.92
CA ILE X 10 -7.34 38.27 -27.88
C ILE X 10 -7.58 39.67 -28.41
N ASN X 11 -8.54 40.37 -27.81
CA ASN X 11 -8.76 41.78 -28.10
C ASN X 11 -8.67 42.66 -26.86
N ARG X 12 -8.36 42.07 -25.70
CA ARG X 12 -8.18 42.87 -24.49
C ARG X 12 -6.94 43.74 -24.63
N ASP X 13 -7.06 44.98 -24.17
CA ASP X 13 -5.96 45.93 -24.18
C ASP X 13 -5.59 46.45 -22.80
N LYS X 14 -6.52 46.47 -21.85
CA LYS X 14 -6.27 47.04 -20.54
C LYS X 14 -5.64 46.02 -19.60
N PRO X 15 -4.85 46.47 -18.63
CA PRO X 15 -4.19 45.53 -17.72
C PRO X 15 -5.17 44.92 -16.73
N TYR X 16 -4.73 43.82 -16.12
CA TYR X 16 -5.54 43.14 -15.12
C TYR X 16 -5.80 44.04 -13.92
N THR X 17 -7.02 43.98 -13.40
CA THR X 17 -7.31 44.59 -12.11
C THR X 17 -6.66 43.77 -11.00
N LYS X 18 -6.68 44.31 -9.79
CA LYS X 18 -6.16 43.58 -8.64
C LYS X 18 -6.91 42.26 -8.45
N GLU X 19 -8.24 42.28 -8.63
CA GLU X 19 -9.01 41.05 -8.49
C GLU X 19 -8.70 40.08 -9.62
N GLU X 20 -8.48 40.59 -10.84
CA GLU X 20 -8.13 39.70 -11.94
C GLU X 20 -6.75 39.09 -11.75
N LEU X 21 -5.82 39.83 -11.11
CA LEU X 21 -4.50 39.28 -10.84
C LEU X 21 -4.58 38.07 -9.93
N MET X 22 -5.44 38.13 -8.90
CA MET X 22 -5.65 36.96 -8.06
C MET X 22 -6.18 35.78 -8.88
N GLU X 23 -7.05 36.07 -9.85
CA GLU X 23 -7.69 35.00 -10.60
C GLU X 23 -6.70 34.30 -11.54
N ILE X 24 -5.80 35.05 -12.17
CA ILE X 24 -4.85 34.40 -13.07
C ILE X 24 -3.81 33.63 -12.27
N LEU X 25 -3.53 34.03 -11.04
CA LEU X 25 -2.66 33.25 -10.18
C LEU X 25 -3.31 31.91 -9.80
N ARG X 26 -4.61 31.93 -9.51
CA ARG X 26 -5.32 30.68 -9.27
C ARG X 26 -5.35 29.83 -10.54
N LEU X 27 -5.52 30.46 -11.69
CA LEU X 27 -5.52 29.72 -12.95
C LEU X 27 -4.14 29.16 -13.26
N ALA X 28 -3.08 29.90 -12.92
CA ALA X 28 -1.73 29.37 -13.09
C ALA X 28 -1.52 28.13 -12.21
N ILE X 29 -2.04 28.15 -10.99
CA ILE X 29 -1.94 26.99 -10.11
C ILE X 29 -2.70 25.82 -10.72
N ILE X 30 -3.89 26.09 -11.27
CA ILE X 30 -4.65 25.05 -11.95
C ILE X 30 -3.82 24.42 -13.06
N ALA X 31 -3.17 25.26 -13.87
CA ALA X 31 -2.36 24.75 -14.97
C ALA X 31 -1.23 23.87 -14.47
N GLU X 32 -0.58 24.27 -13.37
CA GLU X 32 0.52 23.49 -12.82
C GLU X 32 0.03 22.15 -12.27
N LEU X 33 -1.08 22.16 -11.54
CA LEU X 33 -1.61 20.91 -10.99
C LEU X 33 -2.00 19.95 -12.10
N ASP X 34 -2.59 20.47 -13.19
CA ASP X 34 -2.92 19.62 -14.32
C ASP X 34 -1.66 19.02 -14.93
N ALA X 35 -0.60 19.81 -15.07
CA ALA X 35 0.64 19.30 -15.65
C ALA X 35 1.24 18.22 -14.77
N ILE X 36 1.21 18.41 -13.46
CA ILE X 36 1.73 17.40 -12.53
C ILE X 36 0.99 16.08 -12.71
N ASN X 37 -0.35 16.13 -12.69
CA ASN X 37 -1.13 14.92 -12.89
C ASN X 37 -0.79 14.26 -14.22
N LEU X 38 -0.63 15.06 -15.28
CA LEU X 38 -0.31 14.50 -16.59
C LEU X 38 1.02 13.75 -16.57
N TYR X 39 2.06 14.39 -16.04
CA TYR X 39 3.39 13.78 -16.06
C TYR X 39 3.47 12.60 -15.09
N GLU X 40 2.78 12.69 -13.94
CA GLU X 40 2.73 11.55 -13.03
CA GLU X 40 2.75 11.55 -13.03
C GLU X 40 2.04 10.36 -13.68
N GLN X 41 0.97 10.61 -14.43
CA GLN X 41 0.29 9.54 -15.15
C GLN X 41 1.18 8.96 -16.24
N MET X 42 1.86 9.82 -16.99
CA MET X 42 2.78 9.32 -18.01
C MET X 42 3.88 8.46 -17.41
N ALA X 43 4.46 8.91 -16.29
CA ALA X 43 5.53 8.15 -15.66
C ALA X 43 5.06 6.76 -15.23
N ARG X 44 3.79 6.65 -14.83
CA ARG X 44 3.26 5.37 -14.37
C ARG X 44 3.33 4.30 -15.45
N TYR X 45 3.17 4.67 -16.72
CA TYR X 45 3.10 3.71 -17.81
C TYR X 45 4.37 3.66 -18.65
N SER X 46 5.38 4.47 -18.34
CA SER X 46 6.63 4.48 -19.10
C SER X 46 7.60 3.49 -18.47
N GLU X 47 7.81 2.36 -19.15
CA GLU X 47 8.82 1.40 -18.72
C GLU X 47 10.22 1.84 -19.12
N ASP X 48 10.35 2.70 -20.12
CA ASP X 48 11.61 3.33 -20.43
C ASP X 48 12.06 4.16 -19.23
N GLU X 49 13.12 3.72 -18.55
CA GLU X 49 13.54 4.38 -17.32
C GLU X 49 14.07 5.78 -17.58
N ASN X 50 14.66 6.02 -18.76
CA ASN X 50 15.14 7.36 -19.09
C ASN X 50 13.98 8.34 -19.18
N VAL X 51 12.91 7.93 -19.87
CA VAL X 51 11.73 8.79 -19.99
C VAL X 51 11.08 9.00 -18.63
N ARG X 52 10.97 7.93 -17.83
CA ARG X 52 10.36 8.07 -16.51
C ARG X 52 11.16 9.03 -15.63
N LYS X 53 12.49 8.91 -15.66
CA LYS X 53 13.32 9.75 -14.82
C LYS X 53 13.12 11.23 -15.14
N ILE X 54 12.97 11.55 -16.43
CA ILE X 54 12.76 12.94 -16.83
C ILE X 54 11.34 13.39 -16.48
N LEU X 55 10.35 12.53 -16.73
CA LEU X 55 8.98 12.87 -16.38
C LEU X 55 8.87 13.21 -14.89
N LEU X 56 9.49 12.41 -14.04
CA LEU X 56 9.40 12.65 -12.60
C LEU X 56 10.15 13.91 -12.19
N ASP X 57 11.26 14.22 -12.85
CA ASP X 57 12.01 15.42 -12.49
C ASP X 57 11.31 16.68 -12.96
N VAL X 58 10.69 16.64 -14.15
CA VAL X 58 9.90 17.79 -14.60
C VAL X 58 8.72 18.01 -13.66
N ALA X 59 8.02 16.92 -13.33
CA ALA X 59 6.89 17.05 -12.40
C ALA X 59 7.34 17.67 -11.08
N ARG X 60 8.52 17.27 -10.59
CA ARG X 60 9.05 17.88 -9.37
C ARG X 60 9.20 19.40 -9.54
N GLU X 61 9.67 19.84 -10.71
CA GLU X 61 9.85 21.27 -10.93
C GLU X 61 8.51 21.98 -11.07
N GLU X 62 7.49 21.32 -11.60
CA GLU X 62 6.15 21.91 -11.62
C GLU X 62 5.61 22.09 -10.20
N LYS X 63 5.95 21.18 -9.29
CA LYS X 63 5.53 21.33 -7.90
C LYS X 63 6.15 22.57 -7.27
N ALA X 64 7.36 22.94 -7.69
CA ALA X 64 7.94 24.20 -7.22
C ALA X 64 7.21 25.39 -7.81
N HIS X 65 6.76 25.28 -9.07
CA HIS X 65 5.96 26.36 -9.65
C HIS X 65 4.68 26.59 -8.87
N VAL X 66 4.04 25.50 -8.40
CA VAL X 66 2.87 25.66 -7.54
C VAL X 66 3.22 26.53 -6.34
N GLY X 67 4.38 26.30 -5.75
CA GLY X 67 4.79 27.10 -4.62
C GLY X 67 5.01 28.56 -4.97
N GLU X 68 5.59 28.82 -6.13
CA GLU X 68 5.85 30.20 -6.53
C GLU X 68 4.54 30.96 -6.72
N PHE X 69 3.61 30.39 -7.46
CA PHE X 69 2.31 31.05 -7.67
C PHE X 69 1.55 31.16 -6.35
N MET X 70 1.60 30.12 -5.52
CA MET X 70 0.94 30.15 -4.22
C MET X 70 1.48 31.29 -3.36
N ALA X 71 2.81 31.48 -3.38
CA ALA X 71 3.40 32.57 -2.59
C ALA X 71 2.85 33.91 -3.03
N LEU X 72 2.75 34.14 -4.35
CA LEU X 72 2.19 35.40 -4.84
C LEU X 72 0.73 35.53 -4.47
N LEU X 73 -0.04 34.46 -4.61
CA LEU X 73 -1.47 34.52 -4.29
C LEU X 73 -1.69 34.85 -2.82
N LEU X 74 -0.98 34.15 -1.93
CA LEU X 74 -1.13 34.43 -0.50
C LEU X 74 -0.75 35.87 -0.18
N ASN X 75 0.24 36.42 -0.89
CA ASN X 75 0.65 37.80 -0.67
C ASN X 75 -0.44 38.78 -1.10
N LEU X 76 -1.22 38.43 -2.12
CA LEU X 76 -2.29 39.30 -2.63
C LEU X 76 -3.66 38.97 -2.07
N ASP X 77 -3.83 37.81 -1.44
CA ASP X 77 -5.13 37.35 -0.96
C ASP X 77 -5.02 37.03 0.53
N PRO X 78 -5.05 38.04 1.39
CA PRO X 78 -4.94 37.77 2.84
C PRO X 78 -6.03 36.85 3.35
N GLU X 79 -7.23 36.88 2.74
CA GLU X 79 -8.29 35.96 3.13
C GLU X 79 -7.86 34.51 2.91
N GLN X 80 -7.13 34.25 1.82
CA GLN X 80 -6.65 32.89 1.57
C GLN X 80 -5.66 32.45 2.63
N VAL X 81 -4.84 33.37 3.15
CA VAL X 81 -3.91 33.01 4.23
C VAL X 81 -4.68 32.52 5.44
N THR X 82 -5.67 33.29 5.89
CA THR X 82 -6.47 32.90 7.05
C THR X 82 -7.19 31.58 6.80
N GLU X 83 -7.83 31.45 5.63
CA GLU X 83 -8.62 30.25 5.36
C GLU X 83 -7.73 29.04 5.10
N LEU X 84 -6.51 29.24 4.57
CA LEU X 84 -5.58 28.13 4.47
C LEU X 84 -5.26 27.57 5.84
N LYS X 85 -4.97 28.46 6.80
CA LYS X 85 -4.75 28.04 8.18
C LYS X 85 -5.99 27.36 8.74
N GLY X 86 -7.18 27.91 8.49
CA GLY X 86 -8.40 27.29 8.97
C GLY X 86 -8.61 25.90 8.38
N GLY X 87 -8.29 25.73 7.10
CA GLY X 87 -8.42 24.42 6.49
C GLY X 87 -7.45 23.40 7.06
N PHE X 88 -6.20 23.82 7.27
CA PHE X 88 -5.23 22.94 7.92
C PHE X 88 -5.72 22.52 9.31
N GLU X 89 -6.25 23.47 10.08
CA GLU X 89 -6.73 23.15 11.42
C GLU X 89 -7.91 22.20 11.37
N GLU X 90 -8.80 22.38 10.39
CA GLU X 90 -9.95 21.49 10.25
C GLU X 90 -9.49 20.06 9.99
N VAL X 91 -8.50 19.88 9.11
CA VAL X 91 -7.98 18.54 8.84
C VAL X 91 -7.34 17.96 10.09
N LYS X 92 -6.62 18.79 10.85
CA LYS X 92 -5.98 18.32 12.06
C LYS X 92 -7.00 17.78 13.05
N GLU X 93 -8.11 18.50 13.23
CA GLU X 93 -9.12 18.09 14.20
C GLU X 93 -9.87 16.85 13.76
N LEU X 94 -10.08 16.68 12.46
CA LEU X 94 -10.86 15.55 11.97
C LEU X 94 -10.03 14.29 11.74
N THR X 95 -8.72 14.44 11.51
CA THR X 95 -7.87 13.30 11.16
C THR X 95 -6.58 13.20 11.96
N GLY X 96 -6.15 14.25 12.66
CA GLY X 96 -4.85 14.25 13.30
C GLY X 96 -3.70 14.58 12.38
N ILE X 97 -3.94 14.70 11.07
CA ILE X 97 -2.88 15.04 10.13
C ILE X 97 -2.47 16.50 10.33
N GLU X 98 -1.18 16.75 10.37
CA GLU X 98 -0.64 18.09 10.52
C GLU X 98 0.28 18.46 9.37
N GLY Y 2 -22.85 23.29 -20.70
CA GLY Y 2 -24.22 23.50 -21.11
C GLY Y 2 -24.32 24.38 -22.34
N LEU Y 3 -25.55 24.67 -22.78
CA LEU Y 3 -25.76 25.51 -23.95
C LEU Y 3 -25.92 26.98 -23.63
N SER Y 4 -26.36 27.31 -22.41
CA SER Y 4 -26.52 28.71 -22.06
C SER Y 4 -25.16 29.39 -21.88
N ILE Y 5 -25.15 30.70 -22.09
CA ILE Y 5 -23.92 31.48 -22.03
C ILE Y 5 -23.74 32.00 -20.61
N ASN Y 6 -22.50 31.96 -20.13
CA ASN Y 6 -22.15 32.60 -18.87
C ASN Y 6 -22.38 34.11 -19.01
N PRO Y 7 -23.25 34.71 -18.19
CA PRO Y 7 -23.52 36.15 -18.36
C PRO Y 7 -22.29 37.03 -18.37
N THR Y 8 -21.20 36.61 -17.71
CA THR Y 8 -19.98 37.38 -17.76
C THR Y 8 -19.53 37.64 -19.18
N LEU Y 9 -19.85 36.73 -20.11
CA LEU Y 9 -19.43 36.85 -21.50
C LEU Y 9 -20.48 37.50 -22.40
N ILE Y 10 -21.68 37.76 -21.90
CA ILE Y 10 -22.75 38.31 -22.74
C ILE Y 10 -22.52 39.82 -22.89
N ASN Y 11 -22.26 40.26 -24.12
CA ASN Y 11 -22.15 41.67 -24.44
C ASN Y 11 -23.10 42.10 -25.55
N ARG Y 12 -23.98 41.20 -26.00
CA ARG Y 12 -24.93 41.53 -27.04
C ARG Y 12 -26.09 42.37 -26.50
N ASP Y 13 -26.50 43.36 -27.29
CA ASP Y 13 -27.63 44.22 -26.97
C ASP Y 13 -28.73 44.18 -28.02
N LYS Y 14 -28.39 44.01 -29.28
CA LYS Y 14 -29.39 44.04 -30.35
C LYS Y 14 -30.33 42.84 -30.22
N PRO Y 15 -31.61 43.00 -30.53
CA PRO Y 15 -32.50 41.84 -30.57
C PRO Y 15 -32.17 40.94 -31.74
N TYR Y 16 -32.66 39.70 -31.67
CA TYR Y 16 -32.45 38.74 -32.73
C TYR Y 16 -33.10 39.20 -34.03
N THR Y 17 -32.39 39.00 -35.14
CA THR Y 17 -33.00 39.16 -36.45
C THR Y 17 -33.95 38.00 -36.72
N LYS Y 18 -34.71 38.12 -37.81
CA LYS Y 18 -35.60 37.03 -38.20
C LYS Y 18 -34.81 35.75 -38.45
N GLU Y 19 -33.63 35.86 -39.07
CA GLU Y 19 -32.79 34.68 -39.27
C GLU Y 19 -32.33 34.10 -37.95
N GLU Y 20 -31.91 34.96 -37.02
CA GLU Y 20 -31.44 34.47 -35.73
C GLU Y 20 -32.57 33.84 -34.92
N LEU Y 21 -33.80 34.35 -35.07
CA LEU Y 21 -34.93 33.73 -34.38
C LEU Y 21 -35.12 32.29 -34.79
N MET Y 22 -35.04 32.01 -36.10
CA MET Y 22 -35.10 30.63 -36.55
C MET Y 22 -34.00 29.80 -35.91
N GLU Y 23 -32.79 30.37 -35.80
CA GLU Y 23 -31.64 29.62 -35.32
C GLU Y 23 -31.76 29.28 -33.84
N ILE Y 24 -32.30 30.20 -33.03
CA ILE Y 24 -32.44 29.88 -31.61
C ILE Y 24 -33.57 28.88 -31.39
N LEU Y 25 -34.57 28.86 -32.27
CA LEU Y 25 -35.60 27.84 -32.18
C LEU Y 25 -35.03 26.47 -32.50
N ARG Y 26 -34.15 26.37 -33.50
CA ARG Y 26 -33.49 25.10 -33.76
C ARG Y 26 -32.59 24.70 -32.60
N LEU Y 27 -31.92 25.68 -31.98
CA LEU Y 27 -31.09 25.39 -30.83
C LEU Y 27 -31.93 24.95 -29.64
N ALA Y 28 -33.11 25.55 -29.46
CA ALA Y 28 -34.02 25.11 -28.41
C ALA Y 28 -34.42 23.66 -28.60
N ILE Y 29 -34.71 23.27 -29.85
CA ILE Y 29 -35.05 21.88 -30.13
C ILE Y 29 -33.87 20.98 -29.82
N ILE Y 30 -32.66 21.41 -30.19
CA ILE Y 30 -31.46 20.65 -29.84
C ILE Y 30 -31.38 20.43 -28.33
N ALA Y 31 -31.63 21.49 -27.56
CA ALA Y 31 -31.56 21.36 -26.11
C ALA Y 31 -32.57 20.36 -25.58
N GLU Y 32 -33.79 20.39 -26.13
CA GLU Y 32 -34.84 19.48 -25.69
C GLU Y 32 -34.51 18.03 -26.07
N LEU Y 33 -34.04 17.81 -27.30
CA LEU Y 33 -33.69 16.45 -27.72
C LEU Y 33 -32.55 15.90 -26.88
N ASP Y 34 -31.57 16.74 -26.52
CA ASP Y 34 -30.49 16.31 -25.65
C ASP Y 34 -31.02 15.91 -24.28
N ALA Y 35 -31.96 16.70 -23.73
CA ALA Y 35 -32.52 16.39 -22.42
C ALA Y 35 -33.30 15.08 -22.45
N ILE Y 36 -34.06 14.85 -23.52
CA ILE Y 36 -34.81 13.60 -23.65
C ILE Y 36 -33.85 12.42 -23.63
N ASN Y 37 -32.80 12.47 -24.46
CA ASN Y 37 -31.82 11.39 -24.45
C ASN Y 37 -31.23 11.20 -23.07
N LEU Y 38 -30.93 12.30 -22.38
CA LEU Y 38 -30.33 12.22 -21.06
C LEU Y 38 -31.26 11.50 -20.08
N TYR Y 39 -32.53 11.91 -20.02
CA TYR Y 39 -33.45 11.33 -19.04
C TYR Y 39 -33.83 9.90 -19.42
N GLU Y 40 -33.99 9.60 -20.71
CA GLU Y 40 -34.23 8.24 -21.12
CA GLU Y 40 -34.23 8.24 -21.13
C GLU Y 40 -33.07 7.34 -20.74
N GLN Y 41 -31.83 7.82 -20.91
CA GLN Y 41 -30.66 7.05 -20.50
C GLN Y 41 -30.63 6.85 -18.99
N MET Y 42 -30.91 7.90 -18.22
CA MET Y 42 -30.95 7.78 -16.76
C MET Y 42 -31.99 6.76 -16.34
N ALA Y 43 -33.19 6.81 -16.93
CA ALA Y 43 -34.25 5.88 -16.56
C ALA Y 43 -33.85 4.43 -16.81
N ARG Y 44 -33.04 4.19 -17.84
CA ARG Y 44 -32.63 2.83 -18.18
CA ARG Y 44 -32.64 2.82 -18.17
C ARG Y 44 -31.83 2.18 -17.05
N TYR Y 45 -31.00 2.96 -16.36
CA TYR Y 45 -30.14 2.43 -15.32
C TYR Y 45 -30.67 2.70 -13.92
N SER Y 46 -31.84 3.32 -13.78
CA SER Y 46 -32.43 3.57 -12.48
C SER Y 46 -33.29 2.38 -12.08
N GLU Y 47 -32.84 1.62 -11.06
CA GLU Y 47 -33.65 0.54 -10.52
C GLU Y 47 -34.69 1.06 -9.54
N ASP Y 48 -34.49 2.26 -9.01
CA ASP Y 48 -35.49 2.92 -8.16
C ASP Y 48 -36.68 3.31 -9.01
N GLU Y 49 -37.82 2.63 -8.80
CA GLU Y 49 -38.97 2.85 -9.67
C GLU Y 49 -39.55 4.24 -9.52
N ASN Y 50 -39.40 4.86 -8.34
CA ASN Y 50 -39.87 6.24 -8.19
C ASN Y 50 -39.06 7.20 -9.04
N VAL Y 51 -37.74 7.05 -9.04
CA VAL Y 51 -36.89 7.90 -9.87
C VAL Y 51 -37.18 7.65 -11.35
N ARG Y 52 -37.31 6.38 -11.74
CA ARG Y 52 -37.59 6.07 -13.14
C ARG Y 52 -38.91 6.69 -13.59
N LYS Y 53 -39.93 6.63 -12.74
CA LYS Y 53 -41.23 7.15 -13.14
C LYS Y 53 -41.17 8.65 -13.39
N ILE Y 54 -40.44 9.39 -12.55
CA ILE Y 54 -40.35 10.84 -12.73
C ILE Y 54 -39.50 11.17 -13.95
N LEU Y 55 -38.39 10.47 -14.13
CA LEU Y 55 -37.54 10.70 -15.30
C LEU Y 55 -38.34 10.53 -16.59
N LEU Y 56 -39.13 9.46 -16.67
CA LEU Y 56 -39.91 9.22 -17.89
C LEU Y 56 -41.03 10.25 -18.05
N ASP Y 57 -41.61 10.72 -16.94
CA ASP Y 57 -42.67 11.73 -17.06
C ASP Y 57 -42.09 13.08 -17.45
N VAL Y 58 -40.92 13.44 -16.91
CA VAL Y 58 -40.26 14.67 -17.33
C VAL Y 58 -39.88 14.57 -18.81
N ALA Y 59 -39.30 13.43 -19.21
CA ALA Y 59 -38.95 13.24 -20.61
C ALA Y 59 -40.17 13.41 -21.51
N ARG Y 60 -41.32 12.88 -21.08
CA ARG Y 60 -42.54 13.06 -21.85
C ARG Y 60 -42.86 14.53 -22.04
N GLU Y 61 -42.67 15.34 -20.98
CA GLU Y 61 -42.96 16.77 -21.09
C GLU Y 61 -41.95 17.49 -21.96
N GLU Y 62 -40.69 17.03 -21.97
CA GLU Y 62 -39.72 17.60 -22.91
C GLU Y 62 -40.10 17.30 -24.35
N LYS Y 63 -40.73 16.15 -24.60
CA LYS Y 63 -41.19 15.84 -25.95
C LYS Y 63 -42.27 16.80 -26.41
N ALA Y 64 -43.10 17.29 -25.49
CA ALA Y 64 -44.07 18.33 -25.84
C ALA Y 64 -43.38 19.65 -26.14
N HIS Y 65 -42.30 19.95 -25.41
CA HIS Y 65 -41.52 21.15 -25.69
C HIS Y 65 -40.97 21.12 -27.11
N VAL Y 66 -40.54 19.93 -27.58
CA VAL Y 66 -40.13 19.80 -28.96
C VAL Y 66 -41.25 20.25 -29.89
N GLY Y 67 -42.48 19.85 -29.59
CA GLY Y 67 -43.60 20.25 -30.43
C GLY Y 67 -43.83 21.75 -30.40
N GLU Y 68 -43.71 22.37 -29.23
CA GLU Y 68 -43.95 23.81 -29.13
C GLU Y 68 -42.94 24.59 -29.96
N PHE Y 69 -41.64 24.28 -29.79
CA PHE Y 69 -40.62 24.98 -30.57
C PHE Y 69 -40.74 24.64 -32.05
N MET Y 70 -41.08 23.39 -32.37
CA MET Y 70 -41.29 22.99 -33.75
C MET Y 70 -42.40 23.82 -34.40
N ALA Y 71 -43.51 24.02 -33.69
CA ALA Y 71 -44.60 24.80 -34.25
C ALA Y 71 -44.15 26.22 -34.59
N LEU Y 72 -43.40 26.86 -33.69
CA LEU Y 72 -42.90 28.19 -33.96
C LEU Y 72 -41.93 28.18 -35.16
N LEU Y 73 -41.04 27.18 -35.21
CA LEU Y 73 -40.07 27.12 -36.29
C LEU Y 73 -40.76 26.96 -37.64
N LEU Y 74 -41.70 26.02 -37.74
CA LEU Y 74 -42.41 25.81 -39.00
C LEU Y 74 -43.18 27.06 -39.42
N ASN Y 75 -43.71 27.80 -38.45
CA ASN Y 75 -44.45 29.03 -38.77
C ASN Y 75 -43.51 30.09 -39.36
N LEU Y 76 -42.25 30.11 -38.93
CA LEU Y 76 -41.30 31.09 -39.41
C LEU Y 76 -40.42 30.59 -40.55
N ASP Y 77 -40.39 29.28 -40.80
CA ASP Y 77 -39.49 28.68 -41.78
C ASP Y 77 -40.33 27.87 -42.77
N PRO Y 78 -40.96 28.53 -43.74
CA PRO Y 78 -41.78 27.79 -44.71
C PRO Y 78 -41.00 26.75 -45.48
N GLU Y 79 -39.71 26.98 -45.72
CA GLU Y 79 -38.89 25.97 -46.38
C GLU Y 79 -38.84 24.68 -45.56
N GLN Y 80 -38.77 24.80 -44.24
CA GLN Y 80 -38.79 23.62 -43.39
C GLN Y 80 -40.11 22.87 -43.49
N VAL Y 81 -41.22 23.60 -43.67
CA VAL Y 81 -42.51 22.93 -43.86
C VAL Y 81 -42.47 22.05 -45.10
N THR Y 82 -42.04 22.62 -46.24
CA THR Y 82 -41.94 21.86 -47.48
C THR Y 82 -40.99 20.68 -47.35
N GLU Y 83 -39.80 20.93 -46.80
CA GLU Y 83 -38.80 19.87 -46.75
C GLU Y 83 -39.15 18.81 -45.71
N LEU Y 84 -39.86 19.18 -44.65
CA LEU Y 84 -40.36 18.18 -43.72
C LEU Y 84 -41.29 17.21 -44.42
N LYS Y 85 -42.23 17.75 -45.21
CA LYS Y 85 -43.13 16.90 -46.00
C LYS Y 85 -42.34 16.04 -46.98
N GLY Y 86 -41.36 16.63 -47.65
CA GLY Y 86 -40.55 15.86 -48.59
C GLY Y 86 -39.76 14.77 -47.90
N GLY Y 87 -39.25 15.05 -46.71
CA GLY Y 87 -38.51 14.03 -45.96
C GLY Y 87 -39.38 12.88 -45.55
N PHE Y 88 -40.61 13.15 -45.10
CA PHE Y 88 -41.55 12.08 -44.78
C PHE Y 88 -41.80 11.20 -46.00
N GLU Y 89 -42.02 11.82 -47.16
CA GLU Y 89 -42.32 11.07 -48.38
C GLU Y 89 -41.12 10.23 -48.80
N GLU Y 90 -39.90 10.78 -48.66
CA GLU Y 90 -38.71 10.01 -49.01
C GLU Y 90 -38.59 8.76 -48.15
N VAL Y 91 -38.87 8.88 -46.85
CA VAL Y 91 -38.84 7.72 -45.96
C VAL Y 91 -39.88 6.70 -46.38
N LYS Y 92 -41.06 7.16 -46.79
CA LYS Y 92 -42.10 6.25 -47.24
C LYS Y 92 -41.63 5.46 -48.47
N GLU Y 93 -40.99 6.15 -49.42
CA GLU Y 93 -40.51 5.49 -50.63
C GLU Y 93 -39.44 4.45 -50.32
N LEU Y 94 -38.53 4.77 -49.41
CA LEU Y 94 -37.36 3.92 -49.17
C LEU Y 94 -37.63 2.80 -48.18
N THR Y 95 -38.60 2.95 -47.29
CA THR Y 95 -38.83 1.97 -46.23
C THR Y 95 -40.28 1.53 -46.09
N GLY Y 96 -41.24 2.25 -46.68
CA GLY Y 96 -42.64 1.98 -46.45
C GLY Y 96 -43.20 2.59 -45.18
N ILE Y 97 -42.37 3.17 -44.32
CA ILE Y 97 -42.86 3.80 -43.10
C ILE Y 97 -43.61 5.08 -43.45
N GLU Y 98 -44.80 5.23 -42.89
CA GLU Y 98 -45.64 6.40 -43.15
C GLU Y 98 -46.16 6.99 -41.85
N GLY Z 2 22.73 15.64 38.62
CA GLY Z 2 21.30 15.83 38.58
C GLY Z 2 20.83 16.37 37.24
N LEU Z 3 19.52 16.62 37.13
CA LEU Z 3 18.96 17.13 35.89
C LEU Z 3 18.88 18.65 35.85
N SER Z 4 18.85 19.31 37.00
CA SER Z 4 18.80 20.77 37.01
C SER Z 4 20.15 21.34 36.58
N ILE Z 5 20.11 22.54 36.02
CA ILE Z 5 21.30 23.20 35.49
C ILE Z 5 21.91 24.07 36.58
N ASN Z 6 23.24 24.06 36.64
CA ASN Z 6 23.97 24.98 37.51
C ASN Z 6 23.70 26.41 37.04
N PRO Z 7 23.15 27.28 37.90
CA PRO Z 7 22.81 28.65 37.44
C PRO Z 7 23.98 29.38 36.81
N THR Z 8 25.22 29.08 37.18
CA THR Z 8 26.37 29.72 36.55
C THR Z 8 26.35 29.53 35.03
N LEU Z 9 25.74 28.44 34.56
CA LEU Z 9 25.71 28.12 33.14
C LEU Z 9 24.43 28.57 32.45
N ILE Z 10 23.45 29.08 33.19
CA ILE Z 10 22.18 29.49 32.58
C ILE Z 10 22.38 30.86 31.95
N ASN Z 11 22.14 30.95 30.65
CA ASN Z 11 22.15 32.22 29.94
C ASN Z 11 20.95 32.38 29.01
N ARG Z 12 20.02 31.43 29.02
CA ARG Z 12 18.81 31.56 28.22
C ARG Z 12 17.91 32.67 28.77
N ASP Z 13 17.33 33.43 27.85
CA ASP Z 13 16.39 34.50 28.19
C ASP Z 13 15.02 34.32 27.55
N LYS Z 14 14.95 33.66 26.40
CA LYS Z 14 13.68 33.44 25.73
C LYS Z 14 12.81 32.47 26.53
N PRO Z 15 11.49 32.63 26.47
CA PRO Z 15 10.60 31.62 27.05
C PRO Z 15 10.50 30.39 26.16
N TYR Z 16 10.03 29.29 26.75
CA TYR Z 16 9.87 28.05 26.01
C TYR Z 16 8.89 28.22 24.87
N THR Z 17 9.22 27.63 23.73
CA THR Z 17 8.26 27.50 22.64
C THR Z 17 7.23 26.44 22.99
N LYS Z 18 6.23 26.30 22.12
CA LYS Z 18 5.21 25.28 22.32
C LYS Z 18 5.83 23.89 22.39
N GLU Z 19 6.77 23.59 21.49
CA GLU Z 19 7.38 22.27 21.48
C GLU Z 19 8.32 22.08 22.66
N GLU Z 20 9.08 23.11 23.02
CA GLU Z 20 9.93 23.02 24.20
C GLU Z 20 9.10 22.80 25.46
N LEU Z 21 7.86 23.29 25.46
CA LEU Z 21 6.98 23.09 26.61
C LEU Z 21 6.60 21.63 26.76
N MET Z 22 6.31 20.95 25.64
CA MET Z 22 6.07 19.52 25.68
C MET Z 22 7.31 18.79 26.19
N GLU Z 23 8.50 19.25 25.78
CA GLU Z 23 9.73 18.53 26.11
C GLU Z 23 10.07 18.63 27.59
N ILE Z 24 9.84 19.79 28.21
CA ILE Z 24 10.13 19.90 29.63
C ILE Z 24 9.10 19.13 30.44
N LEU Z 25 7.89 18.98 29.93
CA LEU Z 25 6.91 18.13 30.61
C LEU Z 25 7.33 16.67 30.55
N ARG Z 26 7.84 16.22 29.40
CA ARG Z 26 8.38 14.86 29.34
C ARG Z 26 9.58 14.71 30.25
N LEU Z 27 10.42 15.74 30.32
CA LEU Z 27 11.58 15.69 31.21
C LEU Z 27 11.17 15.69 32.67
N ALA Z 28 10.09 16.41 33.01
CA ALA Z 28 9.57 16.37 34.37
C ALA Z 28 9.09 14.96 34.72
N ILE Z 29 8.45 14.27 33.77
CA ILE Z 29 8.03 12.90 34.01
C ILE Z 29 9.25 12.01 34.21
N ILE Z 30 10.30 12.21 33.41
CA ILE Z 30 11.54 11.46 33.59
C ILE Z 30 12.06 11.65 35.00
N ALA Z 31 12.09 12.89 35.48
CA ALA Z 31 12.61 13.18 36.81
C ALA Z 31 11.78 12.48 37.89
N GLU Z 32 10.45 12.47 37.74
CA GLU Z 32 9.60 11.83 38.73
C GLU Z 32 9.79 10.32 38.72
N LEU Z 33 9.84 9.71 37.53
CA LEU Z 33 10.01 8.25 37.44
C LEU Z 33 11.35 7.84 38.05
N ASP Z 34 12.40 8.63 37.83
CA ASP Z 34 13.69 8.32 38.45
C ASP Z 34 13.59 8.41 39.97
N ALA Z 35 12.87 9.41 40.49
CA ALA Z 35 12.72 9.55 41.93
C ALA Z 35 11.95 8.36 42.51
N ILE Z 36 10.91 7.92 41.83
CA ILE Z 36 10.15 6.75 42.30
C ILE Z 36 11.07 5.53 42.39
N ASN Z 37 11.80 5.25 41.30
CA ASN Z 37 12.73 4.12 41.33
C ASN Z 37 13.74 4.27 42.46
N LEU Z 38 14.24 5.48 42.68
CA LEU Z 38 15.22 5.70 43.74
C LEU Z 38 14.63 5.37 45.10
N TYR Z 39 13.46 5.92 45.41
CA TYR Z 39 12.87 5.72 46.73
C TYR Z 39 12.37 4.30 46.90
N GLU Z 40 11.87 3.67 45.84
CA GLU Z 40 11.45 2.27 45.94
CA GLU Z 40 11.46 2.28 45.93
C GLU Z 40 12.65 1.37 46.22
N GLN Z 41 13.80 1.68 45.62
CA GLN Z 41 15.01 0.92 45.89
C GLN Z 41 15.49 1.15 47.32
N MET Z 42 15.49 2.40 47.79
CA MET Z 42 15.87 2.68 49.17
C MET Z 42 14.97 1.94 50.14
N ALA Z 43 13.67 1.96 49.91
CA ALA Z 43 12.74 1.28 50.81
C ALA Z 43 13.04 -0.21 50.87
N ARG Z 44 13.40 -0.81 49.74
CA ARG Z 44 13.66 -2.24 49.68
C ARG Z 44 14.75 -2.66 50.66
N TYR Z 45 15.78 -1.82 50.84
CA TYR Z 45 16.91 -2.17 51.69
C TYR Z 45 16.86 -1.51 53.06
N SER Z 46 15.82 -0.76 53.38
CA SER Z 46 15.69 -0.11 54.67
C SER Z 46 14.90 -1.01 55.61
N GLU Z 47 15.59 -1.61 56.59
CA GLU Z 47 14.91 -2.36 57.63
C GLU Z 47 14.41 -1.48 58.77
N ASP Z 48 14.81 -0.20 58.78
CA ASP Z 48 14.20 0.78 59.67
C ASP Z 48 12.79 1.07 59.15
N GLU Z 49 11.77 0.66 59.91
CA GLU Z 49 10.40 0.74 59.42
C GLU Z 49 9.94 2.19 59.28
N ASN Z 50 10.44 3.09 60.14
CA ASN Z 50 10.11 4.51 59.99
C ASN Z 50 10.64 5.07 58.67
N VAL Z 51 11.88 4.74 58.33
CA VAL Z 51 12.45 5.21 57.07
C VAL Z 51 11.70 4.62 55.88
N ARG Z 52 11.39 3.32 55.94
CA ARG Z 52 10.69 2.68 54.83
C ARG Z 52 9.30 3.28 54.64
N LYS Z 53 8.60 3.57 55.73
CA LYS Z 53 7.25 4.10 55.62
C LYS Z 53 7.24 5.46 54.94
N ILE Z 54 8.20 6.33 55.28
CA ILE Z 54 8.26 7.64 54.66
C ILE Z 54 8.67 7.53 53.19
N LEU Z 55 9.67 6.70 52.89
CA LEU Z 55 10.10 6.51 51.51
C LEU Z 55 8.94 6.06 50.63
N LEU Z 56 8.16 5.10 51.10
CA LEU Z 56 7.05 4.60 50.29
C LEU Z 56 5.95 5.65 50.16
N ASP Z 57 5.75 6.47 51.20
CA ASP Z 57 4.73 7.51 51.11
C ASP Z 57 5.17 8.65 50.19
N VAL Z 58 6.45 9.02 50.24
CA VAL Z 58 6.96 10.02 49.30
C VAL Z 58 6.86 9.49 47.88
N ALA Z 59 7.28 8.25 47.66
CA ALA Z 59 7.19 7.66 46.33
C ALA Z 59 5.75 7.68 45.83
N ARG Z 60 4.79 7.40 46.71
CA ARG Z 60 3.39 7.48 46.34
C ARG Z 60 3.05 8.86 45.81
N GLU Z 61 3.54 9.91 46.47
CA GLU Z 61 3.25 11.27 46.05
C GLU Z 61 3.95 11.63 44.75
N GLU Z 62 5.15 11.07 44.51
CA GLU Z 62 5.78 11.28 43.22
C GLU Z 62 4.96 10.64 42.10
N LYS Z 63 4.28 9.53 42.40
CA LYS Z 63 3.42 8.91 41.40
C LYS Z 63 2.27 9.82 41.03
N ALA Z 64 1.80 10.65 41.98
CA ALA Z 64 0.77 11.64 41.65
C ALA Z 64 1.36 12.75 40.79
N HIS Z 65 2.61 13.12 41.02
CA HIS Z 65 3.26 14.12 40.17
C HIS Z 65 3.33 13.63 38.73
N VAL Z 66 3.58 12.34 38.53
CA VAL Z 66 3.53 11.78 37.18
C VAL Z 66 2.19 12.08 36.56
N GLY Z 67 1.10 11.92 37.32
CA GLY Z 67 -0.22 12.19 36.79
C GLY Z 67 -0.42 13.66 36.44
N GLU Z 68 0.09 14.56 37.27
CA GLU Z 68 -0.08 15.98 37.00
C GLU Z 68 0.63 16.37 35.70
N PHE Z 69 1.89 15.99 35.57
CA PHE Z 69 2.64 16.30 34.35
C PHE Z 69 2.04 15.59 33.15
N MET Z 70 1.59 14.34 33.33
CA MET Z 70 0.96 13.62 32.23
C MET Z 70 -0.29 14.33 31.74
N ALA Z 71 -1.11 14.84 32.67
CA ALA Z 71 -2.32 15.53 32.28
C ALA Z 71 -2.02 16.75 31.41
N LEU Z 72 -1.01 17.53 31.80
CA LEU Z 72 -0.62 18.68 31.00
C LEU Z 72 -0.08 18.25 29.65
N LEU Z 73 0.75 17.20 29.62
CA LEU Z 73 1.34 16.76 28.36
C LEU Z 73 0.26 16.29 27.39
N LEU Z 74 -0.65 15.45 27.86
CA LEU Z 74 -1.73 14.97 26.99
C LEU Z 74 -2.58 16.12 26.47
N ASN Z 75 -2.77 17.16 27.29
CA ASN Z 75 -3.56 18.30 26.86
C ASN Z 75 -2.85 19.08 25.75
N LEU Z 76 -1.52 19.07 25.75
CA LEU Z 76 -0.73 19.79 24.76
C LEU Z 76 -0.25 18.91 23.61
N ASP Z 77 -0.35 17.59 23.74
CA ASP Z 77 0.19 16.64 22.76
C ASP Z 77 -0.92 15.70 22.33
N PRO Z 78 -1.81 16.14 21.43
CA PRO Z 78 -2.89 15.25 20.99
C PRO Z 78 -2.39 13.95 20.35
N GLU Z 79 -1.22 13.98 19.71
CA GLU Z 79 -0.66 12.75 19.17
C GLU Z 79 -0.39 11.73 20.26
N GLN Z 80 0.06 12.19 21.43
CA GLN Z 80 0.30 11.28 22.54
C GLN Z 80 -0.99 10.64 23.03
N VAL Z 81 -2.10 11.39 22.99
CA VAL Z 81 -3.39 10.83 23.39
C VAL Z 81 -3.74 9.62 22.52
N THR Z 82 -3.68 9.80 21.20
CA THR Z 82 -3.96 8.70 20.29
C THR Z 82 -3.00 7.54 20.49
N GLU Z 83 -1.70 7.83 20.56
CA GLU Z 83 -0.71 6.76 20.63
C GLU Z 83 -0.70 6.09 22.00
N LEU Z 84 -1.06 6.82 23.06
CA LEU Z 84 -1.22 6.18 24.36
C LEU Z 84 -2.32 5.12 24.31
N LYS Z 85 -3.46 5.47 23.72
CA LYS Z 85 -4.54 4.50 23.57
C LYS Z 85 -4.11 3.36 22.65
N GLY Z 86 -3.46 3.68 21.54
CA GLY Z 86 -2.96 2.63 20.66
C GLY Z 86 -2.00 1.69 21.37
N GLY Z 87 -1.15 2.24 22.24
CA GLY Z 87 -0.23 1.39 22.99
C GLY Z 87 -0.96 0.47 23.95
N PHE Z 88 -1.97 1.00 24.64
CA PHE Z 88 -2.79 0.14 25.50
C PHE Z 88 -3.42 -0.99 24.70
N GLU Z 89 -3.94 -0.69 23.52
CA GLU Z 89 -4.58 -1.72 22.70
C GLU Z 89 -3.58 -2.76 22.23
N GLU Z 90 -2.37 -2.33 21.88
CA GLU Z 90 -1.34 -3.28 21.46
C GLU Z 90 -1.00 -4.26 22.59
N VAL Z 91 -0.88 -3.75 23.82
CA VAL Z 91 -0.60 -4.64 24.95
C VAL Z 91 -1.76 -5.61 25.17
N LYS Z 92 -2.99 -5.12 25.05
CA LYS Z 92 -4.14 -6.00 25.22
C LYS Z 92 -4.16 -7.09 24.16
N GLU Z 93 -3.81 -6.74 22.92
CA GLU Z 93 -3.83 -7.72 21.84
C GLU Z 93 -2.76 -8.79 22.04
N LEU Z 94 -1.59 -8.40 22.55
CA LEU Z 94 -0.46 -9.31 22.64
C LEU Z 94 -0.44 -10.10 23.94
N THR Z 95 -1.04 -9.59 25.01
CA THR Z 95 -0.95 -10.21 26.32
C THR Z 95 -2.29 -10.38 27.03
N GLY Z 96 -3.34 -9.69 26.59
CA GLY Z 96 -4.59 -9.69 27.32
C GLY Z 96 -4.65 -8.73 28.48
N ILE Z 97 -3.53 -8.09 28.83
CA ILE Z 97 -3.52 -7.13 29.93
C ILE Z 97 -4.26 -5.88 29.49
N GLU Z 98 -5.10 -5.35 30.38
CA GLU Z 98 -5.89 -4.16 30.12
C GLU Z 98 -5.73 -3.20 31.28
N ALA Z 99 -5.31 -1.97 30.99
CA ALA Z 99 -5.09 -0.97 32.03
C ALA Z 99 -5.44 0.43 31.50
N GLY AA 2 33.25 16.96 39.29
CA GLY AA 2 32.82 17.79 40.39
C GLY AA 2 31.65 18.70 40.03
N LEU AA 3 31.24 19.52 40.99
CA LEU AA 3 30.11 20.44 40.78
C LEU AA 3 30.55 21.80 40.26
N SER AA 4 31.79 22.21 40.52
CA SER AA 4 32.27 23.50 40.05
C SER AA 4 32.49 23.47 38.55
N ILE AA 5 32.40 24.64 37.93
CA ILE AA 5 32.53 24.77 36.48
C ILE AA 5 33.98 25.06 36.14
N ASN AA 6 34.46 24.44 35.07
CA ASN AA 6 35.76 24.77 34.50
C ASN AA 6 35.71 26.22 34.00
N PRO AA 7 36.55 27.12 34.50
CA PRO AA 7 36.46 28.53 34.06
C PRO AA 7 36.50 28.71 32.56
N THR AA 8 37.13 27.80 31.81
CA THR AA 8 37.12 27.91 30.36
C THR AA 8 35.70 28.00 29.80
N LEU AA 9 34.74 27.41 30.51
CA LEU AA 9 33.35 27.37 30.06
C LEU AA 9 32.48 28.48 30.64
N ILE AA 10 33.00 29.27 31.58
CA ILE AA 10 32.20 30.31 32.22
C ILE AA 10 32.17 31.53 31.32
N ASN AA 11 30.99 31.84 30.79
CA ASN AA 11 30.77 33.04 29.99
C ASN AA 11 29.84 34.03 30.67
N ARG AA 12 29.33 33.71 31.86
CA ARG AA 12 28.32 34.55 32.49
C ARG AA 12 28.95 35.81 33.06
N ASP AA 13 28.25 36.93 32.90
CA ASP AA 13 28.71 38.21 33.39
C ASP AA 13 27.76 38.87 34.39
N LYS AA 14 26.45 38.57 34.31
CA LYS AA 14 25.51 39.25 35.20
C LYS AA 14 25.28 38.44 36.47
N PRO AA 15 24.92 39.11 37.56
CA PRO AA 15 24.74 38.41 38.84
C PRO AA 15 23.50 37.53 38.83
N TYR AA 16 23.45 36.64 39.83
CA TYR AA 16 22.30 35.75 39.99
C TYR AA 16 21.03 36.55 40.23
N THR AA 17 19.94 36.09 39.63
CA THR AA 17 18.63 36.62 39.95
C THR AA 17 18.18 36.12 41.32
N LYS AA 18 17.03 36.62 41.75
CA LYS AA 18 16.43 36.19 43.01
C LYS AA 18 16.26 34.68 43.05
N GLU AA 19 15.71 34.11 41.97
CA GLU AA 19 15.45 32.68 41.94
C GLU AA 19 16.75 31.88 41.81
N GLU AA 20 17.70 32.38 41.04
CA GLU AA 20 18.98 31.67 40.88
C GLU AA 20 19.75 31.63 42.19
N LEU AA 21 19.60 32.66 43.05
CA LEU AA 21 20.25 32.63 44.35
C LEU AA 21 19.71 31.52 45.21
N MET AA 22 18.39 31.31 45.18
CA MET AA 22 17.80 30.17 45.88
C MET AA 22 18.36 28.86 45.35
N GLU AA 23 18.61 28.79 44.03
CA GLU AA 23 19.05 27.54 43.41
C GLU AA 23 20.50 27.22 43.78
N ILE AA 24 21.37 28.22 43.87
CA ILE AA 24 22.76 27.92 44.21
C ILE AA 24 22.86 27.56 45.69
N LEU AA 25 21.95 28.07 46.53
CA LEU AA 25 21.93 27.64 47.92
C LEU AA 25 21.52 26.18 48.04
N ARG AA 26 20.54 25.75 47.24
CA ARG AA 26 20.18 24.34 47.22
C ARG AA 26 21.33 23.49 46.69
N LEU AA 27 22.05 24.00 45.68
CA LEU AA 27 23.18 23.29 45.13
C LEU AA 27 24.33 23.22 46.11
N ALA AA 28 24.52 24.27 46.92
CA ALA AA 28 25.55 24.23 47.96
C ALA AA 28 25.22 23.16 49.00
N ILE AA 29 23.95 23.03 49.37
CA ILE AA 29 23.55 21.99 50.31
C ILE AA 29 23.80 20.61 49.70
N ILE AA 30 23.50 20.46 48.40
CA ILE AA 30 23.80 19.20 47.70
C ILE AA 30 25.28 18.87 47.83
N ALA AA 31 26.14 19.85 47.59
CA ALA AA 31 27.58 19.62 47.67
C ALA AA 31 28.00 19.18 49.06
N GLU AA 32 27.43 19.81 50.09
CA GLU AA 32 27.77 19.46 51.47
C GLU AA 32 27.29 18.05 51.82
N LEU AA 33 26.06 17.72 51.44
CA LEU AA 33 25.54 16.38 51.73
C LEU AA 33 26.35 15.30 51.03
N ASP AA 34 26.77 15.57 49.79
CA ASP AA 34 27.62 14.62 49.09
C ASP AA 34 28.95 14.45 49.80
N ALA AA 35 29.53 15.55 50.28
CA ALA AA 35 30.80 15.48 51.00
C ALA AA 35 30.66 14.67 52.29
N ILE AA 36 29.56 14.88 53.02
CA ILE AA 36 29.33 14.12 54.24
C ILE AA 36 29.27 12.63 53.94
N ASN AA 37 28.48 12.24 52.93
CA ASN AA 37 28.42 10.83 52.55
C ASN AA 37 29.80 10.32 52.16
N LEU AA 38 30.58 11.12 51.44
CA LEU AA 38 31.90 10.67 51.01
C LEU AA 38 32.81 10.39 52.21
N TYR AA 39 32.89 11.34 53.14
CA TYR AA 39 33.81 11.19 54.28
C TYR AA 39 33.31 10.15 55.26
N GLU AA 40 31.99 10.02 55.42
CA GLU AA 40 31.44 8.95 56.25
CA GLU AA 40 31.45 8.96 56.26
C GLU AA 40 31.76 7.58 55.67
N GLN AA 41 31.65 7.43 54.34
CA GLN AA 41 32.00 6.17 53.70
C GLN AA 41 33.49 5.87 53.86
N MET AA 42 34.34 6.88 53.63
CA MET AA 42 35.78 6.68 53.80
C MET AA 42 36.10 6.25 55.22
N ALA AA 43 35.51 6.91 56.21
CA ALA AA 43 35.78 6.57 57.60
C ALA AA 43 35.40 5.12 57.90
N ARG AA 44 34.36 4.62 57.25
CA ARG AA 44 33.89 3.27 57.50
C ARG AA 44 34.97 2.24 57.16
N TYR AA 45 35.77 2.50 56.13
CA TYR AA 45 36.77 1.54 55.67
C TYR AA 45 38.18 1.91 56.08
N SER AA 46 38.36 2.97 56.86
CA SER AA 46 39.68 3.40 57.32
C SER AA 46 39.93 2.85 58.71
N GLU AA 47 40.71 1.78 58.79
CA GLU AA 47 41.17 1.28 60.08
C GLU AA 47 42.42 1.99 60.56
N ASP AA 48 42.93 2.94 59.79
CA ASP AA 48 43.91 3.90 60.28
C ASP AA 48 43.20 4.90 61.20
N GLU AA 49 43.54 4.88 62.49
CA GLU AA 49 42.81 5.67 63.46
C GLU AA 49 42.97 7.16 63.21
N ASN AA 50 44.15 7.57 62.74
CA ASN AA 50 44.37 8.99 62.47
C ASN AA 50 43.50 9.47 61.32
N VAL AA 51 43.43 8.70 60.24
CA VAL AA 51 42.62 9.07 59.09
C VAL AA 51 41.14 9.11 59.46
N ARG AA 52 40.67 8.07 60.16
CA ARG AA 52 39.25 8.01 60.53
C ARG AA 52 38.89 9.19 61.43
N LYS AA 53 39.75 9.51 62.39
CA LYS AA 53 39.44 10.59 63.32
C LYS AA 53 39.27 11.91 62.59
N ILE AA 54 40.14 12.20 61.62
CA ILE AA 54 40.05 13.45 60.89
C ILE AA 54 38.85 13.45 59.95
N LEU AA 55 38.61 12.32 59.27
CA LEU AA 55 37.45 12.24 58.38
C LEU AA 55 36.16 12.55 59.12
N LEU AA 56 35.99 11.98 60.32
CA LEU AA 56 34.77 12.22 61.07
C LEU AA 56 34.70 13.65 61.58
N ASP AA 57 35.84 14.26 61.90
CA ASP AA 57 35.85 15.63 62.37
C ASP AA 57 35.54 16.60 61.23
N VAL AA 58 36.08 16.33 60.04
CA VAL AA 58 35.73 17.14 58.87
C VAL AA 58 34.26 16.98 58.54
N ALA AA 59 33.77 15.73 58.54
CA ALA AA 59 32.35 15.48 58.27
C ALA AA 59 31.46 16.25 59.23
N ARG AA 60 31.83 16.29 60.51
CA ARG AA 60 31.07 17.07 61.48
C ARG AA 60 31.00 18.54 61.07
N GLU AA 61 32.11 19.09 60.60
CA GLU AA 61 32.11 20.49 60.20
C GLU AA 61 31.31 20.71 58.93
N GLU AA 62 31.27 19.73 58.02
CA GLU AA 62 30.39 19.84 56.86
C GLU AA 62 28.92 19.86 57.28
N LYS AA 63 28.58 19.14 58.35
CA LYS AA 63 27.20 19.17 58.84
C LYS AA 63 26.82 20.56 59.34
N ALA AA 64 27.79 21.31 59.86
CA ALA AA 64 27.51 22.69 60.23
C ALA AA 64 27.31 23.56 59.00
N HIS AA 65 28.06 23.28 57.92
CA HIS AA 65 27.86 24.01 56.68
C HIS AA 65 26.45 23.81 56.13
N VAL AA 66 25.91 22.59 56.26
CA VAL AA 66 24.52 22.36 55.89
C VAL AA 66 23.62 23.34 56.62
N GLY AA 67 23.88 23.55 57.91
CA GLY AA 67 23.06 24.48 58.68
C GLY AA 67 23.19 25.91 58.20
N GLU AA 68 24.41 26.34 57.86
CA GLU AA 68 24.60 27.72 57.40
C GLU AA 68 23.85 27.97 56.10
N PHE AA 69 24.04 27.08 55.11
CA PHE AA 69 23.34 27.26 53.85
C PHE AA 69 21.83 27.10 54.01
N MET AA 70 21.41 26.18 54.89
CA MET AA 70 19.98 26.02 55.15
C MET AA 70 19.38 27.31 55.72
N ALA AA 71 20.10 27.96 56.64
CA ALA AA 71 19.61 29.20 57.22
C ALA AA 71 19.40 30.26 56.16
N LEU AA 72 20.34 30.40 55.23
CA LEU AA 72 20.19 31.37 54.16
C LEU AA 72 19.02 31.00 53.24
N LEU AA 73 18.90 29.71 52.91
CA LEU AA 73 17.82 29.27 52.03
C LEU AA 73 16.46 29.54 52.66
N LEU AA 74 16.30 29.16 53.92
CA LEU AA 74 15.02 29.41 54.60
C LEU AA 74 14.69 30.90 54.65
N ASN AA 75 15.72 31.74 54.80
CA ASN AA 75 15.50 33.19 54.82
C ASN AA 75 15.04 33.70 53.46
N LEU AA 76 15.51 33.10 52.36
CA LEU AA 76 15.17 33.54 51.03
C LEU AA 76 14.04 32.75 50.38
N ASP AA 77 13.66 31.61 50.96
CA ASP AA 77 12.64 30.72 50.38
C ASP AA 77 11.56 30.53 51.43
N PRO AA 78 10.68 31.52 51.60
CA PRO AA 78 9.63 31.39 52.63
C PRO AA 78 8.74 30.17 52.41
N GLU AA 79 8.54 29.77 51.15
CA GLU AA 79 7.76 28.56 50.89
C GLU AA 79 8.44 27.34 51.53
N GLN AA 80 9.78 27.30 51.50
CA GLN AA 80 10.50 26.20 52.13
C GLN AA 80 10.30 26.20 53.64
N VAL AA 81 10.18 27.38 54.26
CA VAL AA 81 9.94 27.43 55.70
C VAL AA 81 8.64 26.72 56.04
N THR AA 82 7.54 27.09 55.37
CA THR AA 82 6.25 26.45 55.60
C THR AA 82 6.31 24.96 55.31
N GLU AA 83 6.87 24.57 54.16
CA GLU AA 83 6.84 23.17 53.76
C GLU AA 83 7.79 22.33 54.60
N LEU AA 84 8.88 22.91 55.10
CA LEU AA 84 9.73 22.18 56.03
C LEU AA 84 8.94 21.79 57.28
N LYS AA 85 8.23 22.76 57.87
CA LYS AA 85 7.37 22.45 59.01
C LYS AA 85 6.32 21.43 58.62
N GLY AA 86 5.69 21.60 57.46
CA GLY AA 86 4.69 20.63 57.01
C GLY AA 86 5.27 19.24 56.84
N GLY AA 87 6.50 19.15 56.34
CA GLY AA 87 7.14 17.85 56.21
C GLY AA 87 7.43 17.19 57.55
N PHE AA 88 7.92 17.98 58.52
CA PHE AA 88 8.10 17.45 59.86
C PHE AA 88 6.77 16.95 60.42
N GLU AA 89 5.69 17.70 60.21
CA GLU AA 89 4.39 17.28 60.72
C GLU AA 89 3.94 15.99 60.03
N GLU AA 90 4.18 15.88 58.72
CA GLU AA 90 3.80 14.67 58.02
C GLU AA 90 4.53 13.45 58.58
N VAL AA 91 5.83 13.60 58.88
CA VAL AA 91 6.57 12.50 59.50
C VAL AA 91 5.98 12.18 60.86
N LYS AA 92 5.66 13.21 61.65
CA LYS AA 92 5.01 12.99 62.94
C LYS AA 92 3.72 12.22 62.79
N GLU AA 93 2.89 12.57 61.79
CA GLU AA 93 1.60 11.93 61.63
C GLU AA 93 1.73 10.49 61.15
N LEU AA 94 2.80 10.16 60.43
CA LEU AA 94 2.97 8.80 59.92
C LEU AA 94 3.79 7.91 60.84
N THR AA 95 4.67 8.49 61.67
CA THR AA 95 5.57 7.71 62.51
C THR AA 95 5.60 8.13 63.97
N GLY AA 96 5.10 9.31 64.32
CA GLY AA 96 5.25 9.82 65.66
C GLY AA 96 6.58 10.49 65.94
N ILE AA 97 7.52 10.45 64.99
CA ILE AA 97 8.81 11.09 65.20
C ILE AA 97 8.63 12.60 65.22
N GLU AA 98 9.37 13.27 66.10
CA GLU AA 98 9.32 14.71 66.24
C GLU AA 98 10.71 15.30 66.34
N GLY BA 2 -8.30 20.36 -18.79
CA GLY BA 2 -6.86 20.08 -18.83
C GLY BA 2 -6.54 18.86 -19.65
N LEU BA 3 -5.26 18.51 -19.72
CA LEU BA 3 -4.81 17.36 -20.48
C LEU BA 3 -4.74 16.07 -19.67
N SER BA 4 -4.59 16.17 -18.35
CA SER BA 4 -4.52 14.97 -17.52
C SER BA 4 -5.90 14.32 -17.42
N ILE BA 5 -5.91 13.02 -17.19
CA ILE BA 5 -7.14 12.25 -17.14
C ILE BA 5 -7.64 12.20 -15.70
N ASN BA 6 -8.95 12.33 -15.54
CA ASN BA 6 -9.58 12.09 -14.25
C ASN BA 6 -9.35 10.63 -13.84
N PRO BA 7 -8.69 10.37 -12.71
CA PRO BA 7 -8.40 8.96 -12.36
C PRO BA 7 -9.61 8.05 -12.37
N THR BA 8 -10.81 8.58 -12.12
CA THR BA 8 -12.00 7.74 -12.17
C THR BA 8 -12.13 7.02 -13.51
N LEU BA 9 -11.60 7.62 -14.58
CA LEU BA 9 -11.72 7.07 -15.93
C LEU BA 9 -10.51 6.24 -16.36
N ILE BA 10 -9.45 6.19 -15.57
CA ILE BA 10 -8.25 5.46 -15.96
C ILE BA 10 -8.47 3.98 -15.66
N ASN BA 11 -8.44 3.16 -16.72
CA ASN BA 11 -8.49 1.71 -16.58
C ASN BA 11 -7.35 1.01 -17.30
N ARG BA 12 -6.43 1.75 -17.90
CA ARG BA 12 -5.30 1.14 -18.59
C ARG BA 12 -4.34 0.50 -17.59
N ASP BA 13 -3.84 -0.68 -17.95
CA ASP BA 13 -2.86 -1.37 -17.13
C ASP BA 13 -1.57 -1.68 -17.88
N LYS BA 14 -1.63 -1.80 -19.20
CA LYS BA 14 -0.44 -2.07 -20.00
C LYS BA 14 0.50 -0.86 -19.99
N PRO BA 15 1.81 -1.09 -20.04
CA PRO BA 15 2.74 0.03 -20.21
C PRO BA 15 2.73 0.53 -21.64
N TYR BA 16 3.24 1.75 -21.81
CA TYR BA 16 3.30 2.35 -23.14
C TYR BA 16 4.17 1.53 -24.07
N THR BA 17 3.72 1.37 -25.31
CA THR BA 17 4.58 0.82 -26.35
C THR BA 17 5.63 1.86 -26.75
N LYS BA 18 6.59 1.42 -27.57
CA LYS BA 18 7.62 2.35 -28.02
C LYS BA 18 7.02 3.50 -28.83
N GLU BA 19 5.94 3.24 -29.58
CA GLU BA 19 5.29 4.31 -30.33
C GLU BA 19 4.45 5.19 -29.42
N GLU BA 20 3.75 4.61 -28.45
CA GLU BA 20 3.02 5.41 -27.47
C GLU BA 20 3.97 6.26 -26.65
N LEU BA 21 5.20 5.78 -26.45
CA LEU BA 21 6.19 6.56 -25.72
C LEU BA 21 6.56 7.83 -26.48
N MET BA 22 6.68 7.72 -27.81
CA MET BA 22 6.91 8.91 -28.61
C MET BA 22 5.73 9.86 -28.56
N GLU BA 23 4.51 9.30 -28.48
CA GLU BA 23 3.32 10.13 -28.50
C GLU BA 23 3.16 10.92 -27.21
N ILE BA 24 3.49 10.33 -26.06
CA ILE BA 24 3.34 11.07 -24.81
C ILE BA 24 4.42 12.14 -24.70
N LEU BA 25 5.59 11.93 -25.33
CA LEU BA 25 6.60 12.98 -25.35
C LEU BA 25 6.13 14.16 -26.20
N ARG BA 26 5.48 13.90 -27.33
CA ARG BA 26 4.90 14.98 -28.11
C ARG BA 26 3.80 15.69 -27.34
N LEU BA 27 2.98 14.93 -26.61
CA LEU BA 27 1.92 15.53 -25.80
C LEU BA 27 2.49 16.33 -24.65
N ALA BA 28 3.60 15.86 -24.06
CA ALA BA 28 4.27 16.63 -23.01
C ALA BA 28 4.76 17.97 -23.55
N ILE BA 29 5.30 17.97 -24.77
CA ILE BA 29 5.74 19.22 -25.39
C ILE BA 29 4.54 20.14 -25.63
N ILE BA 30 3.41 19.56 -26.08
CA ILE BA 30 2.20 20.34 -26.25
C ILE BA 30 1.82 21.02 -24.94
N ALA BA 31 1.87 20.27 -23.83
CA ALA BA 31 1.51 20.84 -22.54
C ALA BA 31 2.44 21.98 -22.15
N GLU BA 32 3.75 21.83 -22.38
CA GLU BA 32 4.69 22.88 -22.04
C GLU BA 32 4.47 24.12 -22.91
N LEU BA 33 4.28 23.93 -24.21
CA LEU BA 33 4.06 25.08 -25.09
C LEU BA 33 2.79 25.83 -24.71
N ASP BA 34 1.73 25.11 -24.32
CA ASP BA 34 0.51 25.77 -23.87
C ASP BA 34 0.77 26.57 -22.59
N ALA BA 35 1.55 26.00 -21.66
CA ALA BA 35 1.85 26.71 -20.43
C ALA BA 35 2.65 27.97 -20.70
N ILE BA 36 3.61 27.91 -21.63
CA ILE BA 36 4.39 29.09 -21.98
C ILE BA 36 3.47 30.18 -22.53
N ASN BA 37 2.62 29.83 -23.50
CA ASN BA 37 1.68 30.83 -24.03
C ASN BA 37 0.81 31.41 -22.93
N LEU BA 38 0.35 30.56 -22.00
CA LEU BA 38 -0.51 31.04 -20.92
C LEU BA 38 0.21 32.07 -20.05
N TYR BA 39 1.42 31.74 -19.60
CA TYR BA 39 2.13 32.62 -18.69
C TYR BA 39 2.62 33.89 -19.40
N GLU BA 40 2.99 33.77 -20.67
CA GLU BA 40 3.38 34.95 -21.43
C GLU BA 40 2.20 35.90 -21.63
N GLN BA 41 1.01 35.33 -21.87
CA GLN BA 41 -0.20 36.15 -21.98
C GLN BA 41 -0.53 36.82 -20.66
N MET BA 42 -0.46 36.07 -19.56
CA MET BA 42 -0.72 36.65 -18.25
C MET BA 42 0.26 37.78 -17.95
N ALA BA 43 1.54 37.57 -18.24
CA ALA BA 43 2.55 38.58 -17.95
C ALA BA 43 2.26 39.87 -18.71
N ARG BA 44 1.76 39.74 -19.95
CA ARG BA 44 1.48 40.91 -20.78
C ARG BA 44 0.51 41.87 -20.10
N TYR BA 45 -0.50 41.33 -19.40
CA TYR BA 45 -1.53 42.16 -18.79
C TYR BA 45 -1.31 42.39 -17.30
N SER BA 46 -0.23 41.88 -16.73
CA SER BA 46 0.05 42.07 -15.31
C SER BA 46 0.91 43.33 -15.14
N GLU BA 47 0.30 44.38 -14.60
CA GLU BA 47 1.06 45.57 -14.23
C GLU BA 47 1.73 45.43 -12.87
N ASP BA 48 1.37 44.41 -12.09
CA ASP BA 48 2.09 44.09 -10.86
C ASP BA 48 3.44 43.48 -11.25
N GLU BA 49 4.52 44.20 -10.98
CA GLU BA 49 5.82 43.77 -11.45
C GLU BA 49 6.27 42.47 -10.79
N ASN BA 50 5.87 42.23 -9.54
CA ASN BA 50 6.22 40.97 -8.89
C ASN BA 50 5.56 39.80 -9.60
N VAL BA 51 4.28 39.92 -9.94
CA VAL BA 51 3.58 38.85 -10.64
C VAL BA 51 4.20 38.64 -12.02
N ARG BA 52 4.44 39.73 -12.74
CA ARG BA 52 5.04 39.62 -14.07
C ARG BA 52 6.40 38.93 -14.00
N LYS BA 53 7.22 39.30 -13.02
CA LYS BA 53 8.56 38.77 -12.93
C LYS BA 53 8.55 37.26 -12.71
N ILE BA 54 7.63 36.77 -11.88
CA ILE BA 54 7.55 35.34 -11.63
C ILE BA 54 6.96 34.61 -12.84
N LEU BA 55 5.92 35.17 -13.44
CA LEU BA 55 5.33 34.54 -14.63
C LEU BA 55 6.40 34.33 -15.71
N LEU BA 56 7.23 35.35 -15.95
CA LEU BA 56 8.24 35.23 -16.99
C LEU BA 56 9.34 34.25 -16.60
N ASP BA 57 9.67 34.15 -15.30
CA ASP BA 57 10.69 33.21 -14.88
C ASP BA 57 10.19 31.78 -14.93
N VAL BA 58 8.93 31.55 -14.56
CA VAL BA 58 8.35 30.21 -14.70
C VAL BA 58 8.29 29.82 -16.17
N ALA BA 59 7.83 30.75 -17.02
CA ALA BA 59 7.80 30.47 -18.45
C ALA BA 59 9.19 30.10 -18.97
N ARG BA 60 10.22 30.80 -18.49
CA ARG BA 60 11.58 30.45 -18.88
C ARG BA 60 11.89 29.00 -18.53
N GLU BA 61 11.48 28.55 -17.35
CA GLU BA 61 11.74 27.18 -16.94
C GLU BA 61 10.91 26.19 -17.74
N GLU BA 62 9.69 26.57 -18.15
CA GLU BA 62 8.93 25.70 -19.04
C GLU BA 62 9.63 25.56 -20.39
N LYS BA 63 10.30 26.61 -20.85
CA LYS BA 63 11.06 26.51 -22.10
C LYS BA 63 12.18 25.51 -21.99
N ALA BA 64 12.76 25.35 -20.80
CA ALA BA 64 13.75 24.30 -20.59
C ALA BA 64 13.11 22.93 -20.61
N HIS BA 65 11.89 22.82 -20.09
CA HIS BA 65 11.17 21.55 -20.15
C HIS BA 65 10.94 21.12 -21.58
N VAL BA 66 10.64 22.07 -22.47
CA VAL BA 66 10.52 21.76 -23.89
C VAL BA 66 11.80 21.09 -24.38
N GLY BA 67 12.95 21.63 -23.98
CA GLY BA 67 14.21 21.03 -24.40
C GLY BA 67 14.40 19.63 -23.87
N GLU BA 68 14.02 19.39 -22.61
CA GLU BA 68 14.18 18.06 -22.03
C GLU BA 68 13.35 17.03 -22.77
N PHE BA 69 12.06 17.30 -22.96
CA PHE BA 69 11.21 16.38 -23.69
C PHE BA 69 11.65 16.25 -25.14
N MET BA 70 12.12 17.36 -25.73
CA MET BA 70 12.61 17.31 -27.11
C MET BA 70 13.81 16.37 -27.23
N ALA BA 71 14.73 16.44 -26.27
CA ALA BA 71 15.91 15.57 -26.33
C ALA BA 71 15.51 14.09 -26.30
N LEU BA 72 14.57 13.74 -25.42
CA LEU BA 72 14.08 12.36 -25.37
C LEU BA 72 13.39 11.98 -26.67
N LEU BA 73 12.58 12.87 -27.22
CA LEU BA 73 11.86 12.56 -28.46
C LEU BA 73 12.84 12.35 -29.61
N LEU BA 74 13.78 13.27 -29.79
CA LEU BA 74 14.76 13.13 -30.86
C LEU BA 74 15.58 11.86 -30.70
N ASN BA 75 15.87 11.46 -29.46
CA ASN BA 75 16.63 10.24 -29.24
C ASN BA 75 15.83 9.00 -29.62
N LEU BA 76 14.51 9.06 -29.51
CA LEU BA 76 13.65 7.93 -29.84
C LEU BA 76 13.04 8.00 -31.24
N ASP BA 77 13.12 9.16 -31.89
CA ASP BA 77 12.46 9.38 -33.19
C ASP BA 77 13.49 9.87 -34.18
N PRO BA 78 14.29 8.98 -34.76
CA PRO BA 78 15.31 9.43 -35.73
C PRO BA 78 14.72 10.15 -36.93
N GLU BA 79 13.51 9.80 -37.33
CA GLU BA 79 12.87 10.53 -38.42
C GLU BA 79 12.71 12.00 -38.07
N GLN BA 80 12.37 12.30 -36.81
CA GLN BA 80 12.23 13.69 -36.39
C GLN BA 80 13.56 14.43 -36.46
N VAL BA 81 14.67 13.76 -36.16
CA VAL BA 81 15.97 14.41 -36.28
C VAL BA 81 16.20 14.86 -37.71
N THR BA 82 16.00 13.95 -38.68
CA THR BA 82 16.16 14.28 -40.08
C THR BA 82 15.21 15.40 -40.50
N GLU BA 83 13.93 15.27 -40.14
CA GLU BA 83 12.95 16.24 -40.62
C GLU BA 83 13.09 17.59 -39.92
N LEU BA 84 13.59 17.61 -38.68
CA LEU BA 84 13.89 18.88 -38.03
C LEU BA 84 14.95 19.63 -38.82
N LYS BA 85 16.03 18.94 -39.19
CA LYS BA 85 17.07 19.55 -40.01
C LYS BA 85 16.50 20.01 -41.35
N GLY BA 86 15.70 19.15 -41.99
CA GLY BA 86 15.07 19.53 -43.25
C GLY BA 86 14.19 20.75 -43.10
N GLY BA 87 13.47 20.85 -41.99
CA GLY BA 87 12.65 22.03 -41.75
C GLY BA 87 13.47 23.28 -41.57
N PHE BA 88 14.57 23.19 -40.80
CA PHE BA 88 15.47 24.32 -40.66
C PHE BA 88 15.99 24.79 -42.01
N GLU BA 89 16.39 23.84 -42.87
CA GLU BA 89 16.91 24.21 -44.19
C GLU BA 89 15.85 24.85 -45.06
N GLU BA 90 14.62 24.35 -45.00
CA GLU BA 90 13.55 24.93 -45.80
C GLU BA 90 13.30 26.39 -45.41
N VAL BA 91 13.29 26.68 -44.11
CA VAL BA 91 13.11 28.06 -43.67
C VAL BA 91 14.27 28.93 -44.15
N LYS BA 92 15.49 28.42 -44.03
CA LYS BA 92 16.65 29.17 -44.52
C LYS BA 92 16.48 29.54 -45.98
N GLU BA 93 16.05 28.58 -46.81
CA GLU BA 93 15.96 28.83 -48.24
C GLU BA 93 14.85 29.82 -48.56
N LEU BA 94 13.73 29.76 -47.83
CA LEU BA 94 12.59 30.61 -48.17
C LEU BA 94 12.70 32.01 -47.58
N THR BA 95 13.42 32.17 -46.47
CA THR BA 95 13.46 33.44 -45.76
C THR BA 95 14.86 33.92 -45.39
N GLY BA 96 15.87 33.07 -45.46
CA GLY BA 96 17.19 33.41 -44.98
C GLY BA 96 17.38 33.27 -43.48
N ILE BA 97 16.31 32.99 -42.73
CA ILE BA 97 16.44 32.80 -41.29
C ILE BA 97 17.13 31.46 -41.04
N GLU BA 98 18.07 31.46 -40.09
CA GLU BA 98 18.85 30.26 -39.79
C GLU BA 98 18.89 30.07 -38.28
N ALA BA 99 18.62 28.85 -37.83
CA ALA BA 99 18.62 28.52 -36.42
C ALA BA 99 17.67 29.42 -35.65
N GLY CA 2 27.96 13.49 42.10
CA GLY CA 2 28.85 13.71 43.22
C GLY CA 2 29.90 12.61 43.31
N LEU CA 3 30.76 12.70 44.34
CA LEU CA 3 31.82 11.72 44.52
C LEU CA 3 31.42 10.56 45.43
N SER CA 4 30.45 10.75 46.32
CA SER CA 4 30.04 9.66 47.20
C SER CA 4 29.29 8.59 46.41
N ILE CA 5 29.36 7.36 46.91
CA ILE CA 5 28.74 6.22 46.25
C ILE CA 5 27.33 6.02 46.79
N ASN CA 6 26.41 5.70 45.90
CA ASN CA 6 25.07 5.28 46.30
C ASN CA 6 25.18 4.00 47.12
N PRO CA 7 24.75 3.98 48.38
CA PRO CA 7 24.91 2.76 49.19
C PRO CA 7 24.35 1.51 48.55
N THR CA 8 23.33 1.63 47.69
CA THR CA 8 22.82 0.46 46.99
C THR CA 8 23.92 -0.27 46.24
N LEU CA 9 24.97 0.44 45.83
CA LEU CA 9 26.07 -0.13 45.06
C LEU CA 9 27.26 -0.54 45.91
N ILE CA 10 27.27 -0.24 47.20
CA ILE CA 10 28.40 -0.55 48.07
C ILE CA 10 28.31 -2.02 48.48
N ASN CA 11 29.25 -2.83 48.01
CA ASN CA 11 29.37 -4.22 48.43
C ASN CA 11 30.74 -4.53 49.02
N ARG CA 12 31.56 -3.52 49.30
CA ARG CA 12 32.87 -3.74 49.88
C ARG CA 12 32.75 -3.99 51.38
N ASP CA 13 33.54 -4.93 51.87
CA ASP CA 13 33.56 -5.26 53.28
C ASP CA 13 34.92 -5.10 53.95
N LYS CA 14 36.01 -5.30 53.21
CA LYS CA 14 37.33 -5.24 53.82
C LYS CA 14 37.81 -3.80 53.94
N PRO CA 15 38.69 -3.50 54.90
CA PRO CA 15 39.17 -2.13 55.06
C PRO CA 15 40.18 -1.75 53.98
N TYR CA 16 40.38 -0.43 53.88
CA TYR CA 16 41.34 0.09 52.92
C TYR CA 16 42.75 -0.42 53.23
N THR CA 17 43.49 -0.76 52.18
CA THR CA 17 44.92 -1.01 52.32
C THR CA 17 45.66 0.31 52.49
N LYS CA 18 46.96 0.22 52.81
CA LYS CA 18 47.78 1.40 52.98
C LYS CA 18 47.75 2.27 51.73
N GLU CA 19 47.83 1.65 50.55
CA GLU CA 19 47.77 2.41 49.30
C GLU CA 19 46.39 3.02 49.09
N GLU CA 20 45.33 2.28 49.44
CA GLU CA 20 43.98 2.82 49.28
C GLU CA 20 43.74 3.98 50.23
N LEU CA 21 44.39 3.99 51.40
CA LEU CA 21 44.27 5.13 52.30
C LEU CA 21 44.89 6.37 51.68
N MET CA 22 46.05 6.24 51.03
CA MET CA 22 46.64 7.38 50.33
C MET CA 22 45.68 7.89 49.27
N GLU CA 23 44.99 6.98 48.59
CA GLU CA 23 44.15 7.38 47.47
C GLU CA 23 42.89 8.10 47.93
N ILE CA 24 42.28 7.66 49.05
CA ILE CA 24 41.08 8.35 49.51
C ILE CA 24 41.44 9.71 50.08
N LEU CA 25 42.66 9.88 50.60
CA LEU CA 25 43.10 11.20 51.04
C LEU CA 25 43.25 12.14 49.85
N ARG CA 26 43.81 11.65 48.74
CA ARG CA 26 43.89 12.47 47.53
C ARG CA 26 42.49 12.77 47.00
N LEU CA 27 41.58 11.81 47.08
CA LEU CA 27 40.20 12.04 46.64
C LEU CA 27 39.50 13.03 47.56
N ALA CA 28 39.79 12.97 48.86
CA ALA CA 28 39.22 13.96 49.78
C ALA CA 28 39.70 15.37 49.44
N ILE CA 29 40.98 15.52 49.10
CA ILE CA 29 41.50 16.83 48.71
C ILE CA 29 40.82 17.29 47.43
N ILE CA 30 40.61 16.37 46.48
CA ILE CA 30 39.87 16.72 45.27
C ILE CA 30 38.50 17.27 45.61
N ALA CA 31 37.80 16.59 46.53
CA ALA CA 31 36.45 17.02 46.90
C ALA CA 31 36.48 18.41 47.52
N GLU CA 32 37.47 18.69 48.36
CA GLU CA 32 37.57 20.00 49.00
C GLU CA 32 37.88 21.09 47.97
N LEU CA 33 38.83 20.82 47.07
CA LEU CA 33 39.19 21.80 46.04
C LEU CA 33 38.00 22.10 45.13
N ASP CA 34 37.21 21.08 44.78
CA ASP CA 34 36.02 21.31 43.98
C ASP CA 34 35.02 22.18 44.73
N ALA CA 35 34.85 21.93 46.03
CA ALA CA 35 33.92 22.73 46.83
C ALA CA 35 34.38 24.18 46.91
N ILE CA 36 35.68 24.40 47.08
CA ILE CA 36 36.21 25.77 47.12
C ILE CA 36 35.92 26.49 45.82
N ASN CA 37 36.24 25.86 44.69
CA ASN CA 37 35.93 26.46 43.39
C ASN CA 37 34.44 26.76 43.26
N LEU CA 38 33.60 25.83 43.72
CA LEU CA 38 32.15 26.02 43.61
C LEU CA 38 31.70 27.24 44.39
N TYR CA 39 32.12 27.35 45.66
CA TYR CA 39 31.66 28.44 46.50
C TYR CA 39 32.28 29.77 46.09
N GLU CA 40 33.54 29.74 45.62
CA GLU CA 40 34.15 30.95 45.09
C GLU CA 40 33.41 31.44 43.85
N GLN CA 41 32.98 30.50 43.00
CA GLN CA 41 32.21 30.89 41.81
C GLN CA 41 30.84 31.43 42.21
N MET CA 42 30.16 30.76 43.14
CA MET CA 42 28.86 31.24 43.59
C MET CA 42 28.97 32.64 44.17
N ALA CA 43 29.97 32.88 45.02
CA ALA CA 43 30.12 34.18 45.64
C ALA CA 43 30.33 35.27 44.59
N ARG CA 44 31.03 34.95 43.49
CA ARG CA 44 31.34 35.96 42.48
CA ARG CA 44 31.33 35.96 42.48
C ARG CA 44 30.06 36.52 41.84
N TYR CA 45 29.00 35.71 41.75
CA TYR CA 45 27.77 36.13 41.10
C TYR CA 45 26.64 36.43 42.07
N SER CA 46 26.86 36.35 43.37
CA SER CA 46 25.82 36.65 44.34
C SER CA 46 25.87 38.13 44.68
N GLU CA 47 24.79 38.86 44.37
CA GLU CA 47 24.67 40.25 44.77
C GLU CA 47 24.20 40.39 46.21
N ASP CA 48 23.58 39.36 46.77
CA ASP CA 48 23.20 39.36 48.18
C ASP CA 48 24.46 39.26 49.04
N GLU CA 49 24.75 40.31 49.80
CA GLU CA 49 25.99 40.35 50.55
C GLU CA 49 25.99 39.36 51.70
N ASN CA 50 24.83 39.01 52.24
CA ASN CA 50 24.76 38.00 53.28
C ASN CA 50 25.15 36.63 52.73
N VAL CA 51 24.61 36.28 51.55
CA VAL CA 51 24.96 35.00 50.93
C VAL CA 51 26.43 34.97 50.57
N ARG CA 52 26.95 36.08 50.03
CA ARG CA 52 28.36 36.14 49.68
CA ARG CA 52 28.37 36.15 49.67
C ARG CA 52 29.24 35.92 50.91
N LYS CA 53 28.91 36.58 52.02
CA LYS CA 53 29.75 36.49 53.21
C LYS CA 53 29.82 35.05 53.72
N ILE CA 54 28.70 34.34 53.69
CA ILE CA 54 28.69 32.96 54.18
C ILE CA 54 29.45 32.06 53.21
N LEU CA 55 29.23 32.24 51.90
CA LEU CA 55 29.95 31.45 50.92
C LEU CA 55 31.46 31.59 51.10
N LEU CA 56 31.93 32.82 51.31
CA LEU CA 56 33.36 33.05 51.49
C LEU CA 56 33.87 32.47 52.80
N ASP CA 57 33.03 32.49 53.85
CA ASP CA 57 33.46 31.93 55.12
C ASP CA 57 33.49 30.41 55.07
N VAL CA 58 32.51 29.79 54.41
CA VAL CA 58 32.54 28.34 54.24
C VAL CA 58 33.75 27.93 53.42
N ALA CA 59 33.99 28.63 52.31
CA ALA CA 59 35.16 28.32 51.48
C ALA CA 59 36.44 28.42 52.29
N ARG CA 60 36.55 29.42 53.17
CA ARG CA 60 37.71 29.53 54.03
C ARG CA 60 37.90 28.27 54.87
N GLU CA 61 36.79 27.72 55.39
CA GLU CA 61 36.88 26.52 56.21
C GLU CA 61 37.22 25.30 55.38
N GLU CA 62 36.78 25.25 54.12
CA GLU CA 62 37.19 24.16 53.24
C GLU CA 62 38.69 24.21 52.97
N LYS CA 63 39.26 25.41 52.90
CA LYS CA 63 40.70 25.53 52.70
C LYS CA 63 41.47 24.94 53.88
N ALA CA 64 40.91 25.02 55.09
CA ALA CA 64 41.51 24.36 56.24
C ALA CA 64 41.40 22.84 56.13
N HIS CA 65 40.29 22.35 55.59
CA HIS CA 65 40.15 20.92 55.36
C HIS CA 65 41.22 20.40 54.41
N VAL CA 66 41.56 21.19 53.39
CA VAL CA 66 42.67 20.82 52.51
C VAL CA 66 43.93 20.58 53.32
N GLY CA 67 44.20 21.47 54.28
CA GLY CA 67 45.39 21.31 55.10
C GLY CA 67 45.36 20.06 55.95
N GLU CA 68 44.19 19.74 56.53
CA GLU CA 68 44.08 18.55 57.36
C GLU CA 68 44.35 17.28 56.56
N PHE CA 69 43.67 17.14 55.41
CA PHE CA 69 43.88 15.95 54.60
C PHE CA 69 45.31 15.90 54.05
N MET CA 70 45.86 17.06 53.68
CA MET CA 70 47.23 17.07 53.16
CA MET CA 70 47.23 17.08 53.17
C MET CA 70 48.23 16.66 54.24
N ALA CA 71 47.99 17.07 55.49
CA ALA CA 71 48.89 16.66 56.58
C ALA CA 71 48.91 15.15 56.72
N LEU CA 72 47.73 14.51 56.67
CA LEU CA 72 47.67 13.05 56.74
C LEU CA 72 48.35 12.43 55.53
N LEU CA 73 48.12 12.97 54.34
CA LEU CA 73 48.71 12.41 53.13
C LEU CA 73 50.23 12.48 53.19
N LEU CA 74 50.77 13.63 53.54
CA LEU CA 74 52.22 13.77 53.65
C LEU CA 74 52.79 12.82 54.69
N ASN CA 75 52.04 12.56 55.77
CA ASN CA 75 52.53 11.64 56.79
C ASN CA 75 52.58 10.21 56.28
N LEU CA 76 51.67 9.85 55.35
CA LEU CA 76 51.62 8.50 54.80
C LEU CA 76 52.35 8.38 53.47
N ASP CA 77 52.72 9.48 52.83
CA ASP CA 77 53.32 9.47 51.50
C ASP CA 77 54.64 10.25 51.56
N PRO CA 78 55.71 9.64 52.08
CA PRO CA 78 56.99 10.36 52.14
C PRO CA 78 57.48 10.81 50.79
N GLU CA 79 57.17 10.08 49.72
CA GLU CA 79 57.56 10.53 48.39
C GLU CA 79 56.93 11.88 48.07
N GLN CA 80 55.67 12.10 48.47
CA GLN CA 80 55.02 13.36 48.22
C GLN CA 80 55.71 14.50 48.97
N VAL CA 81 56.26 14.22 50.16
CA VAL CA 81 57.02 15.23 50.90
C VAL CA 81 58.20 15.72 50.06
N THR CA 82 59.00 14.77 49.55
CA THR CA 82 60.14 15.13 48.70
C THR CA 82 59.70 15.88 47.45
N GLU CA 83 58.69 15.36 46.75
CA GLU CA 83 58.32 15.97 45.48
C GLU CA 83 57.61 17.30 45.68
N LEU CA 84 56.90 17.47 46.80
CA LEU CA 84 56.32 18.77 47.10
C LEU CA 84 57.42 19.83 47.23
N LYS CA 85 58.47 19.51 47.99
CA LYS CA 85 59.61 20.41 48.10
C LYS CA 85 60.26 20.63 46.75
N GLY CA 86 60.47 19.54 46.00
CA GLY CA 86 61.03 19.67 44.66
C GLY CA 86 60.18 20.54 43.75
N GLY CA 87 58.85 20.41 43.86
CA GLY CA 87 57.97 21.24 43.07
C GLY CA 87 58.07 22.71 43.44
N PHE CA 88 58.11 23.00 44.75
CA PHE CA 88 58.30 24.37 45.20
C PHE CA 88 59.60 24.95 44.63
N GLU CA 89 60.68 24.17 44.67
CA GLU CA 89 61.97 24.66 44.18
C GLU CA 89 61.93 24.92 42.69
N GLU CA 90 61.26 24.06 41.92
CA GLU CA 90 61.16 24.26 40.48
C GLU CA 90 60.44 25.57 40.15
N VAL CA 91 59.36 25.87 40.86
CA VAL CA 91 58.65 27.13 40.64
C VAL CA 91 59.54 28.30 40.99
N LYS CA 92 60.31 28.19 42.07
CA LYS CA 92 61.24 29.25 42.46
C LYS CA 92 62.24 29.53 41.35
N GLU CA 93 62.79 28.48 40.74
CA GLU CA 93 63.84 28.65 39.75
C GLU CA 93 63.30 29.18 38.43
N LEU CA 94 62.04 28.90 38.12
CA LEU CA 94 61.47 29.32 36.84
C LEU CA 94 60.77 30.67 36.91
N THR CA 95 60.28 31.07 38.09
CA THR CA 95 59.50 32.29 38.23
C THR CA 95 59.94 33.19 39.37
N GLY CA 96 60.77 32.71 40.29
CA GLY CA 96 61.11 33.46 41.47
C GLY CA 96 60.09 33.40 42.59
N ILE CA 97 58.92 32.79 42.35
CA ILE CA 97 57.91 32.66 43.40
C ILE CA 97 58.39 31.65 44.42
N GLU CA 98 58.27 32.00 45.70
CA GLU CA 98 58.69 31.12 46.79
C GLU CA 98 57.69 31.28 47.93
N ALA CA 99 58.09 30.86 49.12
CA ALA CA 99 57.23 30.90 50.30
C ALA CA 99 55.97 30.06 50.08
N GLY DA 2 -11.99 -29.21 0.03
CA GLY DA 2 -12.76 -28.71 1.15
C GLY DA 2 -13.82 -27.70 0.71
N LEU DA 3 -14.55 -27.15 1.68
CA LEU DA 3 -15.59 -26.18 1.38
C LEU DA 3 -15.10 -24.74 1.43
N SER DA 4 -14.03 -24.46 2.17
CA SER DA 4 -13.52 -23.10 2.24
C SER DA 4 -12.83 -22.71 0.94
N ILE DA 5 -12.84 -21.42 0.64
CA ILE DA 5 -12.27 -20.90 -0.59
C ILE DA 5 -10.82 -20.51 -0.37
N ASN DA 6 -9.97 -20.84 -1.34
CA ASN DA 6 -8.59 -20.35 -1.33
C ASN DA 6 -8.60 -18.84 -1.43
N PRO DA 7 -8.04 -18.12 -0.45
CA PRO DA 7 -8.11 -16.65 -0.48
C PRO DA 7 -7.59 -16.03 -1.77
N THR DA 8 -6.69 -16.72 -2.48
CA THR DA 8 -6.23 -16.22 -3.76
C THR DA 8 -7.40 -15.95 -4.70
N LEU DA 9 -8.50 -16.69 -4.54
CA LEU DA 9 -9.65 -16.58 -5.42
C LEU DA 9 -10.75 -15.67 -4.89
N ILE DA 10 -10.64 -15.18 -3.65
CA ILE DA 10 -11.68 -14.35 -3.06
C ILE DA 10 -11.49 -12.92 -3.55
N ASN DA 11 -12.46 -12.44 -4.34
CA ASN DA 11 -12.47 -11.06 -4.81
C ASN DA 11 -13.67 -10.28 -4.29
N ARG DA 12 -14.48 -10.88 -3.42
CA ARG DA 12 -15.70 -10.22 -2.96
C ARG DA 12 -15.36 -9.15 -1.94
N ASP DA 13 -16.06 -8.02 -2.04
CA ASP DA 13 -15.87 -6.90 -1.12
C ASP DA 13 -17.12 -6.51 -0.35
N LYS DA 14 -18.30 -6.80 -0.89
CA LYS DA 14 -19.54 -6.38 -0.24
C LYS DA 14 -20.06 -7.49 0.67
N PRO DA 15 -20.85 -7.13 1.68
CA PRO DA 15 -21.34 -8.14 2.62
C PRO DA 15 -22.45 -8.99 2.01
N TYR DA 16 -22.70 -10.12 2.67
CA TYR DA 16 -23.76 -11.02 2.24
C TYR DA 16 -25.11 -10.32 2.30
N THR DA 17 -25.93 -10.56 1.29
CA THR DA 17 -27.33 -10.16 1.37
C THR DA 17 -28.06 -11.10 2.33
N LYS DA 18 -29.29 -10.71 2.70
CA LYS DA 18 -30.06 -11.55 3.61
C LYS DA 18 -30.28 -12.94 3.03
N GLU DA 19 -30.47 -13.02 1.71
CA GLU DA 19 -30.60 -14.33 1.07
C GLU DA 19 -29.30 -15.11 1.15
N GLU DA 20 -28.17 -14.44 0.92
CA GLU DA 20 -26.88 -15.12 0.99
C GLU DA 20 -26.57 -15.58 2.41
N LEU DA 21 -26.99 -14.82 3.42
CA LEU DA 21 -26.81 -15.26 4.80
C LEU DA 21 -27.54 -16.56 5.06
N MET DA 22 -28.79 -16.67 4.58
CA MET DA 22 -29.50 -17.94 4.69
C MET DA 22 -28.72 -19.07 4.02
N GLU DA 23 -28.08 -18.77 2.89
CA GLU DA 23 -27.39 -19.81 2.14
C GLU DA 23 -26.11 -20.26 2.84
N ILE DA 24 -25.38 -19.33 3.45
CA ILE DA 24 -24.15 -19.73 4.12
C ILE DA 24 -24.46 -20.50 5.40
N LEU DA 25 -25.61 -20.24 6.02
CA LEU DA 25 -26.02 -21.04 7.17
C LEU DA 25 -26.35 -22.46 6.76
N ARG DA 26 -27.03 -22.64 5.62
CA ARG DA 26 -27.28 -23.99 5.12
C ARG DA 26 -25.96 -24.67 4.76
N LEU DA 27 -25.01 -23.91 4.20
CA LEU DA 27 -23.71 -24.47 3.87
C LEU DA 27 -22.93 -24.83 5.13
N ALA DA 28 -23.06 -24.03 6.19
CA ALA DA 28 -22.42 -24.37 7.46
C ALA DA 28 -22.98 -25.67 8.01
N ILE DA 29 -24.30 -25.86 7.91
CA ILE DA 29 -24.90 -27.12 8.36
C ILE DA 29 -24.38 -28.28 7.52
N ILE DA 30 -24.24 -28.07 6.22
CA ILE DA 30 -23.65 -29.10 5.35
C ILE DA 30 -22.27 -29.49 5.86
N ALA DA 31 -21.45 -28.48 6.18
CA ALA DA 31 -20.10 -28.75 6.65
C ALA DA 31 -20.10 -29.56 7.95
N GLU DA 32 -21.00 -29.21 8.87
CA GLU DA 32 -21.07 -29.93 10.14
C GLU DA 32 -21.55 -31.36 9.94
N LEU DA 33 -22.59 -31.56 9.12
CA LEU DA 33 -23.08 -32.91 8.86
C LEU DA 33 -22.01 -33.76 8.20
N ASP DA 34 -21.24 -33.17 7.28
CA ASP DA 34 -20.14 -33.91 6.66
C ASP DA 34 -19.08 -34.28 7.70
N ALA DA 35 -18.77 -33.37 8.63
CA ALA DA 35 -17.78 -33.67 9.65
C ALA DA 35 -18.26 -34.79 10.57
N ILE DA 36 -19.55 -34.78 10.92
CA ILE DA 36 -20.11 -35.84 11.75
C ILE DA 36 -19.94 -37.19 11.06
N ASN DA 37 -20.36 -37.28 9.79
CA ASN DA 37 -20.21 -38.52 9.05
C ASN DA 37 -18.75 -38.95 8.99
N LEU DA 38 -17.83 -38.00 8.79
CA LEU DA 38 -16.42 -38.33 8.69
C LEU DA 38 -15.93 -38.96 9.99
N TYR DA 39 -16.20 -38.32 11.12
CA TYR DA 39 -15.68 -38.80 12.39
C TYR DA 39 -16.39 -40.08 12.83
N GLU DA 40 -17.71 -40.16 12.59
CA GLU DA 40 -18.43 -41.39 12.88
C GLU DA 40 -17.87 -42.56 12.07
N GLN DA 41 -17.50 -42.31 10.82
CA GLN DA 41 -16.88 -43.34 10.00
C GLN DA 41 -15.49 -43.70 10.53
N MET DA 42 -14.69 -42.69 10.87
CA MET DA 42 -13.36 -42.96 11.44
C MET DA 42 -13.48 -43.77 12.73
N ALA DA 43 -14.41 -43.38 13.61
CA ALA DA 43 -14.56 -44.09 14.88
C ALA DA 43 -14.95 -45.55 14.65
N ARG DA 44 -15.64 -45.85 13.56
CA ARG DA 44 -16.07 -47.21 13.27
C ARG DA 44 -14.88 -48.14 13.10
N TYR DA 45 -13.84 -47.68 12.41
CA TYR DA 45 -12.69 -48.52 12.07
C TYR DA 45 -11.50 -48.33 12.99
N SER DA 46 -11.65 -47.56 14.07
CA SER DA 46 -10.55 -47.30 15.00
C SER DA 46 -10.68 -48.25 16.18
N GLU DA 47 -9.86 -49.29 16.21
CA GLU DA 47 -9.80 -50.16 17.37
C GLU DA 47 -8.99 -49.56 18.51
N ASP DA 48 -8.22 -48.50 18.25
CA ASP DA 48 -7.60 -47.73 19.32
C ASP DA 48 -8.69 -46.99 20.10
N GLU DA 49 -8.96 -47.44 21.32
CA GLU DA 49 -10.08 -46.91 22.08
C GLU DA 49 -9.91 -45.42 22.38
N ASN DA 50 -8.68 -44.97 22.61
CA ASN DA 50 -8.45 -43.55 22.86
C ASN DA 50 -8.83 -42.70 21.65
N VAL DA 51 -8.43 -43.14 20.45
CA VAL DA 51 -8.79 -42.40 19.25
C VAL DA 51 -10.31 -42.41 19.05
N ARG DA 52 -10.92 -43.57 19.22
CA ARG DA 52 -12.37 -43.68 19.06
C ARG DA 52 -13.10 -42.74 20.02
N LYS DA 53 -12.59 -42.62 21.25
CA LYS DA 53 -13.29 -41.83 22.27
C LYS DA 53 -13.26 -40.34 21.95
N ILE DA 54 -12.16 -39.85 21.37
CA ILE DA 54 -12.10 -38.45 20.98
C ILE DA 54 -12.94 -38.19 19.74
N LEU DA 55 -12.86 -39.08 18.74
CA LEU DA 55 -13.66 -38.92 17.53
C LEU DA 55 -15.14 -38.79 17.86
N LEU DA 56 -15.64 -39.66 18.76
CA LEU DA 56 -17.05 -39.62 19.12
C LEU DA 56 -17.38 -38.37 19.95
N ASP DA 57 -16.44 -37.90 20.76
CA ASP DA 57 -16.70 -36.70 21.55
C ASP DA 57 -16.68 -35.45 20.67
N VAL DA 58 -15.76 -35.38 19.71
CA VAL DA 58 -15.77 -34.27 18.77
C VAL DA 58 -17.05 -34.30 17.94
N ALA DA 59 -17.42 -35.47 17.43
CA ALA DA 59 -18.64 -35.60 16.65
C ALA DA 59 -19.84 -35.12 17.46
N ARG DA 60 -19.87 -35.46 18.75
CA ARG DA 60 -20.94 -34.96 19.62
C ARG DA 60 -20.96 -33.44 19.61
N GLU DA 61 -19.79 -32.80 19.66
CA GLU DA 61 -19.72 -31.35 19.68
C GLU DA 61 -20.11 -30.77 18.32
N GLU DA 62 -19.81 -31.46 17.22
CA GLU DA 62 -20.29 -31.01 15.92
C GLU DA 62 -21.81 -31.08 15.84
N LYS DA 63 -22.43 -32.06 16.51
CA LYS DA 63 -23.89 -32.14 16.51
C LYS DA 63 -24.50 -30.94 17.20
N ALA DA 64 -23.82 -30.38 18.20
CA ALA DA 64 -24.29 -29.14 18.81
C ALA DA 64 -24.13 -27.97 17.87
N HIS DA 65 -23.07 -27.97 17.06
CA HIS DA 65 -22.91 -26.92 16.05
C HIS DA 65 -24.06 -26.93 15.05
N VAL DA 66 -24.54 -28.12 14.69
CA VAL DA 66 -25.73 -28.20 13.84
C VAL DA 66 -26.88 -27.44 14.47
N GLY DA 67 -27.08 -27.61 15.78
CA GLY DA 67 -28.15 -26.91 16.45
C GLY DA 67 -27.96 -25.41 16.44
N GLU DA 68 -26.72 -24.94 16.63
CA GLU DA 68 -26.46 -23.51 16.64
C GLU DA 68 -26.79 -22.89 15.29
N PHE DA 69 -26.27 -23.47 14.21
CA PHE DA 69 -26.55 -22.94 12.88
C PHE DA 69 -28.03 -23.09 12.54
N MET DA 70 -28.65 -24.21 12.96
CA MET DA 70 -30.07 -24.39 12.71
C MET DA 70 -30.90 -23.30 13.39
N ALA DA 71 -30.56 -22.97 14.64
CA ALA DA 71 -31.30 -21.92 15.34
C ALA DA 71 -31.24 -20.60 14.58
N LEU DA 72 -30.06 -20.24 14.08
CA LEU DA 72 -29.94 -19.02 13.28
C LEU DA 72 -30.73 -19.14 11.98
N LEU DA 73 -30.65 -20.30 11.32
CA LEU DA 73 -31.36 -20.48 10.05
C LEU DA 73 -32.86 -20.34 10.25
N LEU DA 74 -33.40 -21.03 11.26
CA LEU DA 74 -34.82 -20.94 11.55
C LEU DA 74 -35.22 -19.50 11.89
N ASN DA 75 -34.33 -18.76 12.56
CA ASN DA 75 -34.62 -17.38 12.91
C ASN DA 75 -34.68 -16.48 11.68
N LEU DA 76 -33.90 -16.79 10.64
CA LEU DA 76 -33.87 -16.00 9.42
C LEU DA 76 -34.74 -16.59 8.31
N ASP DA 77 -35.19 -17.84 8.45
CA ASP DA 77 -35.96 -18.52 7.40
C ASP DA 77 -37.26 -19.02 8.02
N PRO DA 78 -38.25 -18.14 8.20
CA PRO DA 78 -39.52 -18.60 8.77
C PRO DA 78 -40.18 -19.69 7.97
N GLU DA 79 -39.99 -19.70 6.65
CA GLU DA 79 -40.55 -20.78 5.84
C GLU DA 79 -40.00 -22.13 6.28
N GLN DA 80 -38.72 -22.17 6.65
CA GLN DA 80 -38.13 -23.42 7.12
C GLN DA 80 -38.77 -23.88 8.42
N VAL DA 81 -39.17 -22.94 9.29
CA VAL DA 81 -39.87 -23.31 10.52
C VAL DA 81 -41.16 -24.04 10.17
N THR DA 82 -41.98 -23.45 9.30
CA THR DA 82 -43.24 -24.06 8.91
C THR DA 82 -43.01 -25.43 8.28
N GLU DA 83 -42.08 -25.51 7.33
CA GLU DA 83 -41.89 -26.76 6.59
C GLU DA 83 -41.22 -27.82 7.46
N LEU DA 84 -40.41 -27.40 8.44
CA LEU DA 84 -39.86 -28.36 9.38
C LEU DA 84 -40.98 -29.06 10.14
N LYS DA 85 -41.94 -28.29 10.66
CA LYS DA 85 -43.07 -28.89 11.36
C LYS DA 85 -43.92 -29.73 10.41
N GLY DA 86 -44.15 -29.23 9.20
CA GLY DA 86 -44.87 -30.02 8.22
C GLY DA 86 -44.15 -31.32 7.89
N GLY DA 87 -42.82 -31.27 7.79
CA GLY DA 87 -42.06 -32.48 7.55
C GLY DA 87 -42.15 -33.46 8.70
N PHE DA 88 -42.06 -32.97 9.93
CA PHE DA 88 -42.24 -33.84 11.08
C PHE DA 88 -43.60 -34.53 11.05
N GLU DA 89 -44.66 -33.77 10.74
CA GLU DA 89 -46.00 -34.34 10.71
C GLU DA 89 -46.15 -35.39 9.61
N GLU DA 90 -45.53 -35.16 8.45
CA GLU DA 90 -45.61 -36.13 7.37
C GLU DA 90 -44.98 -37.46 7.77
N VAL DA 91 -43.82 -37.42 8.44
CA VAL DA 91 -43.19 -38.65 8.90
C VAL DA 91 -44.10 -39.35 9.92
N LYS DA 92 -44.65 -38.59 10.85
CA LYS DA 92 -45.60 -39.15 11.81
C LYS DA 92 -46.75 -39.86 11.11
N GLU DA 93 -47.30 -39.24 10.07
CA GLU DA 93 -48.44 -39.82 9.37
C GLU DA 93 -48.05 -41.10 8.64
N LEU DA 94 -46.83 -41.14 8.09
CA LEU DA 94 -46.42 -42.26 7.25
C LEU DA 94 -45.80 -43.41 8.03
N THR DA 95 -45.22 -43.14 9.19
CA THR DA 95 -44.50 -44.16 9.95
C THR DA 95 -44.86 -44.21 11.42
N GLY DA 96 -45.52 -43.19 11.97
CA GLY DA 96 -45.77 -43.13 13.39
C GLY DA 96 -44.61 -42.59 14.21
N ILE DA 97 -43.45 -42.36 13.60
CA ILE DA 97 -42.33 -41.80 14.33
C ILE DA 97 -42.61 -40.35 14.69
N GLU DA 98 -42.27 -39.97 15.91
CA GLU DA 98 -42.53 -38.62 16.40
C GLU DA 98 -41.30 -38.07 17.13
#